data_7QUR
#
_entry.id   7QUR
#
_cell.length_a   1.00
_cell.length_b   1.00
_cell.length_c   1.00
_cell.angle_alpha   90.00
_cell.angle_beta   90.00
_cell.angle_gamma   90.00
#
_symmetry.space_group_name_H-M   'P 1'
#
loop_
_entity.id
_entity.type
_entity.pdbx_description
1 polymer 'Spike glycoprotein,Fibritin'
2 branched 2-acetamido-2-deoxy-beta-D-glucopyranose-(1-4)-2-acetamido-2-deoxy-beta-D-glucopyranose
3 branched alpha-L-fucopyranose-(1-3)-[2-acetamido-2-deoxy-beta-D-glucopyranose-(1-4)][alpha-L-fucopyranose-(1-6)]2-acetamido-2-deoxy-beta-D-glucopyranose
4 non-polymer 2-acetamido-2-deoxy-beta-D-glucopyranose
5 non-polymer 2,3,5-tris(iodanyl)benzamide
6 non-polymer 'N-acetyl-alpha-neuraminic acid'
7 non-polymer 'LINOLEIC ACID'
8 water water
#
_entity_poly.entity_id   1
_entity_poly.type   'polypeptide(L)'
_entity_poly.pdbx_seq_one_letter_code
;MFVFLVLLPLVSSQCVNLTTRTQLPPAYTNSFTRGVYYPDKVFRSSVLHSTQDLFLPFFSNVTWFHAIHVSGTNGTKRFD
NPVLPFNDGVYFASTEKSNIIRGWIFGTTLDSKTQSLLIVNNATNVVIKVCEFQFCNDPFLGVYYHKNNKSWMESEFRVY
SSANNCTFEYVSQPFLMDLEGKQGNFKNLREFVFKNIDGYFKIYSKHTPINLVRDLPQGFSALEPLVDLPIGINITRFQT
LLALHRSYLTPGDSSSGWTAGAAAYYVGYLQPRTFLLKYNENGTITDAVDCALDPLSETKCTLKSFTVEKGIYQTSNFRV
QPTESIVRFPNITNLCPFGEVFNATRFASVYAWNRKRISNCVADYSVLYNSASFSTFKCYGVSPTKLNDLCFTNVYADSF
VIRGDEVRQIAPGQTGKIADYNYKLPDDFTGCVIAWNSNNLDSKVGGNYNYLYRLFRKSNLKPFERDISTEIYQAGSTPC
NGVEGFNCYFPLQSYGFQPTNGVGYQPYRVVVLSFELLHAPATVCGPKKSTNLVKNKCVNFNFNGLTGTGVLTESNKKFL
PFQQFGRDIADTTDAVRDPQTLEILDITPCSFGGVSVITPGTNTSNQVAVLYQDVNCTEVPVAIHADQLTPTWRVYSTGS
NVFQTRAGCLIGAEHVNNSYECDIPIGAGICASYQTQTNSPRRAASVASQSIIAYTMSLGAENSVAYSNNSIAIPTNFTI
SVTTEILPVSMTKTSVDCTMYICGDSTECSNLLLQYGSFCTQLNRALTGIAVEQDKNTQEVFAQVKQIYKTPPIKDFGGF
NFSQILPDPSKPSKRSFIEDLLFNKVTLADAGFIKQYGDCLGDIAARDLICAQKFNGLTVLPPLLTDEMIAQYTSALLAG
TITSGWTFGAGAALQIPFAMQMAYRFNGIGVTQNVLYENQKLIANQFNSAIGKIQDSLSSTASALGKLQDVVNQNAQALN
TLVKQLSSNFGAISSVLNDILSRLDKVEAEVQIDRLITGRLQSLQTYVTQQLIRAAEIRASANLAATKMSECVLGQSKRV
DFCGKGYHLMSFPQSAPHGVVFLHVTYVPAQEKNFTTAPAICHDGKAHFPREGVFVSNGTHWFVTQRNFYEPQIITTDNT
FVSGNCDVVIGIVNNTVYDPLQPELDSFKEELDKYFKNHTSPDVDLGDISGINASVVNIQKEIDRLNEVAKNLNESLIDL
QELGKYEQYIKWPSGRLVPRGSPGSGYIPEAPRDGQAYVRKDGEWVLLSTFLGHHHHHH
;
_entity_poly.pdbx_strand_id   A,B,C
#
# COMPACT_ATOMS: atom_id res chain seq x y z
N GLN A 14 -46.28 45.10 30.44
CA GLN A 14 -45.05 45.55 31.07
C GLN A 14 -44.05 46.03 30.03
N CYS A 15 -44.28 45.65 28.77
CA CYS A 15 -43.39 46.06 27.70
C CYS A 15 -43.41 47.57 27.51
N VAL A 16 -42.23 48.16 27.39
CA VAL A 16 -42.07 49.60 27.21
C VAL A 16 -41.27 49.84 25.94
N ASN A 17 -41.80 50.70 25.06
CA ASN A 17 -41.14 51.02 23.81
C ASN A 17 -40.28 52.27 24.03
N LEU A 18 -38.96 52.08 24.06
CA LEU A 18 -38.05 53.17 24.33
C LEU A 18 -38.04 54.18 23.19
N THR A 19 -37.93 55.46 23.54
CA THR A 19 -37.88 56.52 22.55
C THR A 19 -36.65 57.40 22.76
N THR A 20 -36.59 58.52 22.04
CA THR A 20 -35.48 59.47 22.13
C THR A 20 -34.13 58.80 21.88
N ARG A 21 -34.10 57.92 20.88
CA ARG A 21 -32.88 57.25 20.45
C ARG A 21 -32.42 57.87 19.14
N THR A 22 -31.22 58.46 19.15
CA THR A 22 -30.68 59.06 17.94
C THR A 22 -30.32 57.98 16.92
N GLN A 23 -30.63 58.24 15.66
CA GLN A 23 -30.38 57.29 14.58
C GLN A 23 -28.96 57.42 14.08
N LEU A 24 -28.22 56.31 14.09
CA LEU A 24 -26.84 56.30 13.64
C LEU A 24 -26.62 55.11 12.71
N PRO A 25 -25.68 55.23 11.76
CA PRO A 25 -25.37 54.09 10.90
C PRO A 25 -24.71 52.98 11.69
N PRO A 26 -24.84 51.73 11.24
CA PRO A 26 -24.20 50.63 11.97
C PRO A 26 -22.68 50.75 11.92
N ALA A 27 -22.04 50.29 12.99
CA ALA A 27 -20.59 50.35 13.12
C ALA A 27 -19.99 48.98 12.90
N TYR A 28 -18.80 48.96 12.29
CA TYR A 28 -18.10 47.72 11.99
C TYR A 28 -16.66 47.83 12.46
N THR A 29 -16.08 46.68 12.82
CA THR A 29 -14.71 46.63 13.30
C THR A 29 -14.09 45.31 12.85
N ASN A 30 -12.85 45.08 13.27
CA ASN A 30 -12.07 43.93 12.86
C ASN A 30 -11.79 43.03 14.06
N SER A 31 -12.13 41.75 13.93
CA SER A 31 -11.73 40.74 14.91
C SER A 31 -10.41 40.16 14.43
N PHE A 32 -9.34 40.44 15.17
CA PHE A 32 -8.00 40.08 14.70
C PHE A 32 -7.73 38.59 14.87
N THR A 33 -7.72 38.12 16.12
CA THR A 33 -7.47 36.71 16.40
C THR A 33 -8.35 36.17 17.52
N ARG A 34 -9.41 36.89 17.90
CA ARG A 34 -10.26 36.47 19.00
C ARG A 34 -11.25 35.40 18.54
N GLY A 35 -11.92 34.80 19.51
CA GLY A 35 -12.94 33.80 19.25
C GLY A 35 -12.47 32.37 19.27
N VAL A 36 -11.18 32.12 19.52
CA VAL A 36 -10.67 30.75 19.58
C VAL A 36 -11.08 30.13 20.90
N TYR A 37 -11.63 28.92 20.84
CA TYR A 37 -12.04 28.19 22.03
C TYR A 37 -11.44 26.80 21.99
N TYR A 38 -11.47 26.13 23.14
CA TYR A 38 -10.93 24.77 23.23
C TYR A 38 -11.87 23.81 22.49
N PRO A 39 -11.42 23.12 21.45
CA PRO A 39 -12.32 22.25 20.69
C PRO A 39 -12.88 21.09 21.50
N ASP A 40 -12.11 20.55 22.44
CA ASP A 40 -12.54 19.40 23.22
C ASP A 40 -12.06 19.58 24.65
N LYS A 41 -12.25 18.55 25.47
CA LYS A 41 -11.87 18.56 26.88
C LYS A 41 -10.67 17.65 27.15
N VAL A 42 -9.75 17.56 26.20
CA VAL A 42 -8.58 16.71 26.30
C VAL A 42 -7.36 17.59 26.48
N PHE A 43 -6.56 17.31 27.51
CA PHE A 43 -5.36 18.09 27.78
C PHE A 43 -4.29 17.79 26.75
N ARG A 44 -3.70 18.85 26.19
CA ARG A 44 -2.60 18.75 25.25
C ARG A 44 -1.56 19.80 25.62
N SER A 45 -0.29 19.42 25.58
CA SER A 45 0.78 20.33 25.96
C SER A 45 1.92 20.24 24.95
N SER A 46 2.49 21.41 24.63
CA SER A 46 3.63 21.53 23.73
C SER A 46 3.37 20.81 22.40
N VAL A 47 2.27 21.20 21.76
CA VAL A 47 1.82 20.51 20.56
C VAL A 47 1.19 21.53 19.61
N LEU A 48 1.19 21.19 18.32
CA LEU A 48 0.46 21.94 17.30
C LEU A 48 -0.66 21.04 16.80
N HIS A 49 -1.89 21.37 17.16
CA HIS A 49 -3.04 20.51 16.90
C HIS A 49 -3.94 21.16 15.85
N SER A 50 -4.21 20.43 14.79
CA SER A 50 -5.09 20.91 13.72
C SER A 50 -6.49 20.35 13.93
N THR A 51 -7.49 21.23 13.91
CA THR A 51 -8.86 20.81 14.17
C THR A 51 -9.82 21.62 13.33
N GLN A 52 -10.86 20.96 12.84
CA GLN A 52 -11.92 21.61 12.06
C GLN A 52 -13.14 21.79 12.94
N ASP A 53 -13.63 23.02 13.00
CA ASP A 53 -14.79 23.33 13.84
C ASP A 53 -15.36 24.68 13.44
N LEU A 54 -16.45 25.07 14.08
CA LEU A 54 -17.08 26.36 13.85
C LEU A 54 -16.27 27.43 14.57
N PHE A 55 -15.39 28.10 13.83
CA PHE A 55 -14.49 29.10 14.38
C PHE A 55 -14.80 30.47 13.77
N LEU A 56 -14.55 31.51 14.55
CA LEU A 56 -14.62 32.86 14.02
C LEU A 56 -13.40 33.12 13.15
N PRO A 57 -13.57 33.46 11.87
CA PRO A 57 -12.41 33.67 11.01
C PRO A 57 -11.54 34.82 11.50
N PHE A 58 -10.24 34.67 11.29
CA PHE A 58 -9.29 35.69 11.72
C PHE A 58 -9.47 36.97 10.91
N PHE A 59 -9.35 38.11 11.58
CA PHE A 59 -9.49 39.42 10.97
C PHE A 59 -10.83 39.55 10.24
N SER A 60 -11.88 39.15 10.93
CA SER A 60 -13.22 39.12 10.35
C SER A 60 -13.95 40.44 10.59
N ASN A 61 -14.90 40.72 9.71
CA ASN A 61 -15.74 41.91 9.84
C ASN A 61 -16.79 41.65 10.92
N VAL A 62 -16.74 42.41 12.01
CA VAL A 62 -17.55 42.17 13.19
C VAL A 62 -18.41 43.40 13.44
N THR A 63 -19.71 43.19 13.65
CA THR A 63 -20.59 44.31 13.91
C THR A 63 -20.38 44.82 15.33
N TRP A 64 -20.58 46.13 15.51
CA TRP A 64 -20.26 46.81 16.76
C TRP A 64 -21.47 47.61 17.20
N PHE A 65 -21.86 47.46 18.47
CA PHE A 65 -23.03 48.14 19.02
C PHE A 65 -22.64 48.85 20.30
N HIS A 66 -23.25 50.01 20.52
CA HIS A 66 -22.91 50.90 21.61
C HIS A 66 -24.10 51.10 22.55
N ALA A 67 -23.79 51.53 23.76
CA ALA A 67 -24.78 51.99 24.73
C ALA A 67 -24.16 53.15 25.47
N ILE A 68 -24.55 54.38 25.10
CA ILE A 68 -23.91 55.58 25.62
C ILE A 68 -24.89 56.73 25.49
N HIS A 69 -24.85 57.66 26.43
CA HIS A 69 -25.65 58.89 26.41
C HIS A 69 -24.69 60.07 26.51
N VAL A 70 -24.32 60.63 25.37
CA VAL A 70 -23.38 61.74 25.33
C VAL A 70 -24.14 63.04 25.59
N SER A 71 -23.69 63.81 26.57
CA SER A 71 -24.34 65.07 26.90
C SER A 71 -24.13 66.09 25.79
N GLY A 72 -25.18 66.85 25.50
CA GLY A 72 -25.11 67.88 24.49
C GLY A 72 -26.49 68.30 24.05
N THR A 73 -26.51 69.18 23.04
CA THR A 73 -27.78 69.61 22.47
C THR A 73 -28.46 68.47 21.73
N ASN A 74 -27.80 67.95 20.69
CA ASN A 74 -28.25 66.74 20.01
C ASN A 74 -27.59 65.51 20.60
N GLY A 75 -26.26 65.46 20.56
CA GLY A 75 -25.50 64.38 21.17
C GLY A 75 -25.82 63.04 20.57
N THR A 76 -25.64 62.00 21.38
CA THR A 76 -25.97 60.64 20.97
C THR A 76 -26.58 59.91 22.15
N LYS A 77 -27.71 59.26 21.93
CA LYS A 77 -28.38 58.42 22.93
C LYS A 77 -28.60 57.06 22.27
N ARG A 78 -27.59 56.20 22.35
CA ARG A 78 -27.61 54.90 21.70
C ARG A 78 -27.95 53.81 22.71
N PHE A 79 -28.97 53.01 22.38
CA PHE A 79 -29.33 51.82 23.15
C PHE A 79 -29.56 50.73 22.10
N ASP A 80 -28.49 50.03 21.73
CA ASP A 80 -28.51 49.09 20.61
C ASP A 80 -28.83 47.70 21.13
N ASN A 81 -30.07 47.25 20.92
CA ASN A 81 -30.48 45.87 21.17
C ASN A 81 -31.27 45.34 19.99
N PRO A 82 -30.63 45.20 18.83
CA PRO A 82 -31.35 44.71 17.65
C PRO A 82 -31.45 43.18 17.67
N VAL A 83 -32.35 42.68 16.83
CA VAL A 83 -32.50 41.25 16.62
C VAL A 83 -31.58 40.85 15.48
N LEU A 84 -30.46 40.21 15.82
CA LEU A 84 -29.43 39.83 14.88
C LEU A 84 -29.56 38.37 14.48
N PRO A 85 -29.09 38.00 13.29
CA PRO A 85 -29.17 36.59 12.87
C PRO A 85 -28.28 35.70 13.72
N PHE A 86 -28.63 34.41 13.72
CA PHE A 86 -27.86 33.35 14.37
C PHE A 86 -27.67 32.28 13.31
N ASN A 87 -26.63 32.42 12.50
CA ASN A 87 -26.48 31.56 11.33
C ASN A 87 -25.96 30.18 11.71
N ASP A 88 -24.74 30.11 12.23
CA ASP A 88 -24.17 28.85 12.70
C ASP A 88 -23.50 28.97 14.06
N GLY A 89 -23.39 30.16 14.61
CA GLY A 89 -22.68 30.37 15.85
C GLY A 89 -22.31 31.82 15.97
N VAL A 90 -22.29 32.29 17.22
CA VAL A 90 -22.11 33.71 17.50
C VAL A 90 -20.94 33.89 18.45
N TYR A 91 -19.98 34.73 18.06
CA TYR A 91 -18.96 35.24 18.95
C TYR A 91 -19.43 36.59 19.47
N PHE A 92 -19.60 36.70 20.79
CA PHE A 92 -20.14 37.89 21.43
C PHE A 92 -19.13 38.40 22.43
N ALA A 93 -18.54 39.55 22.15
CA ALA A 93 -17.62 40.20 23.07
C ALA A 93 -18.30 41.41 23.67
N SER A 94 -17.97 41.71 24.94
CA SER A 94 -18.60 42.82 25.63
C SER A 94 -17.54 43.61 26.40
N THR A 95 -17.38 44.88 26.06
CA THR A 95 -16.56 45.80 26.83
C THR A 95 -17.49 46.64 27.70
N GLU A 96 -17.48 46.40 29.00
CA GLU A 96 -18.40 47.06 29.91
C GLU A 96 -17.71 47.28 31.24
N LYS A 97 -18.24 48.24 32.00
CA LYS A 97 -17.74 48.57 33.32
C LYS A 97 -18.81 48.62 34.40
N SER A 98 -20.07 48.85 34.04
CA SER A 98 -21.16 48.93 35.01
C SER A 98 -22.13 47.76 34.89
N ASN A 99 -21.73 46.68 34.23
CA ASN A 99 -22.55 45.49 34.02
C ASN A 99 -23.84 45.85 33.28
N ILE A 100 -23.66 46.43 32.10
CA ILE A 100 -24.80 46.85 31.29
C ILE A 100 -25.35 45.67 30.50
N ILE A 101 -24.48 44.91 29.84
CA ILE A 101 -24.91 43.73 29.10
C ILE A 101 -25.37 42.69 30.10
N ARG A 102 -26.66 42.37 30.10
CA ARG A 102 -27.24 41.48 31.09
C ARG A 102 -27.57 40.10 30.56
N GLY A 103 -27.73 39.93 29.25
CA GLY A 103 -27.93 38.60 28.73
C GLY A 103 -28.38 38.62 27.28
N TRP A 104 -29.00 37.51 26.87
CA TRP A 104 -29.47 37.36 25.50
C TRP A 104 -30.74 36.51 25.47
N ILE A 105 -31.46 36.63 24.36
CA ILE A 105 -32.58 35.77 24.04
C ILE A 105 -32.35 35.19 22.65
N PHE A 106 -32.60 33.90 22.50
CA PHE A 106 -32.37 33.18 21.26
C PHE A 106 -33.66 32.50 20.83
N GLY A 107 -33.90 32.45 19.52
CA GLY A 107 -35.11 31.81 19.04
C GLY A 107 -35.20 31.90 17.53
N THR A 108 -36.40 31.64 17.01
CA THR A 108 -36.69 31.84 15.60
C THR A 108 -37.71 32.96 15.40
N THR A 109 -38.87 32.85 16.01
CA THR A 109 -39.84 33.92 16.10
C THR A 109 -39.98 34.27 17.58
N LEU A 110 -39.47 35.43 17.96
CA LEU A 110 -39.39 35.77 19.38
C LEU A 110 -40.76 36.14 19.93
N ASP A 111 -41.70 35.20 19.87
CA ASP A 111 -43.04 35.37 20.41
C ASP A 111 -43.55 34.02 20.87
N SER A 112 -44.83 33.99 21.27
CA SER A 112 -45.38 32.80 21.89
C SER A 112 -45.59 31.64 20.91
N LYS A 113 -45.46 31.87 19.61
CA LYS A 113 -45.68 30.80 18.64
C LYS A 113 -44.63 29.70 18.78
N THR A 114 -43.37 30.08 18.98
CA THR A 114 -42.28 29.12 19.09
C THR A 114 -41.62 29.23 20.45
N GLN A 115 -40.73 28.28 20.74
CA GLN A 115 -39.99 28.26 21.99
C GLN A 115 -38.70 29.04 21.85
N SER A 116 -38.30 29.71 22.93
CA SER A 116 -37.13 30.56 22.91
C SER A 116 -36.31 30.34 24.19
N LEU A 117 -35.01 30.58 24.09
CA LEU A 117 -34.09 30.50 25.21
C LEU A 117 -33.80 31.90 25.73
N LEU A 118 -33.79 32.04 27.05
CA LEU A 118 -33.51 33.31 27.71
C LEU A 118 -32.40 33.08 28.73
N ILE A 119 -31.27 33.75 28.54
CA ILE A 119 -30.17 33.71 29.50
C ILE A 119 -29.98 35.13 30.00
N VAL A 120 -30.38 35.39 31.24
CA VAL A 120 -30.39 36.75 31.76
C VAL A 120 -29.74 36.78 33.14
N ASN A 121 -29.23 37.95 33.50
CA ASN A 121 -28.73 38.22 34.84
C ASN A 121 -29.70 39.18 35.51
N ASN A 122 -30.31 38.75 36.62
CA ASN A 122 -31.31 39.52 37.32
C ASN A 122 -30.72 40.40 38.42
N ALA A 123 -29.40 40.53 38.46
CA ALA A 123 -28.62 41.20 39.50
C ALA A 123 -28.64 40.43 40.81
N THR A 124 -29.40 39.36 40.91
CA THR A 124 -29.40 38.45 42.05
C THR A 124 -29.15 37.01 41.63
N ASN A 125 -29.66 36.60 40.47
CA ASN A 125 -29.49 35.24 39.98
C ASN A 125 -29.26 35.27 38.48
N VAL A 126 -28.70 34.19 37.96
CA VAL A 126 -28.59 33.96 36.53
C VAL A 126 -29.70 32.99 36.14
N VAL A 127 -30.61 33.44 35.28
CA VAL A 127 -31.80 32.68 34.92
C VAL A 127 -31.63 32.20 33.49
N ILE A 128 -31.75 30.89 33.30
CA ILE A 128 -31.72 30.27 31.98
C ILE A 128 -33.04 29.52 31.81
N LYS A 129 -33.88 30.00 30.89
CA LYS A 129 -35.21 29.45 30.70
C LYS A 129 -35.46 29.21 29.22
N VAL A 130 -35.69 27.95 28.85
CA VAL A 130 -36.14 27.60 27.51
C VAL A 130 -37.64 27.34 27.60
N CYS A 131 -38.41 28.20 26.93
CA CYS A 131 -39.84 28.26 27.17
C CYS A 131 -40.44 29.21 26.14
N GLU A 132 -41.76 29.19 26.03
CA GLU A 132 -42.46 30.02 25.05
C GLU A 132 -42.67 31.40 25.64
N PHE A 133 -41.85 32.35 25.22
CA PHE A 133 -41.90 33.72 25.72
C PHE A 133 -42.53 34.63 24.68
N GLN A 134 -43.47 35.46 25.12
CA GLN A 134 -43.97 36.57 24.31
C GLN A 134 -43.06 37.76 24.58
N PHE A 135 -41.93 37.80 23.88
CA PHE A 135 -40.91 38.79 24.15
C PHE A 135 -41.38 40.19 23.76
N CYS A 136 -40.96 41.18 24.54
CA CYS A 136 -41.28 42.56 24.24
C CYS A 136 -40.52 43.03 22.99
N ASN A 137 -41.08 44.02 22.31
CA ASN A 137 -40.40 44.59 21.15
C ASN A 137 -39.11 45.28 21.56
N ASP A 138 -39.07 45.87 22.76
CA ASP A 138 -37.87 46.50 23.31
C ASP A 138 -37.63 45.92 24.69
N PRO A 139 -37.10 44.69 24.77
CA PRO A 139 -36.86 44.09 26.08
C PRO A 139 -35.59 44.64 26.72
N PHE A 140 -35.65 44.84 28.03
CA PHE A 140 -34.47 45.36 28.73
C PHE A 140 -34.61 45.14 30.23
N LEU A 141 -33.63 45.68 30.97
CA LEU A 141 -33.66 45.73 32.42
C LEU A 141 -33.35 47.16 32.83
N GLY A 142 -33.63 47.48 34.09
CA GLY A 142 -33.48 48.85 34.54
C GLY A 142 -33.08 49.00 35.99
N VAL A 143 -32.03 49.78 36.23
CA VAL A 143 -31.50 50.03 37.56
C VAL A 143 -31.78 51.47 37.95
N TYR A 144 -32.38 51.66 39.12
CA TYR A 144 -32.68 52.99 39.64
C TYR A 144 -31.59 53.44 40.60
N TYR A 145 -31.22 54.72 40.50
CA TYR A 145 -30.23 55.32 41.37
C TYR A 145 -30.93 56.27 42.33
N HIS A 146 -30.97 55.91 43.61
CA HIS A 146 -31.57 56.74 44.64
C HIS A 146 -30.56 57.75 45.13
N LYS A 147 -30.94 59.03 45.14
CA LYS A 147 -30.04 60.07 45.60
C LYS A 147 -29.84 60.02 47.11
N ASN A 148 -30.90 59.74 47.87
CA ASN A 148 -30.79 59.73 49.32
C ASN A 148 -29.83 58.65 49.80
N ASN A 149 -30.00 57.41 49.32
CA ASN A 149 -29.05 56.35 49.62
C ASN A 149 -27.74 56.45 48.86
N LYS A 150 -27.72 57.16 47.73
CA LYS A 150 -26.59 57.09 46.79
C LYS A 150 -26.30 55.64 46.41
N SER A 151 -27.37 54.88 46.18
CA SER A 151 -27.28 53.45 45.93
C SER A 151 -28.03 53.09 44.65
N TRP A 152 -27.57 52.02 44.01
CA TRP A 152 -28.17 51.53 42.77
C TRP A 152 -28.91 50.22 43.06
N MET A 153 -30.16 50.16 42.63
CA MET A 153 -31.02 49.00 42.88
C MET A 153 -31.71 48.58 41.60
N GLU A 154 -31.81 47.27 41.39
CA GLU A 154 -32.56 46.75 40.25
C GLU A 154 -34.05 47.01 40.44
N SER A 155 -34.68 47.58 39.41
CA SER A 155 -36.08 47.99 39.51
C SER A 155 -36.95 47.56 38.33
N GLU A 156 -36.40 47.30 37.16
CA GLU A 156 -37.20 47.01 35.98
C GLU A 156 -36.72 45.72 35.32
N PHE A 157 -37.66 44.85 34.97
CA PHE A 157 -37.39 43.64 34.21
C PHE A 157 -38.47 43.54 33.13
N ARG A 158 -38.14 43.96 31.91
CA ARG A 158 -39.08 44.07 30.81
C ARG A 158 -38.58 43.29 29.60
N VAL A 159 -38.25 42.03 29.84
CA VAL A 159 -37.79 41.15 28.77
C VAL A 159 -38.96 40.55 28.00
N TYR A 160 -39.91 39.95 28.72
CA TYR A 160 -41.02 39.25 28.09
C TYR A 160 -42.33 39.62 28.78
N SER A 161 -43.43 39.49 28.03
CA SER A 161 -44.76 39.77 28.55
C SER A 161 -45.39 38.55 29.20
N SER A 162 -45.23 37.37 28.61
CA SER A 162 -45.81 36.14 29.14
C SER A 162 -44.88 34.98 28.86
N ALA A 163 -44.98 33.95 29.70
CA ALA A 163 -44.18 32.74 29.55
C ALA A 163 -45.09 31.53 29.72
N ASN A 164 -45.10 30.65 28.74
CA ASN A 164 -45.97 29.48 28.74
C ASN A 164 -45.20 28.26 28.24
N ASN A 165 -45.65 27.08 28.66
CA ASN A 165 -45.07 25.81 28.22
C ASN A 165 -43.57 25.80 28.46
N CYS A 166 -43.17 26.10 29.70
CA CYS A 166 -41.76 26.27 30.03
C CYS A 166 -41.14 24.89 30.25
N THR A 167 -40.21 24.51 29.37
CA THR A 167 -39.64 23.17 29.38
C THR A 167 -38.30 23.08 30.08
N PHE A 168 -37.47 24.12 30.04
CA PHE A 168 -36.18 24.11 30.71
C PHE A 168 -36.08 25.32 31.63
N GLU A 169 -35.69 25.08 32.88
CA GLU A 169 -35.56 26.15 33.86
C GLU A 169 -34.32 25.93 34.71
N TYR A 170 -33.56 27.00 34.94
CA TYR A 170 -32.40 26.95 35.81
C TYR A 170 -32.20 28.32 36.44
N VAL A 171 -32.07 28.35 37.76
CA VAL A 171 -31.80 29.57 38.50
C VAL A 171 -30.53 29.35 39.31
N SER A 172 -29.56 30.24 39.14
CA SER A 172 -28.28 30.11 39.82
C SER A 172 -28.40 30.54 41.28
N GLN A 173 -27.34 30.28 42.04
CA GLN A 173 -27.31 30.68 43.43
C GLN A 173 -27.31 32.20 43.55
N PRO A 174 -27.95 32.76 44.58
CA PRO A 174 -28.03 34.22 44.69
C PRO A 174 -26.64 34.85 44.87
N PHE A 175 -26.50 36.06 44.32
CA PHE A 175 -25.29 36.85 44.47
C PHE A 175 -25.68 38.32 44.61
N LEU A 176 -24.69 39.20 44.57
CA LEU A 176 -24.92 40.63 44.76
C LEU A 176 -24.85 41.41 43.45
N MET A 177 -23.74 41.31 42.73
CA MET A 177 -23.57 41.95 41.42
C MET A 177 -23.84 43.46 41.50
N ASP A 178 -22.93 44.14 42.21
CA ASP A 178 -22.98 45.59 42.39
C ASP A 178 -23.32 46.30 41.08
N LEU A 179 -24.33 47.19 41.15
CA LEU A 179 -24.88 47.84 39.97
C LEU A 179 -24.49 49.30 39.87
N GLU A 180 -23.39 49.70 40.52
CA GLU A 180 -22.96 51.09 40.49
C GLU A 180 -22.55 51.49 39.08
N GLY A 181 -22.91 52.72 38.71
CA GLY A 181 -22.56 53.25 37.41
C GLY A 181 -21.13 53.78 37.35
N LYS A 182 -20.17 52.86 37.26
CA LYS A 182 -18.76 53.25 37.26
C LYS A 182 -18.44 54.14 36.07
N GLN A 183 -17.48 55.04 36.28
CA GLN A 183 -17.08 56.01 35.27
C GLN A 183 -15.61 55.80 34.90
N GLY A 184 -15.29 56.06 33.64
CA GLY A 184 -13.91 56.01 33.19
C GLY A 184 -13.63 55.03 32.07
N ASN A 185 -12.78 54.05 32.35
CA ASN A 185 -12.31 53.10 31.36
C ASN A 185 -13.08 51.79 31.45
N PHE A 186 -13.17 51.09 30.31
CA PHE A 186 -13.74 49.76 30.30
C PHE A 186 -12.78 48.80 31.00
N LYS A 187 -13.24 48.18 32.08
CA LYS A 187 -12.41 47.36 32.94
C LYS A 187 -12.69 45.87 32.80
N ASN A 188 -13.55 45.46 31.87
CA ASN A 188 -13.92 44.06 31.75
C ASN A 188 -14.22 43.75 30.29
N LEU A 189 -13.42 42.87 29.69
CA LEU A 189 -13.74 42.27 28.41
C LEU A 189 -14.12 40.81 28.65
N ARG A 190 -15.35 40.45 28.30
CA ARG A 190 -15.83 39.10 28.47
C ARG A 190 -16.35 38.59 27.13
N GLU A 191 -15.89 37.43 26.72
CA GLU A 191 -16.19 36.86 25.42
C GLU A 191 -16.95 35.56 25.56
N PHE A 192 -17.96 35.37 24.71
CA PHE A 192 -18.74 34.15 24.65
C PHE A 192 -18.75 33.62 23.22
N VAL A 193 -18.83 32.30 23.10
CA VAL A 193 -19.08 31.61 21.85
C VAL A 193 -20.33 30.76 22.05
N PHE A 194 -21.37 31.04 21.28
CA PHE A 194 -22.63 30.32 21.33
C PHE A 194 -22.77 29.47 20.08
N LYS A 195 -23.08 28.20 20.27
CA LYS A 195 -23.34 27.27 19.17
C LYS A 195 -24.60 26.48 19.48
N ASN A 196 -25.28 26.02 18.42
CA ASN A 196 -26.51 25.24 18.55
C ASN A 196 -26.35 23.99 17.70
N ILE A 197 -25.85 22.91 18.30
CA ILE A 197 -25.52 21.69 17.58
C ILE A 197 -26.24 20.52 18.22
N ASP A 198 -27.02 19.79 17.42
CA ASP A 198 -27.67 18.55 17.82
C ASP A 198 -28.53 18.74 19.08
N GLY A 199 -29.27 19.85 19.13
CA GLY A 199 -30.12 20.13 20.26
C GLY A 199 -29.41 20.62 21.49
N TYR A 200 -28.11 20.88 21.40
CA TYR A 200 -27.32 21.37 22.52
C TYR A 200 -26.87 22.80 22.24
N PHE A 201 -27.12 23.69 23.21
CA PHE A 201 -26.60 25.05 23.18
C PHE A 201 -25.26 25.02 23.89
N LYS A 202 -24.19 25.08 23.11
CA LYS A 202 -22.82 25.08 23.63
C LYS A 202 -22.42 26.52 23.90
N ILE A 203 -22.03 26.81 25.15
CA ILE A 203 -21.55 28.13 25.54
C ILE A 203 -20.12 27.98 26.02
N TYR A 204 -19.22 28.72 25.37
CA TYR A 204 -17.83 28.86 25.80
C TYR A 204 -17.61 30.28 26.27
N SER A 205 -16.84 30.46 27.33
CA SER A 205 -16.68 31.78 27.93
C SER A 205 -15.23 32.04 28.29
N LYS A 206 -14.87 33.32 28.30
CA LYS A 206 -13.56 33.76 28.76
C LYS A 206 -13.67 35.21 29.24
N HIS A 207 -12.78 35.59 30.15
CA HIS A 207 -12.78 36.95 30.69
C HIS A 207 -11.35 37.44 30.80
N THR A 208 -11.13 38.68 30.36
CA THR A 208 -9.82 39.32 30.45
C THR A 208 -9.98 40.73 31.03
N PRO A 209 -9.03 41.16 31.87
CA PRO A 209 -9.13 42.49 32.49
C PRO A 209 -9.30 43.64 31.51
N ILE A 210 -8.33 43.81 30.60
CA ILE A 210 -8.17 44.87 29.61
C ILE A 210 -8.33 46.26 30.21
N ASN A 211 -7.88 47.28 29.46
CA ASN A 211 -8.03 48.67 29.89
C ASN A 211 -7.98 49.54 28.64
N LEU A 212 -9.14 50.01 28.20
CA LEU A 212 -9.24 50.83 26.99
C LEU A 212 -10.58 51.56 27.00
N VAL A 213 -10.82 52.33 25.95
CA VAL A 213 -12.04 53.11 25.84
C VAL A 213 -12.79 52.92 24.53
N ARG A 214 -12.15 52.48 23.45
CA ARG A 214 -12.75 52.61 22.12
C ARG A 214 -13.12 51.28 21.47
N ASP A 215 -12.15 50.40 21.24
CA ASP A 215 -12.35 49.30 20.30
C ASP A 215 -12.13 47.95 20.97
N LEU A 216 -12.34 46.90 20.19
CA LEU A 216 -12.16 45.55 20.70
C LEU A 216 -10.68 45.29 20.95
N PRO A 217 -10.31 44.75 22.11
CA PRO A 217 -8.89 44.52 22.42
C PRO A 217 -8.19 43.63 21.41
N GLN A 218 -6.89 43.83 21.24
CA GLN A 218 -6.07 43.02 20.35
C GLN A 218 -5.24 42.06 21.18
N GLY A 219 -5.29 40.78 20.83
CA GLY A 219 -4.55 39.77 21.56
C GLY A 219 -5.16 38.40 21.32
N PHE A 220 -4.67 37.44 22.10
CA PHE A 220 -5.12 36.06 22.01
C PHE A 220 -5.57 35.58 23.39
N SER A 221 -6.74 34.97 23.45
CA SER A 221 -7.27 34.43 24.69
C SER A 221 -8.25 33.32 24.34
N ALA A 222 -7.88 32.07 24.63
CA ALA A 222 -8.71 30.94 24.29
C ALA A 222 -9.91 30.84 25.23
N LEU A 223 -11.10 30.66 24.66
CA LEU A 223 -12.31 30.55 25.44
C LEU A 223 -12.46 29.13 25.98
N GLU A 224 -12.89 29.02 27.23
CA GLU A 224 -13.04 27.71 27.83
C GLU A 224 -14.49 27.25 27.82
N PRO A 225 -14.73 25.94 27.73
CA PRO A 225 -16.11 25.44 27.74
C PRO A 225 -16.83 25.82 29.03
N LEU A 226 -17.96 26.52 28.88
CA LEU A 226 -18.74 26.97 30.02
C LEU A 226 -19.89 26.02 30.34
N VAL A 227 -20.76 25.74 29.37
CA VAL A 227 -21.94 24.94 29.62
C VAL A 227 -22.44 24.31 28.33
N ASP A 228 -23.24 23.26 28.46
CA ASP A 228 -23.88 22.57 27.33
C ASP A 228 -25.35 22.37 27.72
N LEU A 229 -26.18 23.34 27.35
CA LEU A 229 -27.59 23.31 27.73
C LEU A 229 -28.37 22.39 26.78
N PRO A 230 -29.05 21.37 27.29
CA PRO A 230 -29.87 20.50 26.41
C PRO A 230 -31.24 21.11 26.11
N ILE A 231 -31.25 22.11 25.23
CA ILE A 231 -32.47 22.89 24.99
C ILE A 231 -33.30 22.27 23.87
N GLY A 232 -32.67 21.76 22.82
CA GLY A 232 -33.39 21.10 21.74
C GLY A 232 -34.39 21.99 21.03
N ILE A 233 -34.00 23.23 20.72
CA ILE A 233 -34.88 24.17 20.03
C ILE A 233 -34.17 24.74 18.81
N ASN A 234 -34.98 25.25 17.89
CA ASN A 234 -34.50 25.87 16.66
C ASN A 234 -34.18 27.33 16.93
N ILE A 235 -32.96 27.75 16.62
CA ILE A 235 -32.49 29.11 16.86
C ILE A 235 -31.94 29.68 15.56
N THR A 236 -32.49 30.82 15.13
CA THR A 236 -31.99 31.53 13.97
C THR A 236 -31.74 33.01 14.24
N ARG A 237 -32.22 33.55 15.35
CA ARG A 237 -32.07 34.96 15.68
C ARG A 237 -31.81 35.09 17.17
N PHE A 238 -31.17 36.20 17.55
CA PHE A 238 -30.89 36.47 18.95
C PHE A 238 -30.86 37.97 19.19
N GLN A 239 -31.25 38.36 20.39
CA GLN A 239 -31.29 39.76 20.79
C GLN A 239 -30.64 39.93 22.14
N THR A 240 -29.81 40.97 22.26
CA THR A 240 -29.09 41.22 23.50
C THR A 240 -29.95 42.03 24.46
N LEU A 241 -29.99 41.61 25.72
CA LEU A 241 -30.72 42.31 26.77
C LEU A 241 -29.72 43.09 27.60
N LEU A 242 -29.87 44.41 27.61
CA LEU A 242 -29.04 45.34 28.36
C LEU A 242 -29.83 45.94 29.51
N ALA A 243 -29.13 46.70 30.34
CA ALA A 243 -29.72 47.38 31.48
C ALA A 243 -29.52 48.88 31.33
N LEU A 244 -30.60 49.64 31.45
CA LEU A 244 -30.57 51.09 31.43
C LEU A 244 -30.58 51.64 32.86
N HIS A 245 -30.33 52.94 32.96
CA HIS A 245 -30.20 53.62 34.24
C HIS A 245 -31.28 54.69 34.37
N ARG A 246 -31.87 54.77 35.56
CA ARG A 246 -32.79 55.84 35.91
C ARG A 246 -32.42 56.40 37.27
N SER A 247 -32.67 57.70 37.45
CA SER A 247 -32.28 58.38 38.68
C SER A 247 -33.15 59.63 38.81
N TYR A 248 -32.72 60.54 39.70
CA TYR A 248 -33.41 61.83 39.82
C TYR A 248 -33.22 62.65 38.55
N LEU A 249 -32.15 62.41 37.81
CA LEU A 249 -31.99 62.97 36.48
C LEU A 249 -32.82 62.13 35.50
N THR A 250 -32.78 62.52 34.23
CA THR A 250 -33.52 61.86 33.15
C THR A 250 -35.01 61.68 33.52
N PRO A 251 -35.77 62.78 33.61
CA PRO A 251 -37.21 62.65 33.78
C PRO A 251 -37.89 62.19 32.50
N GLY A 252 -39.06 61.57 32.66
CA GLY A 252 -39.81 61.12 31.50
C GLY A 252 -40.96 60.21 31.90
N ASP A 253 -41.53 59.56 30.89
CA ASP A 253 -42.69 58.68 31.05
C ASP A 253 -42.31 57.22 30.93
N SER A 254 -41.13 56.85 31.45
CA SER A 254 -40.56 55.51 31.41
C SER A 254 -40.16 55.09 30.01
N SER A 255 -40.45 55.91 29.00
CA SER A 255 -39.97 55.66 27.63
C SER A 255 -38.90 56.67 27.21
N SER A 256 -38.81 57.80 27.89
CA SER A 256 -37.77 58.79 27.66
C SER A 256 -36.96 59.09 28.91
N GLY A 257 -37.52 58.83 30.09
CA GLY A 257 -36.82 59.09 31.33
C GLY A 257 -35.81 58.02 31.70
N TRP A 258 -34.76 57.90 30.90
CA TRP A 258 -33.73 56.90 31.13
C TRP A 258 -32.42 57.37 30.52
N THR A 259 -31.33 56.78 30.99
CA THR A 259 -30.01 57.02 30.41
C THR A 259 -29.28 55.68 30.30
N ALA A 260 -28.39 55.59 29.33
CA ALA A 260 -27.67 54.35 29.04
C ALA A 260 -26.25 54.44 29.57
N GLY A 261 -25.90 53.51 30.45
CA GLY A 261 -24.52 53.41 30.90
C GLY A 261 -23.60 52.99 29.78
N ALA A 262 -22.37 53.49 29.83
CA ALA A 262 -21.42 53.28 28.75
C ALA A 262 -21.04 51.81 28.64
N ALA A 263 -21.28 51.22 27.48
CA ALA A 263 -20.90 49.83 27.22
C ALA A 263 -20.87 49.62 25.72
N ALA A 264 -20.21 48.53 25.30
CA ALA A 264 -20.18 48.19 23.88
C ALA A 264 -20.14 46.67 23.75
N TYR A 265 -20.66 46.17 22.65
CA TYR A 265 -20.56 44.75 22.37
C TYR A 265 -20.39 44.50 20.88
N TYR A 266 -19.61 43.46 20.58
CA TYR A 266 -19.19 43.12 19.24
C TYR A 266 -19.69 41.73 18.90
N VAL A 267 -20.26 41.59 17.70
CA VAL A 267 -20.88 40.34 17.26
C VAL A 267 -20.18 39.88 15.99
N GLY A 268 -19.69 38.64 16.01
CA GLY A 268 -19.16 38.00 14.83
C GLY A 268 -19.80 36.63 14.65
N TYR A 269 -19.61 36.06 13.47
CA TYR A 269 -20.28 34.83 13.10
C TYR A 269 -19.25 33.73 12.81
N LEU A 270 -19.53 32.54 13.32
CA LEU A 270 -18.63 31.41 13.15
C LEU A 270 -18.86 30.72 11.81
N GLN A 271 -17.79 30.19 11.25
CA GLN A 271 -17.82 29.42 10.02
C GLN A 271 -17.02 28.15 10.19
N PRO A 272 -17.34 27.10 9.41
CA PRO A 272 -16.54 25.87 9.50
C PRO A 272 -15.14 26.07 8.95
N ARG A 273 -14.15 26.09 9.84
CA ARG A 273 -12.77 26.37 9.47
C ARG A 273 -11.84 25.37 10.15
N THR A 274 -10.68 25.18 9.53
CA THR A 274 -9.60 24.39 10.10
C THR A 274 -8.60 25.33 10.73
N PHE A 275 -8.35 25.15 12.03
CA PHE A 275 -7.43 25.98 12.79
C PHE A 275 -6.29 25.12 13.32
N LEU A 276 -5.08 25.67 13.26
CA LEU A 276 -3.90 25.05 13.86
C LEU A 276 -3.61 25.78 15.17
N LEU A 277 -3.92 25.15 16.28
CA LEU A 277 -3.75 25.73 17.60
C LEU A 277 -2.44 25.27 18.22
N LYS A 278 -1.85 26.14 19.03
CA LYS A 278 -0.59 25.87 19.71
C LYS A 278 -0.86 25.70 21.21
N TYR A 279 -0.56 24.52 21.73
CA TYR A 279 -0.62 24.26 23.16
C TYR A 279 0.79 24.35 23.72
N ASN A 280 0.99 25.25 24.68
CA ASN A 280 2.29 25.45 25.30
C ASN A 280 2.56 24.32 26.30
N GLU A 281 3.64 24.45 27.07
CA GLU A 281 3.99 23.40 28.02
C GLU A 281 2.98 23.28 29.16
N ASN A 282 2.14 24.29 29.37
CA ASN A 282 1.15 24.27 30.43
C ASN A 282 -0.23 23.84 29.95
N GLY A 283 -0.36 23.48 28.68
CA GLY A 283 -1.65 23.08 28.16
C GLY A 283 -2.59 24.21 27.77
N THR A 284 -2.07 25.42 27.64
CA THR A 284 -2.88 26.59 27.31
C THR A 284 -2.72 26.91 25.82
N ILE A 285 -3.84 27.14 25.14
CA ILE A 285 -3.81 27.56 23.74
C ILE A 285 -3.34 29.01 23.71
N THR A 286 -2.12 29.23 23.22
CA THR A 286 -1.53 30.57 23.22
C THR A 286 -1.54 31.23 21.85
N ASP A 287 -1.73 30.46 20.78
CA ASP A 287 -1.73 31.02 19.44
C ASP A 287 -2.49 30.09 18.52
N ALA A 288 -2.92 30.64 17.38
CA ALA A 288 -3.66 29.86 16.39
C ALA A 288 -3.37 30.40 15.00
N VAL A 289 -3.53 29.52 14.02
CA VAL A 289 -3.39 29.87 12.61
C VAL A 289 -4.67 29.46 11.89
N ASP A 290 -5.29 30.41 11.20
CA ASP A 290 -6.46 30.16 10.37
C ASP A 290 -5.97 29.73 8.99
N CYS A 291 -6.16 28.44 8.66
CA CYS A 291 -5.56 27.86 7.46
C CYS A 291 -6.12 28.46 6.17
N ALA A 292 -7.23 29.18 6.23
CA ALA A 292 -7.84 29.76 5.03
C ALA A 292 -7.82 31.28 5.02
N LEU A 293 -7.12 31.91 5.99
CA LEU A 293 -7.07 33.36 6.01
C LEU A 293 -6.32 33.91 4.80
N ASP A 294 -5.17 33.33 4.48
CA ASP A 294 -4.38 33.73 3.34
C ASP A 294 -3.46 32.56 2.96
N PRO A 295 -2.92 32.56 1.74
CA PRO A 295 -2.04 31.44 1.36
C PRO A 295 -0.83 31.26 2.25
N LEU A 296 -0.33 32.32 2.88
CA LEU A 296 0.74 32.16 3.85
C LEU A 296 0.29 31.33 5.05
N SER A 297 -0.91 31.58 5.55
CA SER A 297 -1.44 30.77 6.65
C SER A 297 -1.70 29.33 6.20
N GLU A 298 -2.10 29.14 4.95
CA GLU A 298 -2.27 27.80 4.42
C GLU A 298 -0.92 27.07 4.36
N THR A 299 0.14 27.78 3.98
CA THR A 299 1.47 27.19 4.01
C THR A 299 1.89 26.85 5.44
N LYS A 300 1.57 27.72 6.39
CA LYS A 300 1.88 27.44 7.79
C LYS A 300 1.16 26.18 8.26
N CYS A 301 -0.11 26.03 7.89
CA CYS A 301 -0.87 24.84 8.29
C CYS A 301 -0.33 23.59 7.61
N THR A 302 0.05 23.69 6.34
CA THR A 302 0.60 22.54 5.63
C THR A 302 1.92 22.08 6.24
N LEU A 303 2.79 23.03 6.58
CA LEU A 303 4.05 22.70 7.22
C LEU A 303 3.90 22.33 8.69
N LYS A 304 2.70 22.52 9.26
CA LYS A 304 2.45 22.23 10.67
C LYS A 304 3.40 23.00 11.58
N SER A 305 3.61 24.28 11.26
CA SER A 305 4.48 25.13 12.07
C SER A 305 4.02 26.56 11.94
N PHE A 306 4.37 27.37 12.93
CA PHE A 306 4.03 28.79 12.93
C PHE A 306 5.09 29.64 12.25
N THR A 307 6.22 29.06 11.85
CA THR A 307 7.29 29.77 11.17
C THR A 307 7.57 29.09 9.83
N VAL A 308 7.76 29.91 8.80
CA VAL A 308 8.04 29.42 7.45
C VAL A 308 9.40 29.96 7.02
N GLU A 309 10.24 29.08 6.51
CA GLU A 309 11.54 29.49 5.98
C GLU A 309 11.38 30.09 4.59
N LYS A 310 12.42 30.79 4.14
CA LYS A 310 12.39 31.41 2.83
C LYS A 310 12.29 30.37 1.74
N GLY A 311 11.43 30.61 0.76
CA GLY A 311 11.29 29.74 -0.37
C GLY A 311 9.90 29.82 -0.97
N ILE A 312 9.64 28.91 -1.91
CA ILE A 312 8.38 28.83 -2.62
C ILE A 312 7.72 27.49 -2.27
N TYR A 313 6.45 27.54 -1.90
CA TYR A 313 5.71 26.38 -1.41
C TYR A 313 4.43 26.22 -2.20
N GLN A 314 4.17 25.00 -2.67
CA GLN A 314 2.91 24.70 -3.35
C GLN A 314 1.78 24.63 -2.35
N THR A 315 0.66 25.29 -2.66
CA THR A 315 -0.53 25.23 -1.84
C THR A 315 -1.63 24.48 -2.60
N SER A 316 -2.82 24.45 -2.02
CA SER A 316 -3.93 23.78 -2.66
C SER A 316 -4.32 24.51 -3.94
N ASN A 317 -4.90 23.75 -4.88
CA ASN A 317 -5.30 24.32 -6.14
C ASN A 317 -6.40 25.38 -5.94
N PHE A 318 -6.53 26.27 -6.91
CA PHE A 318 -7.47 27.38 -6.83
C PHE A 318 -8.90 26.87 -6.69
N ARG A 319 -9.50 27.08 -5.53
CA ARG A 319 -10.86 26.64 -5.27
C ARG A 319 -11.87 27.71 -5.67
N VAL A 320 -13.00 27.27 -6.21
CA VAL A 320 -14.12 28.14 -6.52
C VAL A 320 -15.36 27.57 -5.84
N GLN A 321 -15.94 28.34 -4.94
CA GLN A 321 -17.10 27.85 -4.20
C GLN A 321 -18.37 28.06 -5.01
N PRO A 322 -19.32 27.12 -4.95
CA PRO A 322 -20.59 27.31 -5.65
C PRO A 322 -21.35 28.50 -5.11
N THR A 323 -22.05 29.20 -6.01
CA THR A 323 -22.79 30.40 -5.63
C THR A 323 -24.25 30.09 -5.30
N GLU A 324 -24.91 29.24 -6.08
CA GLU A 324 -26.29 28.88 -5.86
C GLU A 324 -26.47 27.38 -6.04
N SER A 325 -27.64 26.89 -5.64
CA SER A 325 -28.01 25.48 -5.77
C SER A 325 -29.25 25.40 -6.65
N ILE A 326 -29.21 24.48 -7.61
CA ILE A 326 -30.29 24.29 -8.57
C ILE A 326 -30.74 22.84 -8.54
N VAL A 327 -32.04 22.63 -8.71
CA VAL A 327 -32.64 21.30 -8.79
C VAL A 327 -33.37 21.19 -10.12
N ARG A 328 -33.10 20.12 -10.85
CA ARG A 328 -33.70 19.90 -12.17
C ARG A 328 -34.34 18.52 -12.20
N PHE A 329 -35.66 18.48 -12.05
CA PHE A 329 -36.49 17.30 -12.15
C PHE A 329 -37.46 17.47 -13.31
N PRO A 330 -37.90 16.37 -13.95
CA PRO A 330 -38.95 16.50 -14.96
C PRO A 330 -40.25 16.96 -14.31
N ASN A 331 -41.01 17.76 -15.05
CA ASN A 331 -42.23 18.33 -14.48
C ASN A 331 -43.30 17.25 -14.39
N ILE A 332 -43.54 16.77 -13.17
CA ILE A 332 -44.58 15.77 -12.91
C ILE A 332 -45.45 16.30 -11.78
N THR A 333 -46.76 16.25 -11.98
CA THR A 333 -47.71 16.74 -10.99
C THR A 333 -48.54 15.64 -10.34
N ASN A 334 -48.80 14.55 -11.04
CA ASN A 334 -49.61 13.47 -10.49
C ASN A 334 -48.88 12.78 -9.35
N LEU A 335 -49.59 12.56 -8.24
CA LEU A 335 -49.04 11.79 -7.13
C LEU A 335 -49.01 10.32 -7.50
N CYS A 336 -48.02 9.61 -6.96
CA CYS A 336 -47.88 8.19 -7.24
C CYS A 336 -49.07 7.42 -6.66
N PRO A 337 -49.48 6.33 -7.32
CA PRO A 337 -50.68 5.61 -6.87
C PRO A 337 -50.47 4.88 -5.55
N PHE A 338 -50.27 5.63 -4.46
CA PHE A 338 -50.14 5.01 -3.15
C PHE A 338 -51.44 4.34 -2.73
N GLY A 339 -52.59 4.93 -3.09
CA GLY A 339 -53.86 4.29 -2.79
C GLY A 339 -54.07 3.00 -3.56
N GLU A 340 -53.63 2.97 -4.83
CA GLU A 340 -53.79 1.76 -5.63
C GLU A 340 -52.91 0.62 -5.16
N VAL A 341 -51.82 0.92 -4.43
CA VAL A 341 -50.88 -0.10 -4.01
C VAL A 341 -51.13 -0.50 -2.56
N PHE A 342 -51.02 0.46 -1.64
CA PHE A 342 -51.11 0.19 -0.22
C PHE A 342 -52.53 0.16 0.31
N ASN A 343 -53.50 0.66 -0.46
CA ASN A 343 -54.90 0.69 -0.04
C ASN A 343 -55.76 -0.25 -0.87
N ALA A 344 -55.14 -1.20 -1.57
CA ALA A 344 -55.88 -2.08 -2.46
C ALA A 344 -56.83 -2.98 -1.66
N THR A 345 -58.04 -3.16 -2.21
CA THR A 345 -59.03 -4.00 -1.56
C THR A 345 -58.58 -5.46 -1.48
N ARG A 346 -58.00 -6.00 -2.55
CA ARG A 346 -57.57 -7.38 -2.58
C ARG A 346 -56.09 -7.44 -2.96
N PHE A 347 -55.36 -8.32 -2.28
CA PHE A 347 -53.96 -8.58 -2.57
C PHE A 347 -53.81 -9.95 -3.20
N ALA A 348 -52.71 -10.13 -3.93
CA ALA A 348 -52.46 -11.38 -4.60
C ALA A 348 -51.81 -12.39 -3.66
N SER A 349 -51.89 -13.66 -4.04
CA SER A 349 -51.19 -14.70 -3.31
C SER A 349 -49.70 -14.60 -3.56
N VAL A 350 -48.91 -15.12 -2.62
CA VAL A 350 -47.46 -14.97 -2.71
C VAL A 350 -46.91 -15.76 -3.90
N TYR A 351 -47.50 -16.93 -4.19
CA TYR A 351 -47.06 -17.70 -5.35
C TYR A 351 -47.43 -17.02 -6.65
N ALA A 352 -48.46 -16.17 -6.64
CA ALA A 352 -48.88 -15.43 -7.81
C ALA A 352 -48.79 -13.93 -7.53
N TRP A 353 -47.67 -13.52 -6.96
CA TRP A 353 -47.50 -12.13 -6.53
C TRP A 353 -47.70 -11.16 -7.69
N ASN A 354 -48.35 -10.04 -7.41
CA ASN A 354 -48.69 -9.08 -8.45
C ASN A 354 -47.56 -8.08 -8.63
N ARG A 355 -47.27 -7.75 -9.89
CA ARG A 355 -46.28 -6.73 -10.21
C ARG A 355 -46.96 -5.59 -10.96
N LYS A 356 -46.76 -4.37 -10.47
CA LYS A 356 -47.38 -3.17 -11.05
C LYS A 356 -46.29 -2.16 -11.38
N ARG A 357 -46.35 -1.61 -12.60
CA ARG A 357 -45.41 -0.59 -13.01
C ARG A 357 -45.80 0.76 -12.43
N ILE A 358 -44.80 1.53 -12.01
CA ILE A 358 -45.00 2.88 -11.49
C ILE A 358 -44.20 3.83 -12.37
N SER A 359 -44.88 4.82 -12.93
CA SER A 359 -44.22 5.74 -13.86
C SER A 359 -44.96 7.06 -13.88
N ASN A 360 -44.20 8.14 -14.15
CA ASN A 360 -44.74 9.48 -14.31
C ASN A 360 -45.57 9.91 -13.10
N CYS A 361 -44.91 9.93 -11.94
CA CYS A 361 -45.57 10.35 -10.71
C CYS A 361 -44.53 10.83 -9.72
N VAL A 362 -45.01 11.52 -8.69
CA VAL A 362 -44.15 12.08 -7.65
C VAL A 362 -44.24 11.18 -6.43
N ALA A 363 -43.09 10.67 -5.98
CA ALA A 363 -43.05 9.73 -4.86
C ALA A 363 -43.01 10.49 -3.54
N ASP A 364 -44.17 11.08 -3.20
CA ASP A 364 -44.34 11.79 -1.95
C ASP A 364 -45.01 10.84 -0.96
N TYR A 365 -44.19 10.00 -0.31
CA TYR A 365 -44.70 8.96 0.57
C TYR A 365 -45.24 9.51 1.89
N SER A 366 -45.04 10.80 2.18
CA SER A 366 -45.56 11.38 3.41
C SER A 366 -47.08 11.31 3.48
N VAL A 367 -47.76 11.19 2.33
CA VAL A 367 -49.21 11.03 2.33
C VAL A 367 -49.62 9.74 3.01
N LEU A 368 -48.72 8.77 3.11
CA LEU A 368 -49.00 7.53 3.83
C LEU A 368 -48.90 7.69 5.34
N TYR A 369 -48.41 8.83 5.83
CA TYR A 369 -48.22 9.01 7.27
C TYR A 369 -49.55 9.00 8.02
N ASN A 370 -50.62 9.50 7.40
CA ASN A 370 -51.87 9.68 8.11
C ASN A 370 -52.55 8.36 8.40
N SER A 371 -52.61 7.46 7.40
CA SER A 371 -53.41 6.26 7.49
C SER A 371 -52.63 4.96 7.48
N ALA A 372 -51.40 4.95 6.97
CA ALA A 372 -50.64 3.72 6.80
C ALA A 372 -49.60 3.58 7.89
N SER A 373 -49.64 2.44 8.59
CA SER A 373 -48.64 2.08 9.59
C SER A 373 -47.97 0.79 9.14
N PHE A 374 -46.64 0.81 9.08
CA PHE A 374 -45.87 -0.30 8.53
C PHE A 374 -45.02 -0.94 9.61
N SER A 375 -45.13 -2.26 9.75
CA SER A 375 -44.30 -2.98 10.70
C SER A 375 -42.87 -3.12 10.21
N THR A 376 -42.68 -3.28 8.90
CA THR A 376 -41.37 -3.46 8.32
C THR A 376 -41.19 -2.47 7.18
N PHE A 377 -40.06 -1.75 7.18
CA PHE A 377 -39.71 -0.86 6.08
C PHE A 377 -38.19 -0.86 5.98
N LYS A 378 -37.65 -1.64 5.05
CA LYS A 378 -36.21 -1.84 4.92
C LYS A 378 -35.79 -1.53 3.49
N CYS A 379 -34.95 -0.51 3.33
CA CYS A 379 -34.40 -0.16 2.02
C CYS A 379 -32.97 -0.68 1.92
N TYR A 380 -32.60 -1.10 0.70
CA TYR A 380 -31.35 -1.81 0.49
C TYR A 380 -30.34 -1.03 -0.32
N GLY A 381 -30.70 -0.58 -1.52
CA GLY A 381 -29.76 0.14 -2.34
C GLY A 381 -29.71 1.64 -2.11
N VAL A 382 -30.47 2.14 -1.13
CA VAL A 382 -30.59 3.58 -0.92
C VAL A 382 -30.94 3.82 0.55
N SER A 383 -30.35 4.87 1.12
CA SER A 383 -30.71 5.28 2.46
C SER A 383 -32.13 5.88 2.45
N PRO A 384 -32.94 5.59 3.47
CA PRO A 384 -34.31 6.13 3.48
C PRO A 384 -34.37 7.65 3.45
N THR A 385 -33.50 8.33 4.19
CA THR A 385 -33.53 9.78 4.27
C THR A 385 -33.22 10.46 2.94
N LYS A 386 -32.65 9.73 1.99
CA LYS A 386 -32.38 10.27 0.67
C LYS A 386 -33.52 10.06 -0.32
N LEU A 387 -34.55 9.30 0.06
CA LEU A 387 -35.62 8.97 -0.89
C LEU A 387 -36.34 10.21 -1.40
N ASN A 388 -36.33 11.30 -0.63
CA ASN A 388 -37.01 12.52 -1.06
C ASN A 388 -36.20 13.31 -2.07
N ASP A 389 -34.90 13.04 -2.20
CA ASP A 389 -34.02 13.83 -3.07
C ASP A 389 -33.60 13.06 -4.32
N LEU A 390 -34.29 11.97 -4.65
CA LEU A 390 -33.86 11.09 -5.72
C LEU A 390 -34.98 10.88 -6.72
N CYS A 391 -34.58 10.48 -7.93
CA CYS A 391 -35.50 10.05 -8.97
C CYS A 391 -35.22 8.59 -9.31
N PHE A 392 -36.29 7.82 -9.51
CA PHE A 392 -36.20 6.38 -9.63
C PHE A 392 -36.52 5.94 -11.05
N THR A 393 -35.73 5.01 -11.57
CA THR A 393 -35.74 4.72 -13.01
C THR A 393 -36.87 3.77 -13.40
N ASN A 394 -36.84 2.54 -12.90
CA ASN A 394 -37.78 1.49 -13.31
C ASN A 394 -38.48 0.99 -12.06
N VAL A 395 -39.55 1.66 -11.67
CA VAL A 395 -40.22 1.38 -10.40
C VAL A 395 -41.26 0.29 -10.62
N TYR A 396 -41.11 -0.80 -9.88
CA TYR A 396 -42.09 -1.89 -9.89
C TYR A 396 -42.47 -2.22 -8.46
N ALA A 397 -43.77 -2.36 -8.23
CA ALA A 397 -44.32 -2.72 -6.92
C ALA A 397 -44.84 -4.15 -6.99
N ASP A 398 -44.24 -5.02 -6.18
CA ASP A 398 -44.66 -6.41 -6.08
C ASP A 398 -45.46 -6.57 -4.78
N SER A 399 -46.74 -6.88 -4.91
CA SER A 399 -47.64 -6.99 -3.78
C SER A 399 -48.08 -8.43 -3.59
N PHE A 400 -48.11 -8.87 -2.33
CA PHE A 400 -48.63 -10.17 -1.97
C PHE A 400 -48.96 -10.18 -0.48
N VAL A 401 -49.44 -11.33 0.00
CA VAL A 401 -49.79 -11.53 1.40
C VAL A 401 -49.13 -12.81 1.89
N ILE A 402 -48.48 -12.73 3.05
CA ILE A 402 -47.81 -13.89 3.64
C ILE A 402 -48.15 -13.95 5.13
N ARG A 403 -47.52 -14.91 5.81
CA ARG A 403 -47.63 -15.00 7.26
C ARG A 403 -46.79 -13.92 7.93
N GLY A 404 -47.08 -13.67 9.20
CA GLY A 404 -46.25 -12.76 9.97
C GLY A 404 -44.83 -13.29 10.15
N ASP A 405 -44.68 -14.61 10.29
CA ASP A 405 -43.38 -15.20 10.51
C ASP A 405 -42.53 -15.23 9.24
N GLU A 406 -43.16 -15.11 8.07
CA GLU A 406 -42.45 -15.21 6.80
C GLU A 406 -41.98 -13.87 6.26
N VAL A 407 -42.32 -12.77 6.94
CA VAL A 407 -41.89 -11.44 6.48
C VAL A 407 -40.37 -11.34 6.47
N ARG A 408 -39.72 -11.97 7.45
CA ARG A 408 -38.27 -11.99 7.49
C ARG A 408 -37.67 -12.64 6.25
N GLN A 409 -38.42 -13.51 5.58
CA GLN A 409 -37.92 -14.20 4.40
C GLN A 409 -37.87 -13.30 3.16
N ILE A 410 -38.46 -12.11 3.22
CA ILE A 410 -38.44 -11.19 2.08
C ILE A 410 -37.17 -10.37 2.23
N ALA A 411 -36.06 -10.94 1.76
CA ALA A 411 -34.75 -10.30 1.82
C ALA A 411 -33.86 -10.93 0.77
N PRO A 412 -32.80 -10.24 0.34
CA PRO A 412 -32.00 -10.75 -0.78
C PRO A 412 -31.40 -12.13 -0.56
N GLY A 413 -30.98 -12.46 0.66
CA GLY A 413 -30.28 -13.71 0.88
C GLY A 413 -30.90 -14.65 1.88
N GLN A 414 -32.22 -14.73 1.88
CA GLN A 414 -32.94 -15.57 2.83
C GLN A 414 -33.31 -16.91 2.23
N THR A 415 -33.48 -17.90 3.11
CA THR A 415 -34.01 -19.21 2.74
C THR A 415 -35.33 -19.43 3.46
N GLY A 416 -36.02 -20.49 3.08
CA GLY A 416 -37.32 -20.81 3.62
C GLY A 416 -38.32 -21.08 2.52
N LYS A 417 -39.54 -21.37 2.94
CA LYS A 417 -40.59 -21.74 1.99
C LYS A 417 -40.87 -20.61 1.01
N ILE A 418 -41.11 -19.40 1.52
CA ILE A 418 -41.44 -18.28 0.65
C ILE A 418 -40.23 -17.90 -0.22
N ALA A 419 -39.04 -17.83 0.38
CA ALA A 419 -37.87 -17.41 -0.37
C ALA A 419 -37.46 -18.44 -1.42
N ASP A 420 -37.79 -19.71 -1.21
CA ASP A 420 -37.39 -20.76 -2.14
C ASP A 420 -38.42 -21.01 -3.23
N TYR A 421 -39.70 -21.16 -2.86
CA TYR A 421 -40.71 -21.63 -3.80
C TYR A 421 -41.71 -20.57 -4.22
N ASN A 422 -41.73 -19.40 -3.57
CA ASN A 422 -42.78 -18.41 -3.84
C ASN A 422 -42.23 -17.10 -4.38
N TYR A 423 -41.28 -16.49 -3.68
CA TYR A 423 -40.81 -15.15 -4.06
C TYR A 423 -39.38 -14.98 -3.58
N LYS A 424 -38.46 -14.77 -4.53
CA LYS A 424 -37.04 -14.59 -4.22
C LYS A 424 -36.58 -13.23 -4.69
N LEU A 425 -35.83 -12.54 -3.83
CA LEU A 425 -35.20 -11.27 -4.18
C LEU A 425 -33.78 -11.50 -4.69
N PRO A 426 -33.32 -10.71 -5.66
CA PRO A 426 -31.94 -10.85 -6.12
C PRO A 426 -30.95 -10.44 -5.05
N ASP A 427 -29.73 -10.98 -5.18
CA ASP A 427 -28.67 -10.66 -4.23
C ASP A 427 -28.30 -9.19 -4.30
N ASP A 428 -28.32 -8.60 -5.50
CA ASP A 428 -28.02 -7.19 -5.71
C ASP A 428 -29.29 -6.35 -5.78
N PHE A 429 -30.30 -6.72 -5.01
CA PHE A 429 -31.59 -6.03 -5.07
C PHE A 429 -31.45 -4.59 -4.60
N THR A 430 -32.00 -3.66 -5.39
CA THR A 430 -32.06 -2.25 -5.03
C THR A 430 -33.52 -1.85 -4.91
N GLY A 431 -33.91 -1.42 -3.73
CA GLY A 431 -35.30 -1.05 -3.50
C GLY A 431 -35.63 -1.12 -2.01
N CYS A 432 -36.92 -1.16 -1.73
CA CYS A 432 -37.41 -1.15 -0.36
C CYS A 432 -38.51 -2.18 -0.19
N VAL A 433 -38.44 -2.94 0.90
CA VAL A 433 -39.46 -3.92 1.27
C VAL A 433 -40.30 -3.31 2.39
N ILE A 434 -41.62 -3.30 2.20
CA ILE A 434 -42.56 -2.77 3.16
C ILE A 434 -43.55 -3.86 3.50
N ALA A 435 -43.82 -4.03 4.79
CA ALA A 435 -44.76 -5.06 5.24
C ALA A 435 -45.57 -4.51 6.40
N TRP A 436 -46.87 -4.81 6.40
CA TRP A 436 -47.73 -4.37 7.49
C TRP A 436 -48.80 -5.42 7.77
N ASN A 437 -49.14 -5.56 9.04
CA ASN A 437 -50.16 -6.52 9.45
C ASN A 437 -51.51 -6.14 8.86
N SER A 438 -52.20 -7.12 8.29
CA SER A 438 -53.51 -6.92 7.68
C SER A 438 -54.52 -7.90 8.25
N ASN A 439 -54.46 -8.12 9.56
CA ASN A 439 -55.40 -9.03 10.21
C ASN A 439 -56.83 -8.50 10.15
N ASN A 440 -57.00 -7.18 10.23
CA ASN A 440 -58.34 -6.60 10.18
C ASN A 440 -58.99 -6.71 8.80
N LEU A 441 -58.20 -7.00 7.76
CA LEU A 441 -58.70 -7.04 6.39
C LEU A 441 -58.67 -8.43 5.78
N ASP A 442 -57.62 -9.21 6.01
CA ASP A 442 -57.42 -10.48 5.33
C ASP A 442 -57.77 -11.68 6.19
N SER A 443 -58.40 -11.48 7.34
CA SER A 443 -58.78 -12.57 8.23
C SER A 443 -60.29 -12.70 8.29
N LYS A 444 -60.76 -13.95 8.32
CA LYS A 444 -62.19 -14.26 8.39
C LYS A 444 -62.45 -15.15 9.59
N VAL A 445 -63.62 -14.96 10.21
CA VAL A 445 -63.95 -15.68 11.43
C VAL A 445 -63.92 -17.19 11.19
N GLY A 446 -64.52 -17.63 10.08
CA GLY A 446 -64.44 -19.03 9.72
C GLY A 446 -63.12 -19.45 9.10
N GLY A 447 -62.26 -18.49 8.78
CA GLY A 447 -60.98 -18.80 8.15
C GLY A 447 -60.91 -18.33 6.72
N ASN A 448 -59.94 -17.48 6.40
CA ASN A 448 -59.74 -16.97 5.05
C ASN A 448 -58.77 -17.88 4.32
N TYR A 449 -59.27 -18.65 3.36
CA TYR A 449 -58.47 -19.60 2.60
C TYR A 449 -58.24 -19.16 1.16
N ASN A 450 -58.43 -17.87 0.87
CA ASN A 450 -58.23 -17.35 -0.47
C ASN A 450 -56.77 -17.03 -0.77
N TYR A 451 -55.90 -17.03 0.23
CA TYR A 451 -54.48 -16.73 0.05
C TYR A 451 -53.70 -18.04 0.05
N LEU A 452 -52.93 -18.28 -1.01
CA LEU A 452 -52.25 -19.54 -1.22
C LEU A 452 -50.75 -19.32 -1.30
N TYR A 453 -49.99 -20.36 -0.97
CA TYR A 453 -48.54 -20.37 -1.10
C TYR A 453 -48.12 -21.69 -1.72
N ARG A 454 -46.97 -21.65 -2.40
CA ARG A 454 -46.44 -22.84 -3.08
C ARG A 454 -45.59 -23.65 -2.12
N LEU A 455 -45.96 -24.90 -1.94
CA LEU A 455 -45.16 -25.90 -1.25
C LEU A 455 -44.76 -26.97 -2.25
N PHE A 456 -43.67 -27.68 -1.94
CA PHE A 456 -43.22 -28.82 -2.75
C PHE A 456 -42.92 -28.39 -4.19
N ARG A 457 -41.87 -27.58 -4.33
CA ARG A 457 -41.35 -27.25 -5.64
C ARG A 457 -40.08 -28.05 -5.91
N LYS A 458 -39.86 -28.38 -7.19
CA LYS A 458 -38.71 -29.19 -7.58
C LYS A 458 -37.40 -28.49 -7.27
N SER A 459 -37.32 -27.20 -7.57
CA SER A 459 -36.08 -26.44 -7.38
C SER A 459 -36.44 -25.02 -6.91
N ASN A 460 -35.42 -24.35 -6.37
CA ASN A 460 -35.62 -22.99 -5.86
C ASN A 460 -35.89 -22.02 -7.01
N LEU A 461 -36.74 -21.04 -6.74
CA LEU A 461 -37.08 -20.04 -7.73
C LEU A 461 -35.91 -19.11 -8.01
N LYS A 462 -35.82 -18.66 -9.26
CA LYS A 462 -34.88 -17.60 -9.61
C LYS A 462 -35.39 -16.27 -9.06
N PRO A 463 -34.50 -15.29 -8.89
CA PRO A 463 -34.94 -13.97 -8.42
C PRO A 463 -35.99 -13.37 -9.34
N PHE A 464 -37.04 -12.81 -8.74
CA PHE A 464 -38.14 -12.17 -9.45
C PHE A 464 -38.80 -13.11 -10.46
N GLU A 465 -38.85 -14.40 -10.14
CA GLU A 465 -39.52 -15.39 -10.98
C GLU A 465 -40.83 -15.80 -10.34
N ARG A 466 -41.85 -15.97 -11.19
CA ARG A 466 -43.19 -16.34 -10.74
C ARG A 466 -43.55 -17.71 -11.28
N ASP A 467 -44.00 -18.60 -10.39
CA ASP A 467 -44.46 -19.93 -10.76
C ASP A 467 -45.90 -20.07 -10.34
N ILE A 468 -46.79 -20.26 -11.32
CA ILE A 468 -48.22 -20.40 -11.08
C ILE A 468 -48.75 -21.76 -11.55
N SER A 469 -47.87 -22.71 -11.84
CA SER A 469 -48.29 -24.02 -12.26
C SER A 469 -48.92 -24.79 -11.09
N THR A 470 -49.85 -25.69 -11.43
CA THR A 470 -50.55 -26.49 -10.45
C THR A 470 -50.35 -27.98 -10.69
N GLU A 471 -49.21 -28.34 -11.28
CA GLU A 471 -48.91 -29.75 -11.52
C GLU A 471 -48.65 -30.48 -10.22
N ILE A 472 -49.09 -31.74 -10.17
CA ILE A 472 -48.92 -32.54 -8.96
C ILE A 472 -47.43 -32.81 -8.73
N TYR A 473 -46.97 -32.57 -7.51
CA TYR A 473 -45.57 -32.76 -7.16
C TYR A 473 -45.32 -34.22 -6.78
N GLN A 474 -44.27 -34.80 -7.37
CA GLN A 474 -43.89 -36.18 -7.09
C GLN A 474 -42.78 -36.18 -6.05
N ALA A 475 -43.11 -36.60 -4.83
CA ALA A 475 -42.12 -36.62 -3.76
C ALA A 475 -41.34 -37.92 -3.75
N GLY A 476 -42.01 -39.05 -4.02
CA GLY A 476 -41.38 -40.35 -4.02
C GLY A 476 -40.93 -40.78 -5.41
N SER A 477 -40.49 -42.03 -5.49
CA SER A 477 -40.07 -42.59 -6.77
C SER A 477 -41.24 -42.93 -7.66
N THR A 478 -42.40 -43.22 -7.08
CA THR A 478 -43.59 -43.53 -7.89
C THR A 478 -44.06 -42.28 -8.62
N PRO A 479 -44.20 -42.32 -9.94
CA PRO A 479 -44.58 -41.11 -10.67
C PRO A 479 -46.09 -40.89 -10.68
N CYS A 480 -46.48 -39.64 -10.52
CA CYS A 480 -47.88 -39.27 -10.52
C CYS A 480 -48.41 -39.17 -11.95
N ASN A 481 -49.74 -39.28 -12.06
CA ASN A 481 -50.44 -39.16 -13.34
C ASN A 481 -51.57 -38.14 -13.21
N GLY A 482 -51.27 -37.01 -12.59
CA GLY A 482 -52.26 -35.99 -12.35
C GLY A 482 -53.20 -36.26 -11.19
N VAL A 483 -52.91 -37.27 -10.38
CA VAL A 483 -53.75 -37.64 -9.24
C VAL A 483 -52.94 -37.46 -7.97
N GLU A 484 -53.59 -36.93 -6.94
CA GLU A 484 -52.94 -36.73 -5.65
C GLU A 484 -53.11 -37.99 -4.79
N GLY A 485 -52.00 -38.48 -4.24
CA GLY A 485 -52.05 -39.65 -3.40
C GLY A 485 -50.69 -40.12 -2.94
N PHE A 486 -50.62 -40.60 -1.70
CA PHE A 486 -49.38 -41.11 -1.11
C PHE A 486 -48.27 -40.07 -1.15
N ASN A 487 -47.38 -40.17 -2.13
CA ASN A 487 -46.27 -39.23 -2.27
C ASN A 487 -46.54 -38.17 -3.33
N CYS A 488 -47.78 -38.04 -3.80
CA CYS A 488 -48.17 -37.05 -4.78
C CYS A 488 -49.03 -35.99 -4.10
N TYR A 489 -48.56 -34.75 -4.08
CA TYR A 489 -49.23 -33.68 -3.38
C TYR A 489 -49.54 -32.52 -4.32
N PHE A 490 -50.65 -31.84 -4.04
CA PHE A 490 -50.93 -30.58 -4.73
C PHE A 490 -49.95 -29.52 -4.25
N PRO A 491 -49.32 -28.77 -5.17
CA PRO A 491 -48.22 -27.88 -4.78
C PRO A 491 -48.67 -26.61 -4.06
N LEU A 492 -49.95 -26.30 -4.00
CA LEU A 492 -50.44 -25.06 -3.41
C LEU A 492 -51.24 -25.37 -2.15
N GLN A 493 -50.96 -24.62 -1.08
CA GLN A 493 -51.70 -24.76 0.17
C GLN A 493 -52.13 -23.38 0.65
N SER A 494 -53.31 -23.33 1.26
CA SER A 494 -53.89 -22.07 1.70
C SER A 494 -53.56 -21.79 3.16
N TYR A 495 -53.36 -20.52 3.46
CA TYR A 495 -53.19 -20.08 4.84
C TYR A 495 -54.50 -20.20 5.60
N GLY A 496 -54.41 -20.25 6.93
CA GLY A 496 -55.58 -20.23 7.77
C GLY A 496 -56.16 -18.84 7.88
N PHE A 497 -55.39 -17.92 8.46
CA PHE A 497 -55.74 -16.50 8.55
C PHE A 497 -57.08 -16.30 9.27
N GLN A 498 -57.10 -16.67 10.54
CA GLN A 498 -58.22 -16.41 11.43
C GLN A 498 -57.91 -15.21 12.32
N PRO A 499 -58.93 -14.46 12.75
CA PRO A 499 -58.67 -13.28 13.58
C PRO A 499 -58.01 -13.62 14.90
N THR A 500 -58.25 -14.81 15.44
CA THR A 500 -57.69 -15.21 16.73
C THR A 500 -56.32 -15.87 16.59
N ASN A 501 -55.77 -15.92 15.39
CA ASN A 501 -54.44 -16.51 15.20
C ASN A 501 -53.37 -15.66 15.87
N GLY A 502 -52.24 -16.30 16.15
CA GLY A 502 -51.11 -15.59 16.70
C GLY A 502 -50.50 -14.62 15.70
N VAL A 503 -49.67 -13.72 16.21
CA VAL A 503 -49.11 -12.66 15.37
C VAL A 503 -48.22 -13.27 14.28
N GLY A 504 -47.65 -14.45 14.54
CA GLY A 504 -46.88 -15.13 13.52
C GLY A 504 -47.73 -15.76 12.42
N TYR A 505 -49.00 -16.05 12.72
N TYR A 505 -49.00 -16.05 12.72
CA TYR A 505 -49.93 -16.61 11.76
CA TYR A 505 -49.90 -16.64 11.74
C TYR A 505 -51.00 -15.62 11.33
C TYR A 505 -50.92 -15.64 11.22
N GLN A 506 -50.75 -14.35 11.52
CA GLN A 506 -51.70 -13.36 11.03
C GLN A 506 -51.28 -12.87 9.65
N PRO A 507 -52.22 -12.46 8.81
CA PRO A 507 -51.87 -12.02 7.45
C PRO A 507 -51.03 -10.74 7.48
N TYR A 508 -50.04 -10.68 6.59
CA TYR A 508 -49.21 -9.50 6.42
C TYR A 508 -49.14 -9.16 4.95
N ARG A 509 -49.48 -7.92 4.62
CA ARG A 509 -49.40 -7.43 3.25
C ARG A 509 -48.00 -6.88 3.01
N VAL A 510 -47.37 -7.32 1.92
CA VAL A 510 -46.00 -6.99 1.59
C VAL A 510 -45.97 -6.35 0.21
N VAL A 511 -45.33 -5.19 0.13
CA VAL A 511 -45.06 -4.49 -1.12
C VAL A 511 -43.55 -4.30 -1.24
N VAL A 512 -42.98 -4.80 -2.32
CA VAL A 512 -41.57 -4.67 -2.61
C VAL A 512 -41.42 -3.72 -3.78
N LEU A 513 -40.80 -2.57 -3.53
CA LEU A 513 -40.54 -1.58 -4.56
C LEU A 513 -39.12 -1.77 -5.07
N SER A 514 -38.99 -2.01 -6.37
CA SER A 514 -37.69 -2.21 -7.01
C SER A 514 -37.49 -1.12 -8.06
N PHE A 515 -36.27 -0.57 -8.10
CA PHE A 515 -35.96 0.52 -9.00
C PHE A 515 -34.46 0.59 -9.20
N GLU A 516 -34.04 1.41 -10.15
CA GLU A 516 -32.64 1.74 -10.39
C GLU A 516 -32.41 3.22 -10.09
N LEU A 517 -31.16 3.59 -9.86
CA LEU A 517 -30.81 4.93 -9.42
C LEU A 517 -29.66 5.50 -10.23
N LEU A 518 -29.86 6.71 -10.74
CA LEU A 518 -28.78 7.57 -11.26
C LEU A 518 -28.03 6.92 -12.42
N HIS A 519 -28.75 6.17 -13.25
CA HIS A 519 -28.14 5.58 -14.44
C HIS A 519 -28.96 5.74 -15.72
N ALA A 520 -30.26 5.99 -15.62
CA ALA A 520 -31.14 6.04 -16.78
C ALA A 520 -32.08 7.23 -16.61
N PRO A 521 -32.74 7.66 -17.72
CA PRO A 521 -33.61 8.86 -17.66
C PRO A 521 -34.49 8.99 -16.42
N ALA A 522 -35.23 7.94 -16.07
CA ALA A 522 -36.10 7.92 -14.89
C ALA A 522 -37.30 8.83 -15.04
N THR A 523 -38.45 8.42 -14.50
CA THR A 523 -39.67 9.19 -14.60
C THR A 523 -40.44 9.30 -13.29
N VAL A 524 -39.94 8.70 -12.21
CA VAL A 524 -40.55 8.80 -10.88
C VAL A 524 -39.56 9.55 -9.99
N CYS A 525 -40.02 10.65 -9.40
CA CYS A 525 -39.15 11.53 -8.64
C CYS A 525 -39.79 11.84 -7.29
N GLY A 526 -38.95 12.29 -6.36
CA GLY A 526 -39.41 12.69 -5.05
C GLY A 526 -40.06 14.05 -5.06
N PRO A 527 -40.61 14.44 -3.91
CA PRO A 527 -41.30 15.73 -3.79
C PRO A 527 -40.34 16.91 -3.63
N LYS A 528 -39.48 17.10 -4.63
CA LYS A 528 -38.51 18.19 -4.64
C LYS A 528 -38.87 19.16 -5.76
N LYS A 529 -38.97 20.44 -5.42
CA LYS A 529 -39.34 21.46 -6.39
C LYS A 529 -38.13 21.87 -7.22
N SER A 530 -38.31 21.88 -8.54
CA SER A 530 -37.23 22.26 -9.43
C SER A 530 -37.06 23.78 -9.45
N THR A 531 -35.85 24.21 -9.81
CA THR A 531 -35.51 25.61 -9.93
C THR A 531 -35.11 25.92 -11.37
N ASN A 532 -34.65 27.15 -11.60
CA ASN A 532 -34.20 27.53 -12.92
C ASN A 532 -32.84 26.91 -13.23
N LEU A 533 -32.51 26.87 -14.52
CA LEU A 533 -31.24 26.32 -14.98
C LEU A 533 -30.22 27.44 -15.10
N VAL A 534 -29.13 27.33 -14.35
CA VAL A 534 -28.07 28.34 -14.33
C VAL A 534 -26.86 27.76 -15.04
N LYS A 535 -26.36 28.48 -16.04
CA LYS A 535 -25.25 28.03 -16.85
C LYS A 535 -24.07 28.99 -16.71
N ASN A 536 -22.88 28.49 -17.07
CA ASN A 536 -21.65 29.27 -17.06
C ASN A 536 -21.36 29.86 -15.68
N LYS A 537 -21.64 29.08 -14.64
CA LYS A 537 -21.43 29.55 -13.27
C LYS A 537 -21.28 28.34 -12.36
N CYS A 538 -20.39 28.47 -11.38
CA CYS A 538 -20.15 27.38 -10.43
C CYS A 538 -21.35 27.26 -9.50
N VAL A 539 -22.10 26.16 -9.64
CA VAL A 539 -23.31 25.94 -8.85
C VAL A 539 -23.32 24.51 -8.34
N ASN A 540 -24.08 24.30 -7.27
CA ASN A 540 -24.49 22.96 -6.90
C ASN A 540 -25.69 22.57 -7.74
N PHE A 541 -25.71 21.33 -8.22
CA PHE A 541 -26.77 20.87 -9.09
C PHE A 541 -27.33 19.55 -8.59
N ASN A 542 -28.63 19.37 -8.80
CA ASN A 542 -29.33 18.11 -8.53
C ASN A 542 -30.11 17.74 -9.79
N PHE A 543 -29.54 16.85 -10.59
CA PHE A 543 -30.14 16.39 -11.84
C PHE A 543 -30.69 14.99 -11.64
N ASN A 544 -32.02 14.89 -11.53
CA ASN A 544 -32.71 13.60 -11.40
C ASN A 544 -32.18 12.78 -10.22
N GLY A 545 -31.86 13.47 -9.13
CA GLY A 545 -31.32 12.84 -7.94
C GLY A 545 -29.80 12.82 -7.86
N LEU A 546 -29.11 13.02 -8.99
CA LEU A 546 -27.66 13.04 -9.00
C LEU A 546 -27.19 14.42 -8.56
N THR A 547 -26.54 14.49 -7.40
CA THR A 547 -26.08 15.75 -6.86
C THR A 547 -24.60 15.95 -7.16
N GLY A 548 -24.20 17.21 -7.28
CA GLY A 548 -22.81 17.52 -7.55
C GLY A 548 -22.59 19.01 -7.54
N THR A 549 -21.35 19.39 -7.85
CA THR A 549 -20.95 20.79 -7.95
C THR A 549 -20.13 20.99 -9.21
N GLY A 550 -20.40 22.07 -9.93
CA GLY A 550 -19.64 22.34 -11.12
C GLY A 550 -20.26 23.48 -11.93
N VAL A 551 -19.70 23.66 -13.13
CA VAL A 551 -20.15 24.68 -14.07
C VAL A 551 -20.83 23.96 -15.23
N LEU A 552 -22.05 24.37 -15.55
CA LEU A 552 -22.84 23.76 -16.62
C LEU A 552 -22.78 24.64 -17.86
N THR A 553 -22.39 24.03 -18.98
CA THR A 553 -22.30 24.74 -20.25
C THR A 553 -23.05 23.95 -21.31
N GLU A 554 -23.42 24.64 -22.38
CA GLU A 554 -24.11 23.97 -23.49
C GLU A 554 -23.16 22.99 -24.17
N SER A 555 -23.64 21.78 -24.44
CA SER A 555 -22.83 20.70 -24.95
C SER A 555 -23.20 20.36 -26.39
N ASN A 556 -22.20 19.94 -27.16
CA ASN A 556 -22.39 19.48 -28.52
C ASN A 556 -22.66 17.98 -28.60
N LYS A 557 -22.61 17.28 -27.47
CA LYS A 557 -22.88 15.85 -27.47
C LYS A 557 -24.33 15.57 -27.82
N LYS A 558 -24.55 14.53 -28.60
CA LYS A 558 -25.89 14.10 -29.01
C LYS A 558 -26.21 12.80 -28.28
N PHE A 559 -26.96 12.90 -27.18
CA PHE A 559 -27.32 11.72 -26.42
C PHE A 559 -28.37 10.91 -27.17
N LEU A 560 -28.26 9.59 -27.06
CA LEU A 560 -29.29 8.71 -27.58
C LEU A 560 -30.53 8.81 -26.69
N PRO A 561 -31.71 8.47 -27.22
CA PRO A 561 -32.94 8.67 -26.45
C PRO A 561 -32.97 7.93 -25.13
N PHE A 562 -32.27 6.80 -25.01
CA PHE A 562 -32.27 6.03 -23.77
C PHE A 562 -31.18 6.48 -22.81
N GLN A 563 -30.42 7.51 -23.14
CA GLN A 563 -29.29 7.95 -22.32
C GLN A 563 -29.64 9.25 -21.60
N GLN A 564 -29.25 9.32 -20.33
CA GLN A 564 -29.47 10.50 -19.50
C GLN A 564 -28.18 11.15 -19.03
N PHE A 565 -27.16 10.36 -18.71
CA PHE A 565 -25.90 10.87 -18.19
C PHE A 565 -24.76 10.45 -19.10
N GLY A 566 -23.73 11.28 -19.16
CA GLY A 566 -22.50 10.97 -19.86
C GLY A 566 -21.35 10.91 -18.89
N ARG A 567 -20.44 9.95 -19.10
CA ARG A 567 -19.33 9.73 -18.19
C ARG A 567 -18.02 9.66 -18.96
N ASP A 568 -16.96 10.19 -18.35
CA ASP A 568 -15.64 10.21 -18.96
C ASP A 568 -14.85 8.97 -18.56
N ILE A 569 -13.54 8.99 -18.83
CA ILE A 569 -12.68 7.85 -18.55
C ILE A 569 -12.62 7.53 -17.06
N ALA A 570 -12.81 8.54 -16.20
CA ALA A 570 -12.76 8.37 -14.76
C ALA A 570 -14.10 8.03 -14.17
N ASP A 571 -15.10 7.68 -14.99
CA ASP A 571 -16.46 7.34 -14.59
C ASP A 571 -17.21 8.50 -13.97
N THR A 572 -16.63 9.70 -13.96
CA THR A 572 -17.32 10.86 -13.43
C THR A 572 -18.38 11.36 -14.43
N THR A 573 -19.49 11.84 -13.90
CA THR A 573 -20.56 12.38 -14.74
C THR A 573 -20.11 13.73 -15.30
N ASP A 574 -19.74 13.75 -16.58
CA ASP A 574 -19.30 14.97 -17.23
C ASP A 574 -20.32 15.56 -18.19
N ALA A 575 -21.43 14.86 -18.45
CA ALA A 575 -22.50 15.40 -19.26
C ALA A 575 -23.83 14.91 -18.71
N VAL A 576 -24.87 15.71 -18.89
CA VAL A 576 -26.20 15.37 -18.37
C VAL A 576 -27.26 15.96 -19.29
N ARG A 577 -28.34 15.21 -19.49
CA ARG A 577 -29.49 15.71 -20.23
C ARG A 577 -30.45 16.38 -19.26
N ASP A 578 -30.83 17.61 -19.58
CA ASP A 578 -31.76 18.35 -18.73
C ASP A 578 -33.12 17.67 -18.78
N PRO A 579 -33.70 17.29 -17.64
CA PRO A 579 -34.98 16.59 -17.66
C PRO A 579 -36.14 17.43 -18.20
N GLN A 580 -36.01 18.75 -18.22
CA GLN A 580 -37.07 19.63 -18.68
C GLN A 580 -36.86 20.11 -20.11
N THR A 581 -35.71 20.71 -20.41
CA THR A 581 -35.45 21.23 -21.75
C THR A 581 -34.89 20.18 -22.70
N LEU A 582 -34.52 18.99 -22.19
CA LEU A 582 -33.99 17.91 -23.01
C LEU A 582 -32.73 18.32 -23.75
N GLU A 583 -31.95 19.24 -23.19
CA GLU A 583 -30.69 19.67 -23.78
C GLU A 583 -29.52 19.06 -23.03
N ILE A 584 -28.42 18.85 -23.73
CA ILE A 584 -27.24 18.23 -23.17
C ILE A 584 -26.34 19.32 -22.61
N LEU A 585 -25.91 19.16 -21.36
CA LEU A 585 -25.07 20.12 -20.67
C LEU A 585 -23.80 19.44 -20.21
N ASP A 586 -22.66 20.04 -20.54
CA ASP A 586 -21.37 19.61 -20.02
C ASP A 586 -21.15 20.16 -18.63
N ILE A 587 -20.61 19.33 -17.74
CA ILE A 587 -20.32 19.68 -16.35
C ILE A 587 -18.81 19.74 -16.20
N THR A 588 -18.32 20.87 -15.70
CA THR A 588 -16.89 21.07 -15.55
C THR A 588 -16.56 21.39 -14.09
N PRO A 589 -15.52 20.79 -13.53
CA PRO A 589 -15.15 21.08 -12.14
C PRO A 589 -14.81 22.55 -11.96
N CYS A 590 -15.20 23.08 -10.79
CA CYS A 590 -14.96 24.50 -10.51
C CYS A 590 -13.50 24.78 -10.20
N SER A 591 -12.88 23.93 -9.39
CA SER A 591 -11.49 24.15 -8.98
C SER A 591 -10.52 23.76 -10.09
N PHE A 592 -9.51 24.59 -10.28
CA PHE A 592 -8.55 24.40 -11.37
C PHE A 592 -7.39 25.37 -11.17
N GLY A 593 -6.18 24.89 -11.45
CA GLY A 593 -5.01 25.74 -11.42
C GLY A 593 -4.16 25.61 -10.17
N GLY A 594 -2.84 25.52 -10.36
CA GLY A 594 -1.93 25.41 -9.24
C GLY A 594 -1.55 26.77 -8.67
N VAL A 595 -1.30 26.79 -7.35
CA VAL A 595 -0.98 28.01 -6.62
C VAL A 595 0.30 27.79 -5.82
N SER A 596 1.19 28.77 -5.85
CA SER A 596 2.42 28.74 -5.08
C SER A 596 2.56 30.03 -4.29
N VAL A 597 3.21 29.93 -3.14
CA VAL A 597 3.46 31.07 -2.26
C VAL A 597 4.96 31.25 -2.13
N ILE A 598 5.44 32.46 -2.44
CA ILE A 598 6.85 32.81 -2.30
C ILE A 598 6.98 33.68 -1.06
N THR A 599 7.81 33.24 -0.11
CA THR A 599 7.99 33.98 1.12
C THR A 599 9.47 34.15 1.42
N PRO A 600 9.85 35.30 1.98
CA PRO A 600 11.25 35.49 2.42
C PRO A 600 11.56 34.87 3.77
N GLY A 601 10.58 34.25 4.41
CA GLY A 601 10.76 33.75 5.76
C GLY A 601 10.01 34.60 6.77
N THR A 602 9.19 33.96 7.61
CA THR A 602 8.42 34.70 8.61
C THR A 602 9.33 35.41 9.60
N ASN A 603 10.55 34.91 9.82
CA ASN A 603 11.49 35.62 10.68
C ASN A 603 11.98 36.92 10.06
N THR A 604 11.85 37.07 8.75
CA THR A 604 12.27 38.27 8.05
C THR A 604 11.11 39.22 7.77
N SER A 605 10.05 38.73 7.14
CA SER A 605 8.90 39.57 6.83
C SER A 605 7.67 38.69 6.67
N ASN A 606 6.50 39.31 6.82
CA ASN A 606 5.23 38.65 6.57
C ASN A 606 4.72 38.86 5.15
N GLN A 607 5.45 39.60 4.33
CA GLN A 607 5.07 39.79 2.94
C GLN A 607 5.19 38.49 2.17
N VAL A 608 4.23 38.23 1.28
CA VAL A 608 4.25 37.04 0.44
C VAL A 608 3.89 37.44 -0.98
N ALA A 609 4.32 36.62 -1.93
CA ALA A 609 3.90 36.72 -3.32
C ALA A 609 3.17 35.45 -3.71
N VAL A 610 2.20 35.57 -4.61
CA VAL A 610 1.37 34.44 -5.02
C VAL A 610 1.56 34.21 -6.51
N LEU A 611 1.84 32.97 -6.87
CA LEU A 611 2.00 32.55 -8.27
C LEU A 611 0.84 31.65 -8.65
N TYR A 612 0.03 32.12 -9.60
CA TYR A 612 -1.07 31.34 -10.17
C TYR A 612 -0.55 30.75 -11.47
N GLN A 613 -0.26 29.45 -11.47
CA GLN A 613 0.53 28.85 -12.54
C GLN A 613 -0.24 28.67 -13.84
N ASP A 614 -1.48 29.12 -13.96
CA ASP A 614 -2.27 28.86 -15.17
C ASP A 614 -3.07 30.09 -15.59
N VAL A 615 -2.47 31.28 -15.50
CA VAL A 615 -3.20 32.54 -15.67
C VAL A 615 -2.31 33.64 -16.28
N ASN A 616 -2.75 34.21 -17.41
CA ASN A 616 -2.44 35.62 -17.69
C ASN A 616 -2.95 36.59 -16.64
N CYS A 617 -2.07 37.52 -16.26
CA CYS A 617 -2.49 38.79 -15.69
C CYS A 617 -2.97 39.71 -16.82
N THR A 618 -4.01 39.25 -17.51
CA THR A 618 -4.50 39.86 -18.75
C THR A 618 -4.84 41.34 -18.58
N THR A 632 -13.46 38.47 -14.16
CA THR A 632 -12.28 38.68 -13.36
C THR A 632 -11.34 37.48 -13.44
N TRP A 633 -10.12 37.64 -12.93
CA TRP A 633 -9.13 36.58 -12.99
C TRP A 633 -9.41 35.52 -11.92
N ARG A 634 -8.83 34.34 -12.12
CA ARG A 634 -8.91 33.28 -11.12
C ARG A 634 -7.76 33.43 -10.11
N VAL A 635 -7.80 34.54 -9.38
CA VAL A 635 -6.81 34.86 -8.37
C VAL A 635 -7.51 35.12 -7.05
N TYR A 636 -6.89 34.68 -5.95
CA TYR A 636 -7.47 34.90 -4.63
C TYR A 636 -7.46 36.38 -4.27
N SER A 637 -6.38 37.08 -4.58
CA SER A 637 -6.26 38.51 -4.30
C SER A 637 -5.29 39.13 -5.31
N THR A 638 -5.68 40.26 -5.89
CA THR A 638 -4.87 40.95 -6.88
C THR A 638 -4.70 42.41 -6.48
N GLY A 639 -3.49 42.93 -6.65
CA GLY A 639 -3.24 44.33 -6.37
C GLY A 639 -1.89 44.84 -6.81
N SER A 640 -1.90 45.96 -7.55
CA SER A 640 -0.70 46.72 -7.85
C SER A 640 0.33 45.95 -8.68
N ASN A 641 0.97 44.96 -8.08
CA ASN A 641 2.12 44.29 -8.67
C ASN A 641 1.67 43.02 -9.38
N VAL A 642 1.60 43.07 -10.70
CA VAL A 642 1.40 41.90 -11.54
C VAL A 642 2.45 41.91 -12.64
N PHE A 643 3.09 40.78 -12.88
CA PHE A 643 4.21 40.70 -13.81
C PHE A 643 3.92 39.79 -15.00
N GLN A 644 3.21 38.69 -14.80
CA GLN A 644 2.90 37.72 -15.85
C GLN A 644 4.19 37.14 -16.45
N THR A 645 4.89 36.41 -15.59
CA THR A 645 6.00 35.58 -16.05
C THR A 645 5.45 34.30 -16.67
N ARG A 646 6.34 33.56 -17.33
CA ARG A 646 6.01 32.17 -17.60
C ARG A 646 5.97 31.42 -16.27
N ALA A 647 5.13 30.39 -16.22
CA ALA A 647 4.72 29.63 -15.02
C ALA A 647 3.65 30.36 -14.22
N GLY A 648 3.02 31.41 -14.76
CA GLY A 648 1.78 31.92 -14.23
C GLY A 648 1.88 33.38 -13.83
N CYS A 649 0.71 33.92 -13.46
CA CYS A 649 0.61 35.28 -12.94
C CYS A 649 1.30 35.37 -11.59
N LEU A 650 2.13 36.40 -11.42
CA LEU A 650 2.79 36.67 -10.15
C LEU A 650 2.20 37.94 -9.55
N ILE A 651 1.68 37.85 -8.35
CA ILE A 651 1.01 38.95 -7.67
C ILE A 651 1.72 39.22 -6.36
N GLY A 652 2.05 40.49 -6.12
CA GLY A 652 2.71 40.88 -4.90
C GLY A 652 4.21 40.98 -4.96
N ALA A 653 4.80 40.91 -6.15
CA ALA A 653 6.24 41.00 -6.33
C ALA A 653 6.58 42.06 -7.36
N GLU A 654 7.60 42.86 -7.07
CA GLU A 654 8.09 43.85 -8.00
C GLU A 654 8.96 43.19 -9.07
N HIS A 655 8.99 43.81 -10.25
CA HIS A 655 9.76 43.32 -11.37
C HIS A 655 10.84 44.33 -11.73
N VAL A 656 12.06 43.84 -11.96
CA VAL A 656 13.18 44.67 -12.39
C VAL A 656 13.78 44.07 -13.65
N ASN A 657 14.44 44.92 -14.42
CA ASN A 657 15.04 44.52 -15.69
C ASN A 657 16.45 43.97 -15.54
N ASN A 658 17.02 44.01 -14.33
CA ASN A 658 18.36 43.51 -14.11
C ASN A 658 18.35 42.01 -13.87
N SER A 659 19.54 41.42 -13.88
CA SER A 659 19.72 39.99 -13.67
C SER A 659 20.65 39.75 -12.50
N TYR A 660 20.25 38.84 -11.60
CA TYR A 660 21.03 38.49 -10.42
C TYR A 660 21.03 36.97 -10.27
N GLU A 661 21.80 36.49 -9.29
CA GLU A 661 21.77 35.08 -8.96
C GLU A 661 20.42 34.70 -8.37
N CYS A 662 20.00 33.47 -8.61
CA CYS A 662 18.72 32.99 -8.13
C CYS A 662 18.73 32.89 -6.61
N ASP A 663 17.68 33.42 -5.97
CA ASP A 663 17.49 33.30 -4.54
C ASP A 663 16.30 32.41 -4.20
N ILE A 664 15.12 32.72 -4.73
CA ILE A 664 13.95 31.85 -4.60
C ILE A 664 13.53 31.45 -6.01
N PRO A 665 13.70 30.19 -6.39
CA PRO A 665 13.38 29.79 -7.77
C PRO A 665 11.89 29.78 -8.05
N ILE A 666 11.40 30.81 -8.75
CA ILE A 666 10.01 30.80 -9.20
C ILE A 666 9.83 29.80 -10.34
N GLY A 667 10.76 29.79 -11.28
CA GLY A 667 10.70 28.88 -12.41
C GLY A 667 10.68 29.61 -13.74
N ALA A 668 10.93 28.85 -14.81
CA ALA A 668 10.94 29.38 -16.17
C ALA A 668 11.88 30.56 -16.30
N GLY A 669 13.04 30.47 -15.64
CA GLY A 669 14.02 31.51 -15.69
C GLY A 669 13.77 32.70 -14.78
N ILE A 670 12.73 32.64 -13.96
CA ILE A 670 12.36 33.74 -13.07
C ILE A 670 12.67 33.34 -11.64
N CYS A 671 13.29 34.27 -10.90
CA CYS A 671 13.61 34.06 -9.50
C CYS A 671 13.13 35.27 -8.70
N ALA A 672 13.08 35.09 -7.37
CA ALA A 672 12.58 36.13 -6.48
C ALA A 672 13.56 36.32 -5.33
N SER A 673 13.58 37.55 -4.80
CA SER A 673 14.47 37.88 -3.70
C SER A 673 13.87 39.02 -2.89
N TYR A 674 14.09 39.00 -1.58
CA TYR A 674 13.62 40.05 -0.70
C TYR A 674 14.71 41.11 -0.59
N GLN A 675 14.52 42.24 -1.28
CA GLN A 675 15.56 43.25 -1.40
C GLN A 675 14.95 44.63 -1.21
N THR A 676 15.82 45.59 -0.93
CA THR A 676 15.41 46.99 -0.77
C THR A 676 15.09 47.62 -2.12
N SER A 689 12.91 50.53 1.95
CA SER A 689 11.64 49.80 1.87
C SER A 689 11.86 48.42 1.26
N GLN A 690 11.99 47.42 2.12
CA GLN A 690 12.18 46.05 1.65
C GLN A 690 10.92 45.54 0.96
N SER A 691 11.12 44.76 -0.10
CA SER A 691 10.00 44.19 -0.85
C SER A 691 10.49 42.99 -1.63
N ILE A 692 9.53 42.18 -2.08
CA ILE A 692 9.84 41.01 -2.91
C ILE A 692 10.00 41.46 -4.36
N ILE A 693 11.13 41.10 -4.96
CA ILE A 693 11.48 41.51 -6.31
C ILE A 693 11.62 40.26 -7.16
N ALA A 694 10.97 40.26 -8.32
CA ALA A 694 11.05 39.18 -9.29
C ALA A 694 11.93 39.61 -10.45
N TYR A 695 12.87 38.76 -10.84
CA TYR A 695 13.83 39.09 -11.88
C TYR A 695 14.13 37.85 -12.71
N THR A 696 14.83 38.07 -13.83
CA THR A 696 15.35 36.98 -14.64
C THR A 696 16.77 36.67 -14.15
N MET A 697 16.99 35.44 -13.72
CA MET A 697 18.27 35.08 -13.12
C MET A 697 19.39 35.12 -14.16
N SER A 698 20.58 35.49 -13.69
CA SER A 698 21.75 35.61 -14.56
C SER A 698 22.49 34.28 -14.62
N LEU A 699 22.96 33.93 -15.81
CA LEU A 699 23.72 32.70 -16.01
C LEU A 699 25.18 32.84 -15.61
N GLY A 700 25.67 34.08 -15.45
CA GLY A 700 27.05 34.29 -15.08
C GLY A 700 27.67 35.47 -15.81
N ALA A 701 28.97 35.69 -15.56
CA ALA A 701 29.67 36.79 -16.20
C ALA A 701 29.88 36.50 -17.69
N GLU A 702 29.88 37.57 -18.48
CA GLU A 702 30.03 37.47 -19.93
C GLU A 702 31.35 38.13 -20.34
N ASN A 703 32.14 37.42 -21.13
CA ASN A 703 33.39 37.96 -21.66
C ASN A 703 33.70 37.30 -23.00
N SER A 704 34.84 37.68 -23.57
CA SER A 704 35.29 37.16 -24.85
C SER A 704 36.68 36.57 -24.68
N VAL A 705 36.91 35.40 -25.26
CA VAL A 705 38.27 34.89 -25.40
C VAL A 705 38.91 35.54 -26.61
N ALA A 706 40.08 36.15 -26.40
CA ALA A 706 40.75 36.85 -27.49
C ALA A 706 41.35 35.86 -28.47
N TYR A 707 40.50 35.13 -29.19
CA TYR A 707 40.98 34.10 -30.09
C TYR A 707 41.65 34.71 -31.32
N SER A 708 42.74 34.08 -31.73
CA SER A 708 43.43 34.43 -32.96
C SER A 708 44.19 33.20 -33.44
N ASN A 709 44.55 33.20 -34.73
CA ASN A 709 45.24 32.07 -35.31
C ASN A 709 46.74 32.10 -35.05
N ASN A 710 47.26 33.15 -34.40
CA ASN A 710 48.67 33.20 -34.05
C ASN A 710 48.90 33.80 -32.67
N SER A 711 47.91 33.73 -31.77
CA SER A 711 48.01 34.28 -30.43
C SER A 711 47.72 33.20 -29.41
N ILE A 712 48.54 33.17 -28.36
CA ILE A 712 48.39 32.20 -27.27
C ILE A 712 48.44 32.93 -25.95
N ALA A 713 47.80 32.35 -24.93
CA ALA A 713 47.85 32.84 -23.57
C ALA A 713 48.51 31.77 -22.70
N ILE A 714 49.59 32.15 -22.03
CA ILE A 714 50.41 31.22 -21.26
C ILE A 714 50.52 31.75 -19.84
N PRO A 715 50.27 30.94 -18.81
CA PRO A 715 50.35 31.43 -17.44
C PRO A 715 51.79 31.70 -17.04
N THR A 716 52.02 32.88 -16.46
CA THR A 716 53.32 33.25 -15.90
C THR A 716 53.40 32.99 -14.41
N ASN A 717 52.33 32.50 -13.79
CA ASN A 717 52.28 32.24 -12.36
C ASN A 717 51.24 31.15 -12.12
N PHE A 718 50.97 30.87 -10.85
CA PHE A 718 50.00 29.83 -10.50
C PHE A 718 49.47 30.10 -9.10
N THR A 719 48.36 29.42 -8.79
CA THR A 719 47.73 29.50 -7.48
C THR A 719 47.51 28.08 -6.97
N ILE A 720 47.95 27.81 -5.75
CA ILE A 720 47.70 26.53 -5.09
C ILE A 720 46.36 26.64 -4.38
N SER A 721 45.34 25.99 -4.92
CA SER A 721 43.98 26.08 -4.41
C SER A 721 43.59 24.77 -3.72
N VAL A 722 43.02 24.88 -2.54
CA VAL A 722 42.50 23.73 -1.80
C VAL A 722 41.01 23.94 -1.60
N THR A 723 40.21 22.98 -2.04
CA THR A 723 38.77 23.06 -1.94
C THR A 723 38.23 21.82 -1.24
N THR A 724 37.06 21.96 -0.64
CA THR A 724 36.44 20.91 0.15
C THR A 724 35.28 20.29 -0.62
N GLU A 725 35.24 18.95 -0.63
CA GLU A 725 34.13 18.20 -1.19
C GLU A 725 33.53 17.33 -0.10
N ILE A 726 32.22 17.45 0.09
CA ILE A 726 31.51 16.72 1.14
C ILE A 726 30.65 15.66 0.48
N LEU A 727 30.83 14.41 0.89
CA LEU A 727 30.08 13.29 0.35
C LEU A 727 29.48 12.49 1.50
N PRO A 728 28.16 12.35 1.58
CA PRO A 728 27.58 11.43 2.56
C PRO A 728 28.01 10.00 2.28
N VAL A 729 28.30 9.26 3.35
CA VAL A 729 28.79 7.90 3.25
C VAL A 729 27.78 6.90 3.79
N SER A 730 27.25 7.16 4.98
CA SER A 730 26.30 6.27 5.63
C SER A 730 25.13 7.07 6.17
N MET A 731 24.02 6.36 6.39
CA MET A 731 22.82 6.93 6.99
C MET A 731 22.50 6.19 8.27
N THR A 732 21.45 6.65 8.96
CA THR A 732 21.10 6.07 10.25
C THR A 732 20.54 4.66 10.07
N LYS A 733 21.06 3.72 10.83
CA LYS A 733 20.57 2.35 10.84
C LYS A 733 19.39 2.25 11.81
N THR A 734 18.27 1.75 11.32
CA THR A 734 17.04 1.70 12.10
C THR A 734 16.47 0.28 12.12
N SER A 735 15.78 -0.03 13.21
CA SER A 735 15.04 -1.27 13.36
C SER A 735 13.64 -0.95 13.88
N VAL A 736 12.68 -1.77 13.48
CA VAL A 736 11.28 -1.56 13.83
C VAL A 736 10.74 -2.82 14.48
N ASP A 737 10.17 -2.67 15.67
CA ASP A 737 9.38 -3.73 16.30
C ASP A 737 7.94 -3.52 15.86
N CYS A 738 7.51 -4.27 14.84
CA CYS A 738 6.22 -4.02 14.23
C CYS A 738 5.08 -4.28 15.20
N THR A 739 5.22 -5.28 16.06
CA THR A 739 4.19 -5.54 17.06
C THR A 739 4.04 -4.37 18.02
N MET A 740 5.17 -3.75 18.41
CA MET A 740 5.10 -2.63 19.34
C MET A 740 4.56 -1.38 18.66
N TYR A 741 4.92 -1.16 17.40
CA TYR A 741 4.41 0.02 16.69
C TYR A 741 2.93 -0.09 16.40
N ILE A 742 2.50 -1.24 15.84
CA ILE A 742 1.11 -1.38 15.42
C ILE A 742 0.20 -1.55 16.62
N CYS A 743 0.61 -2.34 17.60
CA CYS A 743 -0.29 -2.76 18.68
C CYS A 743 0.10 -2.25 20.05
N GLY A 744 1.32 -1.76 20.23
CA GLY A 744 1.72 -1.33 21.56
C GLY A 744 1.79 -2.51 22.51
N ASP A 745 1.01 -2.42 23.60
CA ASP A 745 0.97 -3.46 24.61
C ASP A 745 -0.36 -4.21 24.62
N SER A 746 -1.11 -4.17 23.53
CA SER A 746 -2.41 -4.82 23.45
C SER A 746 -2.23 -6.26 23.00
N THR A 747 -2.76 -7.20 23.80
CA THR A 747 -2.66 -8.61 23.46
C THR A 747 -3.64 -9.00 22.35
N GLU A 748 -4.85 -8.42 22.37
CA GLU A 748 -5.81 -8.70 21.32
C GLU A 748 -5.30 -8.24 19.96
N CYS A 749 -4.70 -7.05 19.92
CA CYS A 749 -4.13 -6.56 18.67
C CYS A 749 -2.99 -7.44 18.20
N SER A 750 -2.16 -7.94 19.14
CA SER A 750 -1.07 -8.84 18.76
C SER A 750 -1.61 -10.14 18.18
N ASN A 751 -2.65 -10.69 18.79
CA ASN A 751 -3.26 -11.92 18.28
C ASN A 751 -3.84 -11.69 16.89
N LEU A 752 -4.48 -10.54 16.67
CA LEU A 752 -5.01 -10.24 15.34
C LEU A 752 -3.90 -10.03 14.33
N LEU A 753 -2.79 -9.40 14.75
CA LEU A 753 -1.67 -9.14 13.87
C LEU A 753 -0.92 -10.42 13.52
N LEU A 754 -1.03 -11.46 14.34
CA LEU A 754 -0.41 -12.73 14.01
C LEU A 754 -0.86 -13.28 12.67
N GLN A 755 -2.06 -12.91 12.20
CA GLN A 755 -2.54 -13.34 10.90
C GLN A 755 -1.73 -12.77 9.73
N TYR A 756 -0.95 -11.72 9.96
CA TYR A 756 -0.13 -11.14 8.89
C TYR A 756 1.27 -11.74 8.89
N GLY A 757 2.03 -11.53 9.96
CA GLY A 757 3.25 -12.29 10.19
C GLY A 757 4.41 -11.99 9.27
N SER A 758 4.27 -12.35 8.00
CA SER A 758 5.40 -12.31 7.06
C SER A 758 5.75 -10.90 6.64
N PHE A 759 4.79 -9.97 6.68
CA PHE A 759 5.08 -8.59 6.26
C PHE A 759 6.03 -7.91 7.23
N CYS A 760 5.87 -8.15 8.54
CA CYS A 760 6.81 -7.62 9.52
C CYS A 760 8.21 -8.18 9.30
N THR A 761 8.30 -9.48 9.00
CA THR A 761 9.60 -10.09 8.71
C THR A 761 10.23 -9.49 7.46
N GLN A 762 9.42 -9.23 6.44
CA GLN A 762 9.93 -8.61 5.22
C GLN A 762 10.47 -7.21 5.49
N LEU A 763 9.71 -6.41 6.25
CA LEU A 763 10.15 -5.07 6.59
C LEU A 763 11.45 -5.11 7.39
N ASN A 764 11.54 -6.01 8.37
CA ASN A 764 12.75 -6.12 9.17
C ASN A 764 13.92 -6.61 8.35
N ARG A 765 13.69 -7.51 7.39
CA ARG A 765 14.77 -7.96 6.52
C ARG A 765 15.30 -6.82 5.66
N ALA A 766 14.41 -6.00 5.11
CA ALA A 766 14.86 -4.84 4.34
C ALA A 766 15.63 -3.87 5.20
N LEU A 767 15.15 -3.61 6.42
CA LEU A 767 15.85 -2.69 7.32
C LEU A 767 17.22 -3.25 7.71
N THR A 768 17.30 -4.56 7.96
CA THR A 768 18.58 -5.18 8.30
C THR A 768 19.55 -5.09 7.13
N GLY A 769 19.06 -5.30 5.90
CA GLY A 769 19.91 -5.12 4.74
C GLY A 769 20.46 -3.70 4.64
N ILE A 770 19.60 -2.71 4.88
CA ILE A 770 20.06 -1.32 4.86
C ILE A 770 21.11 -1.08 5.94
N ALA A 771 20.86 -1.59 7.15
CA ALA A 771 21.78 -1.37 8.26
C ALA A 771 23.14 -2.01 7.98
N VAL A 772 23.15 -3.21 7.40
CA VAL A 772 24.41 -3.85 7.03
C VAL A 772 25.10 -3.05 5.94
N GLU A 773 24.34 -2.58 4.96
CA GLU A 773 24.92 -1.81 3.86
C GLU A 773 25.54 -0.51 4.34
N GLN A 774 25.03 0.06 5.43
CA GLN A 774 25.64 1.29 5.96
C GLN A 774 27.08 1.05 6.42
N ASP A 775 27.28 0.02 7.26
CA ASP A 775 28.63 -0.32 7.69
C ASP A 775 29.48 -0.78 6.53
N LYS A 776 28.88 -1.46 5.55
CA LYS A 776 29.59 -1.87 4.35
C LYS A 776 30.12 -0.66 3.58
N ASN A 777 29.29 0.38 3.43
CA ASN A 777 29.70 1.61 2.78
C ASN A 777 30.82 2.29 3.55
N THR A 778 30.69 2.35 4.88
CA THR A 778 31.73 2.97 5.69
C THR A 778 33.06 2.22 5.54
N GLN A 779 33.01 0.89 5.53
CA GLN A 779 34.22 0.09 5.38
C GLN A 779 34.85 0.33 4.01
N GLU A 780 34.06 0.39 2.95
CA GLU A 780 34.63 0.65 1.64
C GLU A 780 35.25 2.04 1.56
N VAL A 781 34.61 3.04 2.16
CA VAL A 781 35.13 4.40 2.05
C VAL A 781 36.42 4.55 2.86
N PHE A 782 36.42 4.09 4.11
CA PHE A 782 37.50 4.45 5.02
C PHE A 782 38.51 3.33 5.27
N ALA A 783 38.13 2.07 5.10
CA ALA A 783 39.03 0.95 5.35
C ALA A 783 39.70 0.45 4.08
N GLN A 784 40.00 1.36 3.14
CA GLN A 784 40.67 0.96 1.91
C GLN A 784 42.03 0.35 2.20
N VAL A 785 42.80 0.97 3.10
CA VAL A 785 44.09 0.45 3.52
C VAL A 785 43.91 -0.27 4.86
N LYS A 786 44.43 -1.48 4.95
CA LYS A 786 44.37 -2.27 6.18
C LYS A 786 45.68 -2.23 6.96
N GLN A 787 46.42 -1.13 6.85
CA GLN A 787 47.75 -1.01 7.43
C GLN A 787 47.86 0.38 8.04
N ILE A 788 47.78 0.46 9.36
CA ILE A 788 47.64 1.74 10.06
C ILE A 788 49.01 2.40 10.18
N TYR A 789 49.24 3.44 9.39
CA TYR A 789 50.43 4.26 9.50
C TYR A 789 50.11 5.44 10.42
N LYS A 790 50.88 5.60 11.49
CA LYS A 790 50.66 6.75 12.34
C LYS A 790 51.73 7.81 12.10
N THR A 791 51.46 9.01 12.63
CA THR A 791 52.13 10.21 12.18
C THR A 791 53.63 10.17 12.49
N PRO A 792 54.49 10.56 11.54
CA PRO A 792 55.90 10.67 11.86
C PRO A 792 56.14 11.78 12.88
N PRO A 793 57.17 11.63 13.71
CA PRO A 793 57.40 12.63 14.77
C PRO A 793 58.08 13.90 14.29
N ILE A 794 58.96 13.79 13.30
CA ILE A 794 59.77 14.93 12.89
C ILE A 794 58.91 16.02 12.26
N LYS A 795 57.99 15.63 11.38
CA LYS A 795 57.08 16.57 10.70
C LYS A 795 57.87 17.65 9.94
N ASP A 796 58.87 17.21 9.18
CA ASP A 796 59.68 18.10 8.35
C ASP A 796 59.33 17.79 6.90
N PHE A 797 58.37 18.51 6.35
CA PHE A 797 57.83 18.25 5.03
C PHE A 797 58.12 19.40 4.07
N GLY A 798 59.30 19.98 4.19
CA GLY A 798 59.72 21.03 3.27
C GLY A 798 58.88 22.28 3.32
N GLY A 799 58.48 22.71 4.53
CA GLY A 799 57.68 23.90 4.70
C GLY A 799 56.18 23.69 4.64
N PHE A 800 55.73 22.49 4.27
CA PHE A 800 54.30 22.20 4.26
C PHE A 800 53.84 21.85 5.67
N ASN A 801 52.73 22.44 6.10
CA ASN A 801 52.24 22.33 7.46
C ASN A 801 50.98 21.45 7.47
N PHE A 802 51.12 20.23 7.97
CA PHE A 802 50.01 19.30 8.06
C PHE A 802 49.54 19.07 9.50
N SER A 803 50.09 19.81 10.47
CA SER A 803 49.66 19.67 11.85
C SER A 803 48.21 20.09 12.05
N GLN A 804 47.56 20.58 11.00
CA GLN A 804 46.20 21.09 11.06
C GLN A 804 45.17 20.07 10.61
N ILE A 805 45.55 19.17 9.71
CA ILE A 805 44.71 18.04 9.31
C ILE A 805 45.18 16.73 9.92
N LEU A 806 46.35 16.70 10.53
CA LEU A 806 46.81 15.54 11.28
C LEU A 806 46.22 15.57 12.69
N PRO A 807 46.02 14.40 13.31
CA PRO A 807 45.43 14.37 14.65
C PRO A 807 46.36 14.96 15.69
N ASP A 808 45.76 15.49 16.75
CA ASP A 808 46.51 16.02 17.88
C ASP A 808 46.27 15.16 19.11
N PRO A 809 47.32 14.75 19.82
CA PRO A 809 47.14 13.88 21.00
C PRO A 809 46.51 14.59 22.19
N SER A 810 46.48 15.92 22.20
CA SER A 810 45.89 16.63 23.34
C SER A 810 44.40 16.35 23.46
N LYS A 811 43.70 16.31 22.33
CA LYS A 811 42.27 16.04 22.34
C LYS A 811 42.02 14.60 22.81
N PRO A 812 40.98 14.37 23.62
CA PRO A 812 40.66 12.98 24.01
C PRO A 812 40.41 12.07 22.82
N SER A 813 39.80 12.59 21.76
CA SER A 813 39.63 11.86 20.51
C SER A 813 40.76 12.24 19.56
N LYS A 814 41.45 11.23 19.03
CA LYS A 814 42.61 11.45 18.16
C LYS A 814 42.15 11.84 16.75
N ARG A 815 41.49 12.99 16.68
CA ARG A 815 41.01 13.55 15.43
C ARG A 815 41.60 14.93 15.21
N SER A 816 41.70 15.33 13.94
CA SER A 816 42.29 16.59 13.59
C SER A 816 41.39 17.75 14.04
N PHE A 817 41.98 18.95 14.03
CA PHE A 817 41.21 20.14 14.41
C PHE A 817 40.12 20.42 13.40
N ILE A 818 40.41 20.25 12.11
CA ILE A 818 39.39 20.41 11.08
C ILE A 818 38.32 19.35 11.22
N GLU A 819 38.71 18.13 11.58
CA GLU A 819 37.72 17.09 11.88
C GLU A 819 36.89 17.47 13.09
N ASP A 820 37.50 18.13 14.08
CA ASP A 820 36.73 18.62 15.22
C ASP A 820 35.70 19.65 14.79
N LEU A 821 36.09 20.57 13.89
CA LEU A 821 35.12 21.53 13.37
C LEU A 821 33.98 20.82 12.65
N LEU A 822 34.31 19.86 11.78
CA LEU A 822 33.28 19.15 11.04
C LEU A 822 32.34 18.40 11.96
N PHE A 823 32.89 17.81 13.03
CA PHE A 823 32.05 17.17 14.04
C PHE A 823 31.14 18.18 14.72
N ASN A 824 31.65 19.37 15.01
CA ASN A 824 30.85 20.39 15.69
C ASN A 824 29.73 20.92 14.81
N LYS A 825 29.96 21.03 13.49
CA LYS A 825 28.98 21.66 12.61
C LYS A 825 27.86 20.72 12.18
N VAL A 826 27.88 19.45 12.58
CA VAL A 826 26.82 18.51 12.29
C VAL A 826 26.23 18.06 13.62
N THR A 827 24.93 18.28 13.80
CA THR A 827 24.25 17.95 15.05
C THR A 827 23.44 16.67 14.83
N LEU A 828 23.78 15.63 15.59
CA LEU A 828 23.05 14.37 15.50
C LEU A 828 21.73 14.46 16.27
N ALA A 829 20.84 13.52 15.96
CA ALA A 829 19.54 13.49 16.62
C ALA A 829 19.69 13.20 18.12
N ASP A 830 20.58 12.28 18.47
CA ASP A 830 20.83 11.93 19.86
C ASP A 830 22.33 11.94 20.13
N ALA A 831 22.70 12.29 21.36
CA ALA A 831 24.11 12.30 21.74
C ALA A 831 24.72 10.90 21.66
N GLY A 832 23.98 9.89 22.14
CA GLY A 832 24.46 8.53 22.08
C GLY A 832 23.43 7.59 21.50
N PHE A 833 23.64 6.28 21.68
CA PHE A 833 22.72 5.27 21.17
C PHE A 833 22.08 4.47 22.29
N ILE A 834 22.28 4.87 23.54
CA ILE A 834 21.70 4.19 24.70
C ILE A 834 20.89 5.20 25.49
N LYS A 835 19.57 4.99 25.54
CA LYS A 835 18.65 5.82 26.30
C LYS A 835 17.90 4.92 27.26
N GLN A 836 18.19 5.05 28.56
CA GLN A 836 17.62 4.14 29.54
C GLN A 836 16.14 4.45 29.77
N TYR A 837 15.46 3.47 30.37
CA TYR A 837 14.04 3.62 30.66
C TYR A 837 13.79 4.75 31.65
N GLY A 838 14.67 4.89 32.66
CA GLY A 838 14.49 5.94 33.64
C GLY A 838 14.56 7.33 33.05
N ASP A 839 15.40 7.53 32.03
CA ASP A 839 15.47 8.83 31.37
C ASP A 839 14.17 9.17 30.66
N CYS A 840 13.53 8.18 30.05
CA CYS A 840 12.27 8.39 29.34
C CYS A 840 11.05 8.22 30.23
N LEU A 841 11.23 7.84 31.49
CA LEU A 841 10.11 7.58 32.38
C LEU A 841 9.49 8.88 32.86
N GLY A 842 8.18 9.00 32.70
CA GLY A 842 7.46 10.18 33.17
C GLY A 842 6.96 11.07 32.05
N ASP A 843 7.05 12.38 32.25
CA ASP A 843 6.59 13.34 31.26
C ASP A 843 7.59 13.58 30.14
N ILE A 844 8.84 13.12 30.31
CA ILE A 844 9.84 13.27 29.26
C ILE A 844 9.50 12.43 28.04
N ALA A 845 8.73 11.36 28.22
CA ALA A 845 8.36 10.51 27.09
C ALA A 845 7.54 11.28 26.06
N ALA A 846 6.64 12.14 26.53
CA ALA A 846 5.78 12.91 25.64
C ALA A 846 6.47 14.13 25.03
N ARG A 847 7.64 14.52 25.55
CA ARG A 847 8.36 15.67 25.03
C ARG A 847 9.62 15.30 24.26
N ASP A 848 10.23 14.16 24.54
CA ASP A 848 11.44 13.74 23.84
C ASP A 848 11.05 12.91 22.64
N LEU A 849 11.51 13.33 21.46
CA LEU A 849 11.18 12.61 20.22
C LEU A 849 11.78 11.21 20.24
N ILE A 850 13.01 11.07 20.71
CA ILE A 850 13.64 9.75 20.78
C ILE A 850 12.89 8.85 21.74
N CYS A 851 12.41 9.39 22.85
CA CYS A 851 11.63 8.59 23.79
C CYS A 851 10.35 8.06 23.14
N ALA A 852 9.64 8.92 22.41
CA ALA A 852 8.43 8.48 21.73
C ALA A 852 8.75 7.43 20.66
N GLN A 853 9.82 7.63 19.91
CA GLN A 853 10.21 6.66 18.90
C GLN A 853 10.52 5.30 19.52
N LYS A 854 11.24 5.30 20.64
CA LYS A 854 11.59 4.03 21.28
C LYS A 854 10.37 3.38 21.93
N PHE A 855 9.46 4.19 22.48
CA PHE A 855 8.23 3.63 23.05
C PHE A 855 7.28 3.12 21.97
N ASN A 856 7.45 3.56 20.73
CA ASN A 856 6.64 3.08 19.62
C ASN A 856 7.36 2.05 18.77
N GLY A 857 8.41 1.43 19.30
CA GLY A 857 9.07 0.33 18.63
C GLY A 857 10.10 0.69 17.58
N LEU A 858 10.56 1.93 17.55
CA LEU A 858 11.55 2.39 16.59
C LEU A 858 12.90 2.56 17.30
N THR A 859 13.90 1.80 16.85
CA THR A 859 15.22 1.83 17.47
C THR A 859 16.26 2.26 16.44
N VAL A 860 17.29 2.95 16.92
CA VAL A 860 18.40 3.40 16.08
C VAL A 860 19.63 2.58 16.45
N LEU A 861 20.23 1.93 15.46
CA LEU A 861 21.39 1.08 15.72
C LEU A 861 22.68 1.86 15.48
N PRO A 862 23.64 1.74 16.40
CA PRO A 862 24.89 2.47 16.24
C PRO A 862 25.71 1.89 15.10
N PRO A 863 26.56 2.70 14.46
CA PRO A 863 27.47 2.16 13.45
C PRO A 863 28.50 1.22 14.06
N LEU A 864 28.94 0.26 13.25
CA LEU A 864 29.98 -0.66 13.70
C LEU A 864 31.29 0.07 13.97
N LEU A 865 31.67 0.99 13.09
CA LEU A 865 32.88 1.79 13.26
C LEU A 865 32.54 3.04 14.05
N THR A 866 33.24 3.26 15.15
CA THR A 866 33.08 4.49 15.91
C THR A 866 33.74 5.65 15.20
N ASP A 867 33.44 6.86 15.66
CA ASP A 867 34.08 8.04 15.09
C ASP A 867 35.58 8.03 15.33
N GLU A 868 36.02 7.49 16.47
CA GLU A 868 37.45 7.36 16.72
C GLU A 868 38.12 6.42 15.72
N MET A 869 37.45 5.31 15.39
CA MET A 869 38.03 4.36 14.43
C MET A 869 38.09 4.96 13.04
N ILE A 870 37.06 5.69 12.63
CA ILE A 870 37.08 6.36 11.33
C ILE A 870 38.17 7.43 11.30
N ALA A 871 38.34 8.13 12.42
CA ALA A 871 39.43 9.11 12.52
C ALA A 871 40.79 8.44 12.42
N GLN A 872 40.94 7.26 13.03
CA GLN A 872 42.20 6.52 12.91
C GLN A 872 42.45 6.09 11.47
N TYR A 873 41.42 5.63 10.76
CA TYR A 873 41.58 5.28 9.36
C TYR A 873 41.98 6.50 8.53
N THR A 874 41.34 7.64 8.78
CA THR A 874 41.69 8.86 8.07
C THR A 874 43.12 9.28 8.37
N SER A 875 43.54 9.16 9.62
CA SER A 875 44.91 9.49 10.00
C SER A 875 45.91 8.57 9.31
N ALA A 876 45.59 7.27 9.23
CA ALA A 876 46.48 6.34 8.53
C ALA A 876 46.59 6.70 7.05
N LEU A 877 45.46 7.02 6.41
CA LEU A 877 45.51 7.44 5.01
C LEU A 877 46.33 8.71 4.84
N LEU A 878 46.15 9.67 5.74
CA LEU A 878 46.90 10.92 5.67
CA LEU A 878 46.91 10.92 5.65
C LEU A 878 48.40 10.68 5.83
N ALA A 879 48.77 9.84 6.80
CA ALA A 879 50.18 9.54 7.02
C ALA A 879 50.79 8.83 5.81
N GLY A 880 50.06 7.88 5.22
CA GLY A 880 50.54 7.23 4.03
C GLY A 880 50.72 8.19 2.87
N THR A 881 49.77 9.11 2.69
CA THR A 881 49.88 10.09 1.62
C THR A 881 51.05 11.05 1.84
N ILE A 882 51.23 11.51 3.07
CA ILE A 882 52.26 12.50 3.34
C ILE A 882 53.66 11.88 3.26
N THR A 883 53.83 10.70 3.85
CA THR A 883 55.16 10.10 3.94
C THR A 883 55.53 9.28 2.70
N SER A 884 54.57 8.56 2.12
CA SER A 884 54.85 7.69 0.99
C SER A 884 54.27 8.18 -0.33
N GLY A 885 53.29 9.07 -0.31
CA GLY A 885 52.69 9.57 -1.52
C GLY A 885 51.64 8.64 -2.11
N TRP A 886 51.91 8.14 -3.31
CA TRP A 886 50.98 7.27 -4.03
C TRP A 886 51.34 5.80 -3.88
N THR A 887 52.49 5.50 -3.28
CA THR A 887 52.98 4.13 -3.27
C THR A 887 52.17 3.24 -2.32
N PHE A 888 51.74 3.79 -1.18
CA PHE A 888 51.00 2.99 -0.22
C PHE A 888 49.63 2.58 -0.75
N GLY A 889 49.12 3.27 -1.77
CA GLY A 889 47.90 2.83 -2.43
C GLY A 889 48.08 1.57 -3.25
N ALA A 890 49.30 1.30 -3.71
CA ALA A 890 49.63 0.08 -4.43
C ALA A 890 50.33 -0.95 -3.56
N GLY A 891 50.36 -0.74 -2.25
CA GLY A 891 51.01 -1.66 -1.33
C GLY A 891 52.49 -1.37 -1.17
N ALA A 892 53.02 -1.75 -0.01
CA ALA A 892 54.43 -1.59 0.32
C ALA A 892 54.84 -0.11 0.23
N ALA A 893 54.28 0.66 1.15
CA ALA A 893 54.54 2.10 1.23
C ALA A 893 56.02 2.42 1.17
N LEU A 894 56.41 3.19 0.15
CA LEU A 894 57.80 3.60 -0.05
C LEU A 894 57.94 5.05 0.36
N GLN A 895 58.83 5.32 1.32
CA GLN A 895 59.03 6.69 1.78
C GLN A 895 59.70 7.54 0.71
N ILE A 896 59.38 8.83 0.72
CA ILE A 896 59.93 9.78 -0.23
C ILE A 896 59.83 11.17 0.40
N PRO A 897 60.85 12.03 0.25
CA PRO A 897 60.72 13.40 0.74
C PRO A 897 59.55 14.11 0.08
N PHE A 898 58.84 14.92 0.88
CA PHE A 898 57.60 15.51 0.40
C PHE A 898 57.83 16.47 -0.76
N ALA A 899 58.96 17.17 -0.77
CA ALA A 899 59.27 18.05 -1.90
C ALA A 899 59.39 17.26 -3.20
N MET A 900 60.03 16.09 -3.14
CA MET A 900 60.14 15.25 -4.33
C MET A 900 58.80 14.68 -4.75
N GLN A 901 57.93 14.36 -3.79
CA GLN A 901 56.58 13.93 -4.12
C GLN A 901 55.81 15.04 -4.82
N MET A 902 55.93 16.27 -4.32
CA MET A 902 55.27 17.40 -4.97
C MET A 902 55.85 17.65 -6.36
N ALA A 903 57.16 17.44 -6.52
CA ALA A 903 57.76 17.58 -7.85
C ALA A 903 57.22 16.53 -8.81
N TYR A 904 57.05 15.29 -8.35
CA TYR A 904 56.47 14.26 -9.18
C TYR A 904 55.04 14.61 -9.56
N ARG A 905 54.27 15.15 -8.63
CA ARG A 905 52.90 15.55 -8.94
C ARG A 905 52.87 16.71 -9.93
N PHE A 906 53.80 17.65 -9.80
CA PHE A 906 53.92 18.73 -10.77
C PHE A 906 54.24 18.18 -12.16
N ASN A 907 55.14 17.20 -12.24
CA ASN A 907 55.39 16.53 -13.51
C ASN A 907 54.13 15.85 -14.02
N GLY A 908 53.33 15.30 -13.12
CA GLY A 908 52.09 14.65 -13.52
C GLY A 908 51.08 15.61 -14.11
N ILE A 909 51.03 16.85 -13.62
CA ILE A 909 50.10 17.83 -14.16
C ILE A 909 50.73 18.59 -15.32
N GLY A 910 51.88 18.12 -15.79
CA GLY A 910 52.50 18.67 -16.97
C GLY A 910 53.42 19.85 -16.77
N VAL A 911 53.82 20.13 -15.52
CA VAL A 911 54.74 21.23 -15.22
C VAL A 911 56.07 20.62 -14.80
N THR A 912 57.16 21.16 -15.37
CA THR A 912 58.49 20.64 -15.03
C THR A 912 58.76 20.80 -13.55
N GLN A 913 59.45 19.81 -12.97
CA GLN A 913 59.61 19.74 -11.52
C GLN A 913 60.47 20.88 -10.97
N ASN A 914 61.34 21.48 -11.78
CA ASN A 914 62.15 22.60 -11.30
C ASN A 914 61.28 23.77 -10.87
N VAL A 915 60.14 23.96 -11.52
CA VAL A 915 59.20 24.99 -11.10
C VAL A 915 58.75 24.75 -9.66
N LEU A 916 58.56 23.48 -9.30
CA LEU A 916 58.27 23.15 -7.91
C LEU A 916 59.43 23.55 -7.00
N TYR A 917 60.66 23.28 -7.43
CA TYR A 917 61.80 23.53 -6.55
C TYR A 917 62.18 25.01 -6.50
N GLU A 918 62.01 25.73 -7.60
CA GLU A 918 62.33 27.16 -7.61
C GLU A 918 61.26 28.00 -6.93
N ASN A 919 60.09 27.43 -6.63
CA ASN A 919 59.02 28.14 -5.95
C ASN A 919 58.50 27.33 -4.77
N GLN A 920 59.37 26.54 -4.14
CA GLN A 920 58.94 25.66 -3.06
C GLN A 920 58.38 26.46 -1.88
N LYS A 921 59.06 27.53 -1.50
CA LYS A 921 58.58 28.36 -0.39
C LYS A 921 57.22 28.96 -0.71
N LEU A 922 57.07 29.49 -1.93
CA LEU A 922 55.80 30.08 -2.33
C LEU A 922 54.68 29.06 -2.35
N ILE A 923 54.95 27.86 -2.88
CA ILE A 923 53.92 26.82 -2.94
C ILE A 923 53.52 26.37 -1.55
N ALA A 924 54.50 26.17 -0.66
CA ALA A 924 54.19 25.79 0.71
C ALA A 924 53.37 26.87 1.42
N ASN A 925 53.74 28.14 1.23
CA ASN A 925 53.00 29.23 1.83
C ASN A 925 51.57 29.29 1.29
N GLN A 926 51.40 29.08 -0.01
CA GLN A 926 50.06 29.10 -0.59
C GLN A 926 49.21 27.95 -0.05
N PHE A 927 49.81 26.76 0.09
CA PHE A 927 49.06 25.64 0.65
C PHE A 927 48.66 25.91 2.09
N ASN A 928 49.57 26.47 2.89
CA ASN A 928 49.25 26.81 4.28
C ASN A 928 48.15 27.87 4.33
N SER A 929 48.21 28.86 3.45
CA SER A 929 47.17 29.89 3.41
C SER A 929 45.82 29.32 3.03
N ALA A 930 45.80 28.36 2.09
CA ALA A 930 44.55 27.72 1.71
C ALA A 930 43.98 26.90 2.86
N ILE A 931 44.86 26.20 3.60
CA ILE A 931 44.41 25.45 4.76
C ILE A 931 43.83 26.40 5.81
N GLY A 932 44.47 27.55 6.00
CA GLY A 932 43.93 28.56 6.90
C GLY A 932 42.61 29.15 6.43
N LYS A 933 42.44 29.29 5.12
CA LYS A 933 41.15 29.75 4.60
C LYS A 933 40.06 28.72 4.86
N ILE A 934 40.38 27.43 4.74
CA ILE A 934 39.42 26.39 5.10
C ILE A 934 39.11 26.46 6.59
N GLN A 935 40.14 26.64 7.41
CA GLN A 935 39.98 26.97 8.83
C GLN A 935 38.91 28.02 9.04
N ASP A 936 39.10 29.20 8.45
CA ASP A 936 38.20 30.32 8.67
C ASP A 936 36.80 30.01 8.16
N SER A 937 36.70 29.37 7.00
CA SER A 937 35.39 29.04 6.44
C SER A 937 34.61 28.10 7.36
N LEU A 938 35.29 27.08 7.90
CA LEU A 938 34.60 26.12 8.76
C LEU A 938 34.31 26.68 10.14
N SER A 939 35.19 27.53 10.67
CA SER A 939 34.99 28.09 12.00
C SER A 939 33.97 29.22 12.03
N SER A 940 33.57 29.74 10.87
CA SER A 940 32.61 30.83 10.83
C SER A 940 31.19 30.29 11.00
N THR A 941 30.22 31.20 10.95
CA THR A 941 28.81 30.81 11.10
C THR A 941 28.30 30.02 9.90
N ALA A 942 28.93 30.17 8.74
CA ALA A 942 28.51 29.43 7.56
C ALA A 942 28.70 27.94 7.78
N SER A 943 27.67 27.16 7.42
CA SER A 943 27.71 25.72 7.65
C SER A 943 28.53 25.00 6.57
N ALA A 944 28.08 25.09 5.32
CA ALA A 944 28.70 24.46 4.17
C ALA A 944 28.77 22.94 4.28
N LEU A 945 28.10 22.36 5.28
CA LEU A 945 28.03 20.92 5.47
C LEU A 945 26.58 20.45 5.48
N GLY A 946 25.77 21.02 4.59
CA GLY A 946 24.36 20.71 4.56
C GLY A 946 24.03 19.33 4.04
N LYS A 947 24.96 18.69 3.33
CA LYS A 947 24.68 17.36 2.78
C LYS A 947 24.52 16.31 3.87
N LEU A 948 25.36 16.35 4.90
CA LEU A 948 25.25 15.40 6.00
C LEU A 948 24.09 15.73 6.92
N GLN A 949 23.91 17.02 7.21
CA GLN A 949 22.79 17.46 8.03
C GLN A 949 21.46 17.11 7.36
N ASP A 950 21.41 17.15 6.03
CA ASP A 950 20.19 16.76 5.32
C ASP A 950 19.88 15.29 5.53
N VAL A 951 20.90 14.43 5.49
CA VAL A 951 20.69 13.01 5.74
C VAL A 951 20.18 12.78 7.15
N VAL A 952 20.81 13.45 8.12
CA VAL A 952 20.40 13.30 9.52
C VAL A 952 18.96 13.77 9.70
N ASN A 953 18.64 14.93 9.12
CA ASN A 953 17.29 15.48 9.25
C ASN A 953 16.28 14.61 8.53
N GLN A 954 16.64 14.01 7.40
CA GLN A 954 15.73 13.13 6.70
C GLN A 954 15.40 11.89 7.53
N ASN A 955 16.42 11.29 8.14
CA ASN A 955 16.16 10.12 8.99
C ASN A 955 15.30 10.50 10.19
N ALA A 956 15.62 11.62 10.85
CA ALA A 956 14.83 12.05 12.00
C ALA A 956 13.40 12.37 11.60
N GLN A 957 13.22 13.02 10.46
CA GLN A 957 11.88 13.36 9.98
C GLN A 957 11.08 12.10 9.64
N ALA A 958 11.74 11.10 9.04
CA ALA A 958 11.05 9.85 8.74
C ALA A 958 10.57 9.17 10.01
N LEU A 959 11.45 9.11 11.02
CA LEU A 959 11.05 8.49 12.29
C LEU A 959 9.93 9.27 12.97
N ASN A 960 10.01 10.61 12.96
CA ASN A 960 8.99 11.42 13.61
C ASN A 960 7.67 11.34 12.86
N THR A 961 7.70 11.25 11.53
CA THR A 961 6.49 11.05 10.76
C THR A 961 5.87 9.69 11.05
N LEU A 962 6.70 8.67 11.20
CA LEU A 962 6.20 7.35 11.58
C LEU A 962 5.49 7.41 12.94
N VAL A 963 6.08 8.13 13.89
CA VAL A 963 5.44 8.29 15.21
C VAL A 963 4.14 9.06 15.07
N LYS A 964 4.14 10.15 14.30
CA LYS A 964 2.96 11.00 14.18
C LYS A 964 1.81 10.30 13.46
N GLN A 965 2.11 9.39 12.55
CA GLN A 965 1.07 8.72 11.78
C GLN A 965 0.25 7.75 12.62
N LEU A 966 0.63 7.50 13.87
CA LEU A 966 -0.16 6.64 14.74
C LEU A 966 -1.46 7.29 15.18
N SER A 967 -1.66 8.58 14.91
CA SER A 967 -2.89 9.27 15.25
C SER A 967 -3.96 9.18 14.17
N SER A 968 -3.68 8.48 13.07
CA SER A 968 -4.65 8.34 12.00
C SER A 968 -5.65 7.25 12.33
N ASN A 969 -6.94 7.55 12.10
CA ASN A 969 -7.99 6.58 12.37
C ASN A 969 -8.04 5.47 11.33
N PHE A 970 -7.65 5.76 10.09
CA PHE A 970 -7.69 4.81 8.98
C PHE A 970 -9.10 4.27 8.76
N GLY A 971 -10.10 5.11 8.97
CA GLY A 971 -11.48 4.70 8.82
C GLY A 971 -12.10 4.08 10.05
N ALA A 972 -11.32 3.85 11.10
CA ALA A 972 -11.85 3.30 12.34
C ALA A 972 -12.49 4.40 13.19
N ILE A 973 -13.27 3.98 14.18
CA ILE A 973 -13.93 4.93 15.06
C ILE A 973 -12.92 5.71 15.89
N SER A 974 -11.73 5.16 16.13
CA SER A 974 -10.71 5.84 16.90
C SER A 974 -9.34 5.38 16.43
N SER A 975 -8.33 6.19 16.70
CA SER A 975 -6.94 5.85 16.42
C SER A 975 -6.25 5.20 17.60
N VAL A 976 -6.95 5.03 18.72
CA VAL A 976 -6.41 4.45 19.94
C VAL A 976 -7.03 3.07 20.13
N LEU A 977 -6.18 2.06 20.23
CA LEU A 977 -6.68 0.70 20.45
C LEU A 977 -7.34 0.56 21.81
N ASN A 978 -6.85 1.30 22.82
CA ASN A 978 -7.41 1.19 24.16
C ASN A 978 -8.87 1.65 24.21
N ASP A 979 -9.19 2.74 23.52
CA ASP A 979 -10.57 3.21 23.49
C ASP A 979 -11.49 2.20 22.83
N ILE A 980 -11.05 1.64 21.70
CA ILE A 980 -11.86 0.65 20.99
C ILE A 980 -12.08 -0.58 21.85
N LEU A 981 -11.02 -1.07 22.50
CA LEU A 981 -11.16 -2.24 23.36
C LEU A 981 -11.99 -1.94 24.59
N SER A 982 -12.00 -0.69 25.06
CA SER A 982 -12.77 -0.34 26.24
C SER A 982 -14.26 -0.20 25.93
N ARG A 983 -14.61 0.26 24.73
CA ARG A 983 -16.01 0.50 24.41
C ARG A 983 -16.65 -0.56 23.51
N LEU A 984 -15.87 -1.51 22.99
CA LEU A 984 -16.40 -2.51 22.07
C LEU A 984 -15.98 -3.90 22.50
N ASP A 985 -16.83 -4.89 22.18
CA ASP A 985 -16.52 -6.28 22.46
C ASP A 985 -15.58 -6.83 21.38
N LYS A 986 -15.31 -8.13 21.45
CA LYS A 986 -14.31 -8.73 20.55
C LYS A 986 -14.73 -8.59 19.09
N VAL A 987 -15.99 -8.94 18.78
CA VAL A 987 -16.43 -8.96 17.39
C VAL A 987 -16.45 -7.54 16.82
N GLU A 988 -17.03 -6.59 17.56
CA GLU A 988 -17.14 -5.23 17.06
C GLU A 988 -15.77 -4.56 16.99
N ALA A 989 -14.90 -4.82 17.97
CA ALA A 989 -13.58 -4.21 17.95
C ALA A 989 -12.65 -4.87 16.93
N GLU A 990 -12.98 -6.07 16.46
CA GLU A 990 -12.11 -6.75 15.52
C GLU A 990 -11.95 -5.97 14.22
N VAL A 991 -13.04 -5.42 13.69
CA VAL A 991 -12.96 -4.69 12.43
C VAL A 991 -12.17 -3.39 12.59
N GLN A 992 -12.37 -2.70 13.71
CA GLN A 992 -11.62 -1.46 13.94
C GLN A 992 -10.13 -1.76 14.11
N ILE A 993 -9.79 -2.82 14.85
CA ILE A 993 -8.39 -3.18 15.02
C ILE A 993 -7.79 -3.62 13.70
N ASP A 994 -8.57 -4.29 12.86
CA ASP A 994 -8.07 -4.67 11.54
C ASP A 994 -7.78 -3.45 10.69
N ARG A 995 -8.67 -2.45 10.72
CA ARG A 995 -8.43 -1.22 9.99
C ARG A 995 -7.15 -0.52 10.47
N LEU A 996 -6.99 -0.45 11.80
CA LEU A 996 -5.80 0.19 12.35
C LEU A 996 -4.54 -0.58 11.98
N ILE A 997 -4.60 -1.91 12.02
CA ILE A 997 -3.46 -2.74 11.67
C ILE A 997 -3.08 -2.53 10.21
N THR A 998 -4.07 -2.51 9.31
CA THR A 998 -3.79 -2.28 7.91
C THR A 998 -3.16 -0.92 7.68
N GLY A 999 -3.70 0.12 8.33
CA GLY A 999 -3.13 1.45 8.16
C GLY A 999 -1.71 1.56 8.68
N ARG A 1000 -1.44 1.00 9.86
CA ARG A 1000 -0.10 1.10 10.43
C ARG A 1000 0.90 0.24 9.67
N LEU A 1001 0.46 -0.92 9.15
CA LEU A 1001 1.32 -1.72 8.30
C LEU A 1001 1.65 -0.98 7.01
N GLN A 1002 0.67 -0.26 6.44
CA GLN A 1002 0.94 0.54 5.25
C GLN A 1002 1.93 1.65 5.57
N SER A 1003 1.80 2.29 6.73
CA SER A 1003 2.75 3.32 7.13
C SER A 1003 4.16 2.75 7.26
N LEU A 1004 4.29 1.59 7.89
CA LEU A 1004 5.60 0.95 8.03
C LEU A 1004 6.18 0.58 6.67
N GLN A 1005 5.34 0.07 5.76
CA GLN A 1005 5.81 -0.29 4.43
C GLN A 1005 6.29 0.95 3.66
N THR A 1006 5.55 2.05 3.77
CA THR A 1006 5.98 3.29 3.12
C THR A 1006 7.30 3.77 3.69
N TYR A 1007 7.46 3.71 5.01
CA TYR A 1007 8.72 4.11 5.63
C TYR A 1007 9.87 3.24 5.13
N VAL A 1008 9.65 1.93 5.04
CA VAL A 1008 10.72 1.02 4.63
C VAL A 1008 11.07 1.23 3.16
N THR A 1009 10.06 1.49 2.32
CA THR A 1009 10.34 1.77 0.91
C THR A 1009 11.16 3.05 0.74
N GLN A 1010 10.77 4.11 1.47
CA GLN A 1010 11.54 5.34 1.41
C GLN A 1010 12.96 5.14 1.92
N GLN A 1011 13.10 4.34 2.99
CA GLN A 1011 14.43 4.04 3.51
C GLN A 1011 15.26 3.28 2.48
N LEU A 1012 14.64 2.35 1.76
CA LEU A 1012 15.36 1.62 0.71
C LEU A 1012 15.85 2.55 -0.40
N ILE A 1013 14.98 3.47 -0.83
CA ILE A 1013 15.38 4.41 -1.88
C ILE A 1013 16.51 5.31 -1.40
N ARG A 1014 16.39 5.84 -0.18
CA ARG A 1014 17.43 6.69 0.37
C ARG A 1014 18.73 5.90 0.59
N ALA A 1015 18.62 4.61 0.93
CA ALA A 1015 19.80 3.78 1.09
C ALA A 1015 20.49 3.54 -0.25
N ALA A 1016 19.71 3.38 -1.32
CA ALA A 1016 20.32 3.27 -2.65
C ALA A 1016 21.07 4.55 -3.02
N GLU A 1017 20.46 5.71 -2.73
CA GLU A 1017 21.14 6.97 -3.01
C GLU A 1017 22.40 7.12 -2.18
N ILE A 1018 22.34 6.75 -0.90
CA ILE A 1018 23.50 6.84 -0.02
C ILE A 1018 24.58 5.87 -0.47
N ARG A 1019 24.19 4.69 -0.97
CA ARG A 1019 25.16 3.73 -1.48
C ARG A 1019 25.86 4.28 -2.72
N ALA A 1020 25.12 4.94 -3.61
CA ALA A 1020 25.76 5.58 -4.76
C ALA A 1020 26.74 6.65 -4.31
N SER A 1021 26.35 7.46 -3.33
CA SER A 1021 27.25 8.50 -2.82
C SER A 1021 28.49 7.88 -2.18
N ALA A 1022 28.33 6.78 -1.45
CA ALA A 1022 29.46 6.13 -0.80
C ALA A 1022 30.38 5.46 -1.81
N ASN A 1023 29.82 4.91 -2.89
CA ASN A 1023 30.64 4.37 -3.96
C ASN A 1023 31.45 5.49 -4.62
N LEU A 1024 30.84 6.65 -4.84
CA LEU A 1024 31.58 7.79 -5.37
C LEU A 1024 32.68 8.23 -4.41
N ALA A 1025 32.38 8.25 -3.11
CA ALA A 1025 33.39 8.63 -2.13
C ALA A 1025 34.56 7.65 -2.09
N ALA A 1026 34.26 6.35 -2.18
CA ALA A 1026 35.33 5.35 -2.23
C ALA A 1026 36.16 5.50 -3.48
N THR A 1027 35.52 5.76 -4.62
CA THR A 1027 36.26 5.98 -5.86
C THR A 1027 37.16 7.21 -5.75
N LYS A 1028 36.66 8.28 -5.14
CA LYS A 1028 37.47 9.49 -4.96
C LYS A 1028 38.64 9.23 -4.03
N MET A 1029 38.42 8.49 -2.94
CA MET A 1029 39.51 8.15 -2.04
C MET A 1029 40.56 7.30 -2.74
N SER A 1030 40.12 6.38 -3.59
CA SER A 1030 41.08 5.57 -4.35
C SER A 1030 41.86 6.42 -5.35
N GLU A 1031 41.20 7.36 -6.02
CA GLU A 1031 41.80 8.06 -7.14
C GLU A 1031 42.32 9.45 -6.82
N CYS A 1032 41.82 10.10 -5.77
CA CYS A 1032 42.32 11.41 -5.38
C CYS A 1032 43.28 11.36 -4.21
N VAL A 1033 43.11 10.42 -3.29
CA VAL A 1033 43.97 10.31 -2.11
C VAL A 1033 45.09 9.30 -2.34
N LEU A 1034 44.76 8.11 -2.86
CA LEU A 1034 45.75 7.08 -3.09
C LEU A 1034 46.54 7.29 -4.37
N GLY A 1035 46.18 8.29 -5.17
CA GLY A 1035 46.91 8.58 -6.39
C GLY A 1035 46.53 9.96 -6.90
N GLN A 1036 47.17 10.33 -8.01
CA GLN A 1036 46.91 11.60 -8.67
C GLN A 1036 46.02 11.35 -9.87
N SER A 1037 44.81 11.92 -9.83
CA SER A 1037 43.84 11.69 -10.89
C SER A 1037 43.99 12.69 -12.02
N LYS A 1038 43.91 12.20 -13.25
CA LYS A 1038 43.94 13.05 -14.43
C LYS A 1038 42.55 13.34 -14.97
N ARG A 1039 41.50 12.86 -14.30
CA ARG A 1039 40.14 13.16 -14.70
C ARG A 1039 39.78 14.59 -14.31
N VAL A 1040 39.23 15.34 -15.27
CA VAL A 1040 38.93 16.74 -15.06
C VAL A 1040 37.76 16.89 -14.10
N ASP A 1041 37.92 17.74 -13.09
CA ASP A 1041 36.88 18.09 -12.12
C ASP A 1041 36.43 16.89 -11.28
N PHE A 1042 37.22 15.83 -11.23
CA PHE A 1042 36.90 14.69 -10.37
C PHE A 1042 37.45 14.86 -8.96
N CYS A 1043 38.59 15.53 -8.83
CA CYS A 1043 39.22 15.78 -7.53
C CYS A 1043 39.46 17.27 -7.36
N GLY A 1044 38.43 18.07 -7.61
CA GLY A 1044 38.50 19.51 -7.48
C GLY A 1044 38.65 20.22 -8.81
N LYS A 1045 38.57 21.56 -8.73
CA LYS A 1045 38.69 22.40 -9.91
C LYS A 1045 40.15 22.77 -10.13
N GLY A 1046 40.63 22.56 -11.35
CA GLY A 1046 42.02 22.77 -11.68
C GLY A 1046 42.75 21.45 -11.87
N TYR A 1047 44.05 21.56 -12.08
CA TYR A 1047 44.90 20.39 -12.26
C TYR A 1047 45.16 19.75 -10.89
N HIS A 1048 44.66 18.54 -10.70
CA HIS A 1048 44.69 17.90 -9.39
C HIS A 1048 46.13 17.57 -9.00
N LEU A 1049 46.52 18.01 -7.81
CA LEU A 1049 47.81 17.65 -7.23
C LEU A 1049 47.68 16.52 -6.22
N MET A 1050 46.84 16.70 -5.20
CA MET A 1050 46.63 15.67 -4.20
C MET A 1050 45.29 15.92 -3.51
N SER A 1051 44.94 15.02 -2.60
CA SER A 1051 43.73 15.18 -1.81
C SER A 1051 43.96 14.58 -0.42
N PHE A 1052 43.24 15.11 0.56
CA PHE A 1052 43.35 14.68 1.94
C PHE A 1052 41.97 14.33 2.47
N PRO A 1053 41.79 13.13 3.03
CA PRO A 1053 40.50 12.78 3.60
C PRO A 1053 40.36 13.30 5.03
N GLN A 1054 39.12 13.61 5.39
CA GLN A 1054 38.77 13.97 6.76
C GLN A 1054 37.44 13.30 7.10
N SER A 1055 37.37 12.70 8.29
CA SER A 1055 36.11 12.11 8.72
C SER A 1055 35.11 13.19 9.12
N ALA A 1056 33.84 12.93 8.88
CA ALA A 1056 32.76 13.83 9.26
C ALA A 1056 31.57 12.97 9.66
N PRO A 1057 30.66 13.49 10.48
CA PRO A 1057 29.49 12.70 10.86
C PRO A 1057 28.72 12.19 9.65
N HIS A 1058 28.73 10.86 9.47
CA HIS A 1058 28.05 10.20 8.37
C HIS A 1058 28.61 10.60 7.01
N GLY A 1059 29.91 10.92 6.93
CA GLY A 1059 30.45 11.31 5.64
C GLY A 1059 31.95 11.54 5.69
N VAL A 1060 32.47 11.92 4.54
CA VAL A 1060 33.89 12.21 4.35
C VAL A 1060 34.02 13.56 3.65
N VAL A 1061 35.00 14.35 4.06
CA VAL A 1061 35.31 15.63 3.45
C VAL A 1061 36.67 15.50 2.77
N PHE A 1062 36.71 15.81 1.48
CA PHE A 1062 37.94 15.71 0.70
C PHE A 1062 38.51 17.11 0.48
N LEU A 1063 39.73 17.33 0.99
CA LEU A 1063 40.46 18.56 0.75
C LEU A 1063 41.31 18.36 -0.50
N HIS A 1064 40.88 18.96 -1.60
CA HIS A 1064 41.51 18.77 -2.91
C HIS A 1064 42.51 19.88 -3.16
N VAL A 1065 43.79 19.57 -3.10
CA VAL A 1065 44.85 20.51 -3.46
C VAL A 1065 45.09 20.39 -4.96
N THR A 1066 44.85 21.48 -5.67
CA THR A 1066 44.95 21.52 -7.12
C THR A 1066 45.90 22.64 -7.54
N TYR A 1067 46.22 22.65 -8.83
CA TYR A 1067 47.10 23.65 -9.43
C TYR A 1067 46.25 24.50 -10.38
N VAL A 1068 46.25 25.80 -10.16
CA VAL A 1068 45.43 26.74 -10.92
C VAL A 1068 46.33 27.80 -11.53
N PRO A 1069 46.35 27.96 -12.85
CA PRO A 1069 47.09 29.08 -13.45
C PRO A 1069 46.55 30.42 -12.97
N ALA A 1070 47.44 31.38 -12.78
CA ALA A 1070 47.09 32.65 -12.17
C ALA A 1070 47.23 33.84 -13.11
N GLN A 1071 48.41 34.06 -13.70
CA GLN A 1071 48.70 35.27 -14.44
C GLN A 1071 49.05 34.92 -15.88
N GLU A 1072 48.05 34.98 -16.75
CA GLU A 1072 48.25 34.71 -18.17
C GLU A 1072 48.81 35.94 -18.87
N LYS A 1073 49.60 35.70 -19.91
CA LYS A 1073 50.19 36.76 -20.71
C LYS A 1073 50.07 36.40 -22.18
N ASN A 1074 49.78 37.40 -23.01
CA ASN A 1074 49.66 37.18 -24.45
C ASN A 1074 51.03 36.94 -25.07
N PHE A 1075 51.08 36.02 -26.03
CA PHE A 1075 52.28 35.77 -26.81
C PHE A 1075 51.91 35.45 -28.24
N THR A 1076 52.85 35.68 -29.15
CA THR A 1076 52.69 35.30 -30.55
C THR A 1076 53.26 33.90 -30.73
N THR A 1077 52.44 32.99 -31.24
CA THR A 1077 52.81 31.59 -31.37
C THR A 1077 52.80 31.18 -32.83
N ALA A 1078 53.34 29.98 -33.08
CA ALA A 1078 53.43 29.42 -34.42
C ALA A 1078 53.40 27.91 -34.32
N PRO A 1079 52.64 27.23 -35.18
CA PRO A 1079 52.62 25.76 -35.14
C PRO A 1079 53.97 25.12 -35.41
N ALA A 1080 54.78 25.72 -36.27
CA ALA A 1080 56.08 25.15 -36.62
C ALA A 1080 56.99 26.28 -37.08
N ILE A 1081 58.29 25.98 -37.13
CA ILE A 1081 59.30 26.95 -37.51
C ILE A 1081 60.16 26.35 -38.62
N CYS A 1082 60.35 27.12 -39.69
CA CYS A 1082 61.18 26.69 -40.81
C CYS A 1082 62.59 27.23 -40.61
N HIS A 1083 63.56 26.33 -40.43
CA HIS A 1083 64.94 26.71 -40.18
C HIS A 1083 65.82 26.60 -41.42
N ASP A 1084 65.88 25.41 -42.00
CA ASP A 1084 66.74 25.14 -43.17
C ASP A 1084 65.96 24.37 -44.23
N GLY A 1085 64.75 24.86 -44.53
CA GLY A 1085 63.87 24.14 -45.43
C GLY A 1085 63.15 22.97 -44.80
N LYS A 1086 63.18 22.85 -43.48
CA LYS A 1086 62.54 21.75 -42.76
C LYS A 1086 61.69 22.32 -41.64
N ALA A 1087 60.61 21.60 -41.33
CA ALA A 1087 59.68 22.01 -40.29
C ALA A 1087 60.10 21.44 -38.95
N HIS A 1088 60.10 22.30 -37.93
CA HIS A 1088 60.49 21.92 -36.57
C HIS A 1088 59.28 22.05 -35.65
N PHE A 1089 59.22 21.16 -34.66
CA PHE A 1089 58.13 21.13 -33.71
C PHE A 1089 58.69 20.97 -32.29
N PRO A 1090 57.99 21.50 -31.28
CA PRO A 1090 58.55 21.46 -29.92
C PRO A 1090 58.55 20.08 -29.29
N ARG A 1091 57.53 19.26 -29.55
CA ARG A 1091 57.41 17.90 -29.05
C ARG A 1091 57.09 17.85 -27.57
N GLU A 1092 57.19 18.99 -26.88
CA GLU A 1092 56.76 19.07 -25.48
C GLU A 1092 55.97 20.32 -25.14
N GLY A 1093 56.15 21.43 -25.85
CA GLY A 1093 55.47 22.66 -25.51
C GLY A 1093 55.00 23.45 -26.71
N VAL A 1094 55.17 24.76 -26.66
CA VAL A 1094 54.68 25.67 -27.69
C VAL A 1094 55.77 26.67 -28.02
N PHE A 1095 55.86 27.05 -29.29
CA PHE A 1095 56.73 28.13 -29.73
C PHE A 1095 56.08 29.46 -29.41
N VAL A 1096 56.85 30.38 -28.83
CA VAL A 1096 56.39 31.72 -28.52
C VAL A 1096 57.42 32.73 -29.01
N SER A 1097 56.98 33.97 -29.14
CA SER A 1097 57.85 35.05 -29.59
C SER A 1097 57.66 36.27 -28.70
N ASN A 1098 58.76 36.99 -28.47
CA ASN A 1098 58.73 38.25 -27.75
C ASN A 1098 59.01 39.42 -28.69
N GLY A 1099 58.45 39.34 -29.90
CA GLY A 1099 58.62 40.38 -30.89
C GLY A 1099 59.73 40.12 -31.90
N THR A 1100 60.90 39.70 -31.42
CA THR A 1100 62.06 39.52 -32.30
C THR A 1100 62.51 38.07 -32.40
N HIS A 1101 62.75 37.40 -31.28
CA HIS A 1101 63.27 36.05 -31.27
C HIS A 1101 62.21 35.06 -30.79
N TRP A 1102 62.38 33.81 -31.20
CA TRP A 1102 61.45 32.73 -30.91
C TRP A 1102 62.05 31.80 -29.86
N PHE A 1103 61.28 31.52 -28.82
CA PHE A 1103 61.65 30.55 -27.79
C PHE A 1103 60.61 29.43 -27.77
N VAL A 1104 60.89 28.41 -26.97
CA VAL A 1104 59.96 27.30 -26.75
C VAL A 1104 59.69 27.20 -25.26
N THR A 1105 58.42 27.04 -24.89
CA THR A 1105 58.06 27.03 -23.48
C THR A 1105 57.01 25.95 -23.22
N GLN A 1106 56.95 25.51 -21.96
CA GLN A 1106 55.90 24.60 -21.56
C GLN A 1106 54.55 25.32 -21.54
N ARG A 1107 53.48 24.54 -21.71
CA ARG A 1107 52.16 25.11 -21.93
C ARG A 1107 51.56 25.69 -20.64
N ASN A 1108 51.78 25.04 -19.50
CA ASN A 1108 51.15 25.45 -18.26
C ASN A 1108 51.98 26.42 -17.44
N PHE A 1109 53.17 26.78 -17.90
CA PHE A 1109 54.01 27.74 -17.18
C PHE A 1109 54.97 28.37 -18.18
N TYR A 1110 55.12 29.69 -18.10
CA TYR A 1110 55.95 30.43 -19.05
C TYR A 1110 57.41 30.32 -18.64
N GLU A 1111 58.13 29.40 -19.26
CA GLU A 1111 59.58 29.24 -19.06
C GLU A 1111 60.24 29.16 -20.43
N PRO A 1112 60.43 30.30 -21.09
CA PRO A 1112 61.00 30.27 -22.44
C PRO A 1112 62.44 29.76 -22.43
N GLN A 1113 62.76 28.95 -23.44
CA GLN A 1113 64.09 28.42 -23.64
C GLN A 1113 64.49 28.59 -25.10
N ILE A 1114 65.80 28.71 -25.33
CA ILE A 1114 66.32 28.89 -26.67
C ILE A 1114 66.03 27.64 -27.49
N ILE A 1115 65.52 27.84 -28.70
CA ILE A 1115 65.16 26.72 -29.56
C ILE A 1115 66.43 26.06 -30.09
N THR A 1116 66.66 24.81 -29.68
CA THR A 1116 67.79 24.01 -30.13
C THR A 1116 67.27 22.73 -30.77
N THR A 1117 68.19 21.84 -31.12
CA THR A 1117 67.83 20.55 -31.68
C THR A 1117 67.38 19.55 -30.62
N ASP A 1118 67.57 19.86 -29.34
CA ASP A 1118 67.18 18.96 -28.26
C ASP A 1118 65.73 19.13 -27.85
N ASN A 1119 65.18 20.34 -27.98
CA ASN A 1119 63.79 20.60 -27.63
C ASN A 1119 62.88 20.70 -28.85
N THR A 1120 63.36 20.27 -30.02
CA THR A 1120 62.56 20.27 -31.24
C THR A 1120 62.87 19.00 -32.03
N PHE A 1121 61.93 18.62 -32.89
CA PHE A 1121 62.14 17.53 -33.84
C PHE A 1121 61.71 17.99 -35.23
N VAL A 1122 62.36 17.41 -36.23
CA VAL A 1122 62.19 17.79 -37.63
C VAL A 1122 61.22 16.83 -38.29
N SER A 1123 60.30 17.36 -39.09
CA SER A 1123 59.33 16.54 -39.80
C SER A 1123 58.95 17.23 -41.10
N GLY A 1124 59.45 16.72 -42.22
CA GLY A 1124 59.02 17.18 -43.53
C GLY A 1124 59.58 18.54 -43.92
N ASN A 1125 58.96 19.11 -44.95
CA ASN A 1125 59.35 20.40 -45.49
C ASN A 1125 58.47 21.50 -44.88
N CYS A 1126 58.64 22.73 -45.36
CA CYS A 1126 57.94 23.89 -44.83
C CYS A 1126 56.74 24.30 -45.68
N ASP A 1127 56.48 23.63 -46.79
CA ASP A 1127 55.40 24.01 -47.68
C ASP A 1127 54.07 23.31 -47.38
N VAL A 1128 54.02 22.48 -46.33
CA VAL A 1128 52.81 21.77 -45.98
C VAL A 1128 52.15 22.31 -44.72
N VAL A 1129 52.92 22.75 -43.72
CA VAL A 1129 52.36 23.23 -42.47
C VAL A 1129 51.77 24.61 -42.70
N ILE A 1130 50.53 24.81 -42.25
CA ILE A 1130 49.85 26.09 -42.36
C ILE A 1130 50.20 26.93 -41.13
N GLY A 1131 50.74 28.12 -41.37
CA GLY A 1131 51.14 29.00 -40.29
C GLY A 1131 52.59 28.91 -39.88
N ILE A 1132 53.43 28.22 -40.65
CA ILE A 1132 54.83 28.09 -40.29
C ILE A 1132 55.54 29.43 -40.46
N VAL A 1133 56.50 29.70 -39.59
CA VAL A 1133 57.28 30.94 -39.61
C VAL A 1133 58.75 30.59 -39.76
N ASN A 1134 59.56 31.61 -40.03
CA ASN A 1134 60.99 31.45 -40.26
C ASN A 1134 61.76 31.99 -39.06
N ASN A 1135 62.70 31.20 -38.55
CA ASN A 1135 63.55 31.62 -37.46
C ASN A 1135 64.89 30.90 -37.57
N THR A 1136 65.96 31.62 -37.23
CA THR A 1136 67.32 31.08 -37.32
C THR A 1136 67.76 30.59 -35.95
N VAL A 1137 68.17 29.33 -35.88
CA VAL A 1137 68.64 28.74 -34.62
C VAL A 1137 70.03 29.26 -34.33
N TYR A 1138 70.22 29.83 -33.14
CA TYR A 1138 71.50 30.40 -32.73
C TYR A 1138 72.21 29.47 -31.77
N ASP A 1139 73.52 29.34 -31.95
CA ASP A 1139 74.33 28.50 -31.08
C ASP A 1139 74.52 29.14 -29.71
N GLN B 14 -57.51 -24.78 -34.38
CA GLN B 14 -57.01 -23.84 -35.38
C GLN B 14 -55.60 -24.22 -35.82
N CYS B 15 -54.94 -25.06 -35.02
CA CYS B 15 -53.58 -25.49 -35.35
C CYS B 15 -53.58 -26.30 -36.65
N VAL B 16 -52.64 -25.98 -37.52
CA VAL B 16 -52.48 -26.65 -38.81
C VAL B 16 -51.06 -27.20 -38.89
N ASN B 17 -50.94 -28.48 -39.22
CA ASN B 17 -49.65 -29.14 -39.35
C ASN B 17 -49.21 -29.05 -40.81
N LEU B 18 -48.22 -28.20 -41.08
CA LEU B 18 -47.77 -27.98 -42.45
C LEU B 18 -47.08 -29.22 -43.00
N THR B 19 -47.30 -29.48 -44.29
CA THR B 19 -46.69 -30.62 -44.96
C THR B 19 -45.95 -30.17 -46.21
N THR B 20 -45.50 -31.14 -47.02
CA THR B 20 -44.77 -30.87 -48.26
C THR B 20 -43.54 -29.99 -48.02
N ARG B 21 -42.81 -30.29 -46.94
CA ARG B 21 -41.57 -29.60 -46.62
C ARG B 21 -40.41 -30.53 -46.93
N THR B 22 -39.54 -30.12 -47.84
CA THR B 22 -38.38 -30.92 -48.19
C THR B 22 -37.39 -30.95 -47.03
N GLN B 23 -36.82 -32.12 -46.79
CA GLN B 23 -35.88 -32.31 -45.68
C GLN B 23 -34.48 -31.93 -46.12
N LEU B 24 -33.86 -31.02 -45.38
CA LEU B 24 -32.52 -30.55 -45.67
C LEU B 24 -31.68 -30.54 -44.41
N PRO B 25 -30.36 -30.73 -44.54
CA PRO B 25 -29.50 -30.66 -43.36
C PRO B 25 -29.44 -29.25 -42.82
N PRO B 26 -29.19 -29.08 -41.52
CA PRO B 26 -29.09 -27.72 -40.97
C PRO B 26 -27.91 -26.96 -41.56
N ALA B 27 -28.09 -25.64 -41.68
CA ALA B 27 -27.08 -24.77 -42.25
C ALA B 27 -26.40 -23.97 -41.15
N TYR B 28 -25.10 -23.72 -41.34
CA TYR B 28 -24.30 -22.99 -40.37
C TYR B 28 -23.51 -21.90 -41.08
N THR B 29 -23.25 -20.82 -40.36
CA THR B 29 -22.51 -19.68 -40.90
C THR B 29 -21.68 -19.08 -39.79
N ASN B 30 -21.00 -17.98 -40.12
CA ASN B 30 -20.07 -17.32 -39.22
C ASN B 30 -20.59 -15.93 -38.88
N SER B 31 -20.69 -15.64 -37.58
CA SER B 31 -20.95 -14.28 -37.11
C SER B 31 -19.60 -13.62 -36.87
N PHE B 32 -19.28 -12.62 -37.70
CA PHE B 32 -17.95 -12.04 -37.67
C PHE B 32 -17.76 -11.11 -36.48
N THR B 33 -18.54 -10.02 -36.44
CA THR B 33 -18.44 -9.06 -35.35
C THR B 33 -19.81 -8.53 -34.92
N ARG B 34 -20.89 -9.18 -35.33
CA ARG B 34 -22.23 -8.70 -35.01
C ARG B 34 -22.62 -9.11 -33.59
N GLY B 35 -23.72 -8.54 -33.12
CA GLY B 35 -24.27 -8.85 -31.82
C GLY B 35 -23.83 -7.94 -30.69
N VAL B 36 -23.02 -6.93 -30.97
CA VAL B 36 -22.59 -6.00 -29.94
C VAL B 36 -23.72 -5.02 -29.65
N TYR B 37 -24.03 -4.84 -28.36
CA TYR B 37 -25.06 -3.92 -27.94
C TYR B 37 -24.50 -2.98 -26.87
N TYR B 38 -25.23 -1.90 -26.62
CA TYR B 38 -24.80 -0.95 -25.60
C TYR B 38 -24.98 -1.57 -24.22
N PRO B 39 -23.91 -1.73 -23.43
CA PRO B 39 -24.06 -2.38 -22.12
C PRO B 39 -24.94 -1.61 -21.15
N ASP B 40 -24.93 -0.28 -21.21
CA ASP B 40 -25.70 0.53 -20.27
C ASP B 40 -26.28 1.72 -21.04
N LYS B 41 -26.88 2.64 -20.29
CA LYS B 41 -27.51 3.83 -20.85
C LYS B 41 -26.73 5.10 -20.51
N VAL B 42 -25.40 4.99 -20.45
CA VAL B 42 -24.52 6.10 -20.10
C VAL B 42 -23.76 6.52 -21.34
N PHE B 43 -23.81 7.82 -21.66
CA PHE B 43 -23.12 8.33 -22.83
C PHE B 43 -21.62 8.34 -22.61
N ARG B 44 -20.88 7.81 -23.58
CA ARG B 44 -19.42 7.82 -23.56
C ARG B 44 -18.94 8.19 -24.96
N SER B 45 -17.92 9.05 -25.02
CA SER B 45 -17.40 9.52 -26.31
C SER B 45 -15.89 9.48 -26.30
N SER B 46 -15.31 9.05 -27.42
CA SER B 46 -13.86 9.03 -27.63
C SER B 46 -13.16 8.27 -26.51
N VAL B 47 -13.61 7.03 -26.30
CA VAL B 47 -13.13 6.24 -25.17
C VAL B 47 -13.05 4.77 -25.59
N LEU B 48 -12.20 4.02 -24.89
CA LEU B 48 -12.13 2.57 -25.01
C LEU B 48 -12.60 1.99 -23.68
N HIS B 49 -13.80 1.41 -23.68
CA HIS B 49 -14.46 0.95 -22.47
C HIS B 49 -14.50 -0.57 -22.43
N SER B 50 -13.98 -1.15 -21.36
CA SER B 50 -13.97 -2.59 -21.18
C SER B 50 -15.13 -2.99 -20.28
N THR B 51 -15.94 -3.95 -20.74
CA THR B 51 -17.13 -4.35 -20.00
C THR B 51 -17.35 -5.85 -20.14
N GLN B 52 -17.79 -6.48 -19.07
CA GLN B 52 -18.12 -7.90 -19.07
C GLN B 52 -19.63 -8.06 -19.09
N ASP B 53 -20.13 -8.83 -20.05
CA ASP B 53 -21.56 -9.03 -20.20
C ASP B 53 -21.80 -10.24 -21.10
N LEU B 54 -23.08 -10.56 -21.29
CA LEU B 54 -23.48 -11.65 -22.16
C LEU B 54 -23.40 -11.17 -23.60
N PHE B 55 -22.28 -11.49 -24.27
CA PHE B 55 -22.03 -11.05 -25.63
C PHE B 55 -21.94 -12.24 -26.56
N LEU B 56 -22.31 -12.03 -27.81
CA LEU B 56 -22.10 -13.03 -28.84
C LEU B 56 -20.63 -13.07 -29.20
N PRO B 57 -19.95 -14.21 -29.05
CA PRO B 57 -18.52 -14.26 -29.37
C PRO B 57 -18.25 -13.93 -30.83
N PHE B 58 -17.11 -13.27 -31.06
CA PHE B 58 -16.74 -12.90 -32.43
C PHE B 58 -16.43 -14.13 -33.25
N PHE B 59 -16.83 -14.10 -34.52
CA PHE B 59 -16.62 -15.19 -35.46
C PHE B 59 -17.17 -16.50 -34.92
N SER B 60 -18.40 -16.44 -34.41
CA SER B 60 -19.03 -17.59 -33.78
C SER B 60 -19.82 -18.41 -34.79
N ASN B 61 -19.99 -19.69 -34.47
CA ASN B 61 -20.78 -20.60 -35.28
C ASN B 61 -22.27 -20.31 -35.04
N VAL B 62 -22.96 -19.85 -36.07
CA VAL B 62 -24.34 -19.39 -35.94
C VAL B 62 -25.23 -20.23 -36.85
N THR B 63 -26.33 -20.73 -36.29
CA THR B 63 -27.25 -21.54 -37.09
C THR B 63 -28.04 -20.65 -38.04
N TRP B 64 -28.38 -21.22 -39.20
CA TRP B 64 -28.98 -20.46 -40.29
C TRP B 64 -30.24 -21.20 -40.75
N PHE B 65 -31.34 -20.46 -40.87
CA PHE B 65 -32.62 -21.03 -41.26
C PHE B 65 -33.21 -20.24 -42.42
N HIS B 66 -33.88 -20.94 -43.32
CA HIS B 66 -34.38 -20.38 -44.56
C HIS B 66 -35.90 -20.48 -44.63
N ALA B 67 -36.49 -19.65 -45.49
CA ALA B 67 -37.89 -19.74 -45.86
C ALA B 67 -37.96 -19.39 -47.35
N ILE B 68 -38.09 -20.41 -48.19
CA ILE B 68 -38.01 -20.21 -49.63
C ILE B 68 -38.74 -21.37 -50.29
N HIS B 69 -39.37 -21.10 -51.43
CA HIS B 69 -40.04 -22.10 -52.25
C HIS B 69 -39.45 -22.01 -53.66
N VAL B 70 -38.46 -22.85 -53.93
CA VAL B 70 -37.78 -22.85 -55.23
C VAL B 70 -38.60 -23.67 -56.21
N SER B 71 -38.94 -23.07 -57.36
CA SER B 71 -39.73 -23.76 -58.37
C SER B 71 -38.92 -24.88 -59.02
N GLY B 72 -39.56 -26.00 -59.27
CA GLY B 72 -38.91 -27.12 -59.90
C GLY B 72 -39.70 -28.40 -59.68
N THR B 73 -39.12 -29.50 -60.16
CA THR B 73 -39.73 -30.81 -59.96
C THR B 73 -39.69 -31.20 -58.49
N ASN B 74 -38.49 -31.32 -57.93
CA ASN B 74 -38.34 -31.52 -56.49
C ASN B 74 -38.14 -30.17 -55.79
N GLY B 75 -37.10 -29.45 -56.16
CA GLY B 75 -36.85 -28.12 -55.64
C GLY B 75 -36.63 -28.12 -54.14
N THR B 76 -36.95 -27.00 -53.52
CA THR B 76 -36.86 -26.85 -52.07
C THR B 76 -38.05 -26.05 -51.58
N LYS B 77 -38.73 -26.57 -50.55
CA LYS B 77 -39.82 -25.87 -49.88
C LYS B 77 -39.49 -25.84 -48.40
N ARG B 78 -38.73 -24.84 -47.99
CA ARG B 78 -38.25 -24.73 -46.62
C ARG B 78 -39.09 -23.73 -45.84
N PHE B 79 -39.61 -24.17 -44.70
CA PHE B 79 -40.30 -23.31 -43.74
C PHE B 79 -39.74 -23.69 -42.37
N ASP B 80 -38.63 -23.04 -41.99
CA ASP B 80 -37.88 -23.42 -40.81
C ASP B 80 -38.38 -22.62 -39.61
N ASN B 81 -39.16 -23.27 -38.74
CA ASN B 81 -39.55 -22.70 -37.45
C ASN B 81 -39.35 -23.74 -36.35
N PRO B 82 -38.10 -24.13 -36.08
CA PRO B 82 -37.86 -25.14 -35.04
C PRO B 82 -37.87 -24.51 -33.65
N VAL B 83 -37.97 -25.39 -32.66
CA VAL B 83 -37.87 -24.97 -31.26
C VAL B 83 -36.39 -25.08 -30.86
N LEU B 84 -35.73 -23.93 -30.76
CA LEU B 84 -34.31 -23.84 -30.48
C LEU B 84 -34.08 -23.56 -29.00
N PRO B 85 -32.93 -23.95 -28.47
CA PRO B 85 -32.63 -23.67 -27.06
C PRO B 85 -32.46 -22.17 -26.81
N PHE B 86 -32.64 -21.80 -25.53
CA PHE B 86 -32.42 -20.44 -25.04
C PHE B 86 -31.53 -20.60 -23.82
N ASN B 87 -30.22 -20.65 -24.04
CA ASN B 87 -29.29 -21.00 -22.96
C ASN B 87 -29.07 -19.83 -22.01
N ASP B 88 -28.47 -18.74 -22.51
CA ASP B 88 -28.27 -17.54 -21.72
C ASP B 88 -28.64 -16.26 -22.46
N GLY B 89 -28.99 -16.35 -23.72
CA GLY B 89 -29.27 -15.17 -24.52
C GLY B 89 -29.15 -15.52 -25.98
N VAL B 90 -29.97 -14.86 -26.78
CA VAL B 90 -30.10 -15.19 -28.19
C VAL B 90 -29.84 -13.94 -29.04
N TYR B 91 -28.90 -14.06 -29.98
CA TYR B 91 -28.74 -13.08 -31.04
C TYR B 91 -29.51 -13.58 -32.24
N PHE B 92 -30.49 -12.80 -32.69
CA PHE B 92 -31.40 -13.19 -33.76
C PHE B 92 -31.32 -12.15 -34.86
N ALA B 93 -30.74 -12.52 -36.00
CA ALA B 93 -30.68 -11.65 -37.16
C ALA B 93 -31.65 -12.15 -38.22
N SER B 94 -32.25 -11.21 -38.96
CA SER B 94 -33.25 -11.57 -39.97
C SER B 94 -32.97 -10.79 -41.24
N THR B 95 -32.71 -11.50 -42.34
CA THR B 95 -32.64 -10.90 -43.67
C THR B 95 -33.96 -11.20 -44.38
N GLU B 96 -34.78 -10.17 -44.55
CA GLU B 96 -36.10 -10.34 -45.12
C GLU B 96 -36.46 -9.13 -45.95
N LYS B 97 -37.41 -9.33 -46.87
CA LYS B 97 -37.90 -8.25 -47.72
C LYS B 97 -39.42 -8.13 -47.75
N SER B 98 -40.16 -9.19 -47.42
CA SER B 98 -41.62 -9.16 -47.44
C SER B 98 -42.20 -9.28 -46.04
N ASN B 99 -41.40 -9.02 -45.00
CA ASN B 99 -41.83 -9.11 -43.61
C ASN B 99 -42.35 -10.50 -43.28
N ILE B 100 -41.48 -11.49 -43.50
CA ILE B 100 -41.85 -12.88 -43.25
C ILE B 100 -41.69 -13.23 -41.77
N ILE B 101 -40.55 -12.86 -41.18
CA ILE B 101 -40.33 -13.09 -39.76
C ILE B 101 -41.28 -12.19 -38.98
N ARG B 102 -42.23 -12.78 -38.27
CA ARG B 102 -43.26 -12.01 -37.59
C ARG B 102 -43.09 -11.96 -36.08
N GLY B 103 -42.34 -12.88 -35.48
CA GLY B 103 -42.08 -12.78 -34.06
C GLY B 103 -41.49 -14.05 -33.50
N TRP B 104 -41.63 -14.19 -32.17
CA TRP B 104 -41.08 -15.34 -31.47
C TRP B 104 -41.98 -15.70 -30.29
N ILE B 105 -41.81 -16.93 -29.82
CA ILE B 105 -42.41 -17.41 -28.58
C ILE B 105 -41.30 -18.00 -27.72
N PHE B 106 -41.31 -17.66 -26.44
CA PHE B 106 -40.29 -18.08 -25.49
C PHE B 106 -40.96 -18.81 -24.34
N GLY B 107 -40.29 -19.83 -23.81
CA GLY B 107 -40.86 -20.57 -22.70
C GLY B 107 -39.96 -21.71 -22.29
N THR B 108 -40.51 -22.64 -21.51
CA THR B 108 -39.83 -23.88 -21.17
C THR B 108 -40.53 -25.08 -21.77
N THR B 109 -41.82 -25.26 -21.47
CA THR B 109 -42.67 -26.22 -22.14
C THR B 109 -43.75 -25.42 -22.86
N LEU B 110 -43.69 -25.38 -24.19
CA LEU B 110 -44.57 -24.49 -24.94
C LEU B 110 -45.98 -25.04 -24.99
N ASP B 111 -46.60 -25.19 -23.82
CA ASP B 111 -47.97 -25.65 -23.70
C ASP B 111 -48.58 -25.01 -22.46
N SER B 112 -49.81 -25.43 -22.14
CA SER B 112 -50.57 -24.79 -21.07
C SER B 112 -50.02 -25.07 -19.68
N LYS B 113 -49.10 -26.02 -19.53
CA LYS B 113 -48.57 -26.34 -18.21
C LYS B 113 -47.80 -25.16 -17.61
N THR B 114 -46.99 -24.49 -18.42
CA THR B 114 -46.18 -23.38 -17.95
C THR B 114 -46.57 -22.09 -18.69
N GLN B 115 -46.02 -20.98 -18.21
CA GLN B 115 -46.27 -19.67 -18.81
C GLN B 115 -45.24 -19.41 -19.90
N SER B 116 -45.68 -18.72 -20.95
CA SER B 116 -44.82 -18.44 -22.10
C SER B 116 -45.03 -16.99 -22.54
N LEU B 117 -43.98 -16.45 -23.16
CA LEU B 117 -44.00 -15.11 -23.73
C LEU B 117 -44.21 -15.20 -25.24
N LEU B 118 -45.06 -14.34 -25.77
CA LEU B 118 -45.35 -14.27 -27.20
C LEU B 118 -45.15 -12.85 -27.66
N ILE B 119 -44.21 -12.63 -28.58
CA ILE B 119 -43.99 -11.32 -29.19
C ILE B 119 -44.26 -11.50 -30.68
N VAL B 120 -45.38 -10.97 -31.16
CA VAL B 120 -45.81 -11.21 -32.52
C VAL B 120 -46.21 -9.90 -33.18
N ASN B 121 -46.12 -9.88 -34.51
CA ASN B 121 -46.64 -8.79 -35.33
C ASN B 121 -47.86 -9.29 -36.07
N ASN B 122 -49.00 -8.66 -35.81
CA ASN B 122 -50.28 -9.07 -36.38
C ASN B 122 -50.59 -8.37 -37.70
N ALA B 123 -49.61 -7.66 -38.27
CA ALA B 123 -49.74 -6.79 -39.44
C ALA B 123 -50.56 -5.54 -39.14
N THR B 124 -51.14 -5.43 -37.96
CA THR B 124 -51.82 -4.23 -37.49
C THR B 124 -51.27 -3.74 -36.16
N ASN B 125 -50.89 -4.65 -35.27
CA ASN B 125 -50.36 -4.30 -33.96
C ASN B 125 -49.21 -5.23 -33.61
N VAL B 126 -48.39 -4.80 -32.67
CA VAL B 126 -47.36 -5.64 -32.07
C VAL B 126 -47.89 -6.10 -30.72
N VAL B 127 -48.06 -7.41 -30.56
CA VAL B 127 -48.68 -7.99 -29.38
C VAL B 127 -47.60 -8.69 -28.57
N ILE B 128 -47.49 -8.31 -27.31
CA ILE B 128 -46.58 -8.94 -26.36
C ILE B 128 -47.43 -9.47 -25.21
N LYS B 129 -47.50 -10.79 -25.08
CA LYS B 129 -48.35 -11.43 -24.09
C LYS B 129 -47.56 -12.50 -23.35
N VAL B 130 -47.44 -12.33 -22.04
CA VAL B 130 -46.89 -13.36 -21.16
C VAL B 130 -48.05 -14.04 -20.47
N CYS B 131 -48.26 -15.31 -20.78
CA CYS B 131 -49.51 -15.97 -20.44
C CYS B 131 -49.35 -17.45 -20.77
N GLU B 132 -50.29 -18.26 -20.29
CA GLU B 132 -50.24 -19.71 -20.50
C GLU B 132 -50.85 -20.03 -21.85
N PHE B 133 -50.01 -20.28 -22.85
CA PHE B 133 -50.46 -20.56 -24.20
C PHE B 133 -50.31 -22.05 -24.50
N GLN B 134 -51.37 -22.63 -25.07
CA GLN B 134 -51.28 -23.98 -25.65
C GLN B 134 -50.84 -23.80 -27.10
N PHE B 135 -49.53 -23.67 -27.29
CA PHE B 135 -48.98 -23.35 -28.60
C PHE B 135 -49.16 -24.51 -29.57
N CYS B 136 -49.41 -24.17 -30.83
CA CYS B 136 -49.54 -25.17 -31.87
C CYS B 136 -48.19 -25.82 -32.15
N ASN B 137 -48.23 -27.05 -32.65
CA ASN B 137 -47.00 -27.73 -33.04
C ASN B 137 -46.32 -27.03 -34.21
N ASP B 138 -47.11 -26.42 -35.10
CA ASP B 138 -46.59 -25.65 -36.23
C ASP B 138 -47.27 -24.29 -36.21
N PRO B 139 -46.85 -23.40 -35.31
CA PRO B 139 -47.47 -22.07 -35.24
C PRO B 139 -46.96 -21.16 -36.35
N PHE B 140 -47.86 -20.36 -36.91
CA PHE B 140 -47.45 -19.45 -37.97
C PHE B 140 -48.52 -18.37 -38.18
N LEU B 141 -48.28 -17.55 -39.20
CA LEU B 141 -49.24 -16.58 -39.69
C LEU B 141 -49.36 -16.74 -41.20
N GLY B 142 -50.41 -16.16 -41.76
CA GLY B 142 -50.66 -16.38 -43.17
C GLY B 142 -51.30 -15.20 -43.88
N VAL B 143 -50.71 -14.79 -45.00
CA VAL B 143 -51.19 -13.67 -45.80
C VAL B 143 -51.74 -14.21 -47.12
N TYR B 144 -52.96 -13.80 -47.45
CA TYR B 144 -53.61 -14.20 -48.69
C TYR B 144 -53.42 -13.12 -49.74
N TYR B 145 -53.15 -13.55 -50.97
CA TYR B 145 -53.00 -12.64 -52.10
C TYR B 145 -54.21 -12.79 -53.02
N HIS B 146 -55.05 -11.75 -53.07
CA HIS B 146 -56.23 -11.74 -53.93
C HIS B 146 -55.83 -11.27 -55.32
N LYS B 147 -56.20 -12.06 -56.33
CA LYS B 147 -55.87 -11.69 -57.70
C LYS B 147 -56.70 -10.49 -58.18
N ASN B 148 -57.98 -10.43 -57.81
CA ASN B 148 -58.84 -9.35 -58.28
C ASN B 148 -58.35 -7.99 -57.77
N ASN B 149 -58.09 -7.89 -56.47
CA ASN B 149 -57.52 -6.67 -55.91
C ASN B 149 -56.03 -6.51 -56.20
N LYS B 150 -55.32 -7.60 -56.51
CA LYS B 150 -53.86 -7.60 -56.53
C LYS B 150 -53.30 -7.06 -55.22
N SER B 151 -53.92 -7.48 -54.11
CA SER B 151 -53.60 -6.98 -52.79
C SER B 151 -53.32 -8.13 -51.84
N TRP B 152 -52.49 -7.84 -50.83
CA TRP B 152 -52.12 -8.82 -49.81
C TRP B 152 -52.79 -8.46 -48.50
N MET B 153 -53.47 -9.44 -47.89
CA MET B 153 -54.20 -9.22 -46.65
C MET B 153 -53.88 -10.33 -45.66
N GLU B 154 -53.75 -9.95 -44.39
CA GLU B 154 -53.54 -10.93 -43.33
C GLU B 154 -54.80 -11.76 -43.14
N SER B 155 -54.65 -13.09 -43.13
CA SER B 155 -55.80 -13.98 -43.06
C SER B 155 -55.68 -15.10 -42.04
N GLU B 156 -54.48 -15.49 -41.63
CA GLU B 156 -54.31 -16.64 -40.75
C GLU B 156 -53.45 -16.26 -39.56
N PHE B 157 -53.88 -16.66 -38.36
CA PHE B 157 -53.11 -16.50 -37.13
C PHE B 157 -53.23 -17.81 -36.37
N ARG B 158 -52.21 -18.67 -36.48
CA ARG B 158 -52.22 -20.02 -35.93
C ARG B 158 -51.00 -20.22 -35.04
N VAL B 159 -50.84 -19.31 -34.08
CA VAL B 159 -49.74 -19.42 -33.12
C VAL B 159 -50.10 -20.34 -31.97
N TYR B 160 -51.26 -20.10 -31.34
CA TYR B 160 -51.65 -20.86 -30.16
C TYR B 160 -53.11 -21.28 -30.28
N SER B 161 -53.46 -22.35 -29.57
CA SER B 161 -54.82 -22.86 -29.54
C SER B 161 -55.65 -22.24 -28.44
N SER B 162 -55.08 -22.04 -27.25
CA SER B 162 -55.78 -21.44 -26.13
C SER B 162 -54.83 -20.60 -25.31
N ALA B 163 -55.38 -19.61 -24.61
CA ALA B 163 -54.61 -18.73 -23.74
C ALA B 163 -55.34 -18.59 -22.42
N ASN B 164 -54.66 -18.90 -21.32
CA ASN B 164 -55.26 -18.87 -19.99
C ASN B 164 -54.27 -18.24 -19.01
N ASN B 165 -54.82 -17.68 -17.93
CA ASN B 165 -54.03 -17.08 -16.85
C ASN B 165 -53.03 -16.07 -17.40
N CYS B 166 -53.55 -15.13 -18.17
CA CYS B 166 -52.71 -14.17 -18.89
C CYS B 166 -52.29 -13.06 -17.93
N THR B 167 -50.99 -12.99 -17.63
CA THR B 167 -50.49 -12.06 -16.62
C THR B 167 -49.92 -10.77 -17.19
N PHE B 168 -49.33 -10.81 -18.38
CA PHE B 168 -48.78 -9.60 -19.00
C PHE B 168 -49.37 -9.45 -20.39
N GLU B 169 -49.87 -8.24 -20.68
CA GLU B 169 -50.47 -7.96 -21.98
C GLU B 169 -50.07 -6.57 -22.44
N TYR B 170 -49.70 -6.46 -23.72
CA TYR B 170 -49.38 -5.18 -24.33
C TYR B 170 -49.71 -5.24 -25.81
N VAL B 171 -50.47 -4.26 -26.28
CA VAL B 171 -50.82 -4.12 -27.69
C VAL B 171 -50.37 -2.74 -28.16
N SER B 172 -49.57 -2.71 -29.22
CA SER B 172 -49.03 -1.46 -29.72
C SER B 172 -50.09 -0.70 -30.51
N GLN B 173 -49.77 0.54 -30.86
CA GLN B 173 -50.68 1.36 -31.65
C GLN B 173 -50.84 0.77 -33.04
N PRO B 174 -52.02 0.87 -33.65
CA PRO B 174 -52.24 0.27 -34.96
C PRO B 174 -51.34 0.88 -36.03
N PHE B 175 -50.95 0.05 -37.00
CA PHE B 175 -50.17 0.49 -38.15
C PHE B 175 -50.65 -0.29 -39.37
N LEU B 176 -49.92 -0.16 -40.48
CA LEU B 176 -50.30 -0.79 -41.74
C LEU B 176 -49.45 -2.00 -42.06
N MET B 177 -48.12 -1.85 -42.12
CA MET B 177 -47.18 -2.94 -42.35
C MET B 177 -47.53 -3.71 -43.63
N ASP B 178 -47.34 -3.00 -44.75
CA ASP B 178 -47.57 -3.55 -46.08
C ASP B 178 -47.04 -4.97 -46.21
N LEU B 179 -47.89 -5.87 -46.70
CA LEU B 179 -47.60 -7.30 -46.74
C LEU B 179 -47.31 -7.79 -48.15
N GLU B 180 -46.94 -6.90 -49.06
CA GLU B 180 -46.67 -7.31 -50.44
C GLU B 180 -45.47 -8.23 -50.51
N GLY B 181 -45.56 -9.23 -51.38
CA GLY B 181 -44.48 -10.18 -51.57
C GLY B 181 -43.40 -9.66 -52.49
N LYS B 182 -42.55 -8.78 -51.96
CA LYS B 182 -41.51 -8.15 -52.77
C LYS B 182 -40.55 -9.19 -53.31
N GLN B 183 -40.00 -8.92 -54.49
CA GLN B 183 -39.10 -9.82 -55.19
C GLN B 183 -37.74 -9.16 -55.37
N GLY B 184 -36.68 -9.98 -55.32
CA GLY B 184 -35.35 -9.50 -55.60
C GLY B 184 -34.35 -9.68 -54.47
N ASN B 185 -33.83 -8.57 -53.96
CA ASN B 185 -32.77 -8.59 -52.96
C ASN B 185 -33.34 -8.38 -51.56
N PHE B 186 -32.64 -8.92 -50.57
CA PHE B 186 -32.98 -8.65 -49.18
C PHE B 186 -32.65 -7.20 -48.86
N LYS B 187 -33.67 -6.44 -48.47
CA LYS B 187 -33.53 -5.00 -48.28
C LYS B 187 -33.56 -4.59 -46.81
N ASN B 188 -33.60 -5.54 -45.89
CA ASN B 188 -33.72 -5.22 -44.46
C ASN B 188 -32.98 -6.27 -43.64
N LEU B 189 -31.94 -5.85 -42.94
CA LEU B 189 -31.31 -6.66 -41.90
C LEU B 189 -31.68 -6.05 -40.55
N ARG B 190 -32.36 -6.83 -39.73
CA ARG B 190 -32.75 -6.38 -38.40
C ARG B 190 -32.25 -7.39 -37.38
N GLU B 191 -31.56 -6.90 -36.35
CA GLU B 191 -30.91 -7.73 -35.36
C GLU B 191 -31.52 -7.47 -33.97
N PHE B 192 -31.72 -8.56 -33.23
CA PHE B 192 -32.20 -8.50 -31.85
C PHE B 192 -31.24 -9.25 -30.95
N VAL B 193 -31.15 -8.79 -29.71
CA VAL B 193 -30.50 -9.52 -28.63
C VAL B 193 -31.53 -9.70 -27.52
N PHE B 194 -31.83 -10.96 -27.20
CA PHE B 194 -32.78 -11.30 -26.16
C PHE B 194 -32.02 -11.88 -24.96
N LYS B 195 -32.31 -11.35 -23.78
CA LYS B 195 -31.74 -11.86 -22.54
C LYS B 195 -32.85 -12.00 -21.51
N ASN B 196 -32.66 -12.92 -20.56
CA ASN B 196 -33.62 -13.17 -19.50
C ASN B 196 -32.88 -13.12 -18.17
N ILE B 197 -32.82 -11.94 -17.55
CA ILE B 197 -32.03 -11.72 -16.35
C ILE B 197 -32.93 -11.16 -15.26
N ASP B 198 -32.96 -11.84 -14.11
CA ASP B 198 -33.65 -11.36 -12.90
C ASP B 198 -35.12 -11.06 -13.17
N GLY B 199 -35.77 -11.93 -13.94
CA GLY B 199 -37.17 -11.74 -14.25
C GLY B 199 -37.46 -10.69 -15.30
N TYR B 200 -36.44 -10.14 -15.94
CA TYR B 200 -36.58 -9.13 -16.97
C TYR B 200 -36.15 -9.71 -18.31
N PHE B 201 -37.01 -9.58 -19.31
CA PHE B 201 -36.68 -9.90 -20.69
C PHE B 201 -36.12 -8.63 -21.32
N LYS B 202 -34.81 -8.61 -21.50
CA LYS B 202 -34.11 -7.48 -22.11
C LYS B 202 -34.06 -7.70 -23.61
N ILE B 203 -34.58 -6.74 -24.37
CA ILE B 203 -34.56 -6.78 -25.82
C ILE B 203 -33.77 -5.58 -26.31
N TYR B 204 -32.70 -5.84 -27.07
CA TYR B 204 -31.93 -4.84 -27.77
C TYR B 204 -32.16 -5.01 -29.27
N SER B 205 -32.28 -3.91 -30.00
CA SER B 205 -32.62 -3.99 -31.41
C SER B 205 -31.77 -3.05 -32.23
N LYS B 206 -31.58 -3.41 -33.50
CA LYS B 206 -30.91 -2.53 -34.46
C LYS B 206 -31.39 -2.90 -35.86
N HIS B 207 -31.32 -1.94 -36.77
CA HIS B 207 -31.75 -2.16 -38.15
C HIS B 207 -30.76 -1.50 -39.10
N THR B 208 -30.38 -2.23 -40.15
CA THR B 208 -29.49 -1.72 -41.18
C THR B 208 -30.06 -2.02 -42.55
N PRO B 209 -29.91 -1.10 -43.52
CA PRO B 209 -30.47 -1.31 -44.86
C PRO B 209 -30.03 -2.60 -45.53
N ILE B 210 -28.71 -2.76 -45.72
CA ILE B 210 -28.02 -3.85 -46.43
C ILE B 210 -28.60 -4.13 -47.80
N ASN B 211 -27.84 -4.85 -48.64
CA ASN B 211 -28.31 -5.24 -49.96
C ASN B 211 -27.52 -6.48 -50.38
N LEU B 212 -28.13 -7.65 -50.27
CA LEU B 212 -27.48 -8.91 -50.61
C LEU B 212 -28.54 -9.98 -50.82
N VAL B 213 -28.09 -11.20 -51.13
CA VAL B 213 -29.00 -12.29 -51.39
C VAL B 213 -28.70 -13.55 -50.57
N ARG B 214 -27.49 -13.75 -50.06
CA ARG B 214 -27.10 -15.07 -49.58
C ARG B 214 -26.87 -15.14 -48.08
N ASP B 215 -25.94 -14.37 -47.53
CA ASP B 215 -25.40 -14.65 -46.20
C ASP B 215 -25.61 -13.46 -45.26
N LEU B 216 -25.20 -13.67 -44.02
CA LEU B 216 -25.31 -12.61 -43.02
C LEU B 216 -24.33 -11.49 -43.35
N PRO B 217 -24.78 -10.23 -43.34
CA PRO B 217 -23.88 -9.11 -43.69
C PRO B 217 -22.65 -9.03 -42.82
N GLN B 218 -21.55 -8.51 -43.38
CA GLN B 218 -20.31 -8.31 -42.65
C GLN B 218 -20.16 -6.83 -42.32
N GLY B 219 -19.91 -6.54 -41.05
CA GLY B 219 -19.76 -5.17 -40.61
C GLY B 219 -19.97 -5.07 -39.12
N PHE B 220 -20.05 -3.82 -38.65
CA PHE B 220 -20.26 -3.53 -37.24
C PHE B 220 -21.46 -2.60 -37.09
N SER B 221 -22.36 -2.95 -36.17
CA SER B 221 -23.54 -2.14 -35.89
C SER B 221 -23.98 -2.45 -34.47
N ALA B 222 -23.81 -1.49 -33.57
CA ALA B 222 -24.16 -1.68 -32.17
C ALA B 222 -25.67 -1.66 -31.98
N LEU B 223 -26.19 -2.64 -31.25
CA LEU B 223 -27.62 -2.72 -30.99
C LEU B 223 -28.00 -1.81 -29.84
N GLU B 224 -29.12 -1.13 -29.97
CA GLU B 224 -29.55 -0.20 -28.94
C GLU B 224 -30.62 -0.83 -28.06
N PRO B 225 -30.67 -0.45 -26.77
CA PRO B 225 -31.69 -1.00 -25.88
C PRO B 225 -33.09 -0.67 -26.37
N LEU B 226 -33.89 -1.71 -26.58
CA LEU B 226 -35.25 -1.56 -27.07
C LEU B 226 -36.28 -1.57 -25.94
N VAL B 227 -36.29 -2.61 -25.12
CA VAL B 227 -37.30 -2.73 -24.08
C VAL B 227 -36.81 -3.64 -22.97
N ASP B 228 -37.44 -3.54 -21.80
CA ASP B 228 -37.16 -4.37 -20.63
C ASP B 228 -38.51 -4.85 -20.09
N LEU B 229 -38.96 -5.99 -20.57
CA LEU B 229 -40.27 -6.51 -20.19
C LEU B 229 -40.21 -7.20 -18.83
N PRO B 230 -40.98 -6.79 -17.84
CA PRO B 230 -40.98 -7.47 -16.54
C PRO B 230 -41.87 -8.72 -16.54
N ILE B 231 -41.37 -9.78 -17.17
CA ILE B 231 -42.18 -10.98 -17.38
C ILE B 231 -42.06 -11.95 -16.22
N GLY B 232 -40.86 -12.10 -15.66
CA GLY B 232 -40.67 -12.97 -14.50
C GLY B 232 -41.01 -14.42 -14.76
N ILE B 233 -40.59 -14.98 -15.90
CA ILE B 233 -40.88 -16.36 -16.24
C ILE B 233 -39.59 -17.08 -16.60
N ASN B 234 -39.63 -18.40 -16.52
CA ASN B 234 -38.51 -19.26 -16.86
C ASN B 234 -38.53 -19.53 -18.36
N ILE B 235 -37.41 -19.25 -19.03
CA ILE B 235 -37.29 -19.42 -20.47
C ILE B 235 -36.07 -20.27 -20.78
N THR B 236 -36.28 -21.38 -21.49
CA THR B 236 -35.19 -22.24 -21.93
C THR B 236 -35.26 -22.56 -23.42
N ARG B 237 -36.38 -22.30 -24.09
CA ARG B 237 -36.56 -22.61 -25.49
C ARG B 237 -37.34 -21.47 -26.15
N PHE B 238 -37.16 -21.34 -27.46
CA PHE B 238 -37.87 -20.32 -28.22
C PHE B 238 -38.09 -20.81 -29.64
N GLN B 239 -39.18 -20.37 -30.24
CA GLN B 239 -39.56 -20.73 -31.59
C GLN B 239 -39.95 -19.49 -32.37
N THR B 240 -39.45 -19.39 -33.60
CA THR B 240 -39.73 -18.24 -34.45
C THR B 240 -41.05 -18.41 -35.18
N LEU B 241 -41.88 -17.38 -35.17
CA LEU B 241 -43.15 -17.36 -35.87
C LEU B 241 -42.98 -16.56 -37.16
N LEU B 242 -43.17 -17.23 -38.29
CA LEU B 242 -43.08 -16.64 -39.61
C LEU B 242 -44.46 -16.55 -40.25
N ALA B 243 -44.51 -15.91 -41.41
CA ALA B 243 -45.75 -15.75 -42.17
C ALA B 243 -45.58 -16.41 -43.54
N LEU B 244 -46.53 -17.27 -43.89
CA LEU B 244 -46.58 -17.90 -45.19
C LEU B 244 -47.53 -17.16 -46.11
N HIS B 245 -47.49 -17.52 -47.38
CA HIS B 245 -48.25 -16.86 -48.43
C HIS B 245 -49.23 -17.84 -49.08
N ARG B 246 -50.44 -17.38 -49.32
CA ARG B 246 -51.44 -18.13 -50.07
C ARG B 246 -52.07 -17.21 -51.12
N SER B 247 -52.44 -17.80 -52.24
CA SER B 247 -53.00 -17.04 -53.36
C SER B 247 -53.81 -17.97 -54.24
N TYR B 248 -54.12 -17.52 -55.45
CA TYR B 248 -54.79 -18.39 -56.41
C TYR B 248 -53.88 -19.54 -56.83
N LEU B 249 -52.56 -19.35 -56.73
CA LEU B 249 -51.63 -20.45 -56.89
C LEU B 249 -51.56 -21.22 -55.57
N THR B 250 -50.73 -22.26 -55.54
CA THR B 250 -50.56 -23.14 -54.38
C THR B 250 -51.91 -23.63 -53.85
N PRO B 251 -52.62 -24.48 -54.60
CA PRO B 251 -53.83 -25.11 -54.06
C PRO B 251 -53.48 -26.19 -53.04
N GLY B 252 -54.43 -26.46 -52.15
CA GLY B 252 -54.22 -27.48 -51.15
C GLY B 252 -55.31 -27.46 -50.09
N ASP B 253 -55.05 -28.18 -49.01
CA ASP B 253 -55.98 -28.35 -47.89
C ASP B 253 -55.52 -27.57 -46.67
N SER B 254 -54.94 -26.38 -46.90
CA SER B 254 -54.41 -25.48 -45.87
C SER B 254 -53.17 -26.06 -45.20
N SER B 255 -52.77 -27.29 -45.52
CA SER B 255 -51.52 -27.86 -45.06
C SER B 255 -50.49 -28.00 -46.16
N SER B 256 -50.94 -27.98 -47.42
CA SER B 256 -50.04 -27.99 -48.57
C SER B 256 -50.27 -26.80 -49.49
N GLY B 257 -51.43 -26.17 -49.43
CA GLY B 257 -51.73 -25.03 -50.27
C GLY B 257 -51.13 -23.73 -49.76
N TRP B 258 -49.81 -23.65 -49.75
CA TRP B 258 -49.11 -22.46 -49.26
C TRP B 258 -47.76 -22.37 -49.93
N THR B 259 -47.19 -21.16 -49.90
CA THR B 259 -45.84 -20.92 -50.37
C THR B 259 -45.14 -20.00 -49.38
N ALA B 260 -43.82 -20.13 -49.30
CA ALA B 260 -43.02 -19.39 -48.33
C ALA B 260 -42.29 -18.26 -49.05
N GLY B 261 -42.53 -17.03 -48.59
CA GLY B 261 -41.77 -15.90 -49.10
C GLY B 261 -40.32 -15.98 -48.68
N ALA B 262 -39.45 -15.48 -49.55
CA ALA B 262 -38.01 -15.61 -49.34
C ALA B 262 -37.57 -14.81 -48.12
N ALA B 263 -36.96 -15.50 -47.16
CA ALA B 263 -36.43 -14.86 -45.96
C ALA B 263 -35.41 -15.79 -45.32
N ALA B 264 -34.58 -15.24 -44.44
CA ALA B 264 -33.63 -16.05 -43.72
C ALA B 264 -33.42 -15.45 -42.34
N TYR B 265 -33.06 -16.30 -41.37
CA TYR B 265 -32.73 -15.80 -40.05
C TYR B 265 -31.62 -16.63 -39.43
N TYR B 266 -30.77 -15.94 -38.67
CA TYR B 266 -29.56 -16.50 -38.10
C TYR B 266 -29.64 -16.40 -36.58
N VAL B 267 -29.29 -17.50 -35.91
CA VAL B 267 -29.40 -17.61 -34.45
C VAL B 267 -28.02 -17.89 -33.88
N GLY B 268 -27.58 -17.05 -32.95
CA GLY B 268 -26.38 -17.30 -32.19
C GLY B 268 -26.67 -17.18 -30.71
N TYR B 269 -25.73 -17.65 -29.90
CA TYR B 269 -25.92 -17.72 -28.46
C TYR B 269 -24.90 -16.87 -27.73
N LEU B 270 -25.36 -16.14 -26.72
CA LEU B 270 -24.51 -15.25 -25.96
C LEU B 270 -23.77 -16.02 -24.87
N GLN B 271 -22.56 -15.56 -24.56
CA GLN B 271 -21.74 -16.11 -23.49
C GLN B 271 -21.18 -14.97 -22.66
N PRO B 272 -20.85 -15.23 -21.39
CA PRO B 272 -20.22 -14.17 -20.58
C PRO B 272 -18.82 -13.86 -21.05
N ARG B 273 -18.64 -12.69 -21.67
CA ARG B 273 -17.38 -12.30 -22.26
C ARG B 273 -17.04 -10.86 -21.87
N THR B 274 -15.75 -10.55 -21.90
CA THR B 274 -15.26 -9.20 -21.71
C THR B 274 -14.96 -8.61 -23.08
N PHE B 275 -15.60 -7.48 -23.39
CA PHE B 275 -15.45 -6.80 -24.66
C PHE B 275 -14.86 -5.41 -24.43
N LEU B 276 -13.95 -5.02 -25.30
CA LEU B 276 -13.41 -3.66 -25.31
C LEU B 276 -14.07 -2.91 -26.46
N LEU B 277 -14.99 -2.02 -26.13
CA LEU B 277 -15.75 -1.27 -27.11
C LEU B 277 -15.14 0.11 -27.32
N LYS B 278 -15.26 0.62 -28.54
CA LYS B 278 -14.72 1.92 -28.91
C LYS B 278 -15.88 2.88 -29.13
N TYR B 279 -15.93 3.95 -28.33
CA TYR B 279 -16.88 5.03 -28.50
C TYR B 279 -16.18 6.17 -29.23
N ASN B 280 -16.72 6.55 -30.39
CA ASN B 280 -16.13 7.63 -31.17
C ASN B 280 -16.52 8.98 -30.56
N GLU B 281 -16.20 10.07 -31.26
CA GLU B 281 -16.49 11.39 -30.73
C GLU B 281 -17.98 11.67 -30.63
N ASN B 282 -18.82 10.90 -31.33
CA ASN B 282 -20.26 11.10 -31.30
C ASN B 282 -20.97 10.18 -30.33
N GLY B 283 -20.23 9.37 -29.56
CA GLY B 283 -20.84 8.47 -28.63
C GLY B 283 -21.36 7.17 -29.21
N THR B 284 -20.96 6.83 -30.43
CA THR B 284 -21.43 5.62 -31.10
C THR B 284 -20.36 4.54 -31.00
N ILE B 285 -20.79 3.33 -30.63
CA ILE B 285 -19.88 2.18 -30.59
C ILE B 285 -19.59 1.78 -32.03
N THR B 286 -18.37 2.03 -32.49
CA THR B 286 -18.00 1.76 -33.87
C THR B 286 -17.15 0.50 -34.04
N ASP B 287 -16.55 0.00 -32.97
CA ASP B 287 -15.72 -1.19 -33.07
C ASP B 287 -15.64 -1.85 -31.70
N ALA B 288 -15.27 -3.13 -31.71
CA ALA B 288 -15.15 -3.89 -30.47
C ALA B 288 -14.05 -4.94 -30.63
N VAL B 289 -13.49 -5.32 -29.49
CA VAL B 289 -12.49 -6.39 -29.42
C VAL B 289 -12.98 -7.42 -28.42
N ASP B 290 -13.05 -8.68 -28.85
CA ASP B 290 -13.39 -9.80 -27.97
C ASP B 290 -12.10 -10.30 -27.34
N CYS B 291 -11.95 -10.06 -26.03
CA CYS B 291 -10.69 -10.32 -25.35
C CYS B 291 -10.30 -11.79 -25.31
N ALA B 292 -11.23 -12.70 -25.61
CA ALA B 292 -10.95 -14.13 -25.56
C ALA B 292 -11.02 -14.79 -26.92
N LEU B 293 -11.16 -14.02 -28.01
CA LEU B 293 -11.22 -14.61 -29.34
C LEU B 293 -9.89 -15.29 -29.70
N ASP B 294 -8.78 -14.60 -29.45
CA ASP B 294 -7.46 -15.13 -29.73
C ASP B 294 -6.45 -14.36 -28.88
N PRO B 295 -5.25 -14.91 -28.68
CA PRO B 295 -4.26 -14.19 -27.85
C PRO B 295 -3.91 -12.80 -28.36
N LEU B 296 -4.02 -12.56 -29.67
CA LEU B 296 -3.81 -11.19 -30.17
C LEU B 296 -4.87 -10.24 -29.63
N SER B 297 -6.13 -10.69 -29.62
CA SER B 297 -7.19 -9.85 -29.06
C SER B 297 -7.02 -9.67 -27.56
N GLU B 298 -6.51 -10.70 -26.87
CA GLU B 298 -6.20 -10.56 -25.45
C GLU B 298 -5.11 -9.52 -25.22
N THR B 299 -4.10 -9.50 -26.08
CA THR B 299 -3.07 -8.47 -26.02
C THR B 299 -3.66 -7.10 -26.26
N LYS B 300 -4.56 -6.99 -27.24
CA LYS B 300 -5.22 -5.71 -27.51
C LYS B 300 -6.00 -5.24 -26.29
N CYS B 301 -6.72 -6.14 -25.63
CA CYS B 301 -7.48 -5.77 -24.43
C CYS B 301 -6.56 -5.37 -23.29
N THR B 302 -5.44 -6.09 -23.12
CA THR B 302 -4.51 -5.77 -22.05
C THR B 302 -3.87 -4.40 -22.27
N LEU B 303 -3.48 -4.10 -23.49
CA LEU B 303 -2.92 -2.79 -23.81
C LEU B 303 -3.96 -1.70 -23.88
N LYS B 304 -5.26 -2.04 -23.82
CA LYS B 304 -6.35 -1.08 -23.91
C LYS B 304 -6.25 -0.25 -25.18
N SER B 305 -5.97 -0.91 -26.30
CA SER B 305 -5.88 -0.24 -27.58
C SER B 305 -6.23 -1.24 -28.68
N PHE B 306 -6.65 -0.70 -29.83
CA PHE B 306 -6.99 -1.51 -30.98
C PHE B 306 -5.80 -1.77 -31.89
N THR B 307 -4.65 -1.16 -31.62
CA THR B 307 -3.44 -1.34 -32.39
C THR B 307 -2.32 -1.83 -31.47
N VAL B 308 -1.55 -2.80 -31.95
CA VAL B 308 -0.44 -3.37 -31.20
C VAL B 308 0.84 -3.15 -31.99
N GLU B 309 1.87 -2.64 -31.33
CA GLU B 309 3.16 -2.47 -31.97
C GLU B 309 3.91 -3.80 -32.03
N LYS B 310 4.95 -3.83 -32.86
CA LYS B 310 5.75 -5.04 -33.01
C LYS B 310 6.44 -5.40 -31.70
N GLY B 311 6.40 -6.67 -31.35
CA GLY B 311 7.08 -7.15 -30.17
C GLY B 311 6.41 -8.38 -29.61
N ILE B 312 6.86 -8.78 -28.43
CA ILE B 312 6.37 -9.94 -27.72
C ILE B 312 5.72 -9.49 -26.42
N TYR B 313 4.51 -9.96 -26.17
CA TYR B 313 3.72 -9.52 -25.03
C TYR B 313 3.27 -10.72 -24.22
N GLN B 314 3.43 -10.65 -22.90
CA GLN B 314 2.94 -11.71 -22.03
C GLN B 314 1.43 -11.61 -21.88
N THR B 315 0.76 -12.74 -22.01
CA THR B 315 -0.68 -12.82 -21.82
C THR B 315 -0.98 -13.63 -20.56
N SER B 316 -2.26 -13.88 -20.31
CA SER B 316 -2.66 -14.66 -19.16
C SER B 316 -2.16 -16.10 -19.29
N ASN B 317 -1.95 -16.74 -18.14
CA ASN B 317 -1.46 -18.11 -18.14
C ASN B 317 -2.49 -19.04 -18.79
N PHE B 318 -2.01 -20.20 -19.24
CA PHE B 318 -2.85 -21.15 -19.95
C PHE B 318 -3.99 -21.64 -19.06
N ARG B 319 -5.22 -21.26 -19.42
CA ARG B 319 -6.39 -21.64 -18.65
C ARG B 319 -6.96 -22.97 -19.15
N VAL B 320 -7.43 -23.78 -18.22
CA VAL B 320 -8.14 -25.02 -18.54
C VAL B 320 -9.49 -24.98 -17.83
N GLN B 321 -10.57 -25.01 -18.60
CA GLN B 321 -11.89 -24.94 -18.01
C GLN B 321 -12.35 -26.31 -17.53
N PRO B 322 -13.04 -26.39 -16.41
CA PRO B 322 -13.56 -27.67 -15.94
C PRO B 322 -14.57 -28.25 -16.92
N THR B 323 -14.56 -29.57 -17.05
CA THR B 323 -15.44 -30.26 -17.99
C THR B 323 -16.75 -30.71 -17.33
N GLU B 324 -16.68 -31.25 -16.12
CA GLU B 324 -17.86 -31.72 -15.41
C GLU B 324 -17.79 -31.27 -13.96
N SER B 325 -18.91 -31.43 -13.25
CA SER B 325 -19.03 -31.12 -11.84
C SER B 325 -19.38 -32.38 -11.09
N ILE B 326 -18.69 -32.63 -9.98
CA ILE B 326 -18.87 -33.83 -9.17
C ILE B 326 -19.15 -33.41 -7.74
N VAL B 327 -20.02 -34.17 -7.07
CA VAL B 327 -20.34 -33.97 -5.66
C VAL B 327 -20.02 -35.26 -4.92
N ARG B 328 -19.27 -35.15 -3.83
CA ARG B 328 -18.86 -36.31 -3.04
C ARG B 328 -19.26 -36.07 -1.59
N PHE B 329 -20.35 -36.69 -1.16
CA PHE B 329 -20.84 -36.70 0.21
C PHE B 329 -20.85 -38.15 0.72
N PRO B 330 -20.69 -38.34 2.03
CA PRO B 330 -20.85 -39.70 2.57
C PRO B 330 -22.28 -40.18 2.39
N ASN B 331 -22.43 -41.48 2.15
CA ASN B 331 -23.76 -42.01 1.86
C ASN B 331 -24.56 -42.07 3.15
N ILE B 332 -25.51 -41.15 3.30
CA ILE B 332 -26.40 -41.11 4.45
C ILE B 332 -27.83 -41.03 3.93
N THR B 333 -28.70 -41.90 4.45
CA THR B 333 -30.08 -41.95 4.03
C THR B 333 -31.07 -41.47 5.08
N ASN B 334 -30.75 -41.63 6.36
CA ASN B 334 -31.66 -41.23 7.42
C ASN B 334 -31.81 -39.70 7.46
N LEU B 335 -33.05 -39.24 7.55
CA LEU B 335 -33.30 -37.82 7.72
C LEU B 335 -32.96 -37.39 9.15
N CYS B 336 -32.52 -36.15 9.29
CA CYS B 336 -32.14 -35.64 10.60
C CYS B 336 -33.38 -35.56 11.50
N PRO B 337 -33.20 -35.77 12.81
CA PRO B 337 -34.36 -35.80 13.71
C PRO B 337 -35.00 -34.44 13.90
N PHE B 338 -35.60 -33.91 12.83
CA PHE B 338 -36.33 -32.64 12.94
C PHE B 338 -37.54 -32.79 13.84
N GLY B 339 -38.21 -33.93 13.80
CA GLY B 339 -39.33 -34.16 14.71
C GLY B 339 -38.91 -34.25 16.16
N GLU B 340 -37.77 -34.87 16.42
CA GLU B 340 -37.30 -34.99 17.80
C GLU B 340 -36.87 -33.66 18.38
N VAL B 341 -36.54 -32.68 17.54
CA VAL B 341 -36.02 -31.39 18.02
C VAL B 341 -37.13 -30.35 18.01
N PHE B 342 -37.70 -30.07 16.84
CA PHE B 342 -38.67 -29.00 16.68
C PHE B 342 -40.09 -29.42 17.02
N ASN B 343 -40.37 -30.72 17.12
CA ASN B 343 -41.70 -31.22 17.42
C ASN B 343 -41.77 -31.87 18.80
N ALA B 344 -40.78 -31.60 19.66
CA ALA B 344 -40.71 -32.24 20.96
C ALA B 344 -41.90 -31.83 21.82
N THR B 345 -42.46 -32.81 22.55
CA THR B 345 -43.57 -32.53 23.44
C THR B 345 -43.20 -31.58 24.57
N ARG B 346 -42.03 -31.77 25.19
CA ARG B 346 -41.60 -30.93 26.29
C ARG B 346 -40.23 -30.34 25.97
N PHE B 347 -40.07 -29.06 26.31
CA PHE B 347 -38.80 -28.37 26.18
C PHE B 347 -38.20 -28.11 27.54
N ALA B 348 -36.88 -27.93 27.57
CA ALA B 348 -36.18 -27.69 28.82
C ALA B 348 -36.23 -26.23 29.22
N SER B 349 -35.98 -25.98 30.50
CA SER B 349 -35.86 -24.61 30.98
C SER B 349 -34.57 -23.99 30.46
N VAL B 350 -34.55 -22.67 30.38
CA VAL B 350 -33.40 -21.98 29.80
C VAL B 350 -32.16 -22.15 30.69
N TYR B 351 -32.36 -22.16 32.02
CA TYR B 351 -31.23 -22.38 32.92
C TYR B 351 -30.70 -23.81 32.82
N ALA B 352 -31.54 -24.75 32.41
CA ALA B 352 -31.15 -26.14 32.23
C ALA B 352 -31.35 -26.55 30.77
N TRP B 353 -30.89 -25.71 29.86
CA TRP B 353 -31.13 -25.93 28.43
C TRP B 353 -30.57 -27.28 27.99
N ASN B 354 -31.33 -27.94 27.11
CA ASN B 354 -30.96 -29.29 26.68
C ASN B 354 -30.04 -29.22 25.46
N ARG B 355 -29.03 -30.09 25.45
CA ARG B 355 -28.13 -30.21 24.32
C ARG B 355 -28.22 -31.61 23.75
N LYS B 356 -28.46 -31.71 22.44
CA LYS B 356 -28.62 -32.99 21.76
C LYS B 356 -27.65 -33.06 20.59
N ARG B 357 -26.94 -34.18 20.49
CA ARG B 357 -26.01 -34.40 19.39
C ARG B 357 -26.77 -34.81 18.14
N ILE B 358 -26.32 -34.30 16.99
CA ILE B 358 -26.89 -34.63 15.69
C ILE B 358 -25.77 -35.22 14.85
N SER B 359 -25.98 -36.44 14.36
CA SER B 359 -24.93 -37.12 13.61
C SER B 359 -25.56 -38.14 12.66
N ASN B 360 -24.88 -38.37 11.54
CA ASN B 360 -25.25 -39.39 10.56
C ASN B 360 -26.69 -39.19 10.08
N CYS B 361 -26.94 -38.03 9.49
CA CYS B 361 -28.26 -37.73 8.95
C CYS B 361 -28.15 -36.65 7.89
N VAL B 362 -29.21 -36.51 7.11
CA VAL B 362 -29.28 -35.56 6.02
C VAL B 362 -30.08 -34.35 6.49
N ALA B 363 -29.47 -33.17 6.43
CA ALA B 363 -30.11 -31.94 6.91
C ALA B 363 -30.98 -31.33 5.82
N ASP B 364 -32.11 -32.01 5.58
CA ASP B 364 -33.10 -31.55 4.61
C ASP B 364 -34.19 -30.82 5.38
N TYR B 365 -33.94 -29.54 5.66
CA TYR B 365 -34.83 -28.74 6.49
C TYR B 365 -36.13 -28.37 5.78
N SER B 366 -36.24 -28.63 4.48
CA SER B 366 -37.47 -28.30 3.76
C SER B 366 -38.66 -29.08 4.29
N VAL B 367 -38.44 -30.21 4.96
CA VAL B 367 -39.52 -30.96 5.59
C VAL B 367 -40.21 -30.15 6.67
N LEU B 368 -39.52 -29.13 7.21
CA LEU B 368 -40.13 -28.24 8.19
C LEU B 368 -41.04 -27.20 7.56
N TYR B 369 -41.06 -27.09 6.23
CA TYR B 369 -41.85 -26.06 5.57
C TYR B 369 -43.35 -26.27 5.79
N ASN B 370 -43.78 -27.53 5.88
CA ASN B 370 -45.22 -27.82 5.91
C ASN B 370 -45.83 -27.41 7.24
N SER B 371 -45.18 -27.75 8.35
CA SER B 371 -45.79 -27.60 9.67
C SER B 371 -45.09 -26.60 10.58
N ALA B 372 -43.83 -26.25 10.34
CA ALA B 372 -43.07 -25.41 11.24
C ALA B 372 -42.99 -23.99 10.70
N SER B 373 -43.40 -23.02 11.51
CA SER B 373 -43.26 -21.60 11.20
C SER B 373 -42.39 -20.96 12.27
N PHE B 374 -41.34 -20.27 11.85
CA PHE B 374 -40.33 -19.73 12.74
C PHE B 374 -40.35 -18.21 12.71
N SER B 375 -40.45 -17.59 13.89
CA SER B 375 -40.40 -16.14 13.97
C SER B 375 -38.98 -15.63 13.78
N THR B 376 -37.99 -16.36 14.26
CA THR B 376 -36.59 -15.96 14.16
C THR B 376 -35.78 -17.09 13.56
N PHE B 377 -34.97 -16.77 12.56
CA PHE B 377 -34.04 -17.73 11.97
C PHE B 377 -32.82 -16.95 11.50
N LYS B 378 -31.76 -16.95 12.31
CA LYS B 378 -30.57 -16.15 12.04
C LYS B 378 -29.35 -17.05 12.06
N CYS B 379 -28.66 -17.13 10.93
CA CYS B 379 -27.42 -17.90 10.84
C CYS B 379 -26.23 -16.95 10.86
N TYR B 380 -25.14 -17.40 11.48
CA TYR B 380 -24.01 -16.51 11.78
C TYR B 380 -22.76 -16.87 10.98
N GLY B 381 -22.29 -18.10 11.07
CA GLY B 381 -21.09 -18.48 10.37
C GLY B 381 -21.29 -18.95 8.94
N VAL B 382 -22.52 -18.91 8.43
CA VAL B 382 -22.84 -19.47 7.13
C VAL B 382 -24.06 -18.75 6.58
N SER B 383 -24.05 -18.48 5.28
CA SER B 383 -25.22 -17.93 4.63
C SER B 383 -26.32 -18.99 4.56
N PRO B 384 -27.58 -18.61 4.77
CA PRO B 384 -28.66 -19.61 4.73
C PRO B 384 -28.77 -20.34 3.40
N THR B 385 -28.63 -19.63 2.28
CA THR B 385 -28.80 -20.24 0.97
C THR B 385 -27.74 -21.29 0.66
N LYS B 386 -26.64 -21.32 1.42
CA LYS B 386 -25.61 -22.33 1.24
C LYS B 386 -25.82 -23.57 2.11
N LEU B 387 -26.82 -23.55 3.01
CA LEU B 387 -26.99 -24.66 3.95
C LEU B 387 -27.28 -25.97 3.24
N ASN B 388 -27.84 -25.91 2.03
CA ASN B 388 -28.14 -27.13 1.28
C ASN B 388 -26.92 -27.73 0.61
N ASP B 389 -25.84 -26.98 0.47
CA ASP B 389 -24.65 -27.44 -0.26
C ASP B 389 -23.48 -27.74 0.67
N LEU B 390 -23.72 -27.86 1.97
CA LEU B 390 -22.65 -27.98 2.94
C LEU B 390 -22.84 -29.22 3.81
N CYS B 391 -21.73 -29.67 4.39
CA CYS B 391 -21.73 -30.72 5.40
C CYS B 391 -21.22 -30.15 6.71
N PHE B 392 -21.85 -30.55 7.81
CA PHE B 392 -21.62 -29.95 9.11
C PHE B 392 -20.91 -30.93 10.04
N THR B 393 -19.92 -30.43 10.77
CA THR B 393 -18.98 -31.31 11.47
C THR B 393 -19.53 -31.80 12.80
N ASN B 394 -19.76 -30.89 13.75
CA ASN B 394 -20.15 -31.24 15.11
C ASN B 394 -21.46 -30.52 15.41
N VAL B 395 -22.56 -31.16 15.05
CA VAL B 395 -23.88 -30.53 15.13
C VAL B 395 -24.46 -30.78 16.52
N TYR B 396 -24.76 -29.70 17.23
CA TYR B 396 -25.43 -29.77 18.51
C TYR B 396 -26.64 -28.84 18.50
N ALA B 397 -27.77 -29.35 18.99
CA ALA B 397 -29.00 -28.59 19.10
C ALA B 397 -29.27 -28.28 20.56
N ASP B 398 -29.29 -27.00 20.91
CA ASP B 398 -29.60 -26.55 22.26
C ASP B 398 -31.02 -26.02 22.26
N SER B 399 -31.90 -26.69 23.01
CA SER B 399 -33.31 -26.36 23.05
C SER B 399 -33.69 -25.83 24.43
N PHE B 400 -34.49 -24.78 24.43
CA PHE B 400 -35.05 -24.24 25.67
C PHE B 400 -36.26 -23.38 25.33
N VAL B 401 -36.87 -22.80 26.37
CA VAL B 401 -38.03 -21.94 26.25
C VAL B 401 -37.77 -20.66 27.02
N ILE B 402 -38.04 -19.51 26.39
CA ILE B 402 -37.84 -18.21 27.02
C ILE B 402 -39.06 -17.34 26.74
N ARG B 403 -38.98 -16.09 27.19
CA ARG B 403 -39.99 -15.10 26.87
C ARG B 403 -39.84 -14.64 25.41
N GLY B 404 -40.91 -14.01 24.90
CA GLY B 404 -40.82 -13.41 23.58
C GLY B 404 -39.83 -12.27 23.53
N ASP B 405 -39.74 -11.49 24.61
CA ASP B 405 -38.85 -10.34 24.65
C ASP B 405 -37.38 -10.74 24.80
N GLU B 406 -37.11 -11.97 25.25
CA GLU B 406 -35.75 -12.42 25.49
C GLU B 406 -35.12 -13.12 24.30
N VAL B 407 -35.87 -13.32 23.21
CA VAL B 407 -35.33 -14.00 22.04
C VAL B 407 -34.18 -13.19 21.45
N ARG B 408 -34.29 -11.86 21.51
CA ARG B 408 -33.20 -11.00 21.03
C ARG B 408 -31.91 -11.25 21.79
N GLN B 409 -31.99 -11.75 23.02
CA GLN B 409 -30.80 -12.00 23.83
C GLN B 409 -30.02 -13.22 23.38
N ILE B 410 -30.57 -14.04 22.50
CA ILE B 410 -29.86 -15.24 22.01
C ILE B 410 -29.05 -14.78 20.81
N ALA B 411 -27.86 -14.24 21.10
CA ALA B 411 -26.96 -13.74 20.08
C ALA B 411 -25.56 -13.70 20.67
N PRO B 412 -24.51 -13.70 19.83
CA PRO B 412 -23.15 -13.82 20.37
C PRO B 412 -22.75 -12.71 21.33
N GLY B 413 -23.22 -11.48 21.13
CA GLY B 413 -22.74 -10.38 21.95
C GLY B 413 -23.82 -9.61 22.68
N GLN B 414 -24.82 -10.31 23.20
CA GLN B 414 -25.94 -9.68 23.89
C GLN B 414 -25.73 -9.71 25.40
N THR B 415 -26.38 -8.77 26.08
CA THR B 415 -26.46 -8.74 27.52
C THR B 415 -27.91 -8.89 27.94
N GLY B 416 -28.13 -9.05 29.24
CA GLY B 416 -29.45 -9.27 29.79
C GLY B 416 -29.49 -10.48 30.67
N LYS B 417 -30.68 -10.75 31.21
CA LYS B 417 -30.84 -11.84 32.18
C LYS B 417 -30.48 -13.18 31.56
N ILE B 418 -31.05 -13.50 30.40
CA ILE B 418 -30.80 -14.78 29.77
C ILE B 418 -29.36 -14.88 29.30
N ALA B 419 -28.84 -13.83 28.67
CA ALA B 419 -27.48 -13.86 28.14
C ALA B 419 -26.44 -13.92 29.24
N ASP B 420 -26.75 -13.40 30.42
CA ASP B 420 -25.78 -13.35 31.51
C ASP B 420 -25.84 -14.58 32.40
N TYR B 421 -27.04 -14.98 32.83
CA TYR B 421 -27.17 -15.99 33.87
C TYR B 421 -27.72 -17.32 33.38
N ASN B 422 -28.23 -17.40 32.15
CA ASN B 422 -28.90 -18.61 31.69
C ASN B 422 -28.22 -19.26 30.50
N TYR B 423 -27.98 -18.52 29.42
CA TYR B 423 -27.46 -19.11 28.19
C TYR B 423 -26.69 -18.05 27.42
N LYS B 424 -25.40 -18.28 27.22
CA LYS B 424 -24.52 -17.35 26.52
C LYS B 424 -23.95 -18.03 25.27
N LEU B 425 -23.98 -17.31 24.16
CA LEU B 425 -23.35 -17.76 22.92
C LEU B 425 -21.93 -17.21 22.81
N PRO B 426 -21.00 -17.98 22.25
CA PRO B 426 -19.64 -17.48 22.06
C PRO B 426 -19.61 -16.34 21.05
N ASP B 427 -18.57 -15.51 21.17
CA ASP B 427 -18.39 -14.40 20.25
C ASP B 427 -18.15 -14.89 18.82
N ASP B 428 -17.43 -16.00 18.68
CA ASP B 428 -17.15 -16.59 17.38
C ASP B 428 -18.11 -17.74 17.07
N PHE B 429 -19.36 -17.61 17.49
CA PHE B 429 -20.34 -18.67 17.31
C PHE B 429 -20.63 -18.91 15.83
N THR B 430 -20.59 -20.17 15.42
CA THR B 430 -20.93 -20.58 14.08
C THR B 430 -22.15 -21.49 14.16
N GLY B 431 -23.25 -21.08 13.54
CA GLY B 431 -24.47 -21.86 13.59
C GLY B 431 -25.67 -20.98 13.33
N CYS B 432 -26.84 -21.49 13.69
CA CYS B 432 -28.10 -20.81 13.44
C CYS B 432 -28.99 -20.85 14.67
N VAL B 433 -29.60 -19.72 14.99
CA VAL B 433 -30.55 -19.60 16.08
C VAL B 433 -31.95 -19.55 15.48
N ILE B 434 -32.83 -20.43 15.96
CA ILE B 434 -34.20 -20.54 15.49
C ILE B 434 -35.11 -20.36 16.70
N ALA B 435 -36.14 -19.54 16.56
CA ALA B 435 -37.08 -19.30 17.63
C ALA B 435 -38.48 -19.19 17.06
N TRP B 436 -39.45 -19.78 17.75
CA TRP B 436 -40.84 -19.69 17.31
C TRP B 436 -41.76 -19.63 18.52
N ASN B 437 -42.84 -18.88 18.37
CA ASN B 437 -43.82 -18.74 19.43
C ASN B 437 -44.49 -20.08 19.71
N SER B 438 -44.59 -20.44 20.99
CA SER B 438 -45.20 -21.68 21.43
C SER B 438 -46.28 -21.42 22.47
N ASN B 439 -47.06 -20.37 22.25
CA ASN B 439 -48.14 -20.04 23.18
C ASN B 439 -49.22 -21.12 23.19
N ASN B 440 -49.49 -21.75 22.04
CA ASN B 440 -50.50 -22.79 21.98
C ASN B 440 -50.09 -24.06 22.70
N LEU B 441 -48.81 -24.22 23.01
CA LEU B 441 -48.30 -25.44 23.64
C LEU B 441 -47.80 -25.24 25.05
N ASP B 442 -47.10 -24.15 25.34
CA ASP B 442 -46.43 -23.95 26.62
C ASP B 442 -47.19 -23.01 27.55
N SER B 443 -48.42 -22.65 27.23
CA SER B 443 -49.22 -21.75 28.05
C SER B 443 -50.40 -22.50 28.65
N LYS B 444 -50.71 -22.20 29.90
CA LYS B 444 -51.81 -22.82 30.63
C LYS B 444 -52.74 -21.72 31.15
N VAL B 445 -54.04 -22.04 31.18
CA VAL B 445 -55.05 -21.04 31.56
C VAL B 445 -54.77 -20.53 32.98
N GLY B 446 -54.48 -21.45 33.90
CA GLY B 446 -54.10 -21.04 35.23
C GLY B 446 -52.69 -20.54 35.37
N GLY B 447 -51.87 -20.70 34.33
CA GLY B 447 -50.48 -20.28 34.36
C GLY B 447 -49.53 -21.46 34.36
N ASN B 448 -48.63 -21.50 33.38
CA ASN B 448 -47.64 -22.57 33.28
C ASN B 448 -46.37 -22.13 33.99
N TYR B 449 -46.08 -22.74 35.13
CA TYR B 449 -44.93 -22.40 35.94
C TYR B 449 -43.85 -23.48 35.91
N ASN B 450 -43.88 -24.34 34.91
CA ASN B 450 -42.88 -25.41 34.79
C ASN B 450 -41.60 -24.94 34.11
N TYR B 451 -41.59 -23.75 33.52
CA TYR B 451 -40.41 -23.22 32.85
C TYR B 451 -39.75 -22.19 33.76
N LEU B 452 -38.46 -22.40 34.04
CA LEU B 452 -37.73 -21.60 35.01
C LEU B 452 -36.55 -20.91 34.34
N TYR B 453 -36.13 -19.79 34.93
CA TYR B 453 -34.95 -19.07 34.50
C TYR B 453 -34.14 -18.67 35.73
N ARG B 454 -32.84 -18.52 35.53
CA ARG B 454 -31.93 -18.18 36.61
C ARG B 454 -31.85 -16.67 36.77
N LEU B 455 -32.18 -16.19 37.97
CA LEU B 455 -31.96 -14.82 38.38
C LEU B 455 -30.94 -14.83 39.52
N PHE B 456 -30.28 -13.68 39.70
CA PHE B 456 -29.34 -13.49 40.81
C PHE B 456 -28.20 -14.51 40.76
N ARG B 457 -27.37 -14.38 39.73
CA ARG B 457 -26.13 -15.15 39.67
C ARG B 457 -24.94 -14.26 40.06
N LYS B 458 -23.94 -14.90 40.67
CA LYS B 458 -22.77 -14.17 41.13
C LYS B 458 -22.00 -13.52 39.98
N SER B 459 -21.83 -14.26 38.88
CA SER B 459 -21.06 -13.78 37.75
C SER B 459 -21.71 -14.26 36.46
N ASN B 460 -21.34 -13.62 35.35
CA ASN B 460 -21.89 -13.98 34.06
C ASN B 460 -21.42 -15.35 33.62
N LEU B 461 -22.30 -16.08 32.94
CA LEU B 461 -21.96 -17.42 32.47
C LEU B 461 -20.95 -17.35 31.32
N LYS B 462 -20.10 -18.38 31.27
CA LYS B 462 -19.23 -18.57 30.12
C LYS B 462 -20.04 -19.05 28.93
N PRO B 463 -19.53 -18.87 27.71
CA PRO B 463 -20.25 -19.37 26.53
C PRO B 463 -20.48 -20.87 26.62
N PHE B 464 -21.71 -21.28 26.29
CA PHE B 464 -22.12 -22.69 26.29
C PHE B 464 -21.91 -23.35 27.65
N GLU B 465 -22.08 -22.59 28.73
CA GLU B 465 -21.98 -23.10 30.08
C GLU B 465 -23.37 -23.23 30.68
N ARG B 466 -23.58 -24.30 31.43
CA ARG B 466 -24.88 -24.58 32.07
C ARG B 466 -24.72 -24.56 33.57
N ASP B 467 -25.58 -23.80 34.24
CA ASP B 467 -25.61 -23.72 35.70
C ASP B 467 -26.98 -24.18 36.18
N ILE B 468 -27.00 -25.27 36.93
CA ILE B 468 -28.24 -25.84 37.45
C ILE B 468 -28.26 -25.87 38.97
N SER B 469 -27.34 -25.15 39.62
CA SER B 469 -27.31 -25.11 41.07
C SER B 469 -28.50 -24.31 41.61
N THR B 470 -28.94 -24.67 42.82
CA THR B 470 -30.07 -24.01 43.47
C THR B 470 -29.66 -23.40 44.81
N GLU B 471 -28.40 -23.02 44.94
CA GLU B 471 -27.92 -22.41 46.18
C GLU B 471 -28.53 -21.03 46.35
N ILE B 472 -28.81 -20.67 47.61
CA ILE B 472 -29.42 -19.37 47.89
C ILE B 472 -28.43 -18.27 47.58
N TYR B 473 -28.88 -17.26 46.84
CA TYR B 473 -28.04 -16.14 46.45
C TYR B 473 -28.00 -15.10 47.56
N GLN B 474 -26.80 -14.65 47.91
CA GLN B 474 -26.60 -13.64 48.94
C GLN B 474 -26.43 -12.29 48.26
N ALA B 475 -27.45 -11.43 48.36
CA ALA B 475 -27.39 -10.13 47.74
C ALA B 475 -26.73 -9.10 48.65
N GLY B 476 -26.99 -9.16 49.95
CA GLY B 476 -26.44 -8.23 50.90
C GLY B 476 -25.18 -8.76 51.57
N SER B 477 -24.72 -8.02 52.57
CA SER B 477 -23.53 -8.42 53.32
C SER B 477 -23.83 -9.56 54.28
N THR B 478 -25.07 -9.68 54.75
CA THR B 478 -25.43 -10.76 55.65
C THR B 478 -25.38 -12.09 54.92
N PRO B 479 -24.63 -13.08 55.40
CA PRO B 479 -24.52 -14.34 54.66
C PRO B 479 -25.67 -15.29 54.96
N CYS B 480 -26.14 -15.95 53.92
CA CYS B 480 -27.23 -16.90 54.04
C CYS B 480 -26.72 -18.24 54.57
N ASN B 481 -27.64 -19.02 55.13
CA ASN B 481 -27.35 -20.36 55.64
C ASN B 481 -28.35 -21.36 55.07
N GLY B 482 -28.59 -21.26 53.76
CA GLY B 482 -29.57 -22.10 53.11
C GLY B 482 -31.01 -21.69 53.31
N VAL B 483 -31.26 -20.52 53.87
CA VAL B 483 -32.61 -20.04 54.14
C VAL B 483 -32.83 -18.77 53.31
N GLU B 484 -34.02 -18.65 52.74
CA GLU B 484 -34.38 -17.47 51.97
C GLU B 484 -34.99 -16.41 52.88
N GLY B 485 -34.47 -15.19 52.79
CA GLY B 485 -34.99 -14.10 53.59
C GLY B 485 -34.23 -12.81 53.43
N PHE B 486 -34.95 -11.69 53.46
CA PHE B 486 -34.35 -10.36 53.34
C PHE B 486 -33.56 -10.22 52.05
N ASN B 487 -32.24 -10.37 52.14
CA ASN B 487 -31.36 -10.26 50.99
C ASN B 487 -30.93 -11.62 50.44
N CYS B 488 -31.58 -12.70 50.88
CA CYS B 488 -31.29 -14.05 50.41
C CYS B 488 -32.45 -14.51 49.55
N TYR B 489 -32.18 -14.80 48.28
CA TYR B 489 -33.21 -15.15 47.32
C TYR B 489 -32.91 -16.49 46.66
N PHE B 490 -33.96 -17.22 46.33
CA PHE B 490 -33.81 -18.42 45.52
C PHE B 490 -33.43 -18.01 44.10
N PRO B 491 -32.41 -18.63 43.51
CA PRO B 491 -31.88 -18.13 42.23
C PRO B 491 -32.75 -18.44 41.01
N LEU B 492 -33.79 -19.26 41.16
CA LEU B 492 -34.62 -19.67 40.02
C LEU B 492 -36.01 -19.10 40.18
N GLN B 493 -36.55 -18.54 39.10
CA GLN B 493 -37.90 -18.01 39.08
C GLN B 493 -38.63 -18.54 37.85
N SER B 494 -39.92 -18.78 37.99
CA SER B 494 -40.72 -19.36 36.93
C SER B 494 -41.43 -18.28 36.13
N TYR B 495 -41.56 -18.52 34.82
CA TYR B 495 -42.35 -17.65 33.97
C TYR B 495 -43.83 -17.81 34.27
N GLY B 496 -44.60 -16.80 33.88
CA GLY B 496 -46.05 -16.88 33.99
C GLY B 496 -46.65 -17.75 32.90
N PHE B 497 -46.48 -17.32 31.65
CA PHE B 497 -46.90 -18.08 30.47
C PHE B 497 -48.38 -18.43 30.52
N GLN B 498 -49.20 -17.38 30.46
CA GLN B 498 -50.65 -17.50 30.33
C GLN B 498 -51.06 -17.24 28.89
N PRO B 499 -52.15 -17.86 28.42
CA PRO B 499 -52.56 -17.64 27.02
C PRO B 499 -52.90 -16.20 26.70
N THR B 500 -53.36 -15.42 27.69
CA THR B 500 -53.74 -14.03 27.48
C THR B 500 -52.59 -13.07 27.65
N ASN B 501 -51.37 -13.57 27.88
CA ASN B 501 -50.22 -12.71 28.04
C ASN B 501 -49.88 -12.01 26.73
N GLY B 502 -49.17 -10.90 26.84
CA GLY B 502 -48.70 -10.19 25.66
C GLY B 502 -47.66 -10.98 24.90
N VAL B 503 -47.42 -10.55 23.67
CA VAL B 503 -46.50 -11.29 22.79
C VAL B 503 -45.08 -11.29 23.37
N GLY B 504 -44.75 -10.27 24.16
CA GLY B 504 -43.46 -10.24 24.83
C GLY B 504 -43.37 -11.21 26.00
N TYR B 505 -44.50 -11.58 26.59
N TYR B 505 -44.49 -11.58 26.59
CA TYR B 505 -44.56 -12.52 27.70
CA TYR B 505 -44.52 -12.51 27.71
C TYR B 505 -45.15 -13.86 27.28
C TYR B 505 -45.01 -13.89 27.31
N GLN B 506 -45.15 -14.16 26.00
CA GLN B 506 -45.61 -15.47 25.58
C GLN B 506 -44.42 -16.42 25.43
N PRO B 507 -44.62 -17.71 25.62
CA PRO B 507 -43.50 -18.66 25.53
C PRO B 507 -42.97 -18.73 24.10
N TYR B 508 -41.64 -18.83 23.99
CA TYR B 508 -40.97 -19.01 22.72
C TYR B 508 -39.98 -20.15 22.83
N ARG B 509 -40.09 -21.12 21.93
CA ARG B 509 -39.17 -22.24 21.87
C ARG B 509 -37.99 -21.87 21.00
N VAL B 510 -36.78 -22.07 21.53
CA VAL B 510 -35.54 -21.69 20.87
C VAL B 510 -34.67 -22.92 20.71
N VAL B 511 -34.19 -23.13 19.48
CA VAL B 511 -33.22 -24.17 19.15
C VAL B 511 -32.01 -23.48 18.53
N VAL B 512 -30.84 -23.70 19.13
CA VAL B 512 -29.58 -23.16 18.63
C VAL B 512 -28.78 -24.32 18.08
N LEU B 513 -28.54 -24.30 16.77
CA LEU B 513 -27.73 -25.31 16.11
C LEU B 513 -26.30 -24.79 15.98
N SER B 514 -25.35 -25.52 16.54
CA SER B 514 -23.94 -25.15 16.48
C SER B 514 -23.17 -26.24 15.76
N PHE B 515 -22.26 -25.84 14.90
CA PHE B 515 -21.49 -26.77 14.08
C PHE B 515 -20.23 -26.09 13.58
N GLU B 516 -19.35 -26.90 13.00
CA GLU B 516 -18.16 -26.42 12.32
C GLU B 516 -18.26 -26.74 10.83
N LEU B 517 -17.47 -26.04 10.03
CA LEU B 517 -17.58 -26.13 8.58
C LEU B 517 -16.22 -26.30 7.93
N LEU B 518 -16.10 -27.31 7.07
CA LEU B 518 -15.00 -27.44 6.11
C LEU B 518 -13.64 -27.54 6.79
N HIS B 519 -13.60 -28.20 7.95
CA HIS B 519 -12.33 -28.43 8.64
C HIS B 519 -12.13 -29.85 9.14
N ALA B 520 -13.20 -30.62 9.33
CA ALA B 520 -13.13 -31.95 9.92
C ALA B 520 -14.01 -32.89 9.11
N PRO B 521 -13.82 -34.23 9.28
CA PRO B 521 -14.59 -35.20 8.48
C PRO B 521 -16.07 -34.89 8.27
N ALA B 522 -16.80 -34.59 9.35
CA ALA B 522 -18.22 -34.24 9.29
C ALA B 522 -19.09 -35.44 8.92
N THR B 523 -20.29 -35.51 9.49
CA THR B 523 -21.20 -36.61 9.24
C THR B 523 -22.64 -36.18 9.00
N VAL B 524 -22.92 -34.87 9.05
CA VAL B 524 -24.25 -34.34 8.75
C VAL B 524 -24.12 -33.49 7.49
N CYS B 525 -24.91 -33.82 6.47
CA CYS B 525 -24.80 -33.20 5.17
C CYS B 525 -26.18 -32.74 4.69
N GLY B 526 -26.17 -31.82 3.73
CA GLY B 526 -27.39 -31.35 3.14
C GLY B 526 -27.96 -32.32 2.13
N PRO B 527 -29.14 -31.99 1.60
CA PRO B 527 -29.82 -32.87 0.64
C PRO B 527 -29.26 -32.74 -0.77
N LYS B 528 -27.98 -33.05 -0.92
CA LYS B 528 -27.30 -32.99 -2.21
C LYS B 528 -26.90 -34.40 -2.63
N LYS B 529 -27.28 -34.79 -3.84
CA LYS B 529 -27.00 -36.13 -4.33
C LYS B 529 -25.56 -36.21 -4.84
N SER B 530 -24.84 -37.23 -4.40
CA SER B 530 -23.46 -37.43 -4.82
C SER B 530 -23.41 -38.01 -6.23
N THR B 531 -22.28 -37.77 -6.90
CA THR B 531 -22.04 -38.29 -8.23
C THR B 531 -20.81 -39.20 -8.20
N ASN B 532 -20.39 -39.65 -9.38
CA ASN B 532 -19.20 -40.49 -9.47
C ASN B 532 -17.93 -39.67 -9.26
N LEU B 533 -16.85 -40.37 -8.95
CA LEU B 533 -15.55 -39.74 -8.73
C LEU B 533 -14.77 -39.74 -10.04
N VAL B 534 -14.43 -38.56 -10.53
CA VAL B 534 -13.69 -38.39 -11.78
C VAL B 534 -12.27 -37.94 -11.44
N LYS B 535 -11.29 -38.69 -11.94
CA LYS B 535 -9.89 -38.42 -11.66
C LYS B 535 -9.15 -38.09 -12.94
N ASN B 536 -7.99 -37.46 -12.78
CA ASN B 536 -7.09 -37.11 -13.89
C ASN B 536 -7.80 -36.25 -14.93
N LYS B 537 -8.65 -35.32 -14.46
CA LYS B 537 -9.40 -34.46 -15.37
C LYS B 537 -9.80 -33.20 -14.61
N CYS B 538 -9.78 -32.07 -15.30
CA CYS B 538 -10.15 -30.79 -14.70
C CYS B 538 -11.65 -30.76 -14.48
N VAL B 539 -12.07 -30.79 -13.21
CA VAL B 539 -13.48 -30.83 -12.85
C VAL B 539 -13.73 -29.85 -11.72
N ASN B 540 -14.99 -29.42 -11.62
CA ASN B 540 -15.47 -28.80 -10.39
C ASN B 540 -15.82 -29.90 -9.40
N PHE B 541 -15.45 -29.69 -8.14
CA PHE B 541 -15.66 -30.69 -7.11
C PHE B 541 -16.33 -30.07 -5.89
N ASN B 542 -17.17 -30.88 -5.24
CA ASN B 542 -17.80 -30.51 -3.98
C ASN B 542 -17.55 -31.66 -3.01
N PHE B 543 -16.56 -31.51 -2.14
CA PHE B 543 -16.17 -32.53 -1.17
C PHE B 543 -16.64 -32.07 0.21
N ASN B 544 -17.71 -32.69 0.71
CA ASN B 544 -18.25 -32.42 2.05
C ASN B 544 -18.56 -30.94 2.24
N GLY B 545 -19.06 -30.30 1.18
CA GLY B 545 -19.38 -28.89 1.23
C GLY B 545 -18.28 -27.98 0.71
N LEU B 546 -17.04 -28.46 0.65
CA LEU B 546 -15.93 -27.65 0.16
C LEU B 546 -15.94 -27.70 -1.36
N THR B 547 -16.20 -26.57 -1.99
CA THR B 547 -16.28 -26.48 -3.44
C THR B 547 -14.97 -25.94 -4.01
N GLY B 548 -14.66 -26.37 -5.23
CA GLY B 548 -13.45 -25.90 -5.88
C GLY B 548 -13.37 -26.44 -7.29
N THR B 549 -12.25 -26.13 -7.95
CA THR B 549 -11.97 -26.59 -9.29
C THR B 549 -10.55 -27.10 -9.36
N GLY B 550 -10.35 -28.23 -10.02
CA GLY B 550 -9.01 -28.77 -10.14
C GLY B 550 -9.02 -30.17 -10.72
N VAL B 551 -7.84 -30.78 -10.70
CA VAL B 551 -7.62 -32.14 -11.17
C VAL B 551 -7.35 -33.02 -9.95
N LEU B 552 -8.10 -34.11 -9.83
CA LEU B 552 -7.97 -35.02 -8.71
C LEU B 552 -7.16 -36.24 -9.13
N THR B 553 -6.12 -36.54 -8.37
CA THR B 553 -5.25 -37.69 -8.65
C THR B 553 -5.10 -38.51 -7.38
N GLU B 554 -4.72 -39.77 -7.54
CA GLU B 554 -4.48 -40.63 -6.39
C GLU B 554 -3.27 -40.13 -5.61
N SER B 555 -3.40 -40.07 -4.29
CA SER B 555 -2.38 -39.48 -3.43
C SER B 555 -1.71 -40.55 -2.58
N ASN B 556 -0.43 -40.34 -2.30
CA ASN B 556 0.33 -41.19 -1.40
C ASN B 556 0.28 -40.73 0.04
N LYS B 557 -0.38 -39.61 0.32
CA LYS B 557 -0.50 -39.11 1.68
C LYS B 557 -1.36 -40.06 2.51
N LYS B 558 -0.96 -40.27 3.76
CA LYS B 558 -1.69 -41.12 4.71
C LYS B 558 -2.32 -40.21 5.75
N PHE B 559 -3.61 -39.91 5.57
CA PHE B 559 -4.31 -39.06 6.52
C PHE B 559 -4.58 -39.81 7.82
N LEU B 560 -4.47 -39.09 8.93
CA LEU B 560 -4.88 -39.64 10.21
C LEU B 560 -6.40 -39.76 10.26
N PRO B 561 -6.93 -40.65 11.11
CA PRO B 561 -8.38 -40.89 11.09
C PRO B 561 -9.22 -39.65 11.37
N PHE B 562 -8.70 -38.67 12.11
CA PHE B 562 -9.44 -37.46 12.43
C PHE B 562 -9.28 -36.37 11.38
N GLN B 563 -8.54 -36.64 10.30
CA GLN B 563 -8.24 -35.64 9.28
C GLN B 563 -9.05 -35.89 8.02
N GLN B 564 -9.59 -34.82 7.44
CA GLN B 564 -10.36 -34.89 6.21
C GLN B 564 -9.73 -34.12 5.06
N PHE B 565 -9.10 -32.98 5.33
CA PHE B 565 -8.51 -32.14 4.31
C PHE B 565 -7.03 -31.93 4.58
N GLY B 566 -6.26 -31.77 3.52
CA GLY B 566 -4.85 -31.44 3.62
C GLY B 566 -4.60 -30.08 2.99
N ARG B 567 -3.73 -29.29 3.61
CA ARG B 567 -3.46 -27.93 3.17
C ARG B 567 -1.96 -27.71 3.04
N ASP B 568 -1.58 -26.91 2.04
CA ASP B 568 -0.18 -26.62 1.77
C ASP B 568 0.23 -25.33 2.49
N ILE B 569 1.40 -24.80 2.13
CA ILE B 569 1.95 -23.62 2.79
C ILE B 569 1.03 -22.41 2.60
N ALA B 570 0.28 -22.36 1.50
CA ALA B 570 -0.60 -21.24 1.20
C ALA B 570 -2.00 -21.43 1.76
N ASP B 571 -2.19 -22.41 2.65
CA ASP B 571 -3.46 -22.74 3.28
C ASP B 571 -4.51 -23.25 2.29
N THR B 572 -4.14 -23.46 1.03
CA THR B 572 -5.08 -23.98 0.06
C THR B 572 -5.26 -25.49 0.27
N THR B 573 -6.48 -25.97 0.03
CA THR B 573 -6.78 -27.40 0.16
C THR B 573 -6.15 -28.12 -1.02
N ASP B 574 -5.05 -28.82 -0.78
CA ASP B 574 -4.36 -29.57 -1.82
C ASP B 574 -4.56 -31.08 -1.71
N ALA B 575 -5.19 -31.57 -0.65
CA ALA B 575 -5.50 -32.98 -0.53
C ALA B 575 -6.83 -33.12 0.19
N VAL B 576 -7.56 -34.20 -0.14
CA VAL B 576 -8.88 -34.42 0.43
C VAL B 576 -9.13 -35.92 0.54
N ARG B 577 -9.77 -36.33 1.62
CA ARG B 577 -10.20 -37.72 1.78
C ARG B 577 -11.59 -37.88 1.19
N ASP B 578 -11.75 -38.85 0.31
CA ASP B 578 -13.05 -39.11 -0.29
C ASP B 578 -14.02 -39.61 0.77
N PRO B 579 -15.17 -38.96 0.96
CA PRO B 579 -16.09 -39.40 2.02
C PRO B 579 -16.66 -40.79 1.81
N GLN B 580 -16.63 -41.32 0.58
CA GLN B 580 -17.19 -42.63 0.29
C GLN B 580 -16.14 -43.73 0.23
N THR B 581 -15.11 -43.56 -0.60
CA THR B 581 -14.07 -44.57 -0.75
C THR B 581 -12.97 -44.45 0.30
N LEU B 582 -12.95 -43.37 1.08
CA LEU B 582 -11.95 -43.16 2.13
C LEU B 582 -10.53 -43.16 1.58
N GLU B 583 -10.37 -42.73 0.33
CA GLU B 583 -9.05 -42.63 -0.30
C GLU B 583 -8.62 -41.17 -0.35
N ILE B 584 -7.30 -40.96 -0.32
CA ILE B 584 -6.74 -39.62 -0.33
C ILE B 584 -6.47 -39.21 -1.76
N LEU B 585 -6.96 -38.03 -2.14
CA LEU B 585 -6.82 -37.50 -3.48
C LEU B 585 -6.11 -36.15 -3.43
N ASP B 586 -5.07 -36.01 -4.25
CA ASP B 586 -4.40 -34.74 -4.43
C ASP B 586 -5.18 -33.89 -5.43
N ILE B 587 -5.28 -32.59 -5.13
CA ILE B 587 -5.98 -31.62 -5.96
C ILE B 587 -4.95 -30.68 -6.55
N THR B 588 -4.95 -30.57 -7.88
CA THR B 588 -3.98 -29.74 -8.58
C THR B 588 -4.69 -28.68 -9.41
N PRO B 589 -4.23 -27.44 -9.38
CA PRO B 589 -4.86 -26.39 -10.19
C PRO B 589 -4.82 -26.72 -11.67
N CYS B 590 -5.89 -26.36 -12.37
CA CYS B 590 -5.99 -26.66 -13.80
C CYS B 590 -5.09 -25.75 -14.62
N SER B 591 -5.09 -24.45 -14.31
CA SER B 591 -4.32 -23.49 -15.09
C SER B 591 -2.85 -23.54 -14.73
N PHE B 592 -1.99 -23.48 -15.74
CA PHE B 592 -0.56 -23.62 -15.56
C PHE B 592 0.14 -23.25 -16.86
N GLY B 593 1.28 -22.56 -16.75
CA GLY B 593 2.09 -22.26 -17.90
C GLY B 593 1.94 -20.85 -18.43
N GLY B 594 3.06 -20.19 -18.74
CA GLY B 594 3.03 -18.85 -19.28
C GLY B 594 2.88 -18.84 -20.80
N VAL B 595 2.21 -17.79 -21.29
CA VAL B 595 1.92 -17.64 -22.71
C VAL B 595 2.37 -16.26 -23.17
N SER B 596 3.02 -16.22 -24.33
CA SER B 596 3.46 -14.98 -24.95
C SER B 596 2.97 -14.92 -26.38
N VAL B 597 2.73 -13.71 -26.86
CA VAL B 597 2.28 -13.47 -28.23
C VAL B 597 3.32 -12.61 -28.93
N ILE B 598 3.82 -13.08 -30.06
CA ILE B 598 4.77 -12.36 -30.89
C ILE B 598 4.02 -11.80 -32.08
N THR B 599 4.06 -10.48 -32.25
CA THR B 599 3.35 -9.84 -33.34
C THR B 599 4.28 -8.87 -34.08
N PRO B 600 4.14 -8.77 -35.40
CA PRO B 600 4.90 -7.77 -36.16
C PRO B 600 4.31 -6.38 -36.12
N GLY B 601 3.17 -6.20 -35.44
CA GLY B 601 2.46 -4.94 -35.46
C GLY B 601 1.19 -5.03 -36.27
N THR B 602 0.07 -4.62 -35.69
CA THR B 602 -1.20 -4.69 -36.41
C THR B 602 -1.21 -3.80 -37.63
N ASN B 603 -0.39 -2.74 -37.66
CA ASN B 603 -0.27 -1.91 -38.85
C ASN B 603 0.41 -2.65 -39.99
N THR B 604 1.17 -3.72 -39.69
CA THR B 604 1.88 -4.50 -40.69
C THR B 604 1.12 -5.76 -41.07
N SER B 605 0.74 -6.58 -40.09
CA SER B 605 0.02 -7.82 -40.37
C SER B 605 -0.76 -8.22 -39.13
N ASN B 606 -1.77 -9.06 -39.35
CA ASN B 606 -2.54 -9.65 -38.26
C ASN B 606 -2.03 -11.02 -37.86
N GLN B 607 -0.98 -11.51 -38.50
CA GLN B 607 -0.38 -12.79 -38.13
C GLN B 607 0.29 -12.68 -36.77
N VAL B 608 0.15 -13.72 -35.95
CA VAL B 608 0.78 -13.77 -34.65
C VAL B 608 1.41 -15.15 -34.45
N ALA B 609 2.40 -15.20 -33.56
CA ALA B 609 2.97 -16.45 -33.10
C ALA B 609 2.73 -16.57 -31.60
N VAL B 610 2.58 -17.80 -31.13
CA VAL B 610 2.28 -18.05 -29.72
C VAL B 610 3.40 -18.89 -29.12
N LEU B 611 3.92 -18.43 -27.99
CA LEU B 611 4.97 -19.13 -27.26
C LEU B 611 4.40 -19.65 -25.95
N TYR B 612 4.36 -20.98 -25.82
CA TYR B 612 3.95 -21.64 -24.58
C TYR B 612 5.22 -22.01 -23.83
N GLN B 613 5.52 -21.26 -22.77
CA GLN B 613 6.84 -21.30 -22.15
C GLN B 613 7.11 -22.57 -21.35
N ASP B 614 6.22 -23.55 -21.32
CA ASP B 614 6.41 -24.71 -20.46
C ASP B 614 6.00 -26.01 -21.17
N VAL B 615 6.34 -26.13 -22.45
CA VAL B 615 5.82 -27.22 -23.29
C VAL B 615 6.82 -27.64 -24.37
N ASN B 616 7.19 -28.92 -24.40
CA ASN B 616 7.53 -29.57 -25.67
C ASN B 616 6.40 -29.54 -26.70
N CYS B 617 6.77 -29.20 -27.94
CA CYS B 617 6.01 -29.60 -29.11
C CYS B 617 6.32 -31.07 -29.43
N THR B 618 6.01 -31.93 -28.46
CA THR B 618 6.40 -33.34 -28.47
C THR B 618 5.94 -34.07 -29.74
N THR B 632 -3.30 -34.56 -25.68
CA THR B 632 -2.93 -33.42 -26.50
C THR B 632 -2.09 -32.42 -25.70
N TRP B 633 -1.51 -31.45 -26.41
CA TRP B 633 -0.66 -30.47 -25.77
C TRP B 633 -1.50 -29.42 -25.05
N ARG B 634 -0.86 -28.70 -24.13
CA ARG B 634 -1.51 -27.57 -23.46
C ARG B 634 -1.30 -26.30 -24.28
N VAL B 635 -1.87 -26.29 -25.47
CA VAL B 635 -1.78 -25.17 -26.40
C VAL B 635 -3.19 -24.77 -26.80
N TYR B 636 -3.40 -23.44 -26.93
CA TYR B 636 -4.71 -22.95 -27.35
C TYR B 636 -5.03 -23.36 -28.79
N SER B 637 -4.04 -23.27 -29.68
CA SER B 637 -4.22 -23.64 -31.06
C SER B 637 -2.87 -24.07 -31.64
N THR B 638 -2.85 -25.20 -32.34
CA THR B 638 -1.63 -25.74 -32.93
C THR B 638 -1.86 -26.01 -34.41
N GLY B 639 -0.85 -25.68 -35.22
CA GLY B 639 -0.93 -25.97 -36.64
C GLY B 639 0.36 -25.75 -37.41
N SER B 640 0.76 -26.76 -38.18
CA SER B 640 1.83 -26.64 -39.17
C SER B 640 3.19 -26.30 -38.56
N ASN B 641 3.34 -25.07 -38.07
CA ASN B 641 4.64 -24.55 -37.68
C ASN B 641 4.83 -24.73 -36.17
N VAL B 642 5.63 -25.72 -35.79
CA VAL B 642 6.10 -25.90 -34.42
C VAL B 642 7.60 -26.08 -34.45
N PHE B 643 8.31 -25.38 -33.57
CA PHE B 643 9.77 -25.37 -33.57
C PHE B 643 10.38 -25.97 -32.32
N GLN B 644 9.77 -25.73 -31.15
CA GLN B 644 10.28 -26.21 -29.87
C GLN B 644 11.67 -25.65 -29.59
N THR B 645 11.70 -24.34 -29.42
CA THR B 645 12.88 -23.66 -28.91
C THR B 645 12.94 -23.84 -27.40
N ARG B 646 14.08 -23.47 -26.82
CA ARG B 646 14.09 -23.22 -25.39
C ARG B 646 13.24 -21.99 -25.10
N ALA B 647 12.62 -21.97 -23.93
CA ALA B 647 11.59 -21.03 -23.48
C ALA B 647 10.21 -21.40 -24.03
N GLY B 648 10.03 -22.58 -24.59
CA GLY B 648 8.71 -23.14 -24.80
C GLY B 648 8.43 -23.46 -26.26
N CYS B 649 7.28 -24.09 -26.47
CA CYS B 649 6.78 -24.39 -27.81
C CYS B 649 6.42 -23.10 -28.54
N LEU B 650 6.89 -22.96 -29.77
CA LEU B 650 6.56 -21.83 -30.62
C LEU B 650 5.65 -22.31 -31.75
N ILE B 651 4.46 -21.71 -31.85
CA ILE B 651 3.46 -22.11 -32.82
C ILE B 651 3.13 -20.90 -33.70
N GLY B 652 3.15 -21.11 -35.02
CA GLY B 652 2.83 -20.07 -35.96
C GLY B 652 4.02 -19.31 -36.52
N ALA B 653 5.23 -19.79 -36.29
CA ALA B 653 6.44 -19.13 -36.78
C ALA B 653 7.30 -20.15 -37.53
N GLU B 654 7.84 -19.71 -38.67
CA GLU B 654 8.76 -20.53 -39.44
C GLU B 654 10.15 -20.50 -38.80
N HIS B 655 10.90 -21.58 -39.01
CA HIS B 655 12.25 -21.71 -38.48
C HIS B 655 13.25 -21.81 -39.63
N VAL B 656 14.35 -21.06 -39.52
CA VAL B 656 15.41 -21.10 -40.51
C VAL B 656 16.73 -21.37 -39.79
N ASN B 657 17.69 -21.92 -40.53
CA ASN B 657 18.98 -22.30 -39.99
C ASN B 657 19.99 -21.16 -40.00
N ASN B 658 19.63 -20.01 -40.59
CA ASN B 658 20.54 -18.87 -40.65
C ASN B 658 20.46 -18.04 -39.37
N SER B 659 21.41 -17.12 -39.23
CA SER B 659 21.49 -16.25 -38.07
C SER B 659 21.45 -14.79 -38.52
N TYR B 660 20.63 -14.00 -37.85
CA TYR B 660 20.48 -12.58 -38.15
C TYR B 660 20.47 -11.79 -36.84
N GLU B 661 20.44 -10.48 -36.97
CA GLU B 661 20.29 -9.63 -35.79
C GLU B 661 18.90 -9.81 -35.19
N CYS B 662 18.82 -9.67 -33.86
CA CYS B 662 17.55 -9.84 -33.18
C CYS B 662 16.58 -8.73 -33.54
N ASP B 663 15.35 -9.11 -33.87
CA ASP B 663 14.28 -8.16 -34.14
C ASP B 663 13.21 -8.19 -33.05
N ILE B 664 12.64 -9.36 -32.78
CA ILE B 664 11.72 -9.55 -31.66
C ILE B 664 12.34 -10.59 -30.73
N PRO B 665 12.78 -10.21 -29.54
CA PRO B 665 13.46 -11.17 -28.66
C PRO B 665 12.51 -12.20 -28.08
N ILE B 666 12.53 -13.41 -28.62
CA ILE B 666 11.77 -14.51 -28.03
C ILE B 666 12.42 -14.96 -26.73
N GLY B 667 13.75 -15.09 -26.73
CA GLY B 667 14.48 -15.52 -25.56
C GLY B 667 15.28 -16.78 -25.81
N ALA B 668 16.21 -17.04 -24.89
CA ALA B 668 17.07 -18.22 -24.94
C ALA B 668 17.81 -18.31 -26.28
N GLY B 669 18.26 -17.16 -26.77
CA GLY B 669 18.98 -17.10 -28.02
C GLY B 669 18.13 -17.14 -29.26
N ILE B 670 16.80 -17.13 -29.13
CA ILE B 670 15.89 -17.20 -30.25
C ILE B 670 15.22 -15.85 -30.43
N CYS B 671 15.15 -15.40 -31.69
CA CYS B 671 14.50 -14.14 -32.04
C CYS B 671 13.55 -14.38 -33.21
N ALA B 672 12.66 -13.42 -33.43
CA ALA B 672 11.64 -13.52 -34.46
C ALA B 672 11.63 -12.25 -35.31
N SER B 673 11.24 -12.42 -36.57
CA SER B 673 11.17 -11.30 -37.50
C SER B 673 10.13 -11.57 -38.56
N TYR B 674 9.45 -10.52 -39.01
CA TYR B 674 8.45 -10.64 -40.07
C TYR B 674 9.15 -10.42 -41.40
N GLN B 675 9.39 -11.51 -42.14
CA GLN B 675 10.20 -11.46 -43.34
C GLN B 675 9.53 -12.28 -44.44
N THR B 676 9.94 -12.02 -45.68
CA THR B 676 9.45 -12.75 -46.84
C THR B 676 10.05 -14.16 -46.89
N SER B 689 5.58 -13.84 -50.01
CA SER B 689 4.72 -14.28 -48.93
C SER B 689 5.35 -13.97 -47.57
N GLN B 690 4.96 -12.85 -46.97
CA GLN B 690 5.48 -12.46 -45.67
C GLN B 690 5.01 -13.43 -44.59
N SER B 691 5.89 -13.71 -43.64
CA SER B 691 5.56 -14.61 -42.55
C SER B 691 6.51 -14.34 -41.38
N ILE B 692 6.13 -14.84 -40.22
CA ILE B 692 6.96 -14.74 -39.02
C ILE B 692 7.99 -15.85 -39.04
N ILE B 693 9.26 -15.48 -38.90
CA ILE B 693 10.38 -16.41 -38.97
C ILE B 693 11.11 -16.37 -37.64
N ALA B 694 11.37 -17.55 -37.07
CA ALA B 694 12.13 -17.69 -35.84
C ALA B 694 13.51 -18.21 -36.17
N TYR B 695 14.53 -17.58 -35.58
CA TYR B 695 15.91 -17.91 -35.88
C TYR B 695 16.75 -17.77 -34.62
N THR B 696 17.99 -18.25 -34.70
CA THR B 696 18.99 -18.04 -33.66
C THR B 696 19.76 -16.77 -33.99
N MET B 697 19.72 -15.80 -33.10
CA MET B 697 20.33 -14.50 -33.38
C MET B 697 21.85 -14.62 -33.47
N SER B 698 22.43 -13.79 -34.32
CA SER B 698 23.87 -13.79 -34.55
C SER B 698 24.55 -12.82 -33.59
N LEU B 699 25.70 -13.24 -33.07
CA LEU B 699 26.46 -12.41 -32.16
C LEU B 699 27.32 -11.37 -32.88
N GLY B 700 27.52 -11.53 -34.19
CA GLY B 700 28.31 -10.59 -34.96
C GLY B 700 29.18 -11.27 -36.00
N ALA B 701 29.99 -10.47 -36.69
CA ALA B 701 30.88 -11.02 -37.71
C ALA B 701 32.02 -11.81 -37.07
N GLU B 702 32.47 -12.83 -37.78
CA GLU B 702 33.54 -13.71 -37.31
C GLU B 702 34.76 -13.56 -38.20
N ASN B 703 35.91 -13.35 -37.59
CA ASN B 703 37.17 -13.25 -38.32
C ASN B 703 38.31 -13.73 -37.43
N SER B 704 39.53 -13.64 -37.97
CA SER B 704 40.73 -14.06 -37.26
C SER B 704 41.71 -12.90 -37.25
N VAL B 705 42.33 -12.66 -36.10
CA VAL B 705 43.48 -11.77 -36.05
C VAL B 705 44.71 -12.53 -36.46
N ALA B 706 45.43 -12.01 -37.46
CA ALA B 706 46.60 -12.69 -37.98
C ALA B 706 47.77 -12.61 -36.99
N TYR B 707 47.62 -13.27 -35.84
CA TYR B 707 48.62 -13.18 -34.80
C TYR B 707 49.90 -13.92 -35.19
N SER B 708 51.03 -13.32 -34.86
CA SER B 708 52.34 -13.95 -35.03
C SER B 708 53.29 -13.32 -34.03
N ASN B 709 54.39 -14.01 -33.76
CA ASN B 709 55.36 -13.52 -32.79
C ASN B 709 56.33 -12.51 -33.39
N ASN B 710 56.25 -12.24 -34.70
CA ASN B 710 57.09 -11.22 -35.32
C ASN B 710 56.33 -10.39 -36.35
N SER B 711 55.00 -10.29 -36.22
CA SER B 711 54.18 -9.54 -37.16
C SER B 711 53.36 -8.50 -36.42
N ILE B 712 53.30 -7.30 -36.98
CA ILE B 712 52.55 -6.20 -36.39
C ILE B 712 51.66 -5.57 -37.46
N ALA B 713 50.57 -4.96 -37.04
CA ALA B 713 49.69 -4.19 -37.92
C ALA B 713 49.70 -2.74 -37.44
N ILE B 714 50.06 -1.84 -38.33
CA ILE B 714 50.23 -0.43 -37.99
C ILE B 714 49.37 0.40 -38.94
N PRO B 715 48.56 1.33 -38.44
CA PRO B 715 47.70 2.12 -39.33
C PRO B 715 48.52 3.09 -40.16
N THR B 716 48.25 3.09 -41.47
CA THR B 716 48.86 4.05 -42.39
C THR B 716 47.96 5.26 -42.64
N ASN B 717 46.78 5.30 -42.03
CA ASN B 717 45.83 6.39 -42.22
C ASN B 717 44.95 6.45 -40.98
N PHE B 718 43.94 7.32 -41.03
CA PHE B 718 43.04 7.47 -39.89
C PHE B 718 41.72 8.03 -40.37
N THR B 719 40.71 7.93 -39.50
CA THR B 719 39.38 8.46 -39.76
C THR B 719 38.96 9.31 -38.57
N ILE B 720 38.51 10.53 -38.85
CA ILE B 720 37.98 11.42 -37.82
C ILE B 720 36.49 11.12 -37.70
N SER B 721 36.11 10.46 -36.61
CA SER B 721 34.74 10.01 -36.41
C SER B 721 34.08 10.85 -35.32
N VAL B 722 32.87 11.32 -35.58
CA VAL B 722 32.06 12.05 -34.62
C VAL B 722 30.79 11.25 -34.38
N THR B 723 30.52 10.92 -33.12
CA THR B 723 29.35 10.14 -32.74
C THR B 723 28.58 10.87 -31.67
N THR B 724 27.28 10.57 -31.59
CA THR B 724 26.36 11.26 -30.68
C THR B 724 26.03 10.34 -29.52
N GLU B 725 26.08 10.89 -28.31
CA GLU B 725 25.64 10.21 -27.10
C GLU B 725 24.53 11.02 -26.46
N ILE B 726 23.39 10.38 -26.19
CA ILE B 726 22.22 11.03 -25.63
C ILE B 726 22.05 10.55 -24.19
N LEU B 727 22.00 11.50 -23.26
CA LEU B 727 21.85 11.19 -21.84
C LEU B 727 20.70 12.02 -21.28
N PRO B 728 19.64 11.38 -20.75
CA PRO B 728 18.62 12.16 -20.03
C PRO B 728 19.21 12.84 -18.81
N VAL B 729 18.79 14.07 -18.57
CA VAL B 729 19.31 14.89 -17.48
C VAL B 729 18.25 15.14 -16.41
N SER B 730 17.05 15.55 -16.84
CA SER B 730 15.98 15.88 -15.92
C SER B 730 14.68 15.24 -16.42
N MET B 731 13.74 15.08 -15.50
CA MET B 731 12.41 14.58 -15.80
C MET B 731 11.37 15.61 -15.40
N THR B 732 10.11 15.31 -15.68
CA THR B 732 9.04 16.27 -15.44
C THR B 732 8.80 16.44 -13.95
N LYS B 733 8.78 17.70 -13.50
CA LYS B 733 8.47 18.02 -12.12
C LYS B 733 6.96 18.09 -11.94
N THR B 734 6.44 17.34 -10.97
CA THR B 734 5.01 17.22 -10.76
C THR B 734 4.65 17.54 -9.33
N SER B 735 3.44 18.04 -9.15
CA SER B 735 2.85 18.29 -7.84
C SER B 735 1.45 17.72 -7.82
N VAL B 736 1.01 17.27 -6.65
CA VAL B 736 -0.28 16.63 -6.49
C VAL B 736 -1.04 17.35 -5.38
N ASP B 737 -2.26 17.79 -5.69
CA ASP B 737 -3.20 18.25 -4.67
C ASP B 737 -4.03 17.04 -4.25
N CYS B 738 -3.64 16.43 -3.13
CA CYS B 738 -4.24 15.16 -2.74
C CYS B 738 -5.72 15.31 -2.44
N THR B 739 -6.12 16.44 -1.85
CA THR B 739 -7.54 16.67 -1.58
C THR B 739 -8.34 16.74 -2.88
N MET B 740 -7.78 17.38 -3.90
CA MET B 740 -8.48 17.49 -5.18
C MET B 740 -8.53 16.16 -5.91
N TYR B 741 -7.46 15.37 -5.84
CA TYR B 741 -7.44 14.07 -6.51
C TYR B 741 -8.38 13.08 -5.84
N ILE B 742 -8.28 12.96 -4.51
CA ILE B 742 -9.05 11.96 -3.80
C ILE B 742 -10.52 12.35 -3.71
N CYS B 743 -10.80 13.62 -3.42
CA CYS B 743 -12.14 14.06 -3.09
C CYS B 743 -12.78 15.01 -4.09
N GLY B 744 -12.00 15.60 -4.97
CA GLY B 744 -12.56 16.56 -5.91
C GLY B 744 -13.07 17.78 -5.16
N ASP B 745 -14.36 18.07 -5.31
CA ASP B 745 -14.99 19.22 -4.67
C ASP B 745 -15.97 18.82 -3.57
N SER B 746 -15.82 17.61 -3.03
CA SER B 746 -16.73 17.10 -2.00
C SER B 746 -16.22 17.54 -0.63
N THR B 747 -17.08 18.22 0.14
CA THR B 747 -16.70 18.66 1.48
C THR B 747 -16.70 17.51 2.48
N GLU B 748 -17.66 16.59 2.35
CA GLU B 748 -17.71 15.44 3.24
C GLU B 748 -16.46 14.57 3.07
N CYS B 749 -16.04 14.35 1.82
CA CYS B 749 -14.83 13.57 1.58
C CYS B 749 -13.61 14.29 2.14
N SER B 750 -13.56 15.61 2.02
CA SER B 750 -12.44 16.36 2.58
C SER B 750 -12.39 16.23 4.09
N ASN B 751 -13.55 16.32 4.75
CA ASN B 751 -13.61 16.17 6.19
C ASN B 751 -13.16 14.77 6.61
N LEU B 752 -13.57 13.75 5.85
CA LEU B 752 -13.14 12.39 6.17
C LEU B 752 -11.64 12.21 5.92
N LEU B 753 -11.12 12.84 4.86
CA LEU B 753 -9.70 12.75 4.54
C LEU B 753 -8.83 13.49 5.53
N LEU B 754 -9.39 14.46 6.26
CA LEU B 754 -8.62 15.16 7.28
C LEU B 754 -8.06 14.19 8.34
N GLN B 755 -8.69 13.04 8.54
CA GLN B 755 -8.19 12.04 9.48
C GLN B 755 -6.87 11.43 9.06
N TYR B 756 -6.47 11.56 7.79
CA TYR B 756 -5.20 11.02 7.33
C TYR B 756 -4.09 12.07 7.41
N GLY B 757 -4.21 13.15 6.64
CA GLY B 757 -3.40 14.33 6.86
C GLY B 757 -1.94 14.22 6.48
N SER B 758 -1.20 13.40 7.24
CA SER B 758 0.25 13.37 7.12
C SER B 758 0.72 12.64 5.85
N PHE B 759 -0.09 11.72 5.33
CA PHE B 759 0.31 10.98 4.14
C PHE B 759 0.38 11.90 2.92
N CYS B 760 -0.58 12.82 2.80
CA CYS B 760 -0.53 13.80 1.71
C CYS B 760 0.70 14.67 1.82
N THR B 761 1.05 15.10 3.04
CA THR B 761 2.25 15.89 3.24
C THR B 761 3.50 15.10 2.89
N GLN B 762 3.54 13.82 3.23
CA GLN B 762 4.67 12.97 2.88
C GLN B 762 4.82 12.85 1.36
N LEU B 763 3.70 12.60 0.67
CA LEU B 763 3.75 12.50 -0.78
C LEU B 763 4.23 13.80 -1.41
N ASN B 764 3.71 14.93 -0.93
CA ASN B 764 4.11 16.22 -1.48
C ASN B 764 5.56 16.53 -1.17
N ARG B 765 6.07 16.12 0.00
CA ARG B 765 7.47 16.32 0.31
C ARG B 765 8.37 15.51 -0.62
N ALA B 766 7.99 14.26 -0.89
CA ALA B 766 8.77 13.46 -1.83
C ALA B 766 8.74 14.08 -3.24
N LEU B 767 7.57 14.54 -3.68
CA LEU B 767 7.47 15.15 -5.00
C LEU B 767 8.28 16.44 -5.06
N THR B 768 8.26 17.24 -4.00
CA THR B 768 9.06 18.47 -3.96
C THR B 768 10.54 18.16 -4.00
N GLY B 769 10.97 17.12 -3.29
CA GLY B 769 12.36 16.71 -3.38
C GLY B 769 12.76 16.31 -4.79
N ILE B 770 11.90 15.56 -5.47
CA ILE B 770 12.17 15.19 -6.86
C ILE B 770 12.25 16.43 -7.74
N ALA B 771 11.31 17.36 -7.57
CA ALA B 771 11.28 18.56 -8.41
C ALA B 771 12.53 19.41 -8.20
N VAL B 772 12.98 19.54 -6.95
CA VAL B 772 14.22 20.27 -6.68
C VAL B 772 15.41 19.55 -7.29
N GLU B 773 15.43 18.21 -7.16
CA GLU B 773 16.54 17.43 -7.71
C GLU B 773 16.63 17.56 -9.22
N GLN B 774 15.50 17.77 -9.90
CA GLN B 774 15.54 17.93 -11.36
C GLN B 774 16.35 19.17 -11.75
N ASP B 775 16.02 20.33 -11.15
CA ASP B 775 16.79 21.53 -11.43
C ASP B 775 18.23 21.41 -10.93
N LYS B 776 18.43 20.68 -9.83
CA LYS B 776 19.79 20.43 -9.34
C LYS B 776 20.60 19.65 -10.36
N ASN B 777 20.01 18.62 -10.97
CA ASN B 777 20.67 17.86 -12.02
C ASN B 777 20.99 18.72 -13.22
N THR B 778 20.02 19.55 -13.64
CA THR B 778 20.26 20.43 -14.78
C THR B 778 21.39 21.40 -14.50
N GLN B 779 21.44 21.96 -13.29
CA GLN B 779 22.51 22.88 -12.92
C GLN B 779 23.87 22.18 -12.93
N GLU B 780 23.94 20.96 -12.40
CA GLU B 780 25.21 20.25 -12.43
C GLU B 780 25.65 19.93 -13.85
N VAL B 781 24.72 19.55 -14.71
CA VAL B 781 25.10 19.15 -16.06
C VAL B 781 25.54 20.38 -16.87
N PHE B 782 24.77 21.46 -16.84
CA PHE B 782 24.98 22.54 -17.79
C PHE B 782 25.65 23.78 -17.20
N ALA B 783 25.55 24.01 -15.89
CA ALA B 783 26.13 25.19 -15.26
C ALA B 783 27.49 24.89 -14.65
N GLN B 784 28.28 24.00 -15.27
CA GLN B 784 29.61 23.69 -14.77
C GLN B 784 30.50 24.93 -14.76
N VAL B 785 30.46 25.71 -15.84
CA VAL B 785 31.19 26.98 -15.92
C VAL B 785 30.22 28.12 -15.63
N LYS B 786 30.64 29.03 -14.74
CA LYS B 786 29.84 30.19 -14.38
C LYS B 786 30.33 31.45 -15.09
N GLN B 787 30.90 31.30 -16.28
CA GLN B 787 31.52 32.40 -17.00
C GLN B 787 31.13 32.28 -18.46
N ILE B 788 30.21 33.12 -18.91
CA ILE B 788 29.58 32.96 -20.23
C ILE B 788 30.50 33.53 -21.30
N TYR B 789 31.12 32.63 -22.06
CA TYR B 789 31.90 33.02 -23.22
C TYR B 789 31.00 32.96 -24.45
N LYS B 790 30.88 34.07 -25.17
CA LYS B 790 30.10 34.03 -26.39
C LYS B 790 31.00 33.99 -27.62
N THR B 791 30.38 33.68 -28.75
CA THR B 791 31.11 33.21 -29.92
C THR B 791 32.05 34.28 -30.46
N PRO B 792 33.30 33.94 -30.81
CA PRO B 792 34.16 34.91 -31.48
C PRO B 792 33.62 35.26 -32.85
N PRO B 793 33.87 36.48 -33.31
CA PRO B 793 33.29 36.91 -34.59
C PRO B 793 34.05 36.39 -35.80
N ILE B 794 35.37 36.25 -35.70
CA ILE B 794 36.18 35.91 -36.86
C ILE B 794 35.86 34.50 -37.36
N LYS B 795 35.76 33.54 -36.44
CA LYS B 795 35.47 32.14 -36.79
C LYS B 795 36.48 31.58 -37.78
N ASP B 796 37.76 31.80 -37.49
CA ASP B 796 38.87 31.28 -38.29
C ASP B 796 39.57 30.21 -37.46
N PHE B 797 39.13 28.97 -37.62
CA PHE B 797 39.59 27.85 -36.81
C PHE B 797 40.36 26.84 -37.64
N GLY B 798 41.17 27.33 -38.59
CA GLY B 798 42.01 26.45 -39.38
C GLY B 798 41.26 25.45 -40.24
N GLY B 799 40.16 25.89 -40.86
CA GLY B 799 39.37 25.04 -41.71
C GLY B 799 38.28 24.25 -41.02
N PHE B 800 38.25 24.27 -39.69
CA PHE B 800 37.19 23.59 -38.95
C PHE B 800 35.95 24.47 -38.91
N ASN B 801 34.79 23.87 -39.20
CA ASN B 801 33.54 24.61 -39.36
C ASN B 801 32.64 24.29 -38.17
N PHE B 802 32.48 25.27 -37.27
CA PHE B 802 31.63 25.12 -36.10
C PHE B 802 30.37 25.96 -36.18
N SER B 803 30.11 26.62 -37.31
CA SER B 803 28.89 27.40 -37.48
C SER B 803 27.64 26.53 -37.42
N GLN B 804 27.80 25.22 -37.33
CA GLN B 804 26.70 24.27 -37.36
C GLN B 804 26.26 23.84 -35.97
N ILE B 805 27.19 23.82 -35.02
CA ILE B 805 26.87 23.57 -33.61
C ILE B 805 26.91 24.83 -32.78
N LEU B 806 27.40 25.94 -33.33
CA LEU B 806 27.34 27.23 -32.66
C LEU B 806 25.98 27.87 -32.92
N PRO B 807 25.49 28.71 -32.00
CA PRO B 807 24.17 29.32 -32.19
C PRO B 807 24.17 30.33 -33.33
N ASP B 808 23.00 30.49 -33.94
CA ASP B 808 22.80 31.47 -35.00
C ASP B 808 21.88 32.58 -34.53
N PRO B 809 22.24 33.84 -34.72
CA PRO B 809 21.39 34.94 -34.24
C PRO B 809 20.10 35.11 -35.03
N SER B 810 19.98 34.52 -36.21
CA SER B 810 18.77 34.66 -37.00
C SER B 810 17.57 34.02 -36.29
N LYS B 811 17.77 32.86 -35.69
CA LYS B 811 16.69 32.20 -34.98
C LYS B 811 16.29 33.02 -33.76
N PRO B 812 14.99 33.10 -33.45
CA PRO B 812 14.57 33.81 -32.23
C PRO B 812 15.21 33.23 -30.97
N SER B 813 15.40 31.92 -30.91
CA SER B 813 16.12 31.28 -29.82
C SER B 813 17.58 31.09 -30.24
N LYS B 814 18.50 31.56 -29.40
CA LYS B 814 19.93 31.49 -29.72
C LYS B 814 20.47 30.07 -29.48
N ARG B 815 19.95 29.14 -30.28
CA ARG B 815 20.37 27.75 -30.24
C ARG B 815 20.87 27.32 -31.60
N SER B 816 21.74 26.31 -31.60
CA SER B 816 22.35 25.84 -32.83
C SER B 816 21.31 25.14 -33.70
N PHE B 817 21.68 24.93 -34.97
CA PHE B 817 20.79 24.25 -35.89
C PHE B 817 20.60 22.80 -35.48
N ILE B 818 21.67 22.13 -35.03
CA ILE B 818 21.55 20.76 -34.53
C ILE B 818 20.69 20.74 -33.27
N GLU B 819 20.85 21.75 -32.41
CA GLU B 819 19.96 21.87 -31.25
C GLU B 819 18.52 22.07 -31.69
N ASP B 820 18.31 22.81 -32.78
CA ASP B 820 16.96 22.96 -33.31
C ASP B 820 16.39 21.62 -33.77
N LEU B 821 17.21 20.81 -34.44
CA LEU B 821 16.77 19.47 -34.83
C LEU B 821 16.40 18.64 -33.60
N LEU B 822 17.27 18.65 -32.59
CA LEU B 822 17.02 17.86 -31.38
C LEU B 822 15.74 18.32 -30.68
N PHE B 823 15.50 19.64 -30.66
CA PHE B 823 14.25 20.15 -30.12
C PHE B 823 13.05 19.67 -30.93
N ASN B 824 13.19 19.62 -32.25
CA ASN B 824 12.08 19.19 -33.10
C ASN B 824 11.76 17.72 -32.94
N LYS B 825 12.78 16.88 -32.72
CA LYS B 825 12.58 15.44 -32.69
C LYS B 825 12.06 14.92 -31.36
N VAL B 826 11.90 15.78 -30.36
CA VAL B 826 11.32 15.39 -29.07
C VAL B 826 10.05 16.19 -28.88
N THR B 827 8.92 15.50 -28.70
CA THR B 827 7.62 16.11 -28.56
C THR B 827 7.22 16.08 -27.09
N LEU B 828 7.05 17.26 -26.50
CA LEU B 828 6.63 17.35 -25.11
C LEU B 828 5.13 17.11 -24.98
N ALA B 829 4.71 16.80 -23.75
CA ALA B 829 3.29 16.56 -23.50
C ALA B 829 2.45 17.81 -23.75
N ASP B 830 2.95 18.97 -23.33
CA ASP B 830 2.27 20.24 -23.52
C ASP B 830 3.23 21.26 -24.09
N ALA B 831 2.69 22.18 -24.90
CA ALA B 831 3.52 23.22 -25.49
C ALA B 831 4.11 24.13 -24.42
N GLY B 832 3.31 24.49 -23.42
CA GLY B 832 3.78 25.33 -22.34
C GLY B 832 3.43 24.77 -20.98
N PHE B 833 3.56 25.58 -19.94
CA PHE B 833 3.25 25.16 -18.58
C PHE B 833 2.08 25.94 -17.99
N ILE B 834 1.39 26.75 -18.79
CA ILE B 834 0.25 27.54 -18.34
C ILE B 834 -0.95 27.18 -19.23
N LYS B 835 -1.96 26.57 -18.62
CA LYS B 835 -3.21 26.21 -19.30
C LYS B 835 -4.35 26.86 -18.54
N GLN B 836 -4.97 27.87 -19.13
CA GLN B 836 -5.99 28.65 -18.44
C GLN B 836 -7.28 27.85 -18.30
N TYR B 837 -8.13 28.31 -17.37
CA TYR B 837 -9.41 27.65 -17.13
C TYR B 837 -10.30 27.70 -18.37
N GLY B 838 -10.29 28.83 -19.08
CA GLY B 838 -11.13 28.96 -20.26
C GLY B 838 -10.78 27.96 -21.35
N ASP B 839 -9.49 27.64 -21.49
CA ASP B 839 -9.08 26.64 -22.48
C ASP B 839 -9.62 25.26 -22.14
N CYS B 840 -9.67 24.90 -20.86
CA CYS B 840 -10.17 23.61 -20.42
C CYS B 840 -11.67 23.63 -20.14
N LEU B 841 -12.32 24.77 -20.24
CA LEU B 841 -13.73 24.90 -19.90
C LEU B 841 -14.59 24.30 -21.01
N GLY B 842 -15.49 23.39 -20.65
CA GLY B 842 -16.40 22.80 -21.61
C GLY B 842 -16.11 21.34 -21.89
N ASP B 843 -16.26 20.94 -23.16
CA ASP B 843 -16.03 19.57 -23.57
C ASP B 843 -14.54 19.25 -23.76
N ILE B 844 -13.68 20.27 -23.83
CA ILE B 844 -12.25 20.04 -23.97
C ILE B 844 -11.67 19.37 -22.74
N ALA B 845 -12.31 19.53 -21.57
CA ALA B 845 -11.81 18.91 -20.34
C ALA B 845 -11.81 17.39 -20.45
N ALA B 846 -12.85 16.82 -21.07
CA ALA B 846 -12.97 15.38 -21.22
C ALA B 846 -12.12 14.81 -22.34
N ARG B 847 -11.59 15.65 -23.23
CA ARG B 847 -10.78 15.18 -24.34
C ARG B 847 -9.30 15.51 -24.19
N ASP B 848 -8.95 16.57 -23.45
CA ASP B 848 -7.56 16.94 -23.26
C ASP B 848 -7.02 16.24 -22.02
N LEU B 849 -5.93 15.49 -22.19
CA LEU B 849 -5.34 14.77 -21.08
C LEU B 849 -4.81 15.73 -20.02
N ILE B 850 -4.18 16.82 -20.45
CA ILE B 850 -3.66 17.81 -19.49
C ILE B 850 -4.81 18.45 -18.71
N CYS B 851 -5.92 18.72 -19.39
CA CYS B 851 -7.08 19.30 -18.70
C CYS B 851 -7.59 18.36 -17.62
N ALA B 852 -7.70 17.06 -17.92
CA ALA B 852 -8.16 16.11 -16.93
C ALA B 852 -7.17 16.00 -15.77
N GLN B 853 -5.87 15.99 -16.07
CA GLN B 853 -4.86 15.93 -15.02
C GLN B 853 -4.96 17.13 -14.10
N LYS B 854 -5.14 18.33 -14.67
CA LYS B 854 -5.22 19.53 -13.85
C LYS B 854 -6.51 19.59 -13.06
N PHE B 855 -7.62 19.11 -13.65
CA PHE B 855 -8.88 19.07 -12.93
C PHE B 855 -8.87 18.01 -11.83
N ASN B 856 -7.97 17.03 -11.90
CA ASN B 856 -7.84 16.01 -10.87
C ASN B 856 -6.67 16.28 -9.93
N GLY B 857 -6.19 17.52 -9.88
CA GLY B 857 -5.19 17.91 -8.90
C GLY B 857 -3.75 17.59 -9.24
N LEU B 858 -3.45 17.29 -10.51
CA LEU B 858 -2.09 16.96 -10.94
C LEU B 858 -1.55 18.14 -11.75
N THR B 859 -0.45 18.72 -11.28
CA THR B 859 0.15 19.89 -11.91
C THR B 859 1.58 19.56 -12.34
N VAL B 860 2.01 20.16 -13.44
CA VAL B 860 3.38 20.01 -13.94
C VAL B 860 4.11 21.33 -13.72
N LEU B 861 5.25 21.26 -13.04
CA LEU B 861 6.01 22.46 -12.74
C LEU B 861 7.10 22.68 -13.78
N PRO B 862 7.24 23.91 -14.27
CA PRO B 862 8.25 24.18 -15.28
C PRO B 862 9.65 24.10 -14.68
N PRO B 863 10.65 23.78 -15.49
CA PRO B 863 12.03 23.81 -15.01
C PRO B 863 12.47 25.23 -14.69
N LEU B 864 13.39 25.34 -13.73
CA LEU B 864 13.94 26.65 -13.38
C LEU B 864 14.72 27.25 -14.55
N LEU B 865 15.53 26.44 -15.23
CA LEU B 865 16.29 26.88 -16.39
C LEU B 865 15.44 26.69 -17.64
N THR B 866 15.25 27.76 -18.41
CA THR B 866 14.56 27.66 -19.67
C THR B 866 15.47 27.01 -20.72
N ASP B 867 14.86 26.63 -21.84
CA ASP B 867 15.64 26.07 -22.94
C ASP B 867 16.63 27.09 -23.49
N GLU B 868 16.26 28.37 -23.49
CA GLU B 868 17.19 29.41 -23.93
C GLU B 868 18.39 29.50 -23.00
N MET B 869 18.18 29.38 -21.69
CA MET B 869 19.28 29.45 -20.74
C MET B 869 20.20 28.25 -20.87
N ILE B 870 19.64 27.06 -21.07
CA ILE B 870 20.46 25.87 -21.27
C ILE B 870 21.24 25.99 -22.58
N ALA B 871 20.61 26.57 -23.61
CA ALA B 871 21.31 26.80 -24.87
C ALA B 871 22.45 27.79 -24.68
N GLN B 872 22.24 28.83 -23.86
CA GLN B 872 23.31 29.78 -23.58
C GLN B 872 24.46 29.11 -22.85
N TYR B 873 24.16 28.24 -21.88
CA TYR B 873 25.21 27.49 -21.19
C TYR B 873 25.98 26.60 -22.16
N THR B 874 25.27 25.92 -23.05
CA THR B 874 25.92 25.07 -24.03
C THR B 874 26.80 25.90 -24.97
N SER B 875 26.31 27.07 -25.38
CA SER B 875 27.09 27.95 -26.25
C SER B 875 28.35 28.44 -25.54
N ALA B 876 28.24 28.77 -24.25
CA ALA B 876 29.41 29.19 -23.49
C ALA B 876 30.44 28.07 -23.40
N LEU B 877 29.98 26.85 -23.12
CA LEU B 877 30.89 25.72 -23.08
C LEU B 877 31.55 25.49 -24.43
N LEU B 878 30.77 25.60 -25.52
CA LEU B 878 31.33 25.40 -26.86
CA LEU B 878 31.33 25.40 -26.86
C LEU B 878 32.36 26.47 -27.18
N ALA B 879 32.08 27.73 -26.84
CA ALA B 879 33.02 28.81 -27.11
C ALA B 879 34.30 28.62 -26.31
N GLY B 880 34.18 28.21 -25.04
CA GLY B 880 35.37 27.95 -24.26
C GLY B 880 36.19 26.81 -24.82
N THR B 881 35.53 25.74 -25.28
CA THR B 881 36.26 24.61 -25.86
C THR B 881 36.95 25.01 -27.16
N ILE B 882 36.26 25.76 -28.02
CA ILE B 882 36.81 26.10 -29.33
C ILE B 882 37.95 27.10 -29.19
N THR B 883 37.78 28.14 -28.37
CA THR B 883 38.76 29.21 -28.30
C THR B 883 39.89 28.91 -27.32
N SER B 884 39.58 28.28 -26.19
CA SER B 884 40.59 28.04 -25.16
C SER B 884 40.96 26.57 -25.00
N GLY B 885 40.14 25.65 -25.48
CA GLY B 885 40.46 24.24 -25.36
C GLY B 885 40.10 23.65 -24.02
N TRP B 886 41.10 23.18 -23.28
CA TRP B 886 40.92 22.54 -22.00
C TRP B 886 41.17 23.49 -20.84
N THR B 887 41.68 24.70 -21.13
CA THR B 887 42.12 25.60 -20.06
C THR B 887 40.95 26.19 -19.29
N PHE B 888 39.86 26.50 -19.99
CA PHE B 888 38.71 27.11 -19.32
C PHE B 888 38.04 26.15 -18.35
N GLY B 889 38.28 24.85 -18.49
CA GLY B 889 37.79 23.91 -17.49
C GLY B 889 38.54 23.98 -16.18
N ALA B 890 39.78 24.47 -16.20
CA ALA B 890 40.57 24.69 -14.99
C ALA B 890 40.59 26.15 -14.57
N GLY B 891 39.75 26.99 -15.17
CA GLY B 891 39.71 28.40 -14.83
C GLY B 891 40.71 29.21 -15.62
N ALA B 892 40.38 30.49 -15.81
CA ALA B 892 41.24 31.44 -16.51
C ALA B 892 41.52 30.96 -17.94
N ALA B 893 40.45 30.95 -18.74
CA ALA B 893 40.51 30.51 -20.13
C ALA B 893 41.66 31.16 -20.87
N LEU B 894 42.56 30.33 -21.39
CA LEU B 894 43.73 30.77 -22.15
C LEU B 894 43.48 30.50 -23.63
N GLN B 895 43.53 31.55 -24.44
CA GLN B 895 43.29 31.39 -25.87
C GLN B 895 44.45 30.64 -26.52
N ILE B 896 44.12 29.89 -27.58
CA ILE B 896 45.10 29.11 -28.33
C ILE B 896 44.53 28.87 -29.73
N PRO B 897 45.35 28.97 -30.78
CA PRO B 897 44.86 28.63 -32.11
C PRO B 897 44.35 27.20 -32.17
N PHE B 898 43.25 27.00 -32.90
CA PHE B 898 42.58 25.70 -32.87
C PHE B 898 43.46 24.60 -33.46
N ALA B 899 44.29 24.92 -34.44
CA ALA B 899 45.19 23.91 -35.00
C ALA B 899 46.18 23.43 -33.94
N MET B 900 46.70 24.34 -33.12
CA MET B 900 47.60 23.95 -32.05
C MET B 900 46.88 23.14 -30.97
N GLN B 901 45.62 23.49 -30.69
CA GLN B 901 44.83 22.68 -29.75
C GLN B 901 44.64 21.26 -30.29
N MET B 902 44.34 21.13 -31.58
CA MET B 902 44.19 19.81 -32.17
C MET B 902 45.51 19.05 -32.16
N ALA B 903 46.63 19.75 -32.35
CA ALA B 903 47.93 19.11 -32.28
C ALA B 903 48.21 18.60 -30.87
N TYR B 904 47.85 19.38 -29.85
CA TYR B 904 48.01 18.92 -28.47
C TYR B 904 47.14 17.70 -28.21
N ARG B 905 45.92 17.69 -28.73
CA ARG B 905 45.06 16.53 -28.53
C ARG B 905 45.62 15.29 -29.25
N PHE B 906 46.19 15.50 -30.45
CA PHE B 906 46.84 14.40 -31.16
C PHE B 906 48.01 13.86 -30.35
N ASN B 907 48.81 14.74 -29.74
CA ASN B 907 49.86 14.29 -28.84
C ASN B 907 49.27 13.53 -27.66
N GLY B 908 48.11 13.95 -27.18
CA GLY B 908 47.46 13.27 -26.09
C GLY B 908 47.02 11.86 -26.43
N ILE B 909 46.61 11.63 -27.67
CA ILE B 909 46.18 10.29 -28.07
C ILE B 909 47.38 9.50 -28.61
N GLY B 910 48.58 10.03 -28.43
CA GLY B 910 49.79 9.30 -28.76
C GLY B 910 50.28 9.45 -30.18
N VAL B 911 49.77 10.41 -30.94
CA VAL B 911 50.20 10.66 -32.32
C VAL B 911 50.98 11.96 -32.34
N THR B 912 52.13 11.94 -33.00
CA THR B 912 52.95 13.15 -33.07
C THR B 912 52.20 14.27 -33.76
N GLN B 913 52.40 15.50 -33.27
CA GLN B 913 51.59 16.63 -33.71
C GLN B 913 51.81 16.99 -35.17
N ASN B 914 52.97 16.64 -35.75
CA ASN B 914 53.21 16.95 -37.15
C ASN B 914 52.20 16.25 -38.05
N VAL B 915 51.74 15.06 -37.65
CA VAL B 915 50.69 14.36 -38.39
C VAL B 915 49.44 15.22 -38.47
N LEU B 916 49.14 15.93 -37.38
CA LEU B 916 48.04 16.89 -37.41
C LEU B 916 48.29 17.99 -38.43
N TYR B 917 49.52 18.52 -38.46
CA TYR B 917 49.82 19.66 -39.32
C TYR B 917 49.98 19.26 -40.78
N GLU B 918 50.52 18.07 -41.04
CA GLU B 918 50.68 17.61 -42.42
C GLU B 918 49.39 17.11 -43.03
N ASN B 919 48.34 16.90 -42.23
CA ASN B 919 47.04 16.47 -42.72
C ASN B 919 45.93 17.36 -42.17
N GLN B 920 46.22 18.65 -41.95
CA GLN B 920 45.24 19.55 -41.34
C GLN B 920 44.02 19.71 -42.22
N LYS B 921 44.22 19.87 -43.53
CA LYS B 921 43.09 20.01 -44.46
C LYS B 921 42.23 18.75 -44.45
N LEU B 922 42.87 17.58 -44.49
CA LEU B 922 42.13 16.33 -44.50
C LEU B 922 41.35 16.14 -43.20
N ILE B 923 41.97 16.46 -42.06
CA ILE B 923 41.30 16.29 -40.78
C ILE B 923 40.11 17.24 -40.65
N ALA B 924 40.29 18.50 -41.08
CA ALA B 924 39.19 19.45 -41.05
C ALA B 924 38.05 19.01 -41.96
N ASN B 925 38.39 18.52 -43.16
CA ASN B 925 37.35 18.04 -44.07
C ASN B 925 36.62 16.84 -43.49
N GLN B 926 37.34 15.93 -42.86
CA GLN B 926 36.71 14.76 -42.26
C GLN B 926 35.78 15.16 -41.12
N PHE B 927 36.21 16.12 -40.29
CA PHE B 927 35.35 16.60 -39.21
C PHE B 927 34.09 17.26 -39.76
N ASN B 928 34.24 18.08 -40.81
CA ASN B 928 33.07 18.71 -41.42
C ASN B 928 32.13 17.67 -42.02
N SER B 929 32.69 16.64 -42.67
CA SER B 929 31.87 15.58 -43.24
C SER B 929 31.13 14.80 -42.16
N ALA B 930 31.78 14.55 -41.02
CA ALA B 930 31.10 13.88 -39.92
C ALA B 930 29.99 14.73 -39.34
N ILE B 931 30.22 16.04 -39.23
CA ILE B 931 29.16 16.95 -38.77
C ILE B 931 27.98 16.93 -39.74
N GLY B 932 28.28 16.90 -41.05
CA GLY B 932 27.22 16.78 -42.04
C GLY B 932 26.49 15.46 -41.99
N LYS B 933 27.20 14.38 -41.66
CA LYS B 933 26.54 13.09 -41.49
C LYS B 933 25.60 13.12 -40.30
N ILE B 934 26.01 13.78 -39.21
CA ILE B 934 25.10 13.96 -38.07
C ILE B 934 23.89 14.79 -38.48
N GLN B 935 24.13 15.87 -39.23
CA GLN B 935 23.07 16.62 -39.90
C GLN B 935 22.05 15.70 -40.56
N ASP B 936 22.53 14.88 -41.50
CA ASP B 936 21.62 14.02 -42.27
C ASP B 936 20.91 13.02 -41.39
N SER B 937 21.61 12.44 -40.42
CA SER B 937 21.00 11.46 -39.53
C SER B 937 19.89 12.08 -38.71
N LEU B 938 20.10 13.29 -38.18
CA LEU B 938 19.08 13.93 -37.35
C LEU B 938 17.94 14.49 -38.18
N SER B 939 18.21 14.96 -39.40
CA SER B 939 17.17 15.54 -40.23
C SER B 939 16.30 14.48 -40.92
N SER B 940 16.71 13.22 -40.91
CA SER B 940 15.95 12.16 -41.55
C SER B 940 14.79 11.72 -40.65
N THR B 941 14.02 10.75 -41.13
CA THR B 941 12.89 10.24 -40.37
C THR B 941 13.32 9.46 -39.13
N ALA B 942 14.55 8.93 -39.12
CA ALA B 942 15.04 8.20 -37.96
C ALA B 942 15.13 9.12 -36.75
N SER B 943 14.63 8.64 -35.61
CA SER B 943 14.60 9.46 -34.40
C SER B 943 15.95 9.48 -33.70
N ALA B 944 16.42 8.31 -33.26
CA ALA B 944 17.68 8.14 -32.54
C ALA B 944 17.73 8.93 -31.24
N LEU B 945 16.62 9.50 -30.81
CA LEU B 945 16.52 10.25 -29.55
C LEU B 945 15.45 9.65 -28.66
N GLY B 946 15.38 8.31 -28.64
CA GLY B 946 14.34 7.63 -27.89
C GLY B 946 14.51 7.69 -26.39
N LYS B 947 15.72 8.01 -25.90
CA LYS B 947 15.93 8.05 -24.46
C LYS B 947 15.17 9.19 -23.80
N LEU B 948 15.13 10.37 -24.42
CA LEU B 948 14.41 11.50 -23.85
C LEU B 948 12.89 11.35 -24.06
N GLN B 949 12.51 10.86 -25.25
CA GLN B 949 11.09 10.61 -25.51
C GLN B 949 10.53 9.56 -24.57
N ASP B 950 11.36 8.57 -24.18
CA ASP B 950 10.92 7.57 -23.22
C ASP B 950 10.64 8.19 -21.86
N VAL B 951 11.49 9.13 -21.42
CA VAL B 951 11.25 9.80 -20.15
C VAL B 951 9.95 10.62 -20.21
N VAL B 952 9.76 11.36 -21.31
CA VAL B 952 8.56 12.16 -21.47
C VAL B 952 7.32 11.27 -21.46
N ASN B 953 7.37 10.17 -22.23
CA ASN B 953 6.25 9.25 -22.32
C ASN B 953 5.98 8.57 -20.99
N GLN B 954 7.03 8.25 -20.23
CA GLN B 954 6.84 7.63 -18.92
C GLN B 954 6.13 8.59 -17.96
N ASN B 955 6.55 9.86 -17.94
CA ASN B 955 5.87 10.82 -17.07
C ASN B 955 4.41 11.01 -17.48
N ALA B 956 4.17 11.15 -18.79
CA ALA B 956 2.79 11.32 -19.27
C ALA B 956 1.95 10.10 -18.95
N GLN B 957 2.51 8.91 -19.14
CA GLN B 957 1.78 7.67 -18.86
C GLN B 957 1.48 7.54 -17.37
N ALA B 958 2.42 7.93 -16.51
CA ALA B 958 2.17 7.89 -15.07
C ALA B 958 1.01 8.82 -14.70
N LEU B 959 1.03 10.04 -15.23
CA LEU B 959 -0.06 10.98 -14.93
C LEU B 959 -1.40 10.47 -15.46
N ASN B 960 -1.41 9.93 -16.69
CA ASN B 960 -2.65 9.44 -17.27
C ASN B 960 -3.17 8.22 -16.54
N THR B 961 -2.27 7.35 -16.07
CA THR B 961 -2.68 6.21 -15.26
C THR B 961 -3.26 6.66 -13.93
N LEU B 962 -2.66 7.69 -13.33
CA LEU B 962 -3.22 8.26 -12.11
C LEU B 962 -4.64 8.79 -12.34
N VAL B 963 -4.85 9.46 -13.47
CA VAL B 963 -6.19 9.95 -13.80
C VAL B 963 -7.15 8.78 -14.02
N LYS B 964 -6.71 7.76 -14.76
CA LYS B 964 -7.57 6.64 -15.10
C LYS B 964 -7.95 5.81 -13.88
N GLN B 965 -7.06 5.74 -12.88
CA GLN B 965 -7.33 4.91 -11.71
C GLN B 965 -8.43 5.46 -10.82
N LEU B 966 -8.94 6.66 -11.10
CA LEU B 966 -10.05 7.21 -10.35
C LEU B 966 -11.36 6.50 -10.63
N SER B 967 -11.41 5.63 -11.63
CA SER B 967 -12.61 4.88 -11.95
C SER B 967 -12.71 3.56 -11.19
N SER B 968 -11.74 3.26 -10.33
CA SER B 968 -11.78 2.02 -9.56
C SER B 968 -12.70 2.17 -8.36
N ASN B 969 -13.53 1.16 -8.14
CA ASN B 969 -14.45 1.19 -7.00
C ASN B 969 -13.75 0.92 -5.68
N PHE B 970 -12.67 0.15 -5.70
CA PHE B 970 -11.92 -0.23 -4.49
C PHE B 970 -12.82 -0.94 -3.47
N GLY B 971 -13.77 -1.74 -3.96
CA GLY B 971 -14.70 -2.42 -3.10
C GLY B 971 -15.94 -1.65 -2.72
N ALA B 972 -16.01 -0.37 -3.08
CA ALA B 972 -17.18 0.44 -2.79
C ALA B 972 -18.28 0.19 -3.82
N ILE B 973 -19.49 0.63 -3.49
CA ILE B 973 -20.62 0.46 -4.39
C ILE B 973 -20.44 1.27 -5.68
N SER B 974 -19.65 2.34 -5.64
CA SER B 974 -19.42 3.15 -6.82
C SER B 974 -18.04 3.79 -6.71
N SER B 975 -17.50 4.19 -7.86
CA SER B 975 -16.25 4.93 -7.91
C SER B 975 -16.45 6.43 -7.93
N VAL B 976 -17.70 6.89 -7.89
CA VAL B 976 -18.03 8.30 -7.91
C VAL B 976 -18.55 8.70 -6.54
N LEU B 977 -17.90 9.70 -5.94
CA LEU B 977 -18.35 10.17 -4.63
C LEU B 977 -19.73 10.81 -4.70
N ASN B 978 -20.05 11.46 -5.82
CA ASN B 978 -21.33 12.14 -5.95
C ASN B 978 -22.50 11.15 -5.89
N ASP B 979 -22.36 10.00 -6.55
CA ASP B 979 -23.43 9.00 -6.52
C ASP B 979 -23.63 8.47 -5.11
N ILE B 980 -22.54 8.18 -4.41
CA ILE B 980 -22.64 7.65 -3.05
C ILE B 980 -23.28 8.68 -2.13
N LEU B 981 -22.88 9.95 -2.25
CA LEU B 981 -23.46 10.99 -1.41
C LEU B 981 -24.92 11.25 -1.77
N SER B 982 -25.29 11.02 -3.03
CA SER B 982 -26.67 11.25 -3.45
C SER B 982 -27.60 10.14 -3.00
N ARG B 983 -27.12 8.90 -2.92
CA ARG B 983 -28.00 7.78 -2.59
C ARG B 983 -27.83 7.27 -1.16
N LEU B 984 -26.86 7.76 -0.40
CA LEU B 984 -26.61 7.26 0.94
C LEU B 984 -26.49 8.42 1.92
N ASP B 985 -26.85 8.16 3.18
CA ASP B 985 -26.71 9.14 4.24
C ASP B 985 -25.27 9.16 4.75
N LYS B 986 -25.03 9.93 5.81
CA LYS B 986 -23.67 10.13 6.29
C LYS B 986 -23.04 8.81 6.75
N VAL B 987 -23.77 8.04 7.56
CA VAL B 987 -23.20 6.83 8.14
C VAL B 987 -22.94 5.79 7.05
N GLU B 988 -23.92 5.56 6.18
CA GLU B 988 -23.75 4.55 5.14
C GLU B 988 -22.71 4.98 4.11
N ALA B 989 -22.66 6.26 3.77
CA ALA B 989 -21.68 6.72 2.79
C ALA B 989 -20.28 6.82 3.38
N GLU B 990 -20.15 6.83 4.71
CA GLU B 990 -18.84 6.97 5.32
C GLU B 990 -17.93 5.82 4.96
N VAL B 991 -18.45 4.58 4.98
CA VAL B 991 -17.61 3.43 4.70
C VAL B 991 -17.19 3.42 3.23
N GLN B 992 -18.11 3.76 2.32
CA GLN B 992 -17.76 3.81 0.90
C GLN B 992 -16.72 4.89 0.63
N ILE B 993 -16.88 6.06 1.25
CA ILE B 993 -15.90 7.13 1.05
C ILE B 993 -14.57 6.75 1.65
N ASP B 994 -14.57 6.01 2.77
CA ASP B 994 -13.32 5.55 3.35
C ASP B 994 -12.62 4.56 2.42
N ARG B 995 -13.37 3.65 1.81
CA ARG B 995 -12.79 2.73 0.84
C ARG B 995 -12.18 3.48 -0.35
N LEU B 996 -12.92 4.45 -0.87
CA LEU B 996 -12.41 5.24 -2.00
C LEU B 996 -11.16 6.02 -1.61
N ILE B 997 -11.16 6.60 -0.41
CA ILE B 997 -10.01 7.37 0.06
C ILE B 997 -8.79 6.47 0.19
N THR B 998 -8.97 5.27 0.77
CA THR B 998 -7.86 4.35 0.90
C THR B 998 -7.31 3.95 -0.46
N GLY B 999 -8.20 3.64 -1.40
CA GLY B 999 -7.74 3.24 -2.73
C GLY B 999 -7.00 4.35 -3.45
N ARG B 1000 -7.53 5.57 -3.40
CA ARG B 1000 -6.89 6.68 -4.09
C ARG B 1000 -5.58 7.09 -3.42
N LEU B 1001 -5.52 7.00 -2.09
CA LEU B 1001 -4.26 7.24 -1.40
C LEU B 1001 -3.21 6.20 -1.77
N GLN B 1002 -3.64 4.93 -1.92
CA GLN B 1002 -2.71 3.89 -2.37
C GLN B 1002 -2.23 4.18 -3.79
N SER B 1003 -3.12 4.64 -4.66
CA SER B 1003 -2.72 5.00 -6.02
C SER B 1003 -1.70 6.14 -6.01
N LEU B 1004 -1.93 7.16 -5.20
CA LEU B 1004 -1.00 8.27 -5.11
C LEU B 1004 0.35 7.81 -4.56
N GLN B 1005 0.33 6.94 -3.54
CA GLN B 1005 1.57 6.43 -2.97
C GLN B 1005 2.36 5.62 -4.00
N THR B 1006 1.66 4.78 -4.79
CA THR B 1006 2.33 4.02 -5.83
C THR B 1006 2.94 4.96 -6.87
N TYR B 1007 2.21 5.99 -7.27
CA TYR B 1007 2.75 6.96 -8.23
C TYR B 1007 3.99 7.64 -7.67
N VAL B 1008 3.96 8.03 -6.40
CA VAL B 1008 5.09 8.75 -5.82
C VAL B 1008 6.30 7.82 -5.67
N THR B 1009 6.07 6.55 -5.33
CA THR B 1009 7.18 5.60 -5.24
C THR B 1009 7.82 5.38 -6.60
N GLN B 1010 7.00 5.19 -7.64
CA GLN B 1010 7.54 5.04 -8.98
C GLN B 1010 8.30 6.29 -9.42
N GLN B 1011 7.77 7.47 -9.07
CA GLN B 1011 8.46 8.71 -9.39
C GLN B 1011 9.80 8.80 -8.68
N LEU B 1012 9.87 8.35 -7.42
CA LEU B 1012 11.12 8.36 -6.69
C LEU B 1012 12.15 7.44 -7.34
N ILE B 1013 11.72 6.24 -7.76
CA ILE B 1013 12.64 5.31 -8.41
C ILE B 1013 13.15 5.89 -9.73
N ARG B 1014 12.23 6.43 -10.53
CA ARG B 1014 12.63 7.04 -11.80
C ARG B 1014 13.50 8.25 -11.59
N ALA B 1015 13.28 9.00 -10.50
CA ALA B 1015 14.12 10.15 -10.20
C ALA B 1015 15.52 9.71 -9.80
N ALA B 1016 15.65 8.60 -9.07
CA ALA B 1016 16.96 8.06 -8.78
C ALA B 1016 17.69 7.66 -10.05
N GLU B 1017 16.99 7.00 -10.97
CA GLU B 1017 17.61 6.62 -12.24
C GLU B 1017 18.03 7.86 -13.04
N ILE B 1018 17.16 8.87 -13.08
CA ILE B 1018 17.47 10.10 -13.81
C ILE B 1018 18.64 10.83 -13.15
N ARG B 1019 18.74 10.77 -11.82
CA ARG B 1019 19.87 11.38 -11.13
C ARG B 1019 21.17 10.68 -11.46
N ALA B 1020 21.14 9.34 -11.55
CA ALA B 1020 22.33 8.62 -11.98
C ALA B 1020 22.72 9.01 -13.39
N SER B 1021 21.74 9.11 -14.29
CA SER B 1021 22.03 9.52 -15.67
C SER B 1021 22.60 10.93 -15.72
N ALA B 1022 22.07 11.84 -14.90
CA ALA B 1022 22.54 13.22 -14.89
C ALA B 1022 23.94 13.32 -14.29
N ASN B 1023 24.24 12.50 -13.28
CA ASN B 1023 25.60 12.45 -12.74
C ASN B 1023 26.58 11.96 -13.81
N LEU B 1024 26.17 10.94 -14.58
CA LEU B 1024 27.02 10.48 -15.68
C LEU B 1024 27.21 11.57 -16.72
N ALA B 1025 26.15 12.31 -17.04
CA ALA B 1025 26.24 13.39 -18.01
C ALA B 1025 27.16 14.50 -17.53
N ALA B 1026 27.07 14.85 -16.24
CA ALA B 1026 27.96 15.86 -15.68
C ALA B 1026 29.41 15.38 -15.70
N THR B 1027 29.65 14.11 -15.39
CA THR B 1027 31.00 13.57 -15.46
C THR B 1027 31.54 13.62 -16.88
N LYS B 1028 30.70 13.28 -17.86
CA LYS B 1028 31.13 13.32 -19.25
C LYS B 1028 31.42 14.75 -19.70
N MET B 1029 30.60 15.70 -19.29
CA MET B 1029 30.86 17.10 -19.62
C MET B 1029 32.17 17.58 -18.99
N SER B 1030 32.44 17.14 -17.76
CA SER B 1030 33.71 17.51 -17.12
C SER B 1030 34.89 16.87 -17.83
N GLU B 1031 34.77 15.61 -18.25
CA GLU B 1031 35.91 14.86 -18.74
C GLU B 1031 36.02 14.77 -20.26
N CYS B 1032 34.91 14.93 -20.98
CA CYS B 1032 34.96 14.90 -22.44
C CYS B 1032 34.94 16.28 -23.07
N VAL B 1033 34.27 17.24 -22.46
CA VAL B 1033 34.17 18.60 -22.98
C VAL B 1033 35.23 19.52 -22.38
N LEU B 1034 35.37 19.49 -21.06
CA LEU B 1034 36.34 20.35 -20.39
C LEU B 1034 37.76 19.80 -20.45
N GLY B 1035 37.95 18.60 -20.98
CA GLY B 1035 39.27 18.02 -21.11
C GLY B 1035 39.24 16.85 -22.06
N GLN B 1036 40.42 16.26 -22.27
CA GLN B 1036 40.59 15.10 -23.12
C GLN B 1036 40.69 13.87 -22.24
N SER B 1037 39.72 12.96 -22.36
CA SER B 1037 39.67 11.78 -21.52
C SER B 1037 40.47 10.64 -22.12
N LYS B 1038 41.23 9.95 -21.29
CA LYS B 1038 41.97 8.76 -21.69
C LYS B 1038 41.24 7.47 -21.33
N ARG B 1039 40.04 7.57 -20.77
CA ARG B 1039 39.25 6.39 -20.47
C ARG B 1039 38.65 5.82 -21.75
N VAL B 1040 38.79 4.52 -21.94
CA VAL B 1040 38.35 3.87 -23.17
C VAL B 1040 36.82 3.82 -23.19
N ASP B 1041 36.24 4.24 -24.33
CA ASP B 1041 34.81 4.18 -24.58
C ASP B 1041 34.00 5.05 -23.63
N PHE B 1042 34.63 5.99 -22.94
CA PHE B 1042 33.90 6.91 -22.08
C PHE B 1042 33.39 8.13 -22.84
N CYS B 1043 34.12 8.57 -23.86
CA CYS B 1043 33.75 9.72 -24.68
C CYS B 1043 33.73 9.32 -26.15
N GLY B 1044 33.08 8.20 -26.44
CA GLY B 1044 32.95 7.72 -27.80
C GLY B 1044 33.88 6.54 -28.08
N LYS B 1045 33.70 5.96 -29.26
CA LYS B 1045 34.50 4.82 -29.71
C LYS B 1045 35.73 5.33 -30.45
N GLY B 1046 36.89 4.85 -30.05
CA GLY B 1046 38.16 5.29 -30.59
C GLY B 1046 38.91 6.16 -29.60
N TYR B 1047 40.03 6.70 -30.06
CA TYR B 1047 40.86 7.56 -29.24
C TYR B 1047 40.21 8.94 -29.17
N HIS B 1048 39.78 9.33 -27.98
CA HIS B 1048 38.99 10.56 -27.81
C HIS B 1048 39.84 11.79 -28.10
N LEU B 1049 39.34 12.64 -28.98
CA LEU B 1049 39.98 13.93 -29.27
C LEU B 1049 39.28 15.06 -28.52
N MET B 1050 37.97 15.21 -28.72
CA MET B 1050 37.22 16.26 -28.02
C MET B 1050 35.75 15.88 -28.02
N SER B 1051 34.94 16.72 -27.37
CA SER B 1051 33.50 16.53 -27.36
C SER B 1051 32.82 17.89 -27.32
N PHE B 1052 31.61 17.92 -27.86
CA PHE B 1052 30.82 19.14 -27.93
C PHE B 1052 29.45 18.89 -27.31
N PRO B 1053 29.01 19.71 -26.36
CA PRO B 1053 27.67 19.54 -25.80
C PRO B 1053 26.63 20.23 -26.65
N GLN B 1054 25.43 19.65 -26.63
CA GLN B 1054 24.25 20.26 -27.25
C GLN B 1054 23.06 20.05 -26.33
N SER B 1055 22.27 21.09 -26.12
CA SER B 1055 21.07 20.95 -25.31
C SER B 1055 20.00 20.19 -26.08
N ALA B 1056 19.20 19.42 -25.36
CA ALA B 1056 18.08 18.70 -25.92
C ALA B 1056 16.97 18.68 -24.87
N PRO B 1057 15.72 18.51 -25.30
CA PRO B 1057 14.62 18.47 -24.31
C PRO B 1057 14.86 17.41 -23.24
N HIS B 1058 15.05 17.88 -22.00
CA HIS B 1058 15.29 17.03 -20.84
C HIS B 1058 16.58 16.22 -20.98
N GLY B 1059 17.60 16.74 -21.66
CA GLY B 1059 18.82 15.98 -21.80
C GLY B 1059 19.91 16.75 -22.51
N VAL B 1060 21.04 16.07 -22.67
CA VAL B 1060 22.22 16.61 -23.35
C VAL B 1060 22.68 15.59 -24.39
N VAL B 1061 23.12 16.09 -25.53
CA VAL B 1061 23.68 15.26 -26.60
C VAL B 1061 25.16 15.61 -26.71
N PHE B 1062 26.01 14.59 -26.62
CA PHE B 1062 27.45 14.78 -26.69
C PHE B 1062 27.94 14.34 -28.07
N LEU B 1063 28.52 15.27 -28.81
CA LEU B 1063 29.16 14.97 -30.09
C LEU B 1063 30.63 14.67 -29.81
N HIS B 1064 30.99 13.39 -29.87
CA HIS B 1064 32.32 12.92 -29.50
C HIS B 1064 33.17 12.80 -30.75
N VAL B 1065 34.13 13.71 -30.91
CA VAL B 1065 35.10 13.64 -31.99
C VAL B 1065 36.27 12.78 -31.51
N THR B 1066 36.48 11.65 -32.19
CA THR B 1066 37.51 10.68 -31.82
C THR B 1066 38.43 10.42 -33.00
N TYR B 1067 39.50 9.70 -32.72
CA TYR B 1067 40.50 9.33 -33.73
C TYR B 1067 40.43 7.82 -33.92
N VAL B 1068 40.19 7.40 -35.16
CA VAL B 1068 40.02 5.99 -35.49
C VAL B 1068 41.04 5.60 -36.56
N PRO B 1069 41.90 4.62 -36.30
CA PRO B 1069 42.78 4.11 -37.36
C PRO B 1069 41.98 3.54 -38.53
N ALA B 1070 42.48 3.76 -39.74
CA ALA B 1070 41.74 3.43 -40.95
C ALA B 1070 42.39 2.32 -41.77
N GLN B 1071 43.64 2.48 -42.17
CA GLN B 1071 44.29 1.59 -43.14
C GLN B 1071 45.50 0.92 -42.50
N GLU B 1072 45.30 -0.26 -41.94
CA GLU B 1072 46.39 -1.02 -41.36
C GLU B 1072 47.20 -1.74 -42.42
N LYS B 1073 48.49 -1.92 -42.14
CA LYS B 1073 49.39 -2.62 -43.05
C LYS B 1073 50.27 -3.56 -42.24
N ASN B 1074 50.53 -4.74 -42.79
CA ASN B 1074 51.38 -5.71 -42.12
C ASN B 1074 52.84 -5.28 -42.16
N PHE B 1075 53.56 -5.52 -41.07
CA PHE B 1075 54.99 -5.26 -41.00
C PHE B 1075 55.64 -6.34 -40.15
N THR B 1076 56.93 -6.56 -40.40
CA THR B 1076 57.74 -7.44 -39.59
C THR B 1076 58.38 -6.63 -38.46
N THR B 1077 58.14 -7.05 -37.22
CA THR B 1077 58.58 -6.31 -36.05
C THR B 1077 59.54 -7.15 -35.23
N ALA B 1078 60.20 -6.49 -34.27
CA ALA B 1078 61.16 -7.13 -33.39
C ALA B 1078 61.16 -6.40 -32.05
N PRO B 1079 61.18 -7.13 -30.93
CA PRO B 1079 61.22 -6.46 -29.63
C PRO B 1079 62.46 -5.61 -29.42
N ALA B 1080 63.61 -6.02 -29.96
CA ALA B 1080 64.85 -5.29 -29.77
C ALA B 1080 65.77 -5.59 -30.93
N ILE B 1081 66.80 -4.76 -31.08
CA ILE B 1081 67.77 -4.89 -32.17
C ILE B 1081 69.18 -4.92 -31.57
N CYS B 1082 69.96 -5.90 -31.98
CA CYS B 1082 71.35 -6.03 -31.55
C CYS B 1082 72.26 -5.34 -32.55
N HIS B 1083 72.93 -4.27 -32.12
CA HIS B 1083 73.79 -3.49 -33.00
C HIS B 1083 75.27 -3.81 -32.80
N ASP B 1084 75.77 -3.65 -31.58
CA ASP B 1084 77.18 -3.87 -31.27
C ASP B 1084 77.33 -4.71 -30.01
N GLY B 1085 76.58 -5.81 -29.95
CA GLY B 1085 76.53 -6.61 -28.75
C GLY B 1085 75.66 -6.06 -27.65
N LYS B 1086 74.83 -5.06 -27.96
CA LYS B 1086 73.94 -4.44 -26.99
C LYS B 1086 72.53 -4.39 -27.54
N ALA B 1087 71.55 -4.45 -26.64
CA ALA B 1087 70.14 -4.45 -27.02
C ALA B 1087 69.62 -3.02 -27.06
N HIS B 1088 68.92 -2.68 -28.14
CA HIS B 1088 68.36 -1.35 -28.34
C HIS B 1088 66.84 -1.42 -28.34
N PHE B 1089 66.20 -0.38 -27.82
CA PHE B 1089 64.75 -0.31 -27.73
C PHE B 1089 64.28 1.05 -28.20
N PRO B 1090 63.06 1.14 -28.75
CA PRO B 1090 62.61 2.41 -29.31
C PRO B 1090 62.27 3.47 -28.27
N ARG B 1091 61.72 3.08 -27.12
CA ARG B 1091 61.39 3.96 -26.01
C ARG B 1091 60.18 4.85 -26.31
N GLU B 1092 59.74 4.87 -27.57
CA GLU B 1092 58.51 5.58 -27.93
C GLU B 1092 57.61 4.82 -28.89
N GLY B 1093 58.14 3.93 -29.73
CA GLY B 1093 57.33 3.24 -30.71
C GLY B 1093 57.70 1.79 -30.89
N VAL B 1094 57.72 1.33 -32.15
CA VAL B 1094 57.98 -0.06 -32.48
C VAL B 1094 58.96 -0.12 -33.64
N PHE B 1095 59.83 -1.13 -33.61
CA PHE B 1095 60.70 -1.42 -34.74
C PHE B 1095 59.92 -2.16 -35.82
N VAL B 1096 60.09 -1.72 -37.07
CA VAL B 1096 59.45 -2.37 -38.20
C VAL B 1096 60.49 -2.56 -39.29
N SER B 1097 60.18 -3.46 -40.23
CA SER B 1097 61.06 -3.77 -41.33
C SER B 1097 60.26 -3.79 -42.64
N ASN B 1098 60.91 -3.34 -43.70
CA ASN B 1098 60.34 -3.41 -45.05
C ASN B 1098 61.10 -4.42 -45.90
N GLY B 1099 61.47 -5.55 -45.27
CA GLY B 1099 62.17 -6.60 -45.97
C GLY B 1099 63.69 -6.57 -45.79
N THR B 1100 64.29 -5.39 -45.94
CA THR B 1100 65.75 -5.27 -45.89
C THR B 1100 66.24 -4.45 -44.72
N HIS B 1101 65.72 -3.24 -44.54
CA HIS B 1101 66.21 -2.34 -43.50
C HIS B 1101 65.16 -2.17 -42.41
N TRP B 1102 65.62 -1.79 -41.23
CA TRP B 1102 64.78 -1.63 -40.05
C TRP B 1102 64.62 -0.16 -39.73
N PHE B 1103 63.38 0.28 -39.53
CA PHE B 1103 63.04 1.62 -39.10
C PHE B 1103 62.30 1.55 -37.77
N VAL B 1104 62.06 2.71 -37.18
CA VAL B 1104 61.27 2.84 -35.96
C VAL B 1104 60.11 3.78 -36.24
N THR B 1105 58.91 3.39 -35.79
CA THR B 1105 57.73 4.18 -36.08
C THR B 1105 56.83 4.24 -34.86
N GLN B 1106 56.00 5.28 -34.83
CA GLN B 1106 54.98 5.38 -33.79
C GLN B 1106 53.91 4.32 -33.99
N ARG B 1107 53.25 3.95 -32.89
CA ARG B 1107 52.36 2.79 -32.91
C ARG B 1107 51.04 3.10 -33.62
N ASN B 1108 50.51 4.31 -33.45
CA ASN B 1108 49.19 4.65 -33.99
C ASN B 1108 49.24 5.25 -35.38
N PHE B 1109 50.42 5.44 -35.96
CA PHE B 1109 50.54 5.99 -37.30
C PHE B 1109 51.87 5.54 -37.89
N TYR B 1110 51.85 5.11 -39.14
CA TYR B 1110 53.06 4.58 -39.77
C TYR B 1110 53.90 5.74 -40.28
N GLU B 1111 54.92 6.11 -39.51
CA GLU B 1111 55.89 7.14 -39.90
C GLU B 1111 57.28 6.60 -39.63
N PRO B 1112 57.79 5.73 -40.51
CA PRO B 1112 59.09 5.12 -40.27
C PRO B 1112 60.21 6.16 -40.28
N GLN B 1113 61.17 5.99 -39.36
CA GLN B 1113 62.33 6.84 -39.26
C GLN B 1113 63.57 5.97 -39.10
N ILE B 1114 64.70 6.49 -39.57
CA ILE B 1114 65.96 5.76 -39.49
C ILE B 1114 66.35 5.58 -38.03
N ILE B 1115 66.74 4.35 -37.67
CA ILE B 1115 67.08 4.05 -36.29
C ILE B 1115 68.43 4.69 -35.96
N THR B 1116 68.41 5.65 -35.04
CA THR B 1116 69.60 6.34 -34.56
C THR B 1116 69.70 6.16 -33.04
N THR B 1117 70.68 6.83 -32.45
CA THR B 1117 70.85 6.81 -31.01
C THR B 1117 69.88 7.74 -30.29
N ASP B 1118 69.17 8.60 -31.02
CA ASP B 1118 68.23 9.53 -30.40
C ASP B 1118 66.85 8.92 -30.21
N ASN B 1119 66.45 7.99 -31.07
CA ASN B 1119 65.15 7.34 -30.96
C ASN B 1119 65.24 5.94 -30.37
N THR B 1120 66.39 5.57 -29.80
CA THR B 1120 66.57 4.28 -29.16
C THR B 1120 67.39 4.46 -27.89
N PHE B 1121 67.26 3.50 -26.97
CA PHE B 1121 68.09 3.43 -25.79
C PHE B 1121 68.65 2.03 -25.63
N VAL B 1122 69.83 1.95 -25.02
CA VAL B 1122 70.58 0.71 -24.88
C VAL B 1122 70.33 0.13 -23.50
N SER B 1123 70.11 -1.19 -23.44
CA SER B 1123 69.88 -1.87 -22.16
C SER B 1123 70.39 -3.30 -22.26
N GLY B 1124 71.53 -3.57 -21.62
CA GLY B 1124 72.03 -4.93 -21.50
C GLY B 1124 72.62 -5.49 -22.79
N ASN B 1125 72.79 -6.81 -22.78
CA ASN B 1125 73.36 -7.53 -23.91
C ASN B 1125 72.24 -8.09 -24.78
N CYS B 1126 72.60 -8.88 -25.79
CA CYS B 1126 71.65 -9.42 -26.75
C CYS B 1126 71.27 -10.86 -26.48
N ASP B 1127 71.83 -11.49 -25.45
CA ASP B 1127 71.57 -12.89 -25.17
C ASP B 1127 70.40 -13.11 -24.20
N VAL B 1128 69.74 -12.04 -23.76
CA VAL B 1128 68.63 -12.17 -22.82
C VAL B 1128 67.27 -11.89 -23.48
N VAL B 1129 67.20 -10.96 -24.43
CA VAL B 1129 65.93 -10.62 -25.06
C VAL B 1129 65.54 -11.71 -26.04
N ILE B 1130 64.30 -12.18 -25.94
CA ILE B 1130 63.78 -13.21 -26.82
C ILE B 1130 63.20 -12.53 -28.06
N GLY B 1131 63.70 -12.92 -29.23
CA GLY B 1131 63.25 -12.33 -30.47
C GLY B 1131 64.08 -11.19 -30.99
N ILE B 1132 65.26 -10.94 -30.42
CA ILE B 1132 66.12 -9.85 -30.87
C ILE B 1132 66.68 -10.17 -32.25
N VAL B 1133 66.82 -9.13 -33.08
CA VAL B 1133 67.35 -9.27 -34.42
C VAL B 1133 68.60 -8.39 -34.55
N ASN B 1134 69.33 -8.58 -35.65
CA ASN B 1134 70.56 -7.85 -35.91
C ASN B 1134 70.35 -6.84 -37.01
N ASN B 1135 70.78 -5.60 -36.77
CA ASN B 1135 70.69 -4.54 -37.76
C ASN B 1135 71.82 -3.55 -37.51
N THR B 1136 72.38 -3.02 -38.61
CA THR B 1136 73.49 -2.08 -38.55
C THR B 1136 72.96 -0.66 -38.67
N VAL B 1137 73.30 0.17 -37.70
CA VAL B 1137 72.88 1.58 -37.70
C VAL B 1137 73.73 2.33 -38.72
N TYR B 1138 73.06 3.01 -39.65
CA TYR B 1138 73.73 3.76 -40.70
C TYR B 1138 73.70 5.25 -40.40
N ASP B 1139 74.82 5.92 -40.65
CA ASP B 1139 74.93 7.35 -40.42
C ASP B 1139 74.14 8.14 -41.48
N GLN C 14 -19.84 -45.02 51.87
CA GLN C 14 -18.87 -45.85 51.18
C GLN C 14 -17.49 -45.20 51.18
N CYS C 15 -17.46 -43.90 51.47
CA CYS C 15 -16.19 -43.18 51.51
C CYS C 15 -15.31 -43.71 52.62
N VAL C 16 -14.04 -43.93 52.30
CA VAL C 16 -13.04 -44.43 53.25
C VAL C 16 -11.89 -43.44 53.29
N ASN C 17 -11.51 -43.03 54.49
CA ASN C 17 -10.41 -42.10 54.69
C ASN C 17 -9.13 -42.91 54.91
N LEU C 18 -8.25 -42.92 53.92
CA LEU C 18 -7.04 -43.71 54.00
C LEU C 18 -6.08 -43.16 55.05
N THR C 19 -5.40 -44.06 55.75
CA THR C 19 -4.44 -43.66 56.77
C THR C 19 -3.09 -44.32 56.51
N THR C 20 -2.16 -44.19 57.46
CA THR C 20 -0.82 -44.77 57.37
C THR C 20 -0.10 -44.31 56.10
N ARG C 21 -0.23 -43.02 55.80
CA ARG C 21 0.46 -42.40 54.66
C ARG C 21 1.60 -41.54 55.20
N THR C 22 2.82 -41.88 54.84
CA THR C 22 3.97 -41.10 55.27
C THR C 22 3.98 -39.73 54.61
N GLN C 23 4.32 -38.71 55.39
CA GLN C 23 4.32 -37.34 54.91
C GLN C 23 5.66 -37.03 54.23
N LEU C 24 5.58 -36.57 52.99
CA LEU C 24 6.76 -36.24 52.21
C LEU C 24 6.58 -34.89 51.54
N PRO C 25 7.68 -34.16 51.31
CA PRO C 25 7.55 -32.88 50.60
C PRO C 25 7.17 -33.12 49.15
N PRO C 26 6.51 -32.15 48.51
CA PRO C 26 6.15 -32.32 47.10
C PRO C 26 7.38 -32.41 46.21
N ALA C 27 7.25 -33.20 45.14
CA ALA C 27 8.33 -33.42 44.20
C ALA C 27 8.10 -32.62 42.92
N TYR C 28 9.18 -32.15 42.33
CA TYR C 28 9.13 -31.35 41.12
C TYR C 28 10.12 -31.89 40.10
N THR C 29 9.80 -31.73 38.82
CA THR C 29 10.64 -32.20 37.74
C THR C 29 10.51 -31.24 36.57
N ASN C 30 11.19 -31.58 35.47
CA ASN C 30 11.26 -30.73 34.29
C ASN C 30 10.57 -31.41 33.13
N SER C 31 9.64 -30.70 32.50
CA SER C 31 9.05 -31.12 31.23
C SER C 31 9.88 -30.50 30.11
N PHE C 32 10.60 -31.34 29.37
CA PHE C 32 11.57 -30.84 28.41
C PHE C 32 10.89 -30.33 27.15
N THR C 33 10.20 -31.22 26.42
CA THR C 33 9.51 -30.84 25.20
C THR C 33 8.18 -31.55 25.05
N ARG C 34 7.65 -32.16 26.11
CA ARG C 34 6.41 -32.90 26.04
C ARG C 34 5.21 -31.95 26.09
N GLY C 35 4.03 -32.51 25.80
CA GLY C 35 2.79 -31.76 25.86
C GLY C 35 2.34 -31.14 24.55
N VAL C 36 3.08 -31.33 23.47
CA VAL C 36 2.69 -30.79 22.17
C VAL C 36 1.59 -31.66 21.59
N TYR C 37 0.51 -31.03 21.13
CA TYR C 37 -0.61 -31.73 20.52
C TYR C 37 -0.92 -31.10 19.17
N TYR C 38 -1.70 -31.81 18.37
CA TYR C 38 -2.09 -31.30 17.06
C TYR C 38 -3.09 -30.16 17.24
N PRO C 39 -2.78 -28.94 16.79
CA PRO C 39 -3.71 -27.82 17.02
C PRO C 39 -5.05 -27.99 16.32
N ASP C 40 -5.09 -28.61 15.15
CA ASP C 40 -6.31 -28.77 14.39
C ASP C 40 -6.34 -30.15 13.76
N LYS C 41 -7.33 -30.40 12.91
CA LYS C 41 -7.51 -31.67 12.24
C LYS C 41 -7.21 -31.56 10.74
N VAL C 42 -6.23 -30.73 10.39
CA VAL C 42 -5.86 -30.49 8.99
C VAL C 42 -4.49 -31.13 8.74
N PHE C 43 -4.40 -31.95 7.71
CA PHE C 43 -3.15 -32.61 7.39
C PHE C 43 -2.16 -31.61 6.81
N ARG C 44 -0.93 -31.64 7.34
CA ARG C 44 0.16 -30.82 6.84
C ARG C 44 1.41 -31.67 6.77
N SER C 45 2.18 -31.54 5.70
CA SER C 45 3.38 -32.35 5.50
C SER C 45 4.52 -31.48 5.02
N SER C 46 5.71 -31.74 5.56
CA SER C 46 6.95 -31.06 5.17
C SER C 46 6.80 -29.54 5.27
N VAL C 47 6.39 -29.09 6.45
CA VAL C 47 6.07 -27.68 6.65
C VAL C 47 6.48 -27.27 8.06
N LEU C 48 6.71 -25.98 8.23
CA LEU C 48 6.92 -25.37 9.54
C LEU C 48 5.74 -24.45 9.80
N HIS C 49 4.87 -24.85 10.72
CA HIS C 49 3.61 -24.17 10.97
C HIS C 49 3.64 -23.49 12.32
N SER C 50 3.38 -22.19 12.33
CA SER C 50 3.35 -21.41 13.57
C SER C 50 1.90 -21.26 14.03
N THR C 51 1.64 -21.60 15.29
CA THR C 51 0.27 -21.56 15.81
C THR C 51 0.29 -21.12 17.26
N GLN C 52 -0.71 -20.34 17.64
CA GLN C 52 -0.88 -19.88 19.01
C GLN C 52 -2.00 -20.68 19.67
N ASP C 53 -1.71 -21.27 20.82
CA ASP C 53 -2.69 -22.10 21.52
C ASP C 53 -2.22 -22.31 22.96
N LEU C 54 -3.05 -23.00 23.73
CA LEU C 54 -2.72 -23.36 25.10
C LEU C 54 -1.74 -24.52 25.09
N PHE C 55 -0.46 -24.21 25.21
CA PHE C 55 0.60 -25.21 25.15
C PHE C 55 1.33 -25.28 26.48
N LEU C 56 1.86 -26.45 26.79
CA LEU C 56 2.73 -26.59 27.95
C LEU C 56 4.09 -26.00 27.60
N PRO C 57 4.58 -25.01 28.34
CA PRO C 57 5.87 -24.40 28.00
C PRO C 57 7.01 -25.41 28.07
N PHE C 58 7.98 -25.23 27.19
CA PHE C 58 9.13 -26.13 27.14
C PHE C 58 9.97 -25.98 28.40
N PHE C 59 10.48 -27.10 28.89
CA PHE C 59 11.33 -27.14 30.10
C PHE C 59 10.62 -26.48 31.28
N SER C 60 9.36 -26.85 31.47
CA SER C 60 8.54 -26.25 32.51
C SER C 60 8.64 -27.02 33.82
N ASN C 61 8.38 -26.32 34.91
CA ASN C 61 8.35 -26.93 36.24
C ASN C 61 7.06 -27.71 36.40
N VAL C 62 7.17 -29.03 36.55
CA VAL C 62 6.02 -29.92 36.55
C VAL C 62 5.98 -30.67 37.87
N THR C 63 4.81 -30.67 38.50
CA THR C 63 4.68 -31.37 39.78
C THR C 63 4.66 -32.88 39.55
N TRP C 64 5.17 -33.63 40.52
CA TRP C 64 5.38 -35.06 40.40
C TRP C 64 4.76 -35.75 41.60
N PHE C 65 3.97 -36.79 41.36
CA PHE C 65 3.28 -37.52 42.41
C PHE C 65 3.55 -39.01 42.24
N HIS C 66 3.67 -39.69 43.38
CA HIS C 66 4.05 -41.09 43.43
C HIS C 66 2.95 -41.94 44.04
N ALA C 67 3.02 -43.24 43.76
CA ALA C 67 2.20 -44.25 44.42
C ALA C 67 3.10 -45.48 44.60
N ILE C 68 3.61 -45.68 45.81
CA ILE C 68 4.59 -46.72 46.06
C ILE C 68 4.53 -47.07 47.53
N HIS C 69 4.77 -48.34 47.85
CA HIS C 69 4.86 -48.83 49.23
C HIS C 69 6.22 -49.52 49.38
N VAL C 70 7.19 -48.78 49.89
CA VAL C 70 8.55 -49.30 50.07
C VAL C 70 8.61 -50.07 51.38
N SER C 71 9.06 -51.32 51.31
CA SER C 71 9.17 -52.16 52.49
C SER C 71 10.27 -51.65 53.42
N GLY C 72 9.99 -51.67 54.71
CA GLY C 72 10.97 -51.25 55.70
C GLY C 72 10.30 -50.96 57.03
N THR C 73 11.11 -50.48 57.96
CA THR C 73 10.60 -50.09 59.27
C THR C 73 9.68 -48.87 59.15
N ASN C 74 10.24 -47.75 58.68
CA ASN C 74 9.44 -46.58 58.36
C ASN C 74 9.05 -46.58 56.89
N GLY C 75 10.05 -46.59 56.00
CA GLY C 75 9.82 -46.69 54.57
C GLY C 75 9.02 -45.52 54.04
N THR C 76 8.30 -45.78 52.95
CA THR C 76 7.41 -44.78 52.34
C THR C 76 6.15 -45.46 51.87
N LYS C 77 5.01 -44.91 52.23
CA LYS C 77 3.70 -45.38 51.77
C LYS C 77 2.99 -44.16 51.18
N ARG C 78 3.23 -43.90 49.90
CA ARG C 78 2.71 -42.73 49.23
C ARG C 78 1.51 -43.11 48.38
N PHE C 79 0.40 -42.41 48.59
CA PHE C 79 -0.80 -42.52 47.76
C PHE C 79 -1.24 -41.08 47.48
N ASP C 80 -0.70 -40.49 46.42
CA ASP C 80 -0.87 -39.07 46.14
C ASP C 80 -2.07 -38.89 45.21
N ASN C 81 -3.18 -38.42 45.79
CA ASN C 81 -4.35 -38.01 45.01
C ASN C 81 -4.85 -36.66 45.53
N PRO C 82 -4.06 -35.60 45.39
CA PRO C 82 -4.50 -34.29 45.88
C PRO C 82 -5.43 -33.61 44.89
N VAL C 83 -6.11 -32.58 45.39
CA VAL C 83 -6.96 -31.74 44.56
C VAL C 83 -6.10 -30.59 44.04
N LEU C 84 -5.72 -30.66 42.77
CA LEU C 84 -4.84 -29.72 42.13
C LEU C 84 -5.64 -28.69 41.34
N PRO C 85 -5.08 -27.49 41.14
CA PRO C 85 -5.79 -26.48 40.35
C PRO C 85 -5.92 -26.87 38.89
N PHE C 86 -6.90 -26.27 38.22
CA PHE C 86 -7.13 -26.40 36.79
C PHE C 86 -7.24 -24.98 36.25
N ASN C 87 -6.10 -24.38 35.93
CA ASN C 87 -6.07 -22.96 35.61
C ASN C 87 -6.59 -22.70 34.20
N ASP C 88 -5.89 -23.20 33.18
CA ASP C 88 -6.30 -23.08 31.79
C ASP C 88 -6.19 -24.37 31.01
N GLY C 89 -5.62 -25.42 31.59
CA GLY C 89 -5.38 -26.65 30.88
C GLY C 89 -4.32 -27.44 31.61
N VAL C 90 -4.45 -28.76 31.54
CA VAL C 90 -3.62 -29.66 32.32
C VAL C 90 -2.95 -30.65 31.38
N TYR C 91 -1.62 -30.74 31.47
CA TYR C 91 -0.86 -31.82 30.87
C TYR C 91 -0.63 -32.87 31.94
N PHE C 92 -1.14 -34.08 31.71
CA PHE C 92 -1.10 -35.16 32.70
C PHE C 92 -0.38 -36.34 32.07
N ALA C 93 0.81 -36.64 32.57
CA ALA C 93 1.56 -37.81 32.12
C ALA C 93 1.53 -38.86 33.22
N SER C 94 1.52 -40.13 32.82
CA SER C 94 1.44 -41.23 33.78
C SER C 94 2.43 -42.31 33.38
N THR C 95 3.37 -42.61 34.27
CA THR C 95 4.25 -43.76 34.13
C THR C 95 3.74 -44.86 35.05
N GLU C 96 3.16 -45.90 34.46
CA GLU C 96 2.55 -46.96 35.24
C GLU C 96 2.74 -48.29 34.52
N LYS C 97 2.63 -49.37 35.30
CA LYS C 97 2.75 -50.73 34.77
C LYS C 97 1.61 -51.65 35.17
N SER C 98 0.90 -51.36 36.27
CA SER C 98 -0.20 -52.20 36.73
C SER C 98 -1.55 -51.51 36.59
N ASN C 99 -1.62 -50.45 35.77
CA ASN C 99 -2.85 -49.69 35.56
C ASN C 99 -3.39 -49.11 36.88
N ILE C 100 -2.52 -48.34 37.53
CA ILE C 100 -2.89 -47.75 38.82
C ILE C 100 -3.70 -46.48 38.62
N ILE C 101 -3.24 -45.60 37.73
CA ILE C 101 -3.99 -44.38 37.43
C ILE C 101 -5.26 -44.78 36.69
N ARG C 102 -6.41 -44.55 37.32
CA ARG C 102 -7.68 -45.00 36.76
C ARG C 102 -8.52 -43.87 36.19
N GLY C 103 -8.30 -42.63 36.58
CA GLY C 103 -9.04 -41.54 35.96
C GLY C 103 -8.88 -40.24 36.72
N TRP C 104 -9.83 -39.34 36.48
CA TRP C 104 -9.81 -38.03 37.11
C TRP C 104 -11.24 -37.55 37.36
N ILE C 105 -11.35 -36.57 38.26
CA ILE C 105 -12.57 -35.84 38.50
C ILE C 105 -12.26 -34.36 38.39
N PHE C 106 -13.12 -33.62 37.70
CA PHE C 106 -12.95 -32.20 37.44
C PHE C 106 -14.16 -31.44 37.95
N GLY C 107 -13.93 -30.25 38.48
CA GLY C 107 -15.04 -29.45 38.98
C GLY C 107 -14.56 -28.15 39.57
N THR C 108 -15.44 -27.51 40.34
CA THR C 108 -15.07 -26.33 41.10
C THR C 108 -15.14 -26.60 42.60
N THR C 109 -16.30 -27.03 43.09
CA THR C 109 -16.46 -27.55 44.45
C THR C 109 -16.87 -29.00 44.31
N LEU C 110 -15.96 -29.91 44.66
CA LEU C 110 -16.18 -31.32 44.40
C LEU C 110 -17.19 -31.91 45.37
N ASP C 111 -18.41 -31.38 45.34
CA ASP C 111 -19.50 -31.85 46.18
C ASP C 111 -20.81 -31.62 45.43
N SER C 112 -21.92 -31.90 46.10
CA SER C 112 -23.22 -31.87 45.46
C SER C 112 -23.70 -30.47 45.10
N LYS C 113 -23.03 -29.42 45.58
CA LYS C 113 -23.49 -28.06 45.29
C LYS C 113 -23.35 -27.74 43.80
N THR C 114 -22.26 -28.17 43.17
CA THR C 114 -22.00 -27.88 41.77
C THR C 114 -21.89 -29.19 40.99
N GLN C 115 -21.85 -29.05 39.66
CA GLN C 115 -21.72 -30.19 38.77
C GLN C 115 -20.25 -30.49 38.52
N SER C 116 -19.94 -31.79 38.39
CA SER C 116 -18.56 -32.22 38.21
C SER C 116 -18.51 -33.30 37.13
N LEU C 117 -17.35 -33.39 36.48
CA LEU C 117 -17.07 -34.40 35.49
C LEU C 117 -16.24 -35.52 36.09
N LEU C 118 -16.59 -36.75 35.77
CA LEU C 118 -15.89 -37.94 36.25
C LEU C 118 -15.52 -38.79 35.05
N ILE C 119 -14.21 -39.00 34.84
CA ILE C 119 -13.73 -39.88 33.79
C ILE C 119 -12.96 -40.99 34.50
N VAL C 120 -13.52 -42.20 34.55
CA VAL C 120 -12.95 -43.27 35.33
C VAL C 120 -12.90 -44.55 34.49
N ASN C 121 -11.97 -45.43 34.86
CA ASN C 121 -11.89 -46.77 34.30
C ASN C 121 -12.31 -47.75 35.39
N ASN C 122 -13.38 -48.50 35.13
CA ASN C 122 -13.95 -49.42 36.10
C ASN C 122 -13.38 -50.82 35.99
N ALA C 123 -12.30 -51.00 35.21
CA ALA C 123 -11.69 -52.27 34.83
C ALA C 123 -12.58 -53.08 33.90
N THR C 124 -13.79 -52.64 33.63
CA THR C 124 -14.68 -53.24 32.64
C THR C 124 -15.15 -52.22 31.61
N ASN C 125 -15.39 -50.99 32.02
CA ASN C 125 -15.85 -49.94 31.12
C ASN C 125 -15.16 -48.63 31.47
N VAL C 126 -15.17 -47.71 30.52
CA VAL C 126 -14.74 -46.34 30.73
C VAL C 126 -15.99 -45.49 30.90
N VAL C 127 -16.14 -44.89 32.08
CA VAL C 127 -17.35 -44.15 32.44
C VAL C 127 -17.02 -42.66 32.46
N ILE C 128 -17.77 -41.90 31.68
CA ILE C 128 -17.67 -40.44 31.65
C ILE C 128 -19.02 -39.89 32.05
N LYS C 129 -19.08 -39.24 33.21
CA LYS C 129 -20.35 -38.74 33.75
C LYS C 129 -20.16 -37.30 34.20
N VAL C 130 -20.92 -36.39 33.62
CA VAL C 130 -21.02 -35.02 34.08
C VAL C 130 -22.32 -34.89 34.85
N CYS C 131 -22.21 -34.65 36.16
CA CYS C 131 -23.33 -34.82 37.05
C CYS C 131 -22.91 -34.30 38.42
N GLU C 132 -23.89 -34.12 39.31
CA GLU C 132 -23.63 -33.58 40.64
C GLU C 132 -23.20 -34.72 41.55
N PHE C 133 -21.90 -34.83 41.80
CA PHE C 133 -21.34 -35.89 42.61
C PHE C 133 -20.96 -35.35 43.99
N GLN C 134 -21.35 -36.07 45.03
CA GLN C 134 -20.84 -35.82 46.38
C GLN C 134 -19.57 -36.66 46.52
N PHE C 135 -18.46 -36.11 46.04
CA PHE C 135 -17.22 -36.87 45.98
C PHE C 135 -16.66 -37.11 47.37
N CYS C 136 -16.04 -38.29 47.54
CA CYS C 136 -15.41 -38.63 48.80
C CYS C 136 -14.16 -37.78 49.01
N ASN C 137 -13.80 -37.59 50.29
CA ASN C 137 -12.58 -36.86 50.60
C ASN C 137 -11.35 -37.61 50.10
N ASP C 138 -11.39 -38.93 50.11
CA ASP C 138 -10.31 -39.78 49.60
C ASP C 138 -10.92 -40.76 48.60
N PRO C 139 -11.23 -40.30 47.38
CA PRO C 139 -11.82 -41.20 46.39
C PRO C 139 -10.77 -42.10 45.76
N PHE C 140 -11.13 -43.35 45.51
CA PHE C 140 -10.19 -44.27 44.89
C PHE C 140 -10.91 -45.50 44.35
N LEU C 141 -10.13 -46.45 43.86
CA LEU C 141 -10.59 -47.76 43.45
C LEU C 141 -9.70 -48.80 44.12
N GLY C 142 -10.15 -50.04 44.12
CA GLY C 142 -9.41 -51.07 44.84
C GLY C 142 -9.51 -52.45 44.22
N VAL C 143 -8.35 -53.08 44.00
CA VAL C 143 -8.26 -54.40 43.41
C VAL C 143 -7.79 -55.39 44.47
N TYR C 144 -8.53 -56.49 44.62
CA TYR C 144 -8.20 -57.54 45.58
C TYR C 144 -7.43 -58.65 44.88
N TYR C 145 -6.40 -59.16 45.55
CA TYR C 145 -5.60 -60.26 45.04
C TYR C 145 -5.92 -61.51 45.86
N HIS C 146 -6.58 -62.48 45.23
CA HIS C 146 -6.92 -63.75 45.88
C HIS C 146 -5.74 -64.70 45.76
N LYS C 147 -5.32 -65.26 46.90
CA LYS C 147 -4.20 -66.20 46.89
C LYS C 147 -4.57 -67.52 46.25
N ASN C 148 -5.79 -68.01 46.51
CA ASN C 148 -6.20 -69.31 45.97
C ASN C 148 -6.24 -69.29 44.44
N ASN C 149 -6.90 -68.30 43.86
CA ASN C 149 -6.89 -68.14 42.41
C ASN C 149 -5.59 -67.57 41.86
N LYS C 150 -4.79 -66.89 42.69
CA LYS C 150 -3.66 -66.10 42.20
C LYS C 150 -4.12 -65.10 41.14
N SER C 151 -5.29 -64.50 41.38
CA SER C 151 -5.95 -63.62 40.41
C SER C 151 -6.28 -62.29 41.05
N TRP C 152 -6.32 -61.25 40.21
CA TRP C 152 -6.63 -59.90 40.65
C TRP C 152 -8.03 -59.53 40.14
N MET C 153 -8.88 -59.05 41.05
CA MET C 153 -10.24 -58.69 40.72
C MET C 153 -10.58 -57.32 41.29
N GLU C 154 -11.33 -56.53 40.51
CA GLU C 154 -11.81 -55.24 40.99
C GLU C 154 -12.84 -55.44 42.08
N SER C 155 -12.66 -54.75 43.21
CA SER C 155 -13.52 -54.95 44.37
C SER C 155 -14.03 -53.67 45.02
N GLU C 156 -13.37 -52.53 44.83
CA GLU C 156 -13.74 -51.31 45.54
C GLU C 156 -13.88 -50.17 44.55
N PHE C 157 -14.97 -49.41 44.66
CA PHE C 157 -15.19 -48.19 43.89
C PHE C 157 -15.71 -47.13 44.86
N ARG C 158 -14.82 -46.26 45.32
CA ARG C 158 -15.10 -45.27 46.35
C ARG C 158 -14.74 -43.88 45.86
N VAL C 159 -15.29 -43.53 44.70
CA VAL C 159 -15.07 -42.21 44.13
C VAL C 159 -16.05 -41.19 44.71
N TYR C 160 -17.33 -41.50 44.70
CA TYR C 160 -18.36 -40.57 45.14
C TYR C 160 -19.37 -41.28 46.03
N SER C 161 -20.03 -40.49 46.87
CA SER C 161 -21.05 -41.00 47.77
C SER C 161 -22.44 -40.99 47.15
N SER C 162 -22.79 -39.93 46.41
CA SER C 162 -24.08 -39.82 45.78
C SER C 162 -23.94 -39.09 44.45
N ALA C 163 -24.87 -39.36 43.54
CA ALA C 163 -24.90 -38.72 42.22
C ALA C 163 -26.32 -38.28 41.93
N ASN C 164 -26.50 -37.00 41.63
CA ASN C 164 -27.82 -36.42 41.40
C ASN C 164 -27.74 -35.47 40.21
N ASN C 165 -28.89 -35.28 39.55
CA ASN C 165 -29.02 -34.35 38.43
C ASN C 165 -27.96 -34.63 37.37
N CYS C 166 -27.91 -35.89 36.94
CA CYS C 166 -26.86 -36.34 36.03
C CYS C 166 -27.23 -35.94 34.61
N THR C 167 -26.45 -35.03 34.02
CA THR C 167 -26.78 -34.47 32.71
C THR C 167 -26.05 -35.14 31.55
N PHE C 168 -24.82 -35.61 31.76
CA PHE C 168 -24.07 -36.27 30.69
C PHE C 168 -23.63 -37.64 31.17
N GLU C 169 -23.88 -38.66 30.36
CA GLU C 169 -23.51 -40.03 30.71
C GLU C 169 -22.98 -40.75 29.49
N TYR C 170 -21.88 -41.48 29.66
CA TYR C 170 -21.33 -42.30 28.59
C TYR C 170 -20.60 -43.49 29.22
N VAL C 171 -20.93 -44.68 28.74
CA VAL C 171 -20.29 -45.92 29.17
C VAL C 171 -19.72 -46.61 27.94
N SER C 172 -18.43 -46.91 27.97
CA SER C 172 -17.76 -47.53 26.83
C SER C 172 -18.10 -49.01 26.76
N GLN C 173 -17.70 -49.63 25.65
CA GLN C 173 -17.92 -51.05 25.47
C GLN C 173 -17.10 -51.85 26.49
N PRO C 174 -17.61 -52.98 26.96
CA PRO C 174 -16.89 -53.75 27.99
C PRO C 174 -15.55 -54.25 27.47
N PHE C 175 -14.58 -54.33 28.38
CA PHE C 175 -13.26 -54.89 28.08
C PHE C 175 -12.79 -55.67 29.32
N LEU C 176 -11.53 -56.09 29.31
CA LEU C 176 -10.96 -56.89 30.38
C LEU C 176 -10.04 -56.08 31.28
N MET C 177 -9.00 -55.45 30.72
CA MET C 177 -8.07 -54.59 31.46
C MET C 177 -7.46 -55.34 32.65
N ASP C 178 -6.63 -56.32 32.31
CA ASP C 178 -5.92 -57.13 33.28
C ASP C 178 -5.35 -56.28 34.41
N LEU C 179 -5.63 -56.70 35.65
CA LEU C 179 -5.29 -55.91 36.84
C LEU C 179 -4.12 -56.51 37.62
N GLU C 180 -3.30 -57.33 36.98
CA GLU C 180 -2.19 -57.96 37.67
C GLU C 180 -1.17 -56.92 38.12
N GLY C 181 -0.62 -57.12 39.32
CA GLY C 181 0.37 -56.22 39.87
C GLY C 181 1.76 -56.48 39.32
N LYS C 182 2.01 -56.04 38.09
CA LYS C 182 3.29 -56.30 37.45
C LYS C 182 4.44 -55.66 38.23
N GLN C 183 5.59 -56.30 38.16
CA GLN C 183 6.78 -55.87 38.88
C GLN C 183 7.89 -55.53 37.89
N GLY C 184 8.71 -54.54 38.26
CA GLY C 184 9.87 -54.20 37.47
C GLY C 184 9.91 -52.78 36.97
N ASN C 185 9.91 -52.62 35.65
CA ASN C 185 10.07 -51.34 34.98
C ASN C 185 8.72 -50.78 34.55
N PHE C 186 8.64 -49.44 34.50
CA PHE C 186 7.46 -48.79 33.94
C PHE C 186 7.42 -49.03 32.44
N LYS C 187 6.35 -49.69 31.97
CA LYS C 187 6.24 -50.13 30.59
C LYS C 187 5.23 -49.31 29.78
N ASN C 188 4.67 -48.25 30.36
CA ASN C 188 3.63 -47.48 29.67
C ASN C 188 3.72 -46.03 30.10
N LEU C 189 4.03 -45.14 29.17
CA LEU C 189 3.88 -43.71 29.36
C LEU C 189 2.70 -43.24 28.53
N ARG C 190 1.68 -42.69 29.19
CA ARG C 190 0.50 -42.20 28.51
C ARG C 190 0.27 -40.75 28.92
N GLU C 191 0.10 -39.88 27.94
CA GLU C 191 -0.01 -38.45 28.15
C GLU C 191 -1.38 -37.95 27.70
N PHE C 192 -1.96 -37.05 28.50
CA PHE C 192 -3.21 -36.40 28.19
C PHE C 192 -3.03 -34.88 28.26
N VAL C 193 -3.79 -34.19 27.44
CA VAL C 193 -3.96 -32.74 27.53
C VAL C 193 -5.45 -32.47 27.69
N PHE C 194 -5.82 -31.84 28.80
CA PHE C 194 -7.20 -31.49 29.11
C PHE C 194 -7.36 -29.99 29.01
N LYS C 195 -8.38 -29.56 28.25
CA LYS C 195 -8.72 -28.15 28.14
C LYS C 195 -10.23 -27.99 28.32
N ASN C 196 -10.65 -26.81 28.77
CA ASN C 196 -12.06 -26.50 28.99
C ASN C 196 -12.35 -25.18 28.29
N ILE C 197 -12.78 -25.26 27.03
CA ILE C 197 -12.97 -24.07 26.19
C ILE C 197 -14.40 -24.08 25.66
N ASP C 198 -15.14 -22.99 25.91
CA ASP C 198 -16.46 -22.76 25.35
C ASP C 198 -17.42 -23.91 25.65
N GLY C 199 -17.37 -24.41 26.88
CA GLY C 199 -18.24 -25.49 27.28
C GLY C 199 -17.83 -26.85 26.76
N TYR C 200 -16.67 -26.97 26.13
CA TYR C 200 -16.17 -28.23 25.60
C TYR C 200 -14.94 -28.66 26.38
N PHE C 201 -14.96 -29.90 26.86
CA PHE C 201 -13.78 -30.52 27.47
C PHE C 201 -13.01 -31.21 26.35
N LYS C 202 -11.91 -30.61 25.94
CA LYS C 202 -11.05 -31.15 24.89
C LYS C 202 -10.02 -32.07 25.53
N ILE C 203 -9.99 -33.32 25.09
CA ILE C 203 -9.02 -34.30 25.57
C ILE C 203 -8.17 -34.74 24.38
N TYR C 204 -6.86 -34.55 24.50
CA TYR C 204 -5.87 -35.06 23.57
C TYR C 204 -5.07 -36.15 24.27
N SER C 205 -4.74 -37.22 23.55
CA SER C 205 -4.08 -38.36 24.17
C SER C 205 -2.95 -38.87 23.29
N LYS C 206 -1.96 -39.48 23.95
CA LYS C 206 -0.88 -40.17 23.24
C LYS C 206 -0.31 -41.24 24.17
N HIS C 207 0.27 -42.27 23.57
CA HIS C 207 0.86 -43.37 24.34
C HIS C 207 2.19 -43.77 23.72
N THR C 208 3.20 -43.95 24.56
CA THR C 208 4.51 -44.40 24.13
C THR C 208 4.98 -45.54 25.02
N PRO C 209 5.67 -46.54 24.44
CA PRO C 209 6.13 -47.69 25.23
C PRO C 209 6.98 -47.33 26.45
N ILE C 210 8.10 -46.65 26.20
CA ILE C 210 9.16 -46.26 27.15
C ILE C 210 9.62 -47.42 28.03
N ASN C 211 10.78 -47.24 28.68
CA ASN C 211 11.31 -48.25 29.60
C ASN C 211 12.26 -47.54 30.56
N LEU C 212 11.78 -47.29 31.79
CA LEU C 212 12.56 -46.58 32.79
C LEU C 212 11.96 -46.85 34.16
N VAL C 213 12.57 -46.26 35.19
CA VAL C 213 12.11 -46.45 36.56
C VAL C 213 11.88 -45.16 37.32
N ARG C 214 12.48 -44.03 36.94
CA ARG C 214 12.54 -42.87 37.83
C ARG C 214 11.73 -41.68 37.36
N ASP C 215 12.05 -41.12 36.19
CA ASP C 215 11.60 -39.77 35.86
C ASP C 215 10.77 -39.77 34.58
N LEU C 216 10.28 -38.59 34.23
CA LEU C 216 9.50 -38.42 33.01
C LEU C 216 10.38 -38.62 31.79
N PRO C 217 9.97 -39.43 30.81
CA PRO C 217 10.81 -39.67 29.63
C PRO C 217 11.18 -38.40 28.88
N GLN C 218 12.34 -38.42 28.23
CA GLN C 218 12.80 -37.31 27.41
C GLN C 218 12.62 -37.65 25.94
N GLY C 219 11.97 -36.76 25.21
CA GLY C 219 11.72 -37.00 23.80
C GLY C 219 10.58 -36.12 23.32
N PHE C 220 10.14 -36.40 22.09
CA PHE C 220 9.05 -35.67 21.46
C PHE C 220 7.99 -36.65 20.99
N SER C 221 6.74 -36.36 21.32
CA SER C 221 5.61 -37.20 20.89
C SER C 221 4.37 -36.32 20.88
N ALA C 222 3.86 -36.04 19.68
CA ALA C 222 2.70 -35.16 19.55
C ALA C 222 1.43 -35.90 19.96
N LEU C 223 0.62 -35.24 20.78
CA LEU C 223 -0.63 -35.82 21.25
C LEU C 223 -1.72 -35.64 20.20
N GLU C 224 -2.53 -36.69 20.01
CA GLU C 224 -3.56 -36.62 19.01
C GLU C 224 -4.91 -36.32 19.65
N PRO C 225 -5.81 -35.64 18.93
CA PRO C 225 -7.14 -35.34 19.48
C PRO C 225 -7.90 -36.61 19.80
N LEU C 226 -8.31 -36.73 21.06
CA LEU C 226 -9.03 -37.91 21.53
C LEU C 226 -10.54 -37.70 21.52
N VAL C 227 -11.02 -36.66 22.21
CA VAL C 227 -12.47 -36.46 22.33
C VAL C 227 -12.75 -35.00 22.64
N ASP C 228 -14.00 -34.59 22.39
CA ASP C 228 -14.51 -33.24 22.67
C ASP C 228 -15.85 -33.40 23.38
N LEU C 229 -15.82 -33.48 24.71
CA LEU C 229 -17.03 -33.72 25.47
C LEU C 229 -17.81 -32.42 25.65
N PRO C 230 -19.08 -32.36 25.24
CA PRO C 230 -19.88 -31.15 25.44
C PRO C 230 -20.48 -31.09 26.84
N ILE C 231 -19.62 -30.77 27.82
CA ILE C 231 -20.04 -30.83 29.22
C ILE C 231 -20.64 -29.51 29.69
N GLY C 232 -20.10 -28.38 29.25
CA GLY C 232 -20.66 -27.09 29.61
C GLY C 232 -20.67 -26.80 31.10
N ILE C 233 -19.58 -27.10 31.80
CA ILE C 233 -19.50 -26.87 33.24
C ILE C 233 -18.23 -26.08 33.55
N ASN C 234 -18.25 -25.45 34.73
CA ASN C 234 -17.12 -24.68 35.22
C ASN C 234 -16.16 -25.60 35.94
N ILE C 235 -14.89 -25.57 35.53
CA ILE C 235 -13.86 -26.44 36.09
C ILE C 235 -12.68 -25.57 36.53
N THR C 236 -12.31 -25.68 37.81
CA THR C 236 -11.15 -25.00 38.35
C THR C 236 -10.21 -25.91 39.12
N ARG C 237 -10.64 -27.12 39.47
CA ARG C 237 -9.85 -28.07 40.23
C ARG C 237 -10.08 -29.46 39.68
N PHE C 238 -9.11 -30.34 39.91
CA PHE C 238 -9.21 -31.72 39.47
C PHE C 238 -8.42 -32.61 40.42
N GLN C 239 -8.89 -33.84 40.58
CA GLN C 239 -8.27 -34.83 41.45
C GLN C 239 -8.14 -36.15 40.71
N THR C 240 -6.96 -36.77 40.85
CA THR C 240 -6.69 -38.03 40.17
C THR C 240 -7.21 -39.20 40.99
N LEU C 241 -7.90 -40.13 40.33
CA LEU C 241 -8.41 -41.34 40.95
C LEU C 241 -7.48 -42.49 40.58
N LEU C 242 -6.87 -43.09 41.60
CA LEU C 242 -5.96 -44.22 41.46
C LEU C 242 -6.60 -45.48 42.03
N ALA C 243 -5.93 -46.61 41.83
CA ALA C 243 -6.37 -47.89 42.33
C ALA C 243 -5.33 -48.45 43.29
N LEU C 244 -5.77 -48.84 44.48
CA LEU C 244 -4.92 -49.48 45.46
C LEU C 244 -5.09 -51.00 45.40
N HIS C 245 -4.21 -51.70 46.11
CA HIS C 245 -4.15 -53.15 46.10
C HIS C 245 -4.41 -53.70 47.49
N ARG C 246 -5.20 -54.76 47.56
CA ARG C 246 -5.44 -55.50 48.79
C ARG C 246 -5.28 -56.99 48.51
N SER C 247 -4.80 -57.73 49.50
CA SER C 247 -4.54 -59.15 49.35
C SER C 247 -4.53 -59.79 50.73
N TYR C 248 -4.00 -61.02 50.81
CA TYR C 248 -3.84 -61.67 52.10
C TYR C 248 -2.80 -60.93 52.95
N LEU C 249 -1.89 -60.22 52.31
CA LEU C 249 -1.01 -59.29 53.03
C LEU C 249 -1.78 -58.00 53.29
N THR C 250 -1.11 -57.04 53.93
CA THR C 250 -1.68 -55.75 54.29
C THR C 250 -3.03 -55.91 55.02
N PRO C 251 -3.02 -56.46 56.24
CA PRO C 251 -4.24 -56.47 57.04
C PRO C 251 -4.59 -55.08 57.57
N GLY C 252 -5.87 -54.88 57.85
CA GLY C 252 -6.31 -53.60 58.38
C GLY C 252 -7.82 -53.49 58.39
N ASP C 253 -8.28 -52.26 58.62
CA ASP C 253 -9.70 -51.94 58.73
C ASP C 253 -10.20 -51.18 57.50
N SER C 254 -9.68 -51.55 56.32
CA SER C 254 -9.99 -50.94 55.03
C SER C 254 -9.46 -49.51 54.92
N SER C 255 -8.87 -48.98 55.99
CA SER C 255 -8.20 -47.68 55.93
C SER C 255 -6.69 -47.81 56.06
N SER C 256 -6.20 -48.94 56.59
CA SER C 256 -4.79 -49.23 56.65
C SER C 256 -4.42 -50.53 55.95
N GLY C 257 -5.38 -51.43 55.75
CA GLY C 257 -5.12 -52.70 55.10
C GLY C 257 -5.08 -52.59 53.58
N TRP C 258 -4.08 -51.88 53.06
CA TRP C 258 -3.95 -51.68 51.63
C TRP C 258 -2.49 -51.44 51.30
N THR C 259 -2.14 -51.64 50.03
CA THR C 259 -0.83 -51.31 49.51
C THR C 259 -0.99 -50.65 48.15
N ALA C 260 -0.04 -49.79 47.81
CA ALA C 260 -0.10 -49.00 46.58
C ALA C 260 0.85 -49.59 45.55
N GLY C 261 0.30 -49.97 44.39
CA GLY C 261 1.14 -50.40 43.30
C GLY C 261 1.98 -49.26 42.76
N ALA C 262 3.18 -49.61 42.29
CA ALA C 262 4.14 -48.59 41.86
C ALA C 262 3.63 -47.86 40.63
N ALA C 263 3.51 -46.54 40.74
CA ALA C 263 3.11 -45.70 39.63
C ALA C 263 3.51 -44.26 39.92
N ALA C 264 3.53 -43.44 38.88
CA ALA C 264 3.84 -42.02 39.06
C ALA C 264 3.06 -41.23 38.03
N TYR C 265 2.76 -39.98 38.37
CA TYR C 265 2.12 -39.09 37.41
C TYR C 265 2.61 -37.66 37.58
N TYR C 266 2.71 -36.97 36.47
CA TYR C 266 3.30 -35.64 36.37
C TYR C 266 2.25 -34.67 35.84
N VAL C 267 2.13 -33.53 36.49
CA VAL C 267 1.11 -32.53 36.18
C VAL C 267 1.80 -31.23 35.79
N GLY C 268 1.48 -30.71 34.61
CA GLY C 268 1.91 -29.40 34.20
C GLY C 268 0.72 -28.59 33.72
N TYR C 269 0.94 -27.28 33.58
CA TYR C 269 -0.14 -26.35 33.26
C TYR C 269 0.12 -25.66 31.95
N LEU C 270 -0.93 -25.55 31.13
CA LEU C 270 -0.83 -24.94 29.82
C LEU C 270 -0.94 -23.43 29.92
N GLN C 271 -0.24 -22.74 29.02
CA GLN C 271 -0.28 -21.29 28.90
C GLN C 271 -0.46 -20.90 27.45
N PRO C 272 -1.02 -19.73 27.17
CA PRO C 272 -1.14 -19.29 25.77
C PRO C 272 0.22 -18.97 25.18
N ARG C 273 0.69 -19.83 24.26
CA ARG C 273 2.02 -19.70 23.68
C ARG C 273 1.93 -19.89 22.17
N THR C 274 2.90 -19.32 21.47
CA THR C 274 3.08 -19.52 20.04
C THR C 274 4.17 -20.58 19.84
N PHE C 275 3.81 -21.66 19.15
CA PHE C 275 4.72 -22.77 18.88
C PHE C 275 4.93 -22.89 17.39
N LEU C 276 6.18 -23.16 17.00
CA LEU C 276 6.52 -23.48 15.61
C LEU C 276 6.72 -24.98 15.52
N LEU C 277 5.74 -25.67 14.93
CA LEU C 277 5.77 -27.13 14.81
C LEU C 277 6.30 -27.54 13.45
N LYS C 278 6.96 -28.69 13.42
CA LYS C 278 7.53 -29.24 12.19
C LYS C 278 6.74 -30.47 11.79
N TYR C 279 6.12 -30.43 10.60
CA TYR C 279 5.46 -31.57 10.01
C TYR C 279 6.39 -32.19 8.98
N ASN C 280 6.72 -33.47 9.18
CA ASN C 280 7.61 -34.17 8.26
C ASN C 280 6.84 -34.56 7.01
N GLU C 281 7.47 -35.37 6.14
CA GLU C 281 6.84 -35.76 4.90
C GLU C 281 5.63 -36.65 5.11
N ASN C 282 5.50 -37.26 6.29
CA ASN C 282 4.37 -38.14 6.59
C ASN C 282 3.25 -37.44 7.35
N GLY C 283 3.36 -36.14 7.58
CA GLY C 283 2.34 -35.41 8.30
C GLY C 283 2.40 -35.54 9.81
N THR C 284 3.51 -36.00 10.35
CA THR C 284 3.66 -36.19 11.80
C THR C 284 4.46 -35.03 12.38
N ILE C 285 3.97 -34.47 13.47
CA ILE C 285 4.70 -33.41 14.19
C ILE C 285 5.88 -34.07 14.90
N THR C 286 7.09 -33.82 14.41
CA THR C 286 8.29 -34.44 14.95
C THR C 286 9.10 -33.53 15.84
N ASP C 287 8.90 -32.21 15.76
CA ASP C 287 9.65 -31.28 16.59
C ASP C 287 8.86 -29.99 16.73
N ALA C 288 9.23 -29.20 17.74
CA ALA C 288 8.56 -27.94 17.99
C ALA C 288 9.54 -26.96 18.61
N VAL C 289 9.26 -25.68 18.41
CA VAL C 289 10.03 -24.59 19.00
C VAL C 289 9.07 -23.70 19.78
N ASP C 290 9.37 -23.48 21.06
CA ASP C 290 8.61 -22.56 21.90
C ASP C 290 9.20 -21.16 21.72
N CYS C 291 8.44 -20.28 21.05
CA CYS C 291 8.98 -18.99 20.65
C CYS C 291 9.32 -18.08 21.82
N ALA C 292 8.86 -18.39 23.03
CA ALA C 292 9.13 -17.57 24.20
C ALA C 292 10.00 -18.25 25.23
N LEU C 293 10.56 -19.42 24.92
CA LEU C 293 11.41 -20.12 25.88
C LEU C 293 12.69 -19.33 26.16
N ASP C 294 13.32 -18.84 25.10
CA ASP C 294 14.54 -18.05 25.22
C ASP C 294 14.70 -17.24 23.94
N PRO C 295 15.52 -16.19 23.96
CA PRO C 295 15.69 -15.37 22.75
C PRO C 295 16.20 -16.15 21.54
N LEU C 296 16.96 -17.23 21.76
CA LEU C 296 17.37 -18.08 20.64
C LEU C 296 16.16 -18.74 19.98
N SER C 297 15.22 -19.23 20.79
CA SER C 297 14.00 -19.81 20.22
C SER C 297 13.15 -18.75 19.54
N GLU C 298 13.15 -17.52 20.07
CA GLU C 298 12.45 -16.44 19.40
C GLU C 298 13.07 -16.13 18.05
N THR C 299 14.41 -16.17 17.97
CA THR C 299 15.08 -16.00 16.68
C THR C 299 14.72 -17.13 15.72
N LYS C 300 14.66 -18.36 16.24
CA LYS C 300 14.26 -19.50 15.41
C LYS C 300 12.85 -19.30 14.85
N CYS C 301 11.93 -18.83 15.69
CA CYS C 301 10.56 -18.60 15.25
C CYS C 301 10.49 -17.46 14.24
N THR C 302 11.27 -16.39 14.46
CA THR C 302 11.27 -15.26 13.52
C THR C 302 11.80 -15.68 12.16
N LEU C 303 12.88 -16.46 12.14
CA LEU C 303 13.45 -16.95 10.89
C LEU C 303 12.63 -18.08 10.28
N LYS C 304 11.63 -18.60 11.00
CA LYS C 304 10.81 -19.71 10.53
C LYS C 304 11.65 -20.92 10.15
N SER C 305 12.63 -21.23 10.99
CA SER C 305 13.50 -22.38 10.77
C SER C 305 14.01 -22.89 12.11
N PHE C 306 14.39 -24.16 12.13
CA PHE C 306 14.94 -24.79 13.32
C PHE C 306 16.45 -24.63 13.44
N THR C 307 17.10 -24.07 12.43
CA THR C 307 18.54 -23.84 12.43
C THR C 307 18.82 -22.37 12.20
N VAL C 308 19.76 -21.83 12.96
CA VAL C 308 20.16 -20.42 12.87
C VAL C 308 21.62 -20.37 12.49
N GLU C 309 21.94 -19.55 11.49
CA GLU C 309 23.33 -19.35 11.12
C GLU C 309 24.01 -18.37 12.07
N LYS C 310 25.34 -18.35 12.01
CA LYS C 310 26.11 -17.47 12.86
C LYS C 310 25.80 -16.00 12.54
N GLY C 311 25.63 -15.22 13.59
CA GLY C 311 25.40 -13.79 13.42
C GLY C 311 24.60 -13.22 14.58
N ILE C 312 24.20 -11.97 14.40
CA ILE C 312 23.43 -11.23 15.39
C ILE C 312 22.07 -10.90 14.79
N TYR C 313 21.01 -11.18 15.54
CA TYR C 313 19.64 -11.04 15.06
C TYR C 313 18.85 -10.20 16.03
N GLN C 314 18.11 -9.22 15.51
CA GLN C 314 17.23 -8.41 16.33
C GLN C 314 15.98 -9.20 16.71
N THR C 315 15.62 -9.16 17.98
CA THR C 315 14.41 -9.79 18.47
C THR C 315 13.41 -8.72 18.90
N SER C 316 12.30 -9.16 19.47
CA SER C 316 11.29 -8.22 19.93
C SER C 316 11.84 -7.39 21.09
N ASN C 317 11.28 -6.18 21.24
CA ASN C 317 11.73 -5.29 22.30
C ASN C 317 11.42 -5.90 23.67
N PHE C 318 12.15 -5.42 24.68
CA PHE C 318 12.03 -5.95 26.03
C PHE C 318 10.62 -5.76 26.57
N ARG C 319 9.89 -6.86 26.75
CA ARG C 319 8.52 -6.82 27.24
C ARG C 319 8.50 -6.89 28.76
N VAL C 320 7.57 -6.15 29.36
CA VAL C 320 7.32 -6.21 30.79
C VAL C 320 5.84 -6.49 30.98
N GLN C 321 5.53 -7.61 31.62
CA GLN C 321 4.13 -7.98 31.80
C GLN C 321 3.55 -7.29 33.03
N PRO C 322 2.29 -6.86 32.98
CA PRO C 322 1.66 -6.25 34.15
C PRO C 322 1.58 -7.24 35.31
N THR C 323 1.74 -6.72 36.53
CA THR C 323 1.72 -7.56 37.72
C THR C 323 0.33 -7.63 38.35
N GLU C 324 -0.37 -6.51 38.44
CA GLU C 324 -1.70 -6.46 39.02
C GLU C 324 -2.62 -5.62 38.15
N SER C 325 -3.91 -5.70 38.45
CA SER C 325 -4.94 -4.92 37.76
C SER C 325 -5.64 -4.03 38.78
N ILE C 326 -5.80 -2.75 38.43
CA ILE C 326 -6.40 -1.76 39.30
C ILE C 326 -7.57 -1.10 38.58
N VAL C 327 -8.61 -0.78 39.34
CA VAL C 327 -9.78 -0.07 38.83
C VAL C 327 -9.96 1.19 39.65
N ARG C 328 -10.10 2.33 38.96
CA ARG C 328 -10.24 3.63 39.61
C ARG C 328 -11.49 4.31 39.08
N PHE C 329 -12.56 4.27 39.87
CA PHE C 329 -13.82 4.95 39.62
C PHE C 329 -14.09 5.95 40.74
N PRO C 330 -14.80 7.04 40.47
CA PRO C 330 -15.19 7.94 41.56
C PRO C 330 -16.14 7.23 42.52
N ASN C 331 -16.02 7.56 43.80
CA ASN C 331 -16.81 6.86 44.81
C ASN C 331 -18.26 7.32 44.73
N ILE C 332 -19.13 6.48 44.17
CA ILE C 332 -20.55 6.76 44.07
C ILE C 332 -21.29 5.57 44.65
N THR C 333 -22.25 5.83 45.54
CA THR C 333 -23.02 4.78 46.18
C THR C 333 -24.48 4.74 45.76
N ASN C 334 -25.06 5.88 45.39
CA ASN C 334 -26.46 5.93 45.00
C ASN C 334 -26.68 5.18 43.69
N LEU C 335 -27.71 4.34 43.66
CA LEU C 335 -28.09 3.68 42.41
C LEU C 335 -28.78 4.67 41.49
N CYS C 336 -28.61 4.45 40.19
CA CYS C 336 -29.20 5.34 39.20
C CYS C 336 -30.73 5.24 39.26
N PRO C 337 -31.43 6.34 38.99
CA PRO C 337 -32.89 6.33 39.13
C PRO C 337 -33.59 5.49 38.06
N PHE C 338 -33.38 4.17 38.12
CA PHE C 338 -34.07 3.28 37.20
C PHE C 338 -35.57 3.28 37.45
N GLY C 339 -35.98 3.40 38.71
CA GLY C 339 -37.41 3.50 39.00
C GLY C 339 -38.03 4.78 38.48
N GLU C 340 -37.30 5.89 38.58
CA GLU C 340 -37.82 7.16 38.11
C GLU C 340 -37.95 7.21 36.59
N VAL C 341 -37.21 6.36 35.87
CA VAL C 341 -37.21 6.41 34.42
C VAL C 341 -38.11 5.31 33.85
N PHE C 342 -37.78 4.06 34.15
CA PHE C 342 -38.48 2.92 33.57
C PHE C 342 -39.76 2.55 34.31
N ASN C 343 -39.96 3.04 35.53
CA ASN C 343 -41.13 2.74 36.33
C ASN C 343 -42.04 3.95 36.49
N ALA C 344 -41.86 4.97 35.66
CA ALA C 344 -42.63 6.21 35.81
C ALA C 344 -44.12 5.95 35.57
N THR C 345 -44.94 6.58 36.40
CA THR C 345 -46.39 6.45 36.25
C THR C 345 -46.89 7.02 34.92
N ARG C 346 -46.40 8.18 34.52
CA ARG C 346 -46.83 8.82 33.29
C ARG C 346 -45.63 9.09 32.40
N PHE C 347 -45.79 8.85 31.10
CA PHE C 347 -44.78 9.15 30.11
C PHE C 347 -45.23 10.33 29.25
N ALA C 348 -44.25 11.00 28.64
CA ALA C 348 -44.54 12.16 27.83
C ALA C 348 -44.93 11.73 26.41
N SER C 349 -45.58 12.66 25.71
CA SER C 349 -45.88 12.44 24.30
C SER C 349 -44.60 12.54 23.48
N VAL C 350 -44.61 11.89 22.32
CA VAL C 350 -43.40 11.83 21.49
C VAL C 350 -43.03 13.21 20.96
N TYR C 351 -44.03 14.03 20.64
CA TYR C 351 -43.76 15.39 20.17
C TYR C 351 -43.21 16.26 21.30
N ALA C 352 -43.53 15.92 22.54
CA ALA C 352 -43.04 16.65 23.70
C ALA C 352 -42.22 15.72 24.59
N TRP C 353 -41.32 14.95 23.98
CA TRP C 353 -40.57 13.93 24.69
C TRP C 353 -39.78 14.53 25.85
N ASN C 354 -39.75 13.81 26.96
CA ASN C 354 -39.12 14.31 28.17
C ASN C 354 -37.63 13.96 28.18
N ARG C 355 -36.80 14.91 28.62
CA ARG C 355 -35.37 14.69 28.78
C ARG C 355 -35.00 14.87 30.25
N LYS C 356 -34.33 13.87 30.81
CA LYS C 356 -33.93 13.88 32.21
C LYS C 356 -32.44 13.65 32.32
N ARG C 357 -31.77 14.48 33.11
CA ARG C 357 -30.33 14.33 33.34
C ARG C 357 -30.07 13.22 34.34
N ILE C 358 -29.01 12.45 34.09
CA ILE C 358 -28.58 11.37 34.98
C ILE C 358 -27.15 11.69 35.40
N SER C 359 -26.92 11.77 36.70
CA SER C 359 -25.61 12.14 37.19
C SER C 359 -25.41 11.60 38.60
N ASN C 360 -24.15 11.31 38.93
CA ASN C 360 -23.74 10.88 40.27
C ASN C 360 -24.53 9.65 40.72
N CYS C 361 -24.40 8.57 39.95
CA CYS C 361 -25.07 7.33 40.29
C CYS C 361 -24.36 6.17 39.62
N VAL C 362 -24.67 4.96 40.09
CA VAL C 362 -24.06 3.73 39.59
C VAL C 362 -25.05 3.07 38.65
N ALA C 363 -24.61 2.83 37.40
CA ALA C 363 -25.48 2.27 36.37
C ALA C 363 -25.46 0.73 36.46
N ASP C 364 -26.12 0.24 37.52
CA ASP C 364 -26.27 -1.20 37.73
C ASP C 364 -27.64 -1.60 37.20
N TYR C 365 -27.71 -1.84 35.88
CA TYR C 365 -28.96 -2.12 35.22
C TYR C 365 -29.51 -3.51 35.53
N SER C 366 -28.73 -4.37 36.20
CA SER C 366 -29.21 -5.70 36.55
C SER C 366 -30.43 -5.64 37.48
N VAL C 367 -30.62 -4.53 38.20
CA VAL C 367 -31.81 -4.38 39.03
C VAL C 367 -33.07 -4.38 38.20
N LEU C 368 -32.97 -4.08 36.91
CA LEU C 368 -34.12 -4.14 36.01
C LEU C 368 -34.46 -5.56 35.58
N TYR C 369 -33.61 -6.54 35.90
CA TYR C 369 -33.84 -7.90 35.45
C TYR C 369 -35.11 -8.51 36.06
N ASN C 370 -35.43 -8.12 37.29
CA ASN C 370 -36.51 -8.77 38.02
C ASN C 370 -37.87 -8.37 37.45
N SER C 371 -38.08 -7.08 37.19
CA SER C 371 -39.40 -6.57 36.86
C SER C 371 -39.53 -6.00 35.45
N ALA C 372 -38.43 -5.62 34.80
CA ALA C 372 -38.49 -4.94 33.50
C ALA C 372 -38.15 -5.92 32.39
N SER C 373 -39.05 -6.02 31.41
CA SER C 373 -38.83 -6.79 30.20
C SER C 373 -38.89 -5.85 29.00
N PHE C 374 -37.86 -5.87 28.17
CA PHE C 374 -37.71 -4.92 27.08
C PHE C 374 -37.78 -5.64 25.74
N SER C 375 -38.67 -5.15 24.87
CA SER C 375 -38.76 -5.72 23.52
C SER C 375 -37.59 -5.30 22.65
N THR C 376 -37.10 -4.07 22.83
CA THR C 376 -36.01 -3.54 22.04
C THR C 376 -34.94 -2.99 22.96
N PHE C 377 -33.68 -3.38 22.71
CA PHE C 377 -32.54 -2.83 23.45
C PHE C 377 -31.36 -2.83 22.49
N LYS C 378 -31.09 -1.67 21.89
CA LYS C 378 -30.06 -1.55 20.87
C LYS C 378 -29.09 -0.44 21.25
N CYS C 379 -27.82 -0.79 21.45
CA CYS C 379 -26.78 0.17 21.75
C CYS C 379 -25.95 0.43 20.49
N TYR C 380 -25.49 1.67 20.35
CA TYR C 380 -24.89 2.11 19.10
C TYR C 380 -23.40 2.42 19.24
N GLY C 381 -23.03 3.30 20.16
CA GLY C 381 -21.64 3.66 20.31
C GLY C 381 -20.85 2.77 21.24
N VAL C 382 -21.45 1.72 21.77
CA VAL C 382 -20.81 0.88 22.78
C VAL C 382 -21.43 -0.52 22.72
N SER C 383 -20.58 -1.53 22.88
CA SER C 383 -21.08 -2.89 22.98
C SER C 383 -21.81 -3.08 24.31
N PRO C 384 -22.92 -3.81 24.32
CA PRO C 384 -23.66 -3.99 25.59
C PRO C 384 -22.84 -4.65 26.68
N THR C 385 -22.05 -5.67 26.35
CA THR C 385 -21.29 -6.40 27.36
C THR C 385 -20.23 -5.55 28.03
N LYS C 386 -19.89 -4.39 27.46
CA LYS C 386 -18.93 -3.47 28.07
C LYS C 386 -19.59 -2.45 28.98
N LEU C 387 -20.93 -2.38 29.01
CA LEU C 387 -21.60 -1.33 29.77
C LEU C 387 -21.29 -1.40 31.25
N ASN C 388 -20.93 -2.57 31.76
CA ASN C 388 -20.61 -2.71 33.17
C ASN C 388 -19.21 -2.22 33.52
N ASP C 389 -18.34 -2.05 32.53
CA ASP C 389 -16.94 -1.68 32.76
C ASP C 389 -16.63 -0.25 32.36
N LEU C 390 -17.65 0.57 32.15
CA LEU C 390 -17.47 1.91 31.60
C LEU C 390 -18.10 2.96 32.50
N CYS C 391 -17.62 4.19 32.34
CA CYS C 391 -18.21 5.37 32.97
C CYS C 391 -18.71 6.31 31.89
N PHE C 392 -19.87 6.89 32.11
CA PHE C 392 -20.58 7.65 31.10
C PHE C 392 -20.59 9.14 31.46
N THR C 393 -20.34 9.98 30.46
CA THR C 393 -20.04 11.38 30.71
C THR C 393 -21.30 12.23 30.92
N ASN C 394 -22.13 12.34 29.88
CA ASN C 394 -23.29 13.23 29.91
C ASN C 394 -24.53 12.38 29.61
N VAL C 395 -25.09 11.79 30.65
CA VAL C 395 -26.17 10.84 30.50
C VAL C 395 -27.50 11.58 30.49
N TYR C 396 -28.25 11.41 29.41
CA TYR C 396 -29.60 11.97 29.30
C TYR C 396 -30.54 10.86 28.87
N ALA C 397 -31.69 10.80 29.54
CA ALA C 397 -32.74 9.83 29.24
C ALA C 397 -33.92 10.56 28.61
N ASP C 398 -34.22 10.22 27.37
CA ASP C 398 -35.36 10.77 26.66
C ASP C 398 -36.48 9.74 26.65
N SER C 399 -37.58 10.07 27.30
CA SER C 399 -38.71 9.16 27.47
C SER C 399 -39.92 9.66 26.70
N PHE C 400 -40.59 8.75 26.01
CA PHE C 400 -41.85 9.05 25.34
C PHE C 400 -42.59 7.74 25.08
N VAL C 401 -43.76 7.86 24.45
CA VAL C 401 -44.61 6.74 24.11
C VAL C 401 -44.98 6.85 22.64
N ILE C 402 -44.84 5.75 21.90
CA ILE C 402 -45.18 5.71 20.48
C ILE C 402 -45.98 4.44 20.19
N ARG C 403 -46.27 4.23 18.92
CA ARG C 403 -46.88 2.99 18.47
C ARG C 403 -45.85 1.86 18.45
N GLY C 404 -46.37 0.63 18.40
CA GLY C 404 -45.48 -0.51 18.25
C GLY C 404 -44.76 -0.51 16.92
N ASP C 405 -45.44 -0.06 15.87
CA ASP C 405 -44.85 -0.04 14.54
C ASP C 405 -43.82 1.06 14.36
N GLU C 406 -43.83 2.07 15.22
CA GLU C 406 -42.93 3.21 15.09
C GLU C 406 -41.64 3.05 15.88
N VAL C 407 -41.49 1.97 16.65
CA VAL C 407 -40.28 1.75 17.43
C VAL C 407 -39.07 1.62 16.52
N ARG C 408 -39.26 1.00 15.35
CA ARG C 408 -38.18 0.90 14.37
C ARG C 408 -37.67 2.27 13.93
N GLN C 409 -38.51 3.30 14.02
CA GLN C 409 -38.12 4.64 13.59
C GLN C 409 -37.17 5.33 14.57
N ILE C 410 -36.96 4.77 15.75
CA ILE C 410 -36.05 5.36 16.73
C ILE C 410 -34.67 4.78 16.43
N ALA C 411 -33.99 5.40 15.47
CA ALA C 411 -32.68 4.98 15.03
C ALA C 411 -32.00 6.15 14.35
N PRO C 412 -30.66 6.16 14.26
CA PRO C 412 -29.97 7.35 13.75
C PRO C 412 -30.36 7.75 12.33
N GLY C 413 -30.65 6.79 11.45
CA GLY C 413 -30.88 7.12 10.06
C GLY C 413 -32.21 6.69 9.51
N GLN C 414 -33.27 6.80 10.30
CA GLN C 414 -34.60 6.37 9.90
C GLN C 414 -35.43 7.55 9.40
N THR C 415 -36.41 7.23 8.55
CA THR C 415 -37.41 8.17 8.11
C THR C 415 -38.78 7.71 8.59
N GLY C 416 -39.77 8.57 8.42
CA GLY C 416 -41.12 8.30 8.87
C GLY C 416 -41.66 9.45 9.69
N LYS C 417 -42.89 9.28 10.16
CA LYS C 417 -43.58 10.35 10.87
C LYS C 417 -42.83 10.73 12.14
N ILE C 418 -42.50 9.74 12.97
CA ILE C 418 -41.82 10.02 14.23
C ILE C 418 -40.41 10.54 13.99
N ALA C 419 -39.68 9.92 13.07
CA ALA C 419 -38.30 10.33 12.83
C ALA C 419 -38.22 11.71 12.18
N ASP C 420 -39.25 12.12 11.45
CA ASP C 420 -39.22 13.40 10.76
C ASP C 420 -39.77 14.54 11.61
N TYR C 421 -40.95 14.35 12.21
CA TYR C 421 -41.67 15.45 12.83
C TYR C 421 -41.69 15.40 14.36
N ASN C 422 -41.27 14.29 14.97
CA ASN C 422 -41.41 14.15 16.42
C ASN C 422 -40.08 13.99 17.14
N TYR C 423 -39.24 13.04 16.73
CA TYR C 423 -38.03 12.75 17.47
C TYR C 423 -37.00 12.17 16.51
N LYS C 424 -35.87 12.86 16.36
CA LYS C 424 -34.81 12.44 15.45
C LYS C 424 -33.53 12.20 16.24
N LEU C 425 -32.86 11.09 15.96
CA LEU C 425 -31.55 10.78 16.54
C LEU C 425 -30.44 11.26 15.61
N PRO C 426 -29.32 11.73 16.17
CA PRO C 426 -28.20 12.14 15.32
C PRO C 426 -27.57 10.95 14.62
N ASP C 427 -26.92 11.24 13.49
CA ASP C 427 -26.25 10.19 12.72
C ASP C 427 -25.12 9.56 13.52
N ASP C 428 -24.41 10.36 14.32
CA ASP C 428 -23.32 9.89 15.16
C ASP C 428 -23.78 9.65 16.59
N PHE C 429 -25.01 9.18 16.76
CA PHE C 429 -25.58 8.98 18.09
C PHE C 429 -24.82 7.91 18.84
N THR C 430 -24.45 8.21 20.09
CA THR C 430 -23.82 7.26 20.99
C THR C 430 -24.75 7.06 22.18
N GLY C 431 -25.20 5.82 22.37
CA GLY C 431 -26.12 5.53 23.45
C GLY C 431 -26.90 4.26 23.14
N CYS C 432 -28.00 4.10 23.88
CA CYS C 432 -28.82 2.91 23.77
C CYS C 432 -30.29 3.28 23.72
N VAL C 433 -31.02 2.66 22.80
CA VAL C 433 -32.47 2.82 22.68
C VAL C 433 -33.14 1.60 23.29
N ILE C 434 -34.06 1.84 24.22
CA ILE C 434 -34.81 0.79 24.91
C ILE C 434 -36.29 1.04 24.68
N ALA C 435 -37.02 -0.01 24.33
CA ALA C 435 -38.44 0.10 24.10
C ALA C 435 -39.15 -1.13 24.64
N TRP C 436 -40.29 -0.92 25.28
CA TRP C 436 -41.05 -2.05 25.80
C TRP C 436 -42.54 -1.75 25.68
N ASN C 437 -43.31 -2.81 25.41
CA ASN C 437 -44.76 -2.68 25.28
C ASN C 437 -45.38 -2.26 26.62
N SER C 438 -46.25 -1.26 26.57
CA SER C 438 -46.92 -0.74 27.75
C SER C 438 -48.44 -0.74 27.55
N ASN C 439 -48.95 -1.82 26.94
CA ASN C 439 -50.39 -1.92 26.72
C ASN C 439 -51.15 -2.03 28.04
N ASN C 440 -50.57 -2.69 29.04
CA ASN C 440 -51.24 -2.84 30.32
C ASN C 440 -51.33 -1.53 31.09
N LEU C 441 -50.56 -0.52 30.71
CA LEU C 441 -50.50 0.74 31.43
C LEU C 441 -51.06 1.92 30.66
N ASP C 442 -50.77 2.01 29.36
CA ASP C 442 -51.11 3.19 28.57
C ASP C 442 -52.34 2.99 27.69
N SER C 443 -53.09 1.91 27.88
CA SER C 443 -54.28 1.63 27.10
C SER C 443 -55.52 1.73 27.97
N LYS C 444 -56.59 2.29 27.41
CA LYS C 444 -57.86 2.44 28.09
C LYS C 444 -58.95 1.79 27.28
N VAL C 445 -59.94 1.22 27.98
CA VAL C 445 -61.00 0.48 27.31
C VAL C 445 -61.75 1.38 26.33
N GLY C 446 -62.08 2.59 26.75
CA GLY C 446 -62.68 3.56 25.85
C GLY C 446 -61.72 4.22 24.89
N GLY C 447 -60.42 4.02 25.09
CA GLY C 447 -59.42 4.64 24.24
C GLY C 447 -58.62 5.70 24.98
N ASN C 448 -57.30 5.55 25.02
CA ASN C 448 -56.43 6.51 25.68
C ASN C 448 -55.94 7.52 24.64
N TYR C 449 -56.44 8.75 24.75
CA TYR C 449 -56.12 9.81 23.80
C TYR C 449 -55.21 10.88 24.41
N ASN C 450 -54.53 10.56 25.51
CA ASN C 450 -53.64 11.51 26.15
C ASN C 450 -52.26 11.55 25.53
N TYR C 451 -51.93 10.61 24.64
CA TYR C 451 -50.63 10.57 23.98
C TYR C 451 -50.79 11.12 22.58
N LEU C 452 -49.97 12.11 22.24
CA LEU C 452 -50.09 12.84 20.99
C LEU C 452 -48.80 12.73 20.19
N TYR C 453 -48.93 12.87 18.87
CA TYR C 453 -47.80 12.91 17.97
C TYR C 453 -48.00 14.03 16.97
N ARG C 454 -46.89 14.56 16.46
CA ARG C 454 -46.92 15.67 15.52
C ARG C 454 -47.07 15.14 14.10
N LEU C 455 -48.11 15.57 13.41
CA LEU C 455 -48.28 15.38 11.99
C LEU C 455 -48.25 16.73 11.29
N PHE C 456 -47.94 16.71 10.01
CA PHE C 456 -47.95 17.92 9.18
C PHE C 456 -47.00 18.99 9.73
N ARG C 457 -45.72 18.69 9.65
CA ARG C 457 -44.69 19.68 9.94
C ARG C 457 -44.09 20.21 8.65
N LYS C 458 -43.69 21.49 8.69
CA LYS C 458 -43.14 22.14 7.50
C LYS C 458 -41.85 21.48 7.03
N SER C 459 -40.96 21.15 7.96
CA SER C 459 -39.68 20.57 7.63
C SER C 459 -39.30 19.53 8.68
N ASN C 460 -38.34 18.68 8.33
CA ASN C 460 -37.90 17.63 9.23
C ASN C 460 -37.17 18.21 10.43
N LEU C 461 -37.35 17.58 11.59
CA LEU C 461 -36.71 18.03 12.82
C LEU C 461 -35.21 17.79 12.78
N LYS C 462 -34.47 18.69 13.42
CA LYS C 462 -33.06 18.47 13.66
C LYS C 462 -32.87 17.39 14.73
N PRO C 463 -31.70 16.76 14.78
CA PRO C 463 -31.46 15.77 15.83
C PRO C 463 -31.60 16.37 17.22
N PHE C 464 -32.29 15.63 18.09
CA PHE C 464 -32.53 16.04 19.48
C PHE C 464 -33.21 17.40 19.57
N GLU C 465 -34.09 17.70 18.61
CA GLU C 465 -34.86 18.94 18.63
C GLU C 465 -36.30 18.63 19.01
N ARG C 466 -36.90 19.51 19.81
CA ARG C 466 -38.26 19.35 20.29
C ARG C 466 -39.12 20.48 19.75
N ASP C 467 -40.26 20.11 19.15
CA ASP C 467 -41.23 21.08 18.63
C ASP C 467 -42.55 20.85 19.36
N ILE C 468 -43.00 21.85 20.10
CA ILE C 468 -44.23 21.78 20.86
C ILE C 468 -45.24 22.84 20.41
N SER C 469 -45.00 23.47 19.27
CA SER C 469 -45.94 24.48 18.78
C SER C 469 -47.22 23.83 18.29
N THR C 470 -48.32 24.58 18.38
CA THR C 470 -49.63 24.11 17.98
C THR C 470 -50.23 24.99 16.89
N GLU C 471 -49.38 25.61 16.08
CA GLU C 471 -49.86 26.46 14.99
C GLU C 471 -50.52 25.62 13.91
N ILE C 472 -51.56 26.16 13.30
CA ILE C 472 -52.28 25.45 12.25
C ILE C 472 -51.40 25.29 11.03
N TYR C 473 -51.31 24.06 10.52
CA TYR C 473 -50.48 23.77 9.36
C TYR C 473 -51.23 24.09 8.08
N GLN C 474 -50.57 24.80 7.18
CA GLN C 474 -51.15 25.18 5.89
C GLN C 474 -50.66 24.19 4.84
N ALA C 475 -51.54 23.31 4.38
CA ALA C 475 -51.17 22.32 3.39
C ALA C 475 -51.31 22.85 1.97
N GLY C 476 -52.36 23.64 1.72
CA GLY C 476 -52.61 24.20 0.40
C GLY C 476 -52.05 25.60 0.25
N SER C 477 -52.40 26.22 -0.88
CA SER C 477 -51.96 27.58 -1.14
C SER C 477 -52.75 28.60 -0.32
N THR C 478 -53.98 28.29 0.05
CA THR C 478 -54.78 29.21 0.85
C THR C 478 -54.20 29.30 2.25
N PRO C 479 -53.88 30.52 2.73
CA PRO C 479 -53.25 30.63 4.05
C PRO C 479 -54.26 30.63 5.18
N CYS C 480 -53.90 29.94 6.26
CA CYS C 480 -54.76 29.84 7.42
C CYS C 480 -54.63 31.09 8.28
N ASN C 481 -55.65 31.32 9.11
CA ASN C 481 -55.69 32.43 10.05
C ASN C 481 -56.02 31.92 11.45
N GLY C 482 -55.35 30.84 11.85
CA GLY C 482 -55.63 30.21 13.12
C GLY C 482 -56.88 29.37 13.18
N VAL C 483 -57.49 29.09 12.04
CA VAL C 483 -58.71 28.29 11.97
C VAL C 483 -58.42 27.03 11.17
N GLU C 484 -58.97 25.90 11.64
CA GLU C 484 -58.80 24.63 10.94
C GLU C 484 -59.91 24.45 9.93
N GLY C 485 -59.53 24.13 8.69
CA GLY C 485 -60.52 23.91 7.64
C GLY C 485 -59.90 23.65 6.29
N PHE C 486 -60.53 22.75 5.51
CA PHE C 486 -60.08 22.39 4.17
C PHE C 486 -58.64 21.89 4.19
N ASN C 487 -57.69 22.76 3.85
CA ASN C 487 -56.28 22.41 3.82
C ASN C 487 -55.53 22.88 5.06
N CYS C 488 -56.24 23.30 6.10
CA CYS C 488 -55.64 23.74 7.35
C CYS C 488 -55.93 22.70 8.42
N TYR C 489 -54.89 22.11 8.98
CA TYR C 489 -55.03 21.02 9.93
C TYR C 489 -54.29 21.34 11.23
N PHE C 490 -54.84 20.85 12.33
CA PHE C 490 -54.13 20.91 13.60
C PHE C 490 -52.94 19.96 13.54
N PRO C 491 -51.74 20.40 13.94
CA PRO C 491 -50.55 19.57 13.72
C PRO C 491 -50.40 18.38 14.65
N LEU C 492 -51.22 18.26 15.69
CA LEU C 492 -51.09 17.20 16.68
C LEU C 492 -52.29 16.26 16.60
N GLN C 493 -52.02 14.96 16.60
CA GLN C 493 -53.07 13.96 16.59
C GLN C 493 -52.78 12.93 17.68
N SER C 494 -53.85 12.41 18.28
CA SER C 494 -53.74 11.49 19.39
C SER C 494 -53.81 10.04 18.91
N TYR C 495 -53.05 9.18 19.58
CA TYR C 495 -53.14 7.75 19.32
C TYR C 495 -54.45 7.19 19.86
N GLY C 496 -54.84 6.04 19.35
CA GLY C 496 -56.00 5.34 19.86
C GLY C 496 -55.70 4.64 21.17
N PHE C 497 -54.79 3.67 21.12
CA PHE C 497 -54.29 2.96 22.30
C PHE C 497 -55.43 2.31 23.09
N GLN C 498 -56.08 1.35 22.44
CA GLN C 498 -57.08 0.50 23.07
C GLN C 498 -56.47 -0.86 23.42
N PRO C 499 -56.96 -1.51 24.48
CA PRO C 499 -56.38 -2.81 24.86
C PRO C 499 -56.50 -3.87 23.78
N THR C 500 -57.54 -3.79 22.94
CA THR C 500 -57.77 -4.78 21.89
C THR C 500 -57.07 -4.44 20.59
N ASN C 501 -56.26 -3.38 20.57
CA ASN C 501 -55.54 -3.01 19.37
C ASN C 501 -54.47 -4.04 19.04
N GLY C 502 -54.07 -4.07 17.78
CA GLY C 502 -52.99 -4.94 17.35
C GLY C 502 -51.66 -4.53 17.95
N VAL C 503 -50.69 -5.45 17.88
CA VAL C 503 -49.39 -5.21 18.49
C VAL C 503 -48.69 -4.01 17.84
N GLY C 504 -49.01 -3.73 16.57
CA GLY C 504 -48.47 -2.55 15.93
C GLY C 504 -49.10 -1.26 16.39
N TYR C 505 -50.32 -1.32 16.91
N TYR C 505 -50.32 -1.32 16.91
CA TYR C 505 -51.03 -0.15 17.43
CA TYR C 505 -51.02 -0.13 17.40
C TYR C 505 -51.15 -0.18 18.95
C TYR C 505 -51.06 -0.07 18.93
N GLN C 506 -50.29 -0.93 19.60
CA GLN C 506 -50.29 -0.89 21.06
C GLN C 506 -49.24 0.10 21.56
N PRO C 507 -49.44 0.71 22.72
CA PRO C 507 -48.47 1.68 23.21
C PRO C 507 -47.15 1.05 23.55
N TYR C 508 -46.06 1.75 23.23
CA TYR C 508 -44.71 1.32 23.55
C TYR C 508 -43.97 2.47 24.21
N ARG C 509 -43.42 2.21 25.39
CA ARG C 509 -42.62 3.20 26.11
C ARG C 509 -41.17 3.08 25.65
N VAL C 510 -40.59 4.22 25.27
CA VAL C 510 -39.25 4.29 24.72
C VAL C 510 -38.41 5.23 25.57
N VAL C 511 -37.24 4.74 25.99
CA VAL C 511 -36.23 5.52 26.69
C VAL C 511 -34.95 5.46 25.87
N VAL C 512 -34.44 6.62 25.49
CA VAL C 512 -33.19 6.74 24.74
C VAL C 512 -32.16 7.33 25.69
N LEU C 513 -31.12 6.55 25.99
CA LEU C 513 -30.02 7.00 26.83
C LEU C 513 -28.89 7.47 25.93
N SER C 514 -28.49 8.73 26.09
CA SER C 514 -27.41 9.31 25.31
C SER C 514 -26.29 9.73 26.26
N PHE C 515 -25.05 9.46 25.86
CA PHE C 515 -23.90 9.75 26.69
C PHE C 515 -22.65 9.81 25.81
N GLU C 516 -21.55 10.25 26.42
CA GLU C 516 -20.23 10.23 25.81
C GLU C 516 -19.34 9.29 26.60
N LEU C 517 -18.25 8.86 25.96
CA LEU C 517 -17.39 7.82 26.52
C LEU C 517 -15.92 8.22 26.42
N LEU C 518 -15.22 8.14 27.55
CA LEU C 518 -13.75 8.15 27.60
C LEU C 518 -13.16 9.43 27.02
N HIS C 519 -13.84 10.57 27.24
CA HIS C 519 -13.31 11.86 26.81
C HIS C 519 -13.42 12.96 27.85
N ALA C 520 -14.29 12.84 28.84
CA ALA C 520 -14.56 13.88 29.82
C ALA C 520 -14.65 13.25 31.19
N PRO C 521 -14.54 14.06 32.27
CA PRO C 521 -14.55 13.53 33.64
C PRO C 521 -15.55 12.41 33.92
N ALA C 522 -16.82 12.61 33.57
CA ALA C 522 -17.88 11.63 33.74
C ALA C 522 -18.23 11.41 35.21
N THR C 523 -19.50 11.17 35.49
CA THR C 523 -19.97 10.97 36.86
C THR C 523 -20.93 9.81 37.01
N VAL C 524 -21.25 9.10 35.94
CA VAL C 524 -22.09 7.91 36.00
C VAL C 524 -21.23 6.72 35.59
N CYS C 525 -21.14 5.71 36.46
CA CYS C 525 -20.25 4.59 36.27
C CYS C 525 -21.00 3.28 36.47
N GLY C 526 -20.43 2.20 35.95
CA GLY C 526 -21.00 0.89 36.11
C GLY C 526 -20.73 0.32 37.48
N PRO C 527 -21.30 -0.86 37.74
CA PRO C 527 -21.13 -1.51 39.05
C PRO C 527 -19.80 -2.24 39.18
N LYS C 528 -18.72 -1.49 39.08
CA LYS C 528 -17.36 -2.02 39.20
C LYS C 528 -16.71 -1.46 40.45
N LYS C 529 -16.18 -2.33 41.30
CA LYS C 529 -15.57 -1.92 42.55
C LYS C 529 -14.15 -1.43 42.31
N SER C 530 -13.84 -0.26 42.84
CA SER C 530 -12.51 0.32 42.69
C SER C 530 -11.52 -0.37 43.63
N THR C 531 -10.25 -0.31 43.25
CA THR C 531 -9.16 -0.86 44.03
C THR C 531 -8.20 0.26 44.44
N ASN C 532 -7.09 -0.13 45.06
CA ASN C 532 -6.08 0.85 45.45
C ASN C 532 -5.30 1.34 44.23
N LEU C 533 -4.65 2.48 44.39
CA LEU C 533 -3.85 3.07 43.33
C LEU C 533 -2.40 2.61 43.49
N VAL C 534 -1.88 1.94 42.46
CA VAL C 534 -0.53 1.40 42.47
C VAL C 534 0.30 2.22 41.49
N LYS C 535 1.42 2.77 41.98
CA LYS C 535 2.28 3.63 41.19
C LYS C 535 3.66 3.00 41.05
N ASN C 536 4.40 3.48 40.04
CA ASN C 536 5.78 3.05 39.78
C ASN C 536 5.86 1.54 39.57
N LYS C 537 4.87 0.99 38.88
CA LYS C 537 4.84 -0.45 38.64
C LYS C 537 3.97 -0.72 37.42
N CYS C 538 4.38 -1.70 36.62
CA CYS C 538 3.63 -2.07 35.42
C CYS C 538 2.35 -2.77 35.82
N VAL C 539 1.21 -2.11 35.59
CA VAL C 539 -0.10 -2.63 35.98
C VAL C 539 -1.08 -2.44 34.84
N ASN C 540 -2.13 -3.26 34.85
CA ASN C 540 -3.32 -2.95 34.08
C ASN C 540 -4.17 -1.97 34.86
N PHE C 541 -4.72 -0.98 34.16
CA PHE C 541 -5.48 0.07 34.81
C PHE C 541 -6.81 0.26 34.09
N ASN C 542 -7.83 0.60 34.89
CA ASN C 542 -9.16 0.97 34.39
C ASN C 542 -9.53 2.29 35.03
N PHE C 543 -9.34 3.38 34.29
CA PHE C 543 -9.63 4.74 34.77
C PHE C 543 -10.91 5.22 34.09
N ASN C 544 -12.00 5.24 34.85
CA ASN C 544 -13.29 5.75 34.37
C ASN C 544 -13.73 5.05 33.09
N GLY C 545 -13.48 3.74 33.02
CA GLY C 545 -13.82 2.95 31.85
C GLY C 545 -12.71 2.81 30.84
N LEU C 546 -11.70 3.67 30.87
CA LEU C 546 -10.58 3.60 29.94
C LEU C 546 -9.60 2.56 30.45
N THR C 547 -9.46 1.46 29.72
CA THR C 547 -8.57 0.37 30.12
C THR C 547 -7.25 0.48 29.39
N GLY C 548 -6.20 -0.02 30.03
CA GLY C 548 -4.88 0.01 29.43
C GLY C 548 -3.87 -0.69 30.31
N THR C 549 -2.62 -0.65 29.87
CA THR C 549 -1.51 -1.23 30.61
C THR C 549 -0.34 -0.24 30.60
N GLY C 550 0.30 -0.08 31.75
CA GLY C 550 1.42 0.83 31.82
C GLY C 550 1.86 1.05 33.26
N VAL C 551 2.78 2.01 33.40
CA VAL C 551 3.32 2.41 34.68
C VAL C 551 2.80 3.80 35.00
N LEU C 552 2.21 3.96 36.18
CA LEU C 552 1.63 5.22 36.61
C LEU C 552 2.59 5.93 37.56
N THR C 553 2.91 7.18 37.25
CA THR C 553 3.80 7.99 38.07
C THR C 553 3.14 9.33 38.35
N GLU C 554 3.60 10.00 39.41
CA GLU C 554 3.08 11.31 39.73
C GLU C 554 3.47 12.31 38.65
N SER C 555 2.52 13.13 38.22
CA SER C 555 2.70 14.03 37.09
C SER C 555 2.71 15.48 37.56
N ASN C 556 3.49 16.30 36.86
CA ASN C 556 3.54 17.73 37.09
C ASN C 556 2.52 18.49 36.25
N LYS C 557 1.78 17.82 35.37
CA LYS C 557 0.78 18.47 34.56
C LYS C 557 -0.36 18.99 35.43
N LYS C 558 -0.86 20.18 35.10
CA LYS C 558 -1.97 20.81 35.80
C LYS C 558 -3.18 20.77 34.88
N PHE C 559 -4.06 19.79 35.09
CA PHE C 559 -5.26 19.67 34.28
C PHE C 559 -6.26 20.76 34.62
N LEU C 560 -6.94 21.26 33.61
CA LEU C 560 -8.05 22.18 33.83
C LEU C 560 -9.22 21.41 34.44
N PRO C 561 -10.13 22.10 35.13
CA PRO C 561 -11.21 21.38 35.84
C PRO C 561 -12.09 20.54 34.93
N PHE C 562 -12.23 20.92 33.66
CA PHE C 562 -13.07 20.17 32.73
C PHE C 562 -12.33 19.04 32.03
N GLN C 563 -11.06 18.83 32.35
CA GLN C 563 -10.23 17.84 31.68
C GLN C 563 -10.01 16.63 32.56
N GLN C 564 -10.09 15.44 31.97
CA GLN C 564 -9.88 14.19 32.66
C GLN C 564 -8.70 13.40 32.12
N PHE C 565 -8.47 13.42 30.81
CA PHE C 565 -7.40 12.66 30.19
C PHE C 565 -6.48 13.59 29.43
N GLY C 566 -5.20 13.21 29.36
CA GLY C 566 -4.22 13.92 28.56
C GLY C 566 -3.70 13.01 27.46
N ARG C 567 -3.48 13.58 26.28
CA ARG C 567 -3.06 12.81 25.12
C ARG C 567 -1.86 13.46 24.46
N ASP C 568 -0.96 12.62 23.93
CA ASP C 568 0.26 13.08 23.29
C ASP C 568 0.03 13.24 21.78
N ILE C 569 1.12 13.40 21.04
CA ILE C 569 1.03 13.63 19.59
C ILE C 569 0.40 12.45 18.88
N ALA C 570 0.54 11.24 19.43
CA ALA C 570 0.00 10.03 18.81
C ALA C 570 -1.41 9.72 19.28
N ASP C 571 -2.08 10.67 19.93
CA ASP C 571 -3.44 10.55 20.46
C ASP C 571 -3.56 9.51 21.57
N THR C 572 -2.45 8.93 22.01
CA THR C 572 -2.50 7.96 23.11
C THR C 572 -2.69 8.68 24.44
N THR C 573 -3.43 8.05 25.33
CA THR C 573 -3.66 8.61 26.66
C THR C 573 -2.38 8.47 27.48
N ASP C 574 -1.66 9.58 27.65
CA ASP C 574 -0.42 9.58 28.41
C ASP C 574 -0.55 10.22 29.79
N ALA C 575 -1.69 10.83 30.11
CA ALA C 575 -1.93 11.36 31.44
C ALA C 575 -3.39 11.18 31.79
N VAL C 576 -3.67 11.03 33.08
CA VAL C 576 -5.03 10.78 33.54
C VAL C 576 -5.20 11.39 34.93
N ARG C 577 -6.37 11.98 35.17
CA ARG C 577 -6.72 12.46 36.50
C ARG C 577 -7.39 11.35 37.29
N ASP C 578 -6.88 11.10 38.49
CA ASP C 578 -7.46 10.06 39.33
C ASP C 578 -8.85 10.48 39.76
N PRO C 579 -9.88 9.67 39.52
CA PRO C 579 -11.24 10.09 39.89
C PRO C 579 -11.47 10.24 41.38
N GLN C 580 -10.61 9.66 42.21
CA GLN C 580 -10.78 9.72 43.66
C GLN C 580 -9.88 10.77 44.30
N THR C 581 -8.57 10.69 44.07
CA THR C 581 -7.64 11.63 44.67
C THR C 581 -7.47 12.92 43.88
N LEU C 582 -8.02 12.99 42.67
CA LEU C 582 -7.96 14.18 41.82
C LEU C 582 -6.52 14.59 41.51
N GLU C 583 -5.61 13.63 41.47
CA GLU C 583 -4.22 13.89 41.14
C GLU C 583 -3.93 13.43 39.71
N ILE C 584 -2.98 14.10 39.08
CA ILE C 584 -2.62 13.80 37.70
C ILE C 584 -1.50 12.77 37.69
N LEU C 585 -1.70 11.70 36.92
CA LEU C 585 -0.76 10.61 36.81
C LEU C 585 -0.33 10.45 35.36
N ASP C 586 0.99 10.39 35.14
CA ASP C 586 1.54 10.06 33.85
C ASP C 586 1.55 8.56 33.66
N ILE C 587 1.21 8.13 32.45
CA ILE C 587 1.16 6.72 32.07
C ILE C 587 2.27 6.47 31.07
N THR C 588 3.12 5.49 31.38
CA THR C 588 4.27 5.17 30.54
C THR C 588 4.21 3.72 30.09
N PRO C 589 4.48 3.45 28.81
CA PRO C 589 4.45 2.05 28.34
C PRO C 589 5.47 1.19 29.08
N CYS C 590 5.09 -0.06 29.33
CA CYS C 590 5.96 -0.96 30.07
C CYS C 590 7.12 -1.45 29.22
N SER C 591 6.86 -1.80 27.97
CA SER C 591 7.89 -2.36 27.10
C SER C 591 8.77 -1.24 26.54
N PHE C 592 10.08 -1.50 26.52
CA PHE C 592 11.06 -0.51 26.11
C PHE C 592 12.41 -1.19 25.95
N GLY C 593 13.15 -0.78 24.92
CA GLY C 593 14.51 -1.27 24.75
C GLY C 593 14.66 -2.35 23.70
N GLY C 594 15.67 -2.23 22.84
CA GLY C 594 15.93 -3.23 21.82
C GLY C 594 16.78 -4.37 22.33
N VAL C 595 16.55 -5.55 21.77
CA VAL C 595 17.22 -6.78 22.17
C VAL C 595 17.80 -7.46 20.94
N SER C 596 19.05 -7.92 21.05
CA SER C 596 19.70 -8.67 19.98
C SER C 596 20.26 -9.97 20.54
N VAL C 597 20.33 -10.98 19.69
CA VAL C 597 20.86 -12.29 20.05
C VAL C 597 22.05 -12.58 19.14
N ILE C 598 23.19 -12.87 19.76
CA ILE C 598 24.41 -13.24 19.05
C ILE C 598 24.57 -14.74 19.17
N THR C 599 24.65 -15.43 18.04
CA THR C 599 24.79 -16.87 18.04
C THR C 599 25.90 -17.30 17.10
N PRO C 600 26.66 -18.34 17.47
CA PRO C 600 27.67 -18.89 16.55
C PRO C 600 27.11 -19.82 15.50
N GLY C 601 25.81 -20.07 15.51
CA GLY C 601 25.21 -21.05 14.62
C GLY C 601 24.78 -22.29 15.38
N THR C 602 23.52 -22.70 15.22
CA THR C 602 23.02 -23.87 15.91
C THR C 602 23.77 -25.14 15.50
N ASN C 603 24.35 -25.17 14.29
CA ASN C 603 25.17 -26.30 13.89
C ASN C 603 26.47 -26.37 14.68
N THR C 604 26.91 -25.26 15.27
CA THR C 604 28.14 -25.22 16.04
C THR C 604 27.88 -25.33 17.54
N SER C 605 27.00 -24.50 18.09
CA SER C 605 26.70 -24.54 19.52
C SER C 605 25.33 -23.94 19.76
N ASN C 606 24.76 -24.27 20.91
CA ASN C 606 23.50 -23.69 21.35
C ASN C 606 23.71 -22.50 22.28
N GLN C 607 24.95 -22.14 22.56
CA GLN C 607 25.22 -20.97 23.39
C GLN C 607 24.85 -19.70 22.64
N VAL C 608 24.28 -18.74 23.37
CA VAL C 608 23.91 -17.45 22.80
C VAL C 608 24.33 -16.34 23.76
N ALA C 609 24.51 -15.15 23.20
CA ALA C 609 24.71 -13.94 23.98
C ALA C 609 23.57 -12.98 23.70
N VAL C 610 23.21 -12.19 24.70
CA VAL C 610 22.09 -11.26 24.60
C VAL C 610 22.60 -9.84 24.78
N LEU C 611 22.23 -8.96 23.85
CA LEU C 611 22.59 -7.56 23.89
C LEU C 611 21.33 -6.74 24.15
N TYR C 612 21.29 -6.06 25.29
CA TYR C 612 20.21 -5.15 25.64
C TYR C 612 20.71 -3.74 25.32
N GLN C 613 20.21 -3.18 24.23
CA GLN C 613 20.82 -1.99 23.63
C GLN C 613 20.57 -0.70 24.42
N ASP C 614 19.92 -0.74 25.58
CA ASP C 614 19.58 0.50 26.28
C ASP C 614 19.81 0.35 27.79
N VAL C 615 20.90 -0.29 28.20
CA VAL C 615 21.12 -0.68 29.59
C VAL C 615 22.59 -0.68 29.96
N ASN C 616 22.98 0.08 31.00
CA ASN C 616 24.09 -0.32 31.86
C ASN C 616 23.90 -1.67 32.53
N CYS C 617 24.96 -2.47 32.49
CA CYS C 617 25.17 -3.55 33.45
C CYS C 617 25.70 -2.93 34.76
N THR C 618 24.88 -2.04 35.34
CA THR C 618 25.26 -1.20 36.47
C THR C 618 25.79 -2.01 37.66
N THR C 632 16.17 -4.16 39.91
CA THR C 632 16.92 -5.03 39.02
C THR C 632 16.98 -4.45 37.61
N TRP C 633 17.82 -5.05 36.77
CA TRP C 633 17.99 -4.58 35.40
C TRP C 633 16.84 -5.02 34.53
N ARG C 634 16.68 -4.35 33.40
CA ARG C 634 15.69 -4.75 32.40
C ARG C 634 16.30 -5.77 31.43
N VAL C 635 16.65 -6.92 32.00
CA VAL C 635 17.25 -8.03 31.26
C VAL C 635 16.41 -9.28 31.48
N TYR C 636 16.27 -10.09 30.42
CA TYR C 636 15.52 -11.33 30.54
C TYR C 636 16.24 -12.33 31.45
N SER C 637 17.56 -12.43 31.33
CA SER C 637 18.35 -13.33 32.15
C SER C 637 19.76 -12.77 32.25
N THR C 638 20.29 -12.74 33.47
CA THR C 638 21.64 -12.23 33.74
C THR C 638 22.44 -13.26 34.51
N GLY C 639 23.71 -13.40 34.14
CA GLY C 639 24.60 -14.30 34.86
C GLY C 639 26.05 -14.21 34.47
N SER C 640 26.92 -14.06 35.47
CA SER C 640 28.37 -14.21 35.32
C SER C 640 28.98 -13.17 34.38
N ASN C 641 28.71 -13.30 33.08
CA ASN C 641 29.41 -12.53 32.06
C ASN C 641 28.58 -11.30 31.69
N VAL C 642 29.00 -10.14 32.19
CA VAL C 642 28.47 -8.85 31.77
C VAL C 642 29.65 -7.94 31.44
N PHE C 643 29.57 -7.25 30.31
CA PHE C 643 30.68 -6.45 29.82
C PHE C 643 30.36 -4.96 29.76
N GLN C 644 29.13 -4.59 29.39
CA GLN C 644 28.71 -3.21 29.26
C GLN C 644 29.55 -2.48 28.21
N THR C 645 29.39 -2.94 26.97
CA THR C 645 29.92 -2.23 25.82
C THR C 645 28.99 -1.07 25.49
N ARG C 646 29.46 -0.19 24.60
CA ARG C 646 28.52 0.70 23.94
C ARG C 646 27.62 -0.13 23.03
N ALA C 647 26.39 0.34 22.85
CA ALA C 647 25.26 -0.36 22.23
C ALA C 647 24.59 -1.35 23.18
N GLY C 648 24.88 -1.31 24.46
CA GLY C 648 24.06 -1.95 25.47
C GLY C 648 24.81 -2.98 26.29
N CYS C 649 24.12 -3.49 27.31
CA CYS C 649 24.62 -4.55 28.15
C CYS C 649 24.75 -5.84 27.35
N LEU C 650 25.90 -6.50 27.46
CA LEU C 650 26.12 -7.79 26.82
C LEU C 650 26.20 -8.87 27.89
N ILE C 651 25.34 -9.87 27.79
CA ILE C 651 25.22 -10.93 28.78
C ILE C 651 25.48 -12.26 28.08
N GLY C 652 26.36 -13.06 28.67
CA GLY C 652 26.67 -14.37 28.14
C GLY C 652 27.89 -14.43 27.24
N ALA C 653 28.70 -13.38 27.19
CA ALA C 653 29.89 -13.34 26.36
C ALA C 653 31.09 -12.93 27.20
N GLU C 654 32.20 -13.61 27.00
CA GLU C 654 33.45 -13.25 27.66
C GLU C 654 34.09 -12.05 26.97
N HIS C 655 34.86 -11.29 27.74
CA HIS C 655 35.54 -10.11 27.25
C HIS C 655 37.05 -10.30 27.37
N VAL C 656 37.78 -9.95 26.31
CA VAL C 656 39.22 -10.01 26.28
C VAL C 656 39.77 -8.65 25.88
N ASN C 657 41.01 -8.38 26.28
CA ASN C 657 41.65 -7.11 26.01
C ASN C 657 42.37 -7.07 24.66
N ASN C 658 42.41 -8.19 23.94
CA ASN C 658 43.07 -8.24 22.65
C ASN C 658 42.14 -7.75 21.54
N SER C 659 42.71 -7.55 20.37
CA SER C 659 41.98 -7.10 19.19
C SER C 659 42.16 -8.09 18.05
N TYR C 660 41.05 -8.43 17.40
CA TYR C 660 41.05 -9.36 16.29
C TYR C 660 40.14 -8.82 15.19
N GLU C 661 40.13 -9.51 14.06
CA GLU C 661 39.20 -9.17 12.99
C GLU C 661 37.77 -9.44 13.42
N CYS C 662 36.85 -8.64 12.91
CA CYS C 662 35.44 -8.79 13.28
C CYS C 662 34.88 -10.08 12.72
N ASP C 663 34.17 -10.84 13.57
CA ASP C 663 33.49 -12.05 13.16
C ASP C 663 31.98 -11.87 13.20
N ILE C 664 31.44 -11.49 14.36
CA ILE C 664 30.03 -11.14 14.48
C ILE C 664 29.94 -9.68 14.92
N PRO C 665 29.48 -8.77 14.05
CA PRO C 665 29.49 -7.35 14.43
C PRO C 665 28.44 -7.02 15.47
N ILE C 666 28.89 -6.83 16.72
CA ILE C 666 27.97 -6.36 17.76
C ILE C 666 27.66 -4.89 17.54
N GLY C 667 28.68 -4.09 17.23
CA GLY C 667 28.49 -2.68 16.99
C GLY C 667 29.33 -1.83 17.94
N ALA C 668 29.45 -0.55 17.58
CA ALA C 668 30.20 0.44 18.36
C ALA C 668 31.64 -0.04 18.61
N GLY C 669 32.23 -0.65 17.58
CA GLY C 669 33.59 -1.14 17.67
C GLY C 669 33.75 -2.47 18.38
N ILE C 670 32.66 -3.12 18.76
CA ILE C 670 32.70 -4.38 19.48
C ILE C 670 32.24 -5.49 18.56
N CYS C 671 32.97 -6.60 18.56
CA CYS C 671 32.64 -7.77 17.77
C CYS C 671 32.69 -9.02 18.66
N ALA C 672 32.10 -10.10 18.17
CA ALA C 672 32.00 -11.35 18.92
C ALA C 672 32.48 -12.51 18.06
N SER C 673 33.01 -13.53 18.73
CA SER C 673 33.50 -14.71 18.03
C SER C 673 33.42 -15.92 18.96
N TYR C 674 33.13 -17.09 18.38
CA TYR C 674 33.06 -18.32 19.14
C TYR C 674 34.45 -18.96 19.13
N GLN C 675 35.17 -18.84 20.25
CA GLN C 675 36.56 -19.25 20.31
C GLN C 675 36.81 -20.02 21.60
N THR C 676 37.92 -20.77 21.61
CA THR C 676 38.34 -21.52 22.79
C THR C 676 38.90 -20.58 23.86
N SER C 689 37.53 -25.40 26.02
CA SER C 689 36.19 -24.93 26.37
C SER C 689 35.77 -23.77 25.46
N GLN C 690 35.03 -24.08 24.41
CA GLN C 690 34.56 -23.06 23.50
C GLN C 690 33.55 -22.14 24.17
N SER C 691 33.62 -20.85 23.84
CA SER C 691 32.70 -19.88 24.40
C SER C 691 32.66 -18.66 23.49
N ILE C 692 31.64 -17.83 23.70
CA ILE C 692 31.48 -16.59 22.96
C ILE C 692 32.34 -15.51 23.62
N ILE C 693 33.20 -14.88 22.83
CA ILE C 693 34.14 -13.88 23.30
C ILE C 693 33.83 -12.56 22.61
N ALA C 694 33.72 -11.49 23.40
CA ALA C 694 33.50 -10.14 22.90
C ALA C 694 34.80 -9.37 22.99
N TYR C 695 35.15 -8.67 21.92
CA TYR C 695 36.41 -7.95 21.85
C TYR C 695 36.23 -6.67 21.05
N THR C 696 37.24 -5.81 21.10
CA THR C 696 37.30 -4.63 20.26
C THR C 696 38.04 -4.99 18.97
N MET C 697 37.37 -4.83 17.83
CA MET C 697 37.94 -5.27 16.58
C MET C 697 39.16 -4.43 16.19
N SER C 698 40.12 -5.07 15.53
CA SER C 698 41.35 -4.42 15.12
C SER C 698 41.19 -3.81 13.74
N LEU C 699 41.75 -2.61 13.58
CA LEU C 699 41.69 -1.92 12.28
C LEU C 699 42.74 -2.43 11.31
N GLY C 700 43.75 -3.15 11.79
CA GLY C 700 44.79 -3.65 10.93
C GLY C 700 46.17 -3.58 11.56
N ALA C 701 47.20 -3.97 10.81
CA ALA C 701 48.57 -3.93 11.30
C ALA C 701 49.05 -2.50 11.44
N GLU C 702 49.92 -2.26 12.42
CA GLU C 702 50.47 -0.95 12.70
C GLU C 702 51.97 -0.95 12.44
N ASN C 703 52.44 0.03 11.67
CA ASN C 703 53.86 0.19 11.40
C ASN C 703 54.16 1.66 11.17
N SER C 704 55.43 1.93 10.86
CA SER C 704 55.91 3.27 10.61
C SER C 704 56.59 3.32 9.25
N VAL C 705 56.29 4.36 8.47
CA VAL C 705 57.07 4.63 7.28
C VAL C 705 58.33 5.38 7.67
N ALA C 706 59.49 4.87 7.28
CA ALA C 706 60.76 5.47 7.66
C ALA C 706 60.99 6.75 6.90
N TYR C 707 60.17 7.77 7.18
CA TYR C 707 60.25 9.02 6.45
C TYR C 707 61.51 9.79 6.80
N SER C 708 62.12 10.40 5.79
CA SER C 708 63.25 11.29 5.97
C SER C 708 63.30 12.23 4.78
N ASN C 709 64.00 13.35 4.95
CA ASN C 709 64.08 14.35 3.88
C ASN C 709 65.14 14.02 2.85
N ASN C 710 65.91 12.94 3.04
CA ASN C 710 66.89 12.53 2.04
C ASN C 710 66.93 11.02 1.88
N SER C 711 65.85 10.31 2.19
CA SER C 711 65.79 8.86 2.09
C SER C 711 64.63 8.45 1.20
N ILE C 712 64.88 7.48 0.32
CA ILE C 712 63.86 6.97 -0.58
C ILE C 712 63.86 5.45 -0.52
N ALA C 713 62.71 4.86 -0.84
CA ALA C 713 62.57 3.42 -0.96
C ALA C 713 62.19 3.09 -2.39
N ILE C 714 62.99 2.27 -3.05
CA ILE C 714 62.83 1.96 -4.47
C ILE C 714 62.73 0.45 -4.62
N PRO C 715 61.74 -0.08 -5.33
CA PRO C 715 61.63 -1.53 -5.48
C PRO C 715 62.73 -2.09 -6.35
N THR C 716 63.38 -3.15 -5.87
CA THR C 716 64.38 -3.88 -6.64
C THR C 716 63.80 -5.10 -7.34
N ASN C 717 62.50 -5.36 -7.17
CA ASN C 717 61.84 -6.51 -7.76
C ASN C 717 60.36 -6.18 -7.92
N PHE C 718 59.58 -7.17 -8.34
CA PHE C 718 58.15 -6.95 -8.53
C PHE C 718 57.43 -8.28 -8.44
N THR C 719 56.10 -8.20 -8.29
CA THR C 719 55.23 -9.35 -8.24
C THR C 719 54.10 -9.16 -9.23
N ILE C 720 53.87 -10.15 -10.08
CA ILE C 720 52.74 -10.13 -11.01
C ILE C 720 51.56 -10.75 -10.29
N SER C 721 50.59 -9.92 -9.91
CA SER C 721 49.44 -10.33 -9.12
C SER C 721 48.20 -10.31 -9.98
N VAL C 722 47.42 -11.40 -9.91
CA VAL C 722 46.14 -11.50 -10.60
C VAL C 722 45.06 -11.70 -9.54
N THR C 723 44.06 -10.83 -9.54
CA THR C 723 42.98 -10.87 -8.58
C THR C 723 41.64 -10.89 -9.31
N THR C 724 40.64 -11.43 -8.63
CA THR C 724 39.31 -11.63 -9.21
C THR C 724 38.34 -10.58 -8.65
N GLU C 725 37.57 -9.96 -9.54
CA GLU C 725 36.49 -9.07 -9.16
C GLU C 725 35.19 -9.61 -9.71
N ILE C 726 34.20 -9.77 -8.84
CA ILE C 726 32.90 -10.33 -9.21
C ILE C 726 31.87 -9.21 -9.17
N LEU C 727 31.16 -9.02 -10.29
CA LEU C 727 30.14 -7.98 -10.40
C LEU C 727 28.86 -8.61 -10.93
N PRO C 728 27.76 -8.55 -10.18
CA PRO C 728 26.47 -8.97 -10.75
C PRO C 728 26.10 -8.09 -11.93
N VAL C 729 25.55 -8.72 -12.97
CA VAL C 729 25.18 -8.04 -14.20
C VAL C 729 23.67 -8.01 -14.40
N SER C 730 23.02 -9.16 -14.25
CA SER C 730 21.59 -9.28 -14.45
C SER C 730 20.96 -10.06 -13.31
N MET C 731 19.66 -9.87 -13.14
CA MET C 731 18.88 -10.60 -12.15
C MET C 731 17.78 -11.38 -12.86
N THR C 732 17.01 -12.14 -12.08
CA THR C 732 15.99 -13.01 -12.65
C THR C 732 14.83 -12.18 -13.20
N LYS C 733 14.45 -12.45 -14.44
CA LYS C 733 13.30 -11.82 -15.06
C LYS C 733 12.04 -12.56 -14.67
N THR C 734 11.06 -11.84 -14.14
CA THR C 734 9.84 -12.44 -13.61
C THR C 734 8.62 -11.79 -14.22
N SER C 735 7.55 -12.58 -14.33
CA SER C 735 6.25 -12.12 -14.76
C SER C 735 5.20 -12.63 -13.79
N VAL C 736 4.14 -11.85 -13.60
CA VAL C 736 3.09 -12.19 -12.66
C VAL C 736 1.75 -12.16 -13.38
N ASP C 737 1.00 -13.26 -13.28
CA ASP C 737 -0.40 -13.29 -13.70
C ASP C 737 -1.23 -12.91 -12.47
N CYS C 738 -1.63 -11.65 -12.40
CA CYS C 738 -2.26 -11.14 -11.19
C CYS C 738 -3.59 -11.82 -10.93
N THR C 739 -4.34 -12.15 -11.98
CA THR C 739 -5.60 -12.86 -11.80
C THR C 739 -5.37 -14.24 -11.19
N MET C 740 -4.31 -14.93 -11.63
CA MET C 740 -4.04 -16.26 -11.10
C MET C 740 -3.52 -16.20 -9.67
N TYR C 741 -2.71 -15.20 -9.35
CA TYR C 741 -2.18 -15.07 -7.99
C TYR C 741 -3.27 -14.68 -7.01
N ILE C 742 -4.05 -13.65 -7.35
CA ILE C 742 -5.05 -13.12 -6.42
C ILE C 742 -6.24 -14.07 -6.31
N CYS C 743 -6.71 -14.60 -7.43
CA CYS C 743 -7.97 -15.32 -7.48
C CYS C 743 -7.86 -16.79 -7.81
N GLY C 744 -6.72 -17.25 -8.32
CA GLY C 744 -6.60 -18.64 -8.70
C GLY C 744 -7.53 -18.96 -9.85
N ASP C 745 -8.44 -19.92 -9.63
CA ASP C 745 -9.40 -20.34 -10.65
C ASP C 745 -10.83 -19.94 -10.30
N SER C 746 -11.00 -18.95 -9.44
CA SER C 746 -12.33 -18.51 -9.01
C SER C 746 -12.85 -17.46 -10.00
N THR C 747 -14.04 -17.72 -10.54
CA THR C 747 -14.65 -16.78 -11.48
C THR C 747 -15.23 -15.57 -10.76
N GLU C 748 -15.83 -15.78 -9.58
CA GLU C 748 -16.37 -14.66 -8.82
C GLU C 748 -15.27 -13.69 -8.41
N CYS C 749 -14.13 -14.23 -7.96
CA CYS C 749 -13.01 -13.37 -7.60
C CYS C 749 -12.49 -12.62 -8.82
N SER C 750 -12.45 -13.27 -9.98
CA SER C 750 -12.00 -12.58 -11.19
C SER C 750 -12.95 -11.45 -11.56
N ASN C 751 -14.26 -11.69 -11.46
CA ASN C 751 -15.23 -10.65 -11.74
C ASN C 751 -15.07 -9.48 -10.78
N LEU C 752 -14.84 -9.77 -9.49
CA LEU C 752 -14.64 -8.69 -8.53
C LEU C 752 -13.33 -7.95 -8.78
N LEU C 753 -12.28 -8.67 -9.20
CA LEU C 753 -10.99 -8.07 -9.48
C LEU C 753 -11.03 -7.22 -10.74
N LEU C 754 -11.97 -7.47 -11.65
CA LEU C 754 -12.10 -6.63 -12.83
C LEU C 754 -12.31 -5.16 -12.50
N GLN C 755 -12.85 -4.85 -11.31
CA GLN C 755 -13.03 -3.47 -10.89
C GLN C 755 -11.71 -2.74 -10.66
N TYR C 756 -10.59 -3.46 -10.50
CA TYR C 756 -9.29 -2.82 -10.30
C TYR C 756 -8.57 -2.62 -11.63
N GLY C 757 -8.22 -3.71 -12.31
CA GLY C 757 -7.82 -3.64 -13.70
C GLY C 757 -6.46 -3.01 -13.97
N SER C 758 -6.35 -1.71 -13.72
CA SER C 758 -5.16 -0.97 -14.13
C SER C 758 -3.95 -1.26 -13.25
N PHE C 759 -4.17 -1.65 -12.00
CA PHE C 759 -3.04 -1.92 -11.11
C PHE C 759 -2.25 -3.15 -11.57
N CYS C 760 -2.96 -4.18 -12.04
CA CYS C 760 -2.27 -5.35 -12.59
C CYS C 760 -1.45 -4.97 -13.81
N THR C 761 -2.01 -4.13 -14.68
CA THR C 761 -1.27 -3.67 -15.86
C THR C 761 -0.04 -2.86 -15.45
N GLN C 762 -0.17 -2.02 -14.43
CA GLN C 762 0.97 -1.25 -13.95
C GLN C 762 2.07 -2.16 -13.41
N LEU C 763 1.69 -3.16 -12.62
CA LEU C 763 2.67 -4.10 -12.08
C LEU C 763 3.37 -4.86 -13.20
N ASN C 764 2.60 -5.32 -14.18
CA ASN C 764 3.19 -6.06 -15.30
C ASN C 764 4.07 -5.16 -16.16
N ARG C 765 3.71 -3.89 -16.32
CA ARG C 765 4.57 -2.97 -17.06
C ARG C 765 5.89 -2.75 -16.35
N ALA C 766 5.87 -2.59 -15.02
CA ALA C 766 7.11 -2.45 -14.27
C ALA C 766 7.97 -3.71 -14.38
N LEU C 767 7.33 -4.89 -14.27
CA LEU C 767 8.08 -6.13 -14.38
C LEU C 767 8.67 -6.31 -15.77
N THR C 768 7.92 -5.93 -16.81
CA THR C 768 8.41 -6.02 -18.18
C THR C 768 9.60 -5.07 -18.38
N GLY C 769 9.52 -3.86 -17.82
CA GLY C 769 10.66 -2.96 -17.88
C GLY C 769 11.89 -3.54 -17.22
N ILE C 770 11.72 -4.16 -16.06
CA ILE C 770 12.86 -4.81 -15.39
C ILE C 770 13.42 -5.94 -16.24
N ALA C 771 12.54 -6.76 -16.82
CA ALA C 771 12.99 -7.90 -17.62
C ALA C 771 13.76 -7.43 -18.85
N VAL C 772 13.28 -6.37 -19.51
CA VAL C 772 14.00 -5.82 -20.66
C VAL C 772 15.34 -5.25 -20.21
N GLU C 773 15.36 -4.55 -19.08
CA GLU C 773 16.59 -3.95 -18.58
C GLU C 773 17.63 -5.01 -18.24
N GLN C 774 17.21 -6.21 -17.85
CA GLN C 774 18.17 -7.27 -17.57
C GLN C 774 18.97 -7.65 -18.81
N ASP C 775 18.27 -7.93 -19.92
CA ASP C 775 18.96 -8.24 -21.16
C ASP C 775 19.74 -7.04 -21.68
N LYS C 776 19.22 -5.84 -21.45
CA LYS C 776 19.94 -4.62 -21.82
C LYS C 776 21.27 -4.51 -21.08
N ASN C 777 21.27 -4.81 -19.79
CA ASN C 777 22.49 -4.82 -18.99
C ASN C 777 23.47 -5.87 -19.49
N THR C 778 22.96 -7.07 -19.78
CA THR C 778 23.83 -8.13 -20.30
C THR C 778 24.46 -7.73 -21.61
N GLN C 779 23.67 -7.11 -22.51
CA GLN C 779 24.20 -6.67 -23.79
C GLN C 779 25.26 -5.61 -23.63
N GLU C 780 25.05 -4.65 -22.72
CA GLU C 780 26.07 -3.63 -22.51
C GLU C 780 27.35 -4.22 -21.92
N VAL C 781 27.22 -5.18 -21.01
CA VAL C 781 28.41 -5.73 -20.37
C VAL C 781 29.20 -6.59 -21.35
N PHE C 782 28.53 -7.49 -22.06
CA PHE C 782 29.25 -8.52 -22.81
C PHE C 782 29.30 -8.28 -24.32
N ALA C 783 28.35 -7.54 -24.89
CA ALA C 783 28.33 -7.31 -26.32
C ALA C 783 28.98 -5.99 -26.71
N GLN C 784 30.02 -5.58 -25.98
CA GLN C 784 30.72 -4.34 -26.31
C GLN C 784 31.32 -4.40 -27.70
N VAL C 785 31.94 -5.52 -28.06
CA VAL C 785 32.48 -5.73 -29.39
C VAL C 785 31.50 -6.58 -30.18
N LYS C 786 31.18 -6.15 -31.40
CA LYS C 786 30.29 -6.88 -32.29
C LYS C 786 31.04 -7.65 -33.36
N GLN C 787 32.26 -8.10 -33.04
CA GLN C 787 33.14 -8.74 -34.02
C GLN C 787 33.80 -9.92 -33.32
N ILE C 788 33.35 -11.13 -33.62
CA ILE C 788 33.72 -12.32 -32.86
C ILE C 788 35.08 -12.81 -33.34
N TYR C 789 36.11 -12.58 -32.51
CA TYR C 789 37.44 -13.14 -32.76
C TYR C 789 37.55 -14.46 -32.02
N LYS C 790 37.86 -15.53 -32.75
CA LYS C 790 38.06 -16.79 -32.08
C LYS C 790 39.55 -17.13 -31.97
N THR C 791 39.83 -18.12 -31.13
CA THR C 791 41.17 -18.31 -30.59
C THR C 791 42.17 -18.64 -31.70
N PRO C 792 43.36 -18.04 -31.69
CA PRO C 792 44.40 -18.44 -32.64
C PRO C 792 44.86 -19.85 -32.35
N PRO C 793 45.27 -20.60 -33.37
CA PRO C 793 45.65 -22.00 -33.16
C PRO C 793 47.04 -22.19 -32.58
N ILE C 794 47.98 -21.30 -32.92
CA ILE C 794 49.36 -21.50 -32.53
C ILE C 794 49.53 -21.39 -31.02
N LYS C 795 48.91 -20.38 -30.40
CA LYS C 795 48.99 -20.16 -28.96
C LYS C 795 50.44 -20.01 -28.49
N ASP C 796 51.20 -19.19 -29.20
CA ASP C 796 52.60 -18.91 -28.85
C ASP C 796 52.64 -17.45 -28.39
N PHE C 797 52.50 -17.25 -27.09
CA PHE C 797 52.38 -15.92 -26.51
C PHE C 797 53.57 -15.60 -25.59
N GLY C 798 54.75 -16.04 -26.00
CA GLY C 798 55.97 -15.72 -25.26
C GLY C 798 56.01 -16.29 -23.86
N GLY C 799 55.55 -17.53 -23.69
CA GLY C 799 55.56 -18.18 -22.40
C GLY C 799 54.32 -17.96 -21.56
N PHE C 800 53.43 -17.07 -21.97
CA PHE C 800 52.19 -16.84 -21.25
C PHE C 800 51.18 -17.90 -21.62
N ASN C 801 50.52 -18.48 -20.63
CA ASN C 801 49.62 -19.62 -20.80
C ASN C 801 48.19 -19.16 -20.60
N PHE C 802 47.43 -19.07 -21.69
CA PHE C 802 46.04 -18.66 -21.64
C PHE C 802 45.08 -19.81 -21.94
N SER C 803 45.59 -21.03 -22.10
CA SER C 803 44.73 -22.18 -22.33
C SER C 803 43.79 -22.46 -21.17
N GLN C 804 43.92 -21.72 -20.07
CA GLN C 804 43.16 -21.94 -18.86
C GLN C 804 41.96 -21.01 -18.75
N ILE C 805 42.04 -19.82 -19.34
CA ILE C 805 40.90 -18.91 -19.45
C ILE C 805 40.32 -18.88 -20.85
N LEU C 806 40.98 -19.47 -21.83
CA LEU C 806 40.43 -19.64 -23.17
C LEU C 806 39.53 -20.87 -23.21
N PRO C 807 38.52 -20.89 -24.07
CA PRO C 807 37.61 -22.03 -24.13
C PRO C 807 38.30 -23.27 -24.66
N ASP C 808 37.79 -24.43 -24.24
CA ASP C 808 38.27 -25.71 -24.71
C ASP C 808 37.20 -26.39 -25.53
N PRO C 809 37.53 -26.91 -26.73
CA PRO C 809 36.50 -27.55 -27.57
C PRO C 809 36.02 -28.89 -27.05
N SER C 810 36.74 -29.51 -26.12
CA SER C 810 36.32 -30.81 -25.59
C SER C 810 35.00 -30.71 -24.85
N LYS C 811 34.83 -29.64 -24.07
CA LYS C 811 33.58 -29.46 -23.34
C LYS C 811 32.44 -29.20 -24.31
N PRO C 812 31.24 -29.75 -24.04
CA PRO C 812 30.10 -29.46 -24.93
C PRO C 812 29.79 -27.97 -25.01
N SER C 813 29.97 -27.24 -23.92
CA SER C 813 29.85 -25.78 -23.94
C SER C 813 31.24 -25.18 -24.11
N LYS C 814 31.36 -24.28 -25.10
CA LYS C 814 32.66 -23.66 -25.41
C LYS C 814 32.99 -22.57 -24.40
N ARG C 815 33.18 -22.98 -23.16
CA ARG C 815 33.54 -22.10 -22.07
C ARG C 815 34.84 -22.57 -21.43
N SER C 816 35.54 -21.63 -20.82
CA SER C 816 36.83 -21.93 -20.22
C SER C 816 36.66 -22.80 -18.98
N PHE C 817 37.77 -23.37 -18.52
CA PHE C 817 37.73 -24.21 -17.33
C PHE C 817 37.39 -23.38 -16.10
N ILE C 818 37.96 -22.17 -16.00
CA ILE C 818 37.62 -21.27 -14.90
C ILE C 818 36.15 -20.86 -14.98
N GLU C 819 35.65 -20.65 -16.20
CA GLU C 819 34.23 -20.38 -16.37
C GLU C 819 33.40 -21.59 -15.94
N ASP C 820 33.90 -22.80 -16.19
CA ASP C 820 33.22 -24.00 -15.71
C ASP C 820 33.16 -24.02 -14.18
N LEU C 821 34.26 -23.67 -13.53
CA LEU C 821 34.25 -23.57 -12.07
C LEU C 821 33.23 -22.56 -11.59
N LEU C 822 33.23 -21.37 -12.20
CA LEU C 822 32.30 -20.32 -11.79
C LEU C 822 30.86 -20.76 -11.98
N PHE C 823 30.58 -21.48 -13.08
CA PHE C 823 29.25 -22.03 -13.30
C PHE C 823 28.90 -23.04 -12.22
N ASN C 824 29.87 -23.87 -11.81
CA ASN C 824 29.60 -24.88 -10.80
C ASN C 824 29.34 -24.28 -9.43
N LYS C 825 30.02 -23.19 -9.09
CA LYS C 825 29.93 -22.62 -7.74
C LYS C 825 28.69 -21.77 -7.52
N VAL C 826 27.87 -21.54 -8.55
CA VAL C 826 26.62 -20.80 -8.40
C VAL C 826 25.48 -21.73 -8.76
N THR C 827 24.57 -21.93 -7.82
CA THR C 827 23.44 -22.85 -7.98
C THR C 827 22.19 -22.03 -8.28
N LEU C 828 21.60 -22.25 -9.45
CA LEU C 828 20.38 -21.56 -9.83
C LEU C 828 19.18 -22.21 -9.15
N ALA C 829 18.07 -21.45 -9.11
CA ALA C 829 16.85 -21.97 -8.50
C ALA C 829 16.31 -23.17 -9.27
N ASP C 830 16.34 -23.12 -10.60
CA ASP C 830 15.87 -24.21 -11.44
C ASP C 830 16.92 -24.52 -12.50
N ALA C 831 16.98 -25.80 -12.88
CA ALA C 831 17.93 -26.22 -13.91
C ALA C 831 17.63 -25.56 -15.25
N GLY C 832 16.36 -25.47 -15.61
CA GLY C 832 15.96 -24.83 -16.85
C GLY C 832 14.85 -23.83 -16.65
N PHE C 833 14.23 -23.41 -17.74
CA PHE C 833 13.13 -22.44 -17.69
C PHE C 833 11.82 -23.04 -18.17
N ILE C 834 11.77 -24.34 -18.42
CA ILE C 834 10.57 -25.03 -18.88
C ILE C 834 10.25 -26.15 -17.89
N LYS C 835 9.13 -26.02 -17.19
CA LYS C 835 8.65 -27.04 -16.26
C LYS C 835 7.24 -27.44 -16.70
N GLN C 836 7.11 -28.66 -17.20
CA GLN C 836 5.84 -29.09 -17.76
C GLN C 836 4.81 -29.36 -16.67
N TYR C 837 3.55 -29.41 -17.08
CA TYR C 837 2.46 -29.66 -16.15
C TYR C 837 2.58 -31.04 -15.51
N GLY C 838 2.98 -32.04 -16.31
CA GLY C 838 3.11 -33.38 -15.78
C GLY C 838 4.14 -33.50 -14.67
N ASP C 839 5.22 -32.72 -14.76
CA ASP C 839 6.23 -32.73 -13.71
C ASP C 839 5.68 -32.19 -12.40
N CYS C 840 4.83 -31.16 -12.47
CA CYS C 840 4.24 -30.55 -11.28
C CYS C 840 2.92 -31.20 -10.88
N LEU C 841 2.43 -32.16 -11.66
CA LEU C 841 1.13 -32.77 -11.40
C LEU C 841 1.24 -33.76 -10.25
N GLY C 842 0.36 -33.60 -9.25
CA GLY C 842 0.33 -34.50 -8.12
C GLY C 842 0.82 -33.89 -6.83
N ASP C 843 1.56 -34.67 -6.04
CA ASP C 843 2.08 -34.20 -4.76
C ASP C 843 3.34 -33.37 -4.91
N ILE C 844 3.98 -33.38 -6.08
CA ILE C 844 5.17 -32.57 -6.30
C ILE C 844 4.84 -31.08 -6.28
N ALA C 845 3.60 -30.71 -6.58
CA ALA C 845 3.22 -29.30 -6.57
C ALA C 845 3.36 -28.69 -5.19
N ALA C 846 3.03 -29.45 -4.14
CA ALA C 846 3.10 -28.97 -2.78
C ALA C 846 4.50 -29.01 -2.20
N ARG C 847 5.44 -29.72 -2.84
CA ARG C 847 6.81 -29.82 -2.35
C ARG C 847 7.81 -29.04 -3.18
N ASP C 848 7.53 -28.80 -4.47
CA ASP C 848 8.45 -28.05 -5.32
C ASP C 848 8.09 -26.58 -5.27
N LEU C 849 9.07 -25.74 -4.90
CA LEU C 849 8.83 -24.31 -4.80
C LEU C 849 8.48 -23.71 -6.16
N ILE C 850 9.18 -24.14 -7.21
CA ILE C 850 8.90 -23.64 -8.55
C ILE C 850 7.50 -24.03 -8.99
N CYS C 851 7.07 -25.25 -8.65
CA CYS C 851 5.72 -25.68 -9.00
C CYS C 851 4.67 -24.80 -8.32
N ALA C 852 4.86 -24.49 -7.04
CA ALA C 852 3.92 -23.62 -6.34
C ALA C 852 3.93 -22.21 -6.93
N GLN C 853 5.12 -21.69 -7.26
CA GLN C 853 5.19 -20.37 -7.87
C GLN C 853 4.45 -20.33 -9.20
N LYS C 854 4.62 -21.36 -10.02
CA LYS C 854 3.96 -21.37 -11.32
C LYS C 854 2.46 -21.59 -11.19
N PHE C 855 2.03 -22.38 -10.21
CA PHE C 855 0.61 -22.57 -9.98
C PHE C 855 -0.03 -21.34 -9.37
N ASN C 856 0.76 -20.44 -8.79
CA ASN C 856 0.24 -19.19 -8.24
C ASN C 856 0.49 -18.01 -9.16
N GLY C 857 0.77 -18.25 -10.44
CA GLY C 857 0.86 -17.19 -11.42
C GLY C 857 2.19 -16.48 -11.50
N LEU C 858 3.26 -17.05 -10.94
CA LEU C 858 4.58 -16.44 -10.98
C LEU C 858 5.45 -17.23 -11.95
N THR C 859 5.95 -16.55 -12.99
CA THR C 859 6.76 -17.18 -14.02
C THR C 859 8.13 -16.52 -14.07
N VAL C 860 9.14 -17.31 -14.41
CA VAL C 860 10.51 -16.83 -14.58
C VAL C 860 10.84 -16.86 -16.06
N LEU C 861 11.27 -15.70 -16.59
CA LEU C 861 11.58 -15.61 -18.00
C LEU C 861 13.08 -15.83 -18.23
N PRO C 862 13.43 -16.64 -19.23
CA PRO C 862 14.84 -16.90 -19.49
C PRO C 862 15.51 -15.67 -20.07
N PRO C 863 16.82 -15.52 -19.86
CA PRO C 863 17.55 -14.42 -20.51
C PRO C 863 17.60 -14.60 -22.02
N LEU C 864 17.67 -13.46 -22.71
CA LEU C 864 17.79 -13.50 -24.17
C LEU C 864 19.10 -14.14 -24.60
N LEU C 865 20.20 -13.80 -23.93
CA LEU C 865 21.50 -14.39 -24.23
C LEU C 865 21.69 -15.64 -23.38
N THR C 866 21.97 -16.75 -24.04
CA THR C 866 22.28 -17.98 -23.32
C THR C 866 23.69 -17.90 -22.72
N ASP C 867 23.97 -18.86 -21.84
CA ASP C 867 25.31 -18.93 -21.25
C ASP C 867 26.36 -19.21 -22.32
N GLU C 868 26.02 -20.00 -23.34
CA GLU C 868 26.94 -20.25 -24.44
C GLU C 868 27.24 -18.96 -25.21
N MET C 869 26.23 -18.13 -25.43
CA MET C 869 26.45 -16.88 -26.16
C MET C 869 27.30 -15.91 -25.36
N ILE C 870 27.07 -15.83 -24.05
CA ILE C 870 27.89 -14.97 -23.20
C ILE C 870 29.32 -15.50 -23.16
N ALA C 871 29.49 -16.83 -23.14
CA ALA C 871 30.82 -17.41 -23.19
C ALA C 871 31.50 -17.09 -24.51
N GLN C 872 30.76 -17.10 -25.62
CA GLN C 872 31.33 -16.73 -26.91
C GLN C 872 31.76 -15.27 -26.92
N TYR C 873 30.96 -14.38 -26.35
CA TYR C 873 31.35 -12.98 -26.25
C TYR C 873 32.61 -12.82 -25.41
N THR C 874 32.69 -13.53 -24.28
CA THR C 874 33.87 -13.47 -23.44
C THR C 874 35.10 -14.00 -24.18
N SER C 875 34.92 -15.08 -24.93
CA SER C 875 36.03 -15.64 -25.71
C SER C 875 36.50 -14.67 -26.79
N ALA C 876 35.56 -13.98 -27.44
CA ALA C 876 35.93 -12.99 -28.44
C ALA C 876 36.71 -11.84 -27.81
N LEU C 877 36.26 -11.36 -26.65
CA LEU C 877 36.99 -10.31 -25.95
C LEU C 877 38.38 -10.77 -25.55
N LEU C 878 38.49 -12.01 -25.05
CA LEU C 878 39.78 -12.54 -24.66
CA LEU C 878 39.78 -12.54 -24.66
C LEU C 878 40.72 -12.68 -25.85
N ALA C 879 40.22 -13.16 -26.98
CA ALA C 879 41.04 -13.30 -28.17
C ALA C 879 41.51 -11.95 -28.67
N GLY C 880 40.61 -10.95 -28.66
CA GLY C 880 41.02 -9.62 -29.06
C GLY C 880 42.08 -9.04 -28.15
N THR C 881 41.93 -9.24 -26.84
CA THR C 881 42.92 -8.73 -25.90
C THR C 881 44.28 -9.43 -26.07
N ILE C 882 44.26 -10.76 -26.25
CA ILE C 882 45.51 -11.50 -26.33
C ILE C 882 46.23 -11.22 -27.63
N THR C 883 45.51 -11.21 -28.76
CA THR C 883 46.14 -11.09 -30.06
C THR C 883 46.38 -9.65 -30.48
N SER C 884 45.45 -8.75 -30.16
CA SER C 884 45.55 -7.36 -30.60
C SER C 884 45.82 -6.37 -29.47
N GLY C 885 45.57 -6.76 -28.22
CA GLY C 885 45.81 -5.86 -27.11
C GLY C 885 44.69 -4.86 -26.88
N TRP C 886 45.01 -3.58 -27.02
CA TRP C 886 44.07 -2.50 -26.80
C TRP C 886 43.45 -1.98 -28.09
N THR C 887 43.95 -2.44 -29.24
CA THR C 887 43.55 -1.85 -30.51
C THR C 887 42.13 -2.25 -30.90
N PHE C 888 41.74 -3.49 -30.60
CA PHE C 888 40.40 -3.94 -30.96
C PHE C 888 39.31 -3.21 -30.19
N GLY C 889 39.65 -2.59 -29.06
CA GLY C 889 38.70 -1.73 -28.37
C GLY C 889 38.39 -0.44 -29.10
N ALA C 890 39.33 0.02 -29.94
CA ALA C 890 39.13 1.20 -30.76
C ALA C 890 38.79 0.86 -32.20
N GLY C 891 38.49 -0.41 -32.48
CA GLY C 891 38.16 -0.83 -33.83
C GLY C 891 39.39 -1.20 -34.64
N ALA C 892 39.19 -2.08 -35.62
CA ALA C 892 40.25 -2.51 -36.53
C ALA C 892 41.42 -3.13 -35.75
N ALA C 893 41.12 -4.28 -35.14
CA ALA C 893 42.09 -5.01 -34.33
C ALA C 893 43.42 -5.19 -35.07
N LEU C 894 44.48 -4.66 -34.47
CA LEU C 894 45.83 -4.74 -35.02
C LEU C 894 46.62 -5.78 -34.23
N GLN C 895 47.12 -6.79 -34.93
CA GLN C 895 47.88 -7.84 -34.27
C GLN C 895 49.22 -7.31 -33.77
N ILE C 896 49.70 -7.88 -32.68
CA ILE C 896 50.98 -7.51 -32.07
C ILE C 896 51.47 -8.69 -31.24
N PRO C 897 52.76 -9.00 -31.27
CA PRO C 897 53.28 -10.07 -30.40
C PRO C 897 53.01 -9.73 -28.93
N PHE C 898 52.67 -10.76 -28.16
CA PHE C 898 52.22 -10.53 -26.79
C PHE C 898 53.32 -9.96 -25.92
N ALA C 899 54.58 -10.33 -26.18
CA ALA C 899 55.68 -9.75 -25.41
C ALA C 899 55.76 -8.24 -25.63
N MET C 900 55.57 -7.80 -26.87
CA MET C 900 55.58 -6.36 -27.15
C MET C 900 54.38 -5.66 -26.53
N GLN C 901 53.22 -6.32 -26.50
CA GLN C 901 52.07 -5.76 -25.81
C GLN C 901 52.34 -5.59 -24.32
N MET C 902 52.97 -6.60 -23.71
CA MET C 902 53.31 -6.50 -22.29
C MET C 902 54.35 -5.41 -22.06
N ALA C 903 55.28 -5.24 -23.00
CA ALA C 903 56.26 -4.16 -22.89
C ALA C 903 55.58 -2.79 -22.95
N TYR C 904 54.61 -2.64 -23.86
CA TYR C 904 53.86 -1.39 -23.91
C TYR C 904 53.10 -1.13 -22.62
N ARG C 905 52.50 -2.18 -22.05
CA ARG C 905 51.79 -2.01 -20.78
C ARG C 905 52.76 -1.64 -19.65
N PHE C 906 53.95 -2.24 -19.65
CA PHE C 906 54.96 -1.87 -18.67
C PHE C 906 55.37 -0.41 -18.82
N ASN C 907 55.52 0.06 -20.06
CA ASN C 907 55.76 1.48 -20.28
C ASN C 907 54.60 2.31 -19.78
N GLY C 908 53.38 1.80 -19.93
CA GLY C 908 52.21 2.51 -19.43
C GLY C 908 52.18 2.66 -17.93
N ILE C 909 52.68 1.67 -17.20
CA ILE C 909 52.70 1.76 -15.75
C ILE C 909 53.99 2.40 -15.27
N GLY C 910 54.76 2.97 -16.19
CA GLY C 910 55.93 3.74 -15.84
C GLY C 910 57.22 2.97 -15.69
N VAL C 911 57.27 1.72 -16.15
CA VAL C 911 58.48 0.90 -16.08
C VAL C 911 59.02 0.73 -17.50
N THR C 912 60.32 0.92 -17.67
CA THR C 912 60.92 0.80 -18.99
C THR C 912 60.72 -0.61 -19.52
N GLN C 913 60.49 -0.72 -20.84
CA GLN C 913 60.10 -1.99 -21.44
C GLN C 913 61.20 -3.03 -21.39
N ASN C 914 62.47 -2.63 -21.29
CA ASN C 914 63.55 -3.61 -21.19
C ASN C 914 63.40 -4.48 -19.96
N VAL C 915 62.87 -3.93 -18.87
CA VAL C 915 62.59 -4.72 -17.68
C VAL C 915 61.64 -5.85 -18.00
N LEU C 916 60.66 -5.59 -18.87
CA LEU C 916 59.79 -6.67 -19.35
C LEU C 916 60.59 -7.72 -20.10
N TYR C 917 61.51 -7.29 -20.96
CA TYR C 917 62.22 -8.24 -21.81
C TYR C 917 63.32 -8.98 -21.06
N GLU C 918 63.97 -8.33 -20.09
CA GLU C 918 65.01 -8.97 -19.31
C GLU C 918 64.45 -9.91 -18.26
N ASN C 919 63.14 -9.85 -17.97
CA ASN C 919 62.51 -10.72 -17.00
C ASN C 919 61.26 -11.37 -17.59
N GLN C 920 61.27 -11.62 -18.90
CA GLN C 920 60.08 -12.16 -19.57
C GLN C 920 59.72 -13.54 -19.03
N LYS C 921 60.71 -14.40 -18.84
CA LYS C 921 60.44 -15.73 -18.31
C LYS C 921 59.86 -15.65 -16.90
N LEU C 922 60.44 -14.80 -16.06
CA LEU C 922 59.94 -14.64 -14.70
C LEU C 922 58.53 -14.10 -14.67
N ILE C 923 58.24 -13.10 -15.51
CA ILE C 923 56.90 -12.51 -15.53
C ILE C 923 55.87 -13.52 -16.03
N ALA C 924 56.22 -14.28 -17.07
CA ALA C 924 55.30 -15.30 -17.57
C ALA C 924 55.05 -16.37 -16.51
N ASN C 925 56.11 -16.81 -15.82
CA ASN C 925 55.96 -17.81 -14.76
C ASN C 925 55.09 -17.27 -13.63
N GLN C 926 55.28 -16.02 -13.25
CA GLN C 926 54.47 -15.43 -12.19
C GLN C 926 53.01 -15.34 -12.59
N PHE C 927 52.74 -14.96 -13.84
CA PHE C 927 51.36 -14.90 -14.32
C PHE C 927 50.73 -16.29 -14.32
N ASN C 928 51.47 -17.31 -14.77
CA ASN C 928 50.94 -18.67 -14.76
C ASN C 928 50.69 -19.14 -13.34
N SER C 929 51.58 -18.81 -12.40
CA SER C 929 51.39 -19.20 -11.02
C SER C 929 50.17 -18.51 -10.41
N ALA C 930 49.95 -17.24 -10.76
CA ALA C 930 48.75 -16.55 -10.27
C ALA C 930 47.48 -17.16 -10.84
N ILE C 931 47.51 -17.55 -12.12
CA ILE C 931 46.36 -18.22 -12.71
C ILE C 931 46.10 -19.55 -12.00
N GLY C 932 47.17 -20.28 -11.68
CA GLY C 932 47.02 -21.51 -10.91
C GLY C 932 46.51 -21.29 -9.50
N LYS C 933 46.90 -20.17 -8.88
CA LYS C 933 46.36 -19.84 -7.57
C LYS C 933 44.86 -19.56 -7.64
N ILE C 934 44.43 -18.87 -8.71
CA ILE C 934 42.99 -18.67 -8.91
C ILE C 934 42.30 -20.01 -9.14
N GLN C 935 42.91 -20.89 -9.93
CA GLN C 935 42.50 -22.28 -10.05
C GLN C 935 42.20 -22.90 -8.69
N ASP C 936 43.22 -22.91 -7.82
CA ASP C 936 43.09 -23.57 -6.53
C ASP C 936 42.02 -22.90 -5.67
N SER C 937 41.97 -21.57 -5.68
CA SER C 937 40.98 -20.86 -4.87
C SER C 937 39.56 -21.19 -5.32
N LEU C 938 39.31 -21.25 -6.62
CA LEU C 938 37.97 -21.54 -7.11
C LEU C 938 37.61 -23.01 -6.98
N SER C 939 38.57 -23.92 -7.12
CA SER C 939 38.30 -25.34 -7.02
C SER C 939 38.15 -25.83 -5.58
N SER C 940 38.52 -25.01 -4.60
CA SER C 940 38.42 -25.42 -3.21
C SER C 940 36.99 -25.24 -2.71
N THR C 941 36.77 -25.57 -1.42
CA THR C 941 35.44 -25.45 -0.84
C THR C 941 35.02 -23.99 -0.67
N ALA C 942 35.96 -23.06 -0.60
CA ALA C 942 35.62 -21.65 -0.48
C ALA C 942 34.85 -21.17 -1.71
N SER C 943 33.76 -20.44 -1.47
CA SER C 943 32.91 -19.99 -2.56
C SER C 943 33.47 -18.76 -3.25
N ALA C 944 33.61 -17.66 -2.49
CA ALA C 944 34.11 -16.38 -2.98
C ALA C 944 33.26 -15.80 -4.11
N LEU C 945 32.10 -16.37 -4.38
CA LEU C 945 31.17 -15.90 -5.40
C LEU C 945 29.82 -15.61 -4.79
N GLY C 946 29.82 -15.03 -3.58
CA GLY C 946 28.58 -14.78 -2.87
C GLY C 946 27.73 -13.67 -3.45
N LYS C 947 28.31 -12.81 -4.27
CA LYS C 947 27.54 -11.70 -4.83
C LYS C 947 26.47 -12.18 -5.79
N LEU C 948 26.78 -13.17 -6.64
CA LEU C 948 25.79 -13.70 -7.57
C LEU C 948 24.79 -14.61 -6.88
N GLN C 949 25.29 -15.44 -5.95
CA GLN C 949 24.41 -16.30 -5.18
C GLN C 949 23.43 -15.48 -4.35
N ASP C 950 23.87 -14.32 -3.87
CA ASP C 950 22.96 -13.44 -3.12
C ASP C 950 21.83 -12.94 -4.00
N VAL C 951 22.13 -12.57 -5.25
CA VAL C 951 21.08 -12.13 -6.17
C VAL C 951 20.10 -13.26 -6.44
N VAL C 952 20.63 -14.46 -6.70
CA VAL C 952 19.76 -15.61 -6.97
C VAL C 952 18.88 -15.91 -5.77
N ASN C 953 19.48 -15.91 -4.57
CA ASN C 953 18.73 -16.18 -3.35
C ASN C 953 17.71 -15.11 -3.07
N GLN C 954 18.03 -13.85 -3.37
CA GLN C 954 17.07 -12.77 -3.16
C GLN C 954 15.86 -12.93 -4.07
N ASN C 955 16.08 -13.26 -5.34
CA ASN C 955 14.96 -13.47 -6.25
C ASN C 955 14.10 -14.65 -5.79
N ALA C 956 14.76 -15.77 -5.44
CA ALA C 956 14.02 -16.95 -4.99
C ALA C 956 13.25 -16.65 -3.71
N GLN C 957 13.86 -15.92 -2.78
CA GLN C 957 13.20 -15.57 -1.53
C GLN C 957 12.00 -14.66 -1.77
N ALA C 958 12.14 -13.71 -2.70
CA ALA C 958 11.01 -12.84 -3.02
C ALA C 958 9.85 -13.64 -3.58
N LEU C 959 10.13 -14.56 -4.51
CA LEU C 959 9.06 -15.38 -5.08
C LEU C 959 8.43 -16.27 -4.01
N ASN C 960 9.24 -16.88 -3.15
CA ASN C 960 8.71 -17.77 -2.13
C ASN C 960 7.90 -16.99 -1.08
N THR C 961 8.33 -15.77 -0.75
CA THR C 961 7.56 -14.93 0.15
C THR C 961 6.22 -14.54 -0.48
N LEU C 962 6.24 -14.25 -1.79
CA LEU C 962 4.98 -13.97 -2.49
C LEU C 962 4.04 -15.16 -2.41
N VAL C 963 4.57 -16.37 -2.59
CA VAL C 963 3.74 -17.57 -2.48
C VAL C 963 3.21 -17.73 -1.05
N LYS C 964 4.09 -17.54 -0.06
CA LYS C 964 3.71 -17.75 1.34
C LYS C 964 2.69 -16.74 1.82
N GLN C 965 2.71 -15.53 1.28
CA GLN C 965 1.81 -14.48 1.74
C GLN C 965 0.35 -14.74 1.35
N LEU C 966 0.09 -15.75 0.52
CA LEU C 966 -1.28 -16.11 0.16
C LEU C 966 -2.06 -16.72 1.32
N SER C 967 -1.38 -17.05 2.43
CA SER C 967 -2.04 -17.61 3.61
C SER C 967 -2.54 -16.54 4.58
N SER C 968 -2.35 -15.26 4.26
CA SER C 968 -2.80 -14.19 5.14
C SER C 968 -4.29 -13.93 4.92
N ASN C 969 -5.02 -13.79 6.04
CA ASN C 969 -6.45 -13.54 5.97
C ASN C 969 -6.77 -12.11 5.57
N PHE C 970 -5.89 -11.16 5.90
CA PHE C 970 -6.09 -9.74 5.61
C PHE C 970 -7.38 -9.21 6.23
N GLY C 971 -7.74 -9.73 7.40
CA GLY C 971 -8.97 -9.33 8.07
C GLY C 971 -10.19 -10.12 7.66
N ALA C 972 -10.08 -10.99 6.66
CA ALA C 972 -11.21 -11.80 6.24
C ALA C 972 -11.35 -13.02 7.14
N ILE C 973 -12.51 -13.67 7.05
CA ILE C 973 -12.77 -14.87 7.85
C ILE C 973 -11.85 -16.01 7.48
N SER C 974 -11.34 -16.03 6.25
CA SER C 974 -10.44 -17.08 5.80
C SER C 974 -9.50 -16.52 4.75
N SER C 975 -8.37 -17.19 4.57
CA SER C 975 -7.43 -16.86 3.52
C SER C 975 -7.67 -17.66 2.25
N VAL C 976 -8.66 -18.54 2.24
CA VAL C 976 -8.97 -19.39 1.09
C VAL C 976 -10.27 -18.90 0.49
N LEU C 977 -10.24 -18.57 -0.81
CA LEU C 977 -11.46 -18.12 -1.48
C LEU C 977 -12.49 -19.24 -1.57
N ASN C 978 -12.04 -20.49 -1.69
CA ASN C 978 -12.97 -21.60 -1.83
C ASN C 978 -13.84 -21.76 -0.58
N ASP C 979 -13.24 -21.64 0.61
CA ASP C 979 -14.01 -21.76 1.84
C ASP C 979 -15.06 -20.65 1.94
N ILE C 980 -14.66 -19.41 1.63
CA ILE C 980 -15.59 -18.29 1.70
C ILE C 980 -16.73 -18.49 0.71
N LEU C 981 -16.43 -18.91 -0.51
CA LEU C 981 -17.47 -19.12 -1.50
C LEU C 981 -18.35 -20.31 -1.15
N SER C 982 -17.81 -21.29 -0.43
CA SER C 982 -18.59 -22.46 -0.04
C SER C 982 -19.53 -22.17 1.11
N ARG C 983 -19.14 -21.29 2.03
CA ARG C 983 -19.95 -21.04 3.22
C ARG C 983 -20.73 -19.72 3.18
N LEU C 984 -20.52 -18.87 2.18
CA LEU C 984 -21.16 -17.57 2.12
C LEU C 984 -21.78 -17.35 0.75
N ASP C 985 -22.86 -16.57 0.72
CA ASP C 985 -23.50 -16.19 -0.53
C ASP C 985 -22.73 -15.04 -1.18
N LYS C 986 -23.28 -14.52 -2.28
CA LYS C 986 -22.57 -13.51 -3.06
C LYS C 986 -22.33 -12.24 -2.23
N VAL C 987 -23.36 -11.74 -1.56
CA VAL C 987 -23.24 -10.48 -0.84
C VAL C 987 -22.28 -10.61 0.32
N GLU C 988 -22.43 -11.67 1.13
CA GLU C 988 -21.58 -11.83 2.30
C GLU C 988 -20.14 -12.15 1.90
N ALA C 989 -19.95 -12.94 0.84
CA ALA C 989 -18.61 -13.28 0.40
C ALA C 989 -17.93 -12.13 -0.34
N GLU C 990 -18.70 -11.15 -0.79
CA GLU C 990 -18.11 -10.04 -1.55
C GLU C 990 -17.11 -9.26 -0.71
N VAL C 991 -17.45 -8.98 0.56
CA VAL C 991 -16.56 -8.19 1.40
C VAL C 991 -15.29 -8.97 1.73
N GLN C 992 -15.42 -10.27 1.99
CA GLN C 992 -14.24 -11.09 2.28
C GLN C 992 -13.33 -11.18 1.06
N ILE C 993 -13.92 -11.37 -0.13
CA ILE C 993 -13.11 -11.44 -1.34
C ILE C 993 -12.47 -10.09 -1.63
N ASP C 994 -13.16 -9.00 -1.32
CA ASP C 994 -12.55 -7.67 -1.49
C ASP C 994 -11.37 -7.48 -0.57
N ARG C 995 -11.49 -7.93 0.68
CA ARG C 995 -10.36 -7.84 1.61
C ARG C 995 -9.18 -8.67 1.11
N LEU C 996 -9.45 -9.90 0.65
CA LEU C 996 -8.38 -10.74 0.13
C LEU C 996 -7.73 -10.12 -1.11
N ILE C 997 -8.54 -9.55 -1.99
CA ILE C 997 -8.02 -8.92 -3.20
C ILE C 997 -7.13 -7.74 -2.84
N THR C 998 -7.57 -6.91 -1.90
CA THR C 998 -6.76 -5.77 -1.48
C THR C 998 -5.43 -6.23 -0.89
N GLY C 999 -5.48 -7.24 -0.02
CA GLY C 999 -4.25 -7.73 0.58
C GLY C 999 -3.28 -8.31 -0.43
N ARG C 1000 -3.79 -9.12 -1.35
CA ARG C 1000 -2.91 -9.75 -2.34
C ARG C 1000 -2.39 -8.73 -3.35
N LEU C 1001 -3.19 -7.73 -3.70
CA LEU C 1001 -2.70 -6.65 -4.54
C LEU C 1001 -1.60 -5.86 -3.84
N GLN C 1002 -1.77 -5.62 -2.54
CA GLN C 1002 -0.71 -4.95 -1.78
C GLN C 1002 0.57 -5.79 -1.77
N SER C 1003 0.43 -7.11 -1.59
CA SER C 1003 1.59 -7.99 -1.63
C SER C 1003 2.30 -7.91 -2.98
N LEU C 1004 1.53 -7.96 -4.07
CA LEU C 1004 2.12 -7.86 -5.40
C LEU C 1004 2.81 -6.51 -5.61
N GLN C 1005 2.19 -5.43 -5.13
CA GLN C 1005 2.79 -4.10 -5.26
C GLN C 1005 4.10 -4.02 -4.49
N THR C 1006 4.12 -4.57 -3.27
CA THR C 1006 5.36 -4.59 -2.49
C THR C 1006 6.45 -5.38 -3.20
N TYR C 1007 6.09 -6.54 -3.76
CA TYR C 1007 7.06 -7.34 -4.50
C TYR C 1007 7.61 -6.56 -5.69
N VAL C 1008 6.73 -5.87 -6.43
CA VAL C 1008 7.17 -5.15 -7.62
C VAL C 1008 8.05 -3.96 -7.24
N THR C 1009 7.72 -3.27 -6.15
CA THR C 1009 8.56 -2.17 -5.70
C THR C 1009 9.94 -2.64 -5.28
N GLN C 1010 10.01 -3.75 -4.53
CA GLN C 1010 11.30 -4.30 -4.15
C GLN C 1010 12.08 -4.75 -5.38
N GLN C 1011 11.39 -5.33 -6.36
CA GLN C 1011 12.05 -5.73 -7.60
C GLN C 1011 12.60 -4.51 -8.35
N LEU C 1012 11.86 -3.41 -8.36
CA LEU C 1012 12.33 -2.20 -9.00
C LEU C 1012 13.59 -1.66 -8.32
N ILE C 1013 13.61 -1.65 -7.00
CA ILE C 1013 14.77 -1.17 -6.27
C ILE C 1013 15.98 -2.06 -6.54
N ARG C 1014 15.78 -3.38 -6.46
CA ARG C 1014 16.87 -4.31 -6.75
C ARG C 1014 17.33 -4.22 -8.19
N ALA C 1015 16.41 -3.93 -9.12
CA ALA C 1015 16.78 -3.75 -10.51
C ALA C 1015 17.61 -2.50 -10.71
N ALA C 1016 17.30 -1.43 -9.98
CA ALA C 1016 18.13 -0.24 -10.04
C ALA C 1016 19.54 -0.53 -9.52
N GLU C 1017 19.64 -1.27 -8.42
CA GLU C 1017 20.95 -1.64 -7.89
C GLU C 1017 21.72 -2.51 -8.89
N ILE C 1018 21.03 -3.48 -9.50
CA ILE C 1018 21.67 -4.36 -10.47
C ILE C 1018 22.09 -3.58 -11.70
N ARG C 1019 21.30 -2.58 -12.10
CA ARG C 1019 21.67 -1.74 -13.23
C ARG C 1019 22.92 -0.92 -12.92
N ALA C 1020 23.03 -0.39 -11.70
CA ALA C 1020 24.25 0.29 -11.32
C ALA C 1020 25.45 -0.64 -11.36
N SER C 1021 25.28 -1.86 -10.84
CA SER C 1021 26.38 -2.83 -10.88
C SER C 1021 26.76 -3.18 -12.32
N ALA C 1022 25.77 -3.32 -13.20
CA ALA C 1022 26.04 -3.67 -14.59
C ALA C 1022 26.70 -2.52 -15.33
N ASN C 1023 26.33 -1.28 -15.01
CA ASN C 1023 27.01 -0.12 -15.58
C ASN C 1023 28.47 -0.10 -15.14
N LEU C 1024 28.73 -0.40 -13.86
CA LEU C 1024 30.10 -0.47 -13.39
C LEU C 1024 30.87 -1.59 -14.10
N ALA C 1025 30.22 -2.74 -14.31
CA ALA C 1025 30.87 -3.85 -15.00
C ALA C 1025 31.19 -3.49 -16.45
N ALA C 1026 30.27 -2.81 -17.12
CA ALA C 1026 30.52 -2.37 -18.50
C ALA C 1026 31.66 -1.37 -18.55
N THR C 1027 31.71 -0.44 -17.59
CA THR C 1027 32.80 0.52 -17.53
C THR C 1027 34.13 -0.19 -17.31
N LYS C 1028 34.15 -1.18 -16.43
CA LYS C 1028 35.38 -1.93 -16.18
C LYS C 1028 35.81 -2.72 -17.41
N MET C 1029 34.86 -3.33 -18.12
CA MET C 1029 35.20 -4.04 -19.35
C MET C 1029 35.76 -3.09 -20.39
N SER C 1030 35.19 -1.88 -20.48
CA SER C 1030 35.72 -0.90 -21.43
C SER C 1030 37.11 -0.44 -21.03
N GLU C 1031 37.36 -0.23 -19.74
CA GLU C 1031 38.59 0.42 -19.30
C GLU C 1031 39.66 -0.54 -18.78
N CYS C 1032 39.28 -1.74 -18.34
CA CYS C 1032 40.27 -2.71 -17.87
C CYS C 1032 40.59 -3.77 -18.90
N VAL C 1033 39.62 -4.17 -19.72
CA VAL C 1033 39.82 -5.20 -20.74
C VAL C 1033 40.17 -4.60 -22.09
N LEU C 1034 39.42 -3.58 -22.53
CA LEU C 1034 39.68 -2.96 -23.82
C LEU C 1034 40.82 -1.96 -23.78
N GLY C 1035 41.38 -1.69 -22.60
CA GLY C 1035 42.49 -0.77 -22.49
C GLY C 1035 43.16 -0.92 -21.15
N GLN C 1036 44.22 -0.14 -20.96
CA GLN C 1036 44.97 -0.12 -19.70
C GLN C 1036 44.54 1.11 -18.91
N SER C 1037 43.93 0.89 -17.75
CA SER C 1037 43.42 1.98 -16.94
C SER C 1037 44.48 2.52 -16.00
N LYS C 1038 44.55 3.84 -15.90
CA LYS C 1038 45.45 4.51 -14.96
C LYS C 1038 44.74 4.93 -13.68
N ARG C 1039 43.45 4.61 -13.54
CA ARG C 1039 42.72 4.90 -12.32
C ARG C 1039 43.13 3.93 -11.22
N VAL C 1040 43.44 4.47 -10.05
CA VAL C 1040 43.94 3.65 -8.94
C VAL C 1040 42.81 2.80 -8.39
N ASP C 1041 43.07 1.51 -8.22
CA ASP C 1041 42.15 0.54 -7.61
C ASP C 1041 40.86 0.37 -8.40
N PHE C 1042 40.85 0.77 -9.67
CA PHE C 1042 39.68 0.54 -10.51
C PHE C 1042 39.72 -0.82 -11.19
N CYS C 1043 40.92 -1.31 -11.51
CA CYS C 1043 41.10 -2.61 -12.15
C CYS C 1043 42.07 -3.46 -11.34
N GLY C 1044 41.83 -3.53 -10.04
CA GLY C 1044 42.64 -4.33 -9.14
C GLY C 1044 43.59 -3.47 -8.32
N LYS C 1045 44.25 -4.13 -7.37
CA LYS C 1045 45.20 -3.47 -6.49
C LYS C 1045 46.60 -3.52 -7.11
N GLY C 1046 47.24 -2.38 -7.19
CA GLY C 1046 48.53 -2.25 -7.85
C GLY C 1046 48.40 -1.52 -9.18
N TYR C 1047 49.53 -1.46 -9.89
CA TYR C 1047 49.58 -0.82 -11.20
C TYR C 1047 48.95 -1.76 -12.22
N HIS C 1048 47.82 -1.34 -12.79
CA HIS C 1048 47.06 -2.22 -13.68
C HIS C 1048 47.82 -2.50 -14.97
N LEU C 1049 47.97 -3.78 -15.29
CA LEU C 1049 48.56 -4.20 -16.55
C LEU C 1049 47.49 -4.58 -17.57
N MET C 1050 46.61 -5.52 -17.21
CA MET C 1050 45.53 -5.93 -18.10
C MET C 1050 44.43 -6.58 -17.28
N SER C 1051 43.35 -6.96 -17.95
CA SER C 1051 42.27 -7.68 -17.31
C SER C 1051 41.64 -8.64 -18.30
N PHE C 1052 41.07 -9.72 -17.78
CA PHE C 1052 40.45 -10.76 -18.58
C PHE C 1052 39.03 -10.98 -18.09
N PRO C 1053 38.04 -10.93 -18.97
CA PRO C 1053 36.66 -11.22 -18.56
C PRO C 1053 36.38 -12.71 -18.55
N GLN C 1054 35.49 -13.11 -17.64
CA GLN C 1054 34.97 -14.46 -17.60
C GLN C 1054 33.48 -14.40 -17.31
N SER C 1055 32.69 -15.17 -18.04
CA SER C 1055 31.25 -15.22 -17.77
C SER C 1055 30.99 -16.01 -16.49
N ALA C 1056 29.95 -15.61 -15.77
CA ALA C 1056 29.51 -16.30 -14.57
C ALA C 1056 28.00 -16.18 -14.52
N PRO C 1057 27.32 -17.11 -13.82
CA PRO C 1057 25.86 -17.03 -13.72
C PRO C 1057 25.40 -15.67 -13.20
N HIS C 1058 24.72 -14.92 -14.06
CA HIS C 1058 24.20 -13.59 -13.74
C HIS C 1058 25.32 -12.60 -13.40
N GLY C 1059 26.49 -12.74 -14.00
CA GLY C 1059 27.55 -11.81 -13.68
C GLY C 1059 28.80 -12.04 -14.50
N VAL C 1060 29.80 -11.21 -14.22
CA VAL C 1060 31.10 -11.27 -14.88
C VAL C 1060 32.19 -11.26 -13.82
N VAL C 1061 33.24 -12.04 -14.04
CA VAL C 1061 34.40 -12.09 -13.16
C VAL C 1061 35.58 -11.50 -13.92
N PHE C 1062 36.22 -10.50 -13.33
CA PHE C 1062 37.35 -9.83 -13.95
C PHE C 1062 38.64 -10.30 -13.30
N LEU C 1063 39.51 -10.91 -14.10
CA LEU C 1063 40.84 -11.31 -13.64
C LEU C 1063 41.78 -10.15 -13.94
N HIS C 1064 42.17 -9.42 -12.90
CA HIS C 1064 42.96 -8.20 -13.05
C HIS C 1064 44.44 -8.53 -12.83
N VAL C 1065 45.20 -8.52 -13.91
CA VAL C 1065 46.65 -8.69 -13.83
C VAL C 1065 47.28 -7.32 -13.61
N THR C 1066 47.94 -7.16 -12.46
CA THR C 1066 48.53 -5.90 -12.05
C THR C 1066 50.02 -6.08 -11.76
N TYR C 1067 50.69 -4.96 -11.55
CA TYR C 1067 52.11 -4.93 -11.25
C TYR C 1067 52.28 -4.43 -9.82
N VAL C 1068 52.92 -5.22 -8.98
CA VAL C 1068 53.09 -4.92 -7.56
C VAL C 1068 54.57 -4.92 -7.24
N PRO C 1069 55.12 -3.81 -6.71
CA PRO C 1069 56.50 -3.83 -6.23
C PRO C 1069 56.68 -4.83 -5.10
N ALA C 1070 57.83 -5.49 -5.09
CA ALA C 1070 58.09 -6.60 -4.17
C ALA C 1070 59.17 -6.30 -3.14
N GLN C 1071 60.37 -5.95 -3.58
CA GLN C 1071 61.54 -5.85 -2.69
C GLN C 1071 62.08 -4.43 -2.70
N GLU C 1072 61.63 -3.62 -1.75
CA GLU C 1072 62.12 -2.26 -1.62
C GLU C 1072 63.47 -2.23 -0.91
N LYS C 1073 64.28 -1.23 -1.27
CA LYS C 1073 65.58 -1.03 -0.66
C LYS C 1073 65.78 0.45 -0.37
N ASN C 1074 66.41 0.75 0.76
CA ASN C 1074 66.67 2.12 1.14
C ASN C 1074 67.78 2.71 0.28
N PHE C 1075 67.62 3.98 -0.09
CA PHE C 1075 68.65 4.72 -0.80
C PHE C 1075 68.67 6.16 -0.32
N THR C 1076 69.81 6.81 -0.49
CA THR C 1076 69.94 8.24 -0.21
C THR C 1076 69.65 9.01 -1.49
N THR C 1077 68.69 9.92 -1.43
CA THR C 1077 68.22 10.64 -2.59
C THR C 1077 68.47 12.14 -2.43
N ALA C 1078 68.30 12.87 -3.53
CA ALA C 1078 68.50 14.31 -3.54
C ALA C 1078 67.59 14.92 -4.61
N PRO C 1079 66.92 16.03 -4.31
CA PRO C 1079 66.06 16.66 -5.33
C PRO C 1079 66.81 17.12 -6.56
N ALA C 1080 68.06 17.57 -6.41
CA ALA C 1080 68.83 18.06 -7.54
C ALA C 1080 70.31 17.91 -7.21
N ILE C 1081 71.15 18.02 -8.24
CA ILE C 1081 72.59 17.86 -8.12
C ILE C 1081 73.27 19.08 -8.74
N CYS C 1082 74.19 19.67 -8.00
CA CYS C 1082 74.97 20.82 -8.48
C CYS C 1082 76.27 20.32 -9.09
N HIS C 1083 76.43 20.51 -10.39
CA HIS C 1083 77.62 20.03 -11.11
C HIS C 1083 78.62 21.14 -11.37
N ASP C 1084 78.21 22.20 -12.05
CA ASP C 1084 79.09 23.31 -12.43
C ASP C 1084 78.42 24.64 -12.11
N GLY C 1085 77.87 24.75 -10.90
CA GLY C 1085 77.11 25.93 -10.55
C GLY C 1085 75.70 25.95 -11.09
N LYS C 1086 75.21 24.81 -11.60
CA LYS C 1086 73.88 24.71 -12.17
C LYS C 1086 73.17 23.51 -11.57
N ALA C 1087 71.84 23.62 -11.47
CA ALA C 1087 71.02 22.56 -10.90
C ALA C 1087 70.58 21.60 -11.98
N HIS C 1088 70.72 20.31 -11.72
CA HIS C 1088 70.35 19.25 -12.65
C HIS C 1088 69.20 18.43 -12.08
N PHE C 1089 68.32 17.97 -12.96
CA PHE C 1089 67.16 17.18 -12.57
C PHE C 1089 67.02 15.98 -13.48
N PRO C 1090 66.46 14.88 -12.98
CA PRO C 1090 66.41 13.65 -13.80
C PRO C 1090 65.42 13.71 -14.95
N ARG C 1091 64.28 14.38 -14.77
CA ARG C 1091 63.25 14.57 -15.80
C ARG C 1091 62.48 13.27 -16.08
N GLU C 1092 62.96 12.15 -15.57
CA GLU C 1092 62.23 10.89 -15.68
C GLU C 1092 62.21 10.06 -14.41
N GLY C 1093 63.21 10.18 -13.53
CA GLY C 1093 63.27 9.35 -12.35
C GLY C 1093 63.75 10.09 -11.12
N VAL C 1094 64.60 9.44 -10.33
CA VAL C 1094 65.08 9.98 -9.07
C VAL C 1094 66.59 9.75 -8.98
N PHE C 1095 67.29 10.71 -8.38
CA PHE C 1095 68.70 10.55 -8.07
C PHE C 1095 68.85 9.69 -6.81
N VAL C 1096 69.76 8.72 -6.87
CA VAL C 1096 70.05 7.86 -5.73
C VAL C 1096 71.56 7.77 -5.56
N SER C 1097 71.98 7.37 -4.37
CA SER C 1097 73.39 7.22 -4.05
C SER C 1097 73.63 5.88 -3.37
N ASN C 1098 74.79 5.30 -3.65
CA ASN C 1098 75.24 4.08 -2.99
C ASN C 1098 76.41 4.37 -2.06
N GLY C 1099 76.36 5.51 -1.38
CA GLY C 1099 77.41 5.91 -0.46
C GLY C 1099 78.43 6.86 -1.05
N THR C 1100 78.93 6.57 -2.25
CA THR C 1100 79.99 7.36 -2.84
C THR C 1100 79.56 8.09 -4.11
N HIS C 1101 78.98 7.38 -5.08
CA HIS C 1101 78.62 7.96 -6.36
C HIS C 1101 77.10 8.05 -6.50
N TRP C 1102 76.66 8.98 -7.36
CA TRP C 1102 75.25 9.24 -7.58
C TRP C 1102 74.84 8.71 -8.94
N PHE C 1103 73.75 7.95 -8.98
CA PHE C 1103 73.13 7.46 -10.19
C PHE C 1103 71.71 8.01 -10.30
N VAL C 1104 71.08 7.74 -11.44
CA VAL C 1104 69.69 8.10 -11.67
C VAL C 1104 68.93 6.84 -12.03
N THR C 1105 67.76 6.64 -11.43
CA THR C 1105 67.00 5.42 -11.65
C THR C 1105 65.52 5.74 -11.78
N GLN C 1106 64.80 4.83 -12.45
CA GLN C 1106 63.35 4.93 -12.53
C GLN C 1106 62.74 4.67 -11.16
N ARG C 1107 61.55 5.23 -10.94
CA ARG C 1107 60.94 5.23 -9.62
C ARG C 1107 60.39 3.86 -9.22
N ASN C 1108 59.81 3.13 -10.18
CA ASN C 1108 59.14 1.88 -9.88
C ASN C 1108 60.04 0.66 -10.00
N PHE C 1109 61.31 0.85 -10.38
CA PHE C 1109 62.24 -0.28 -10.50
C PHE C 1109 63.65 0.27 -10.37
N TYR C 1110 64.48 -0.42 -9.58
CA TYR C 1110 65.83 0.06 -9.31
C TYR C 1110 66.74 -0.34 -10.47
N GLU C 1111 66.98 0.60 -11.38
CA GLU C 1111 67.91 0.40 -12.49
C GLU C 1111 68.83 1.62 -12.56
N PRO C 1112 69.84 1.68 -11.68
CA PRO C 1112 70.71 2.86 -11.64
C PRO C 1112 71.50 3.01 -12.93
N GLN C 1113 71.64 4.25 -13.38
CA GLN C 1113 72.41 4.60 -14.56
C GLN C 1113 73.30 5.79 -14.25
N ILE C 1114 74.43 5.87 -14.95
CA ILE C 1114 75.37 6.96 -14.74
C ILE C 1114 74.73 8.27 -15.16
N ILE C 1115 74.85 9.29 -14.31
CA ILE C 1115 74.24 10.59 -14.58
C ILE C 1115 75.00 11.28 -15.69
N THR C 1116 74.33 11.47 -16.83
CA THR C 1116 74.89 12.17 -17.98
C THR C 1116 74.00 13.36 -18.32
N THR C 1117 74.32 14.02 -19.44
CA THR C 1117 73.50 15.12 -19.92
C THR C 1117 72.26 14.66 -20.65
N ASP C 1118 72.14 13.37 -20.95
CA ASP C 1118 70.97 12.85 -21.66
C ASP C 1118 69.84 12.48 -20.73
N ASN C 1119 70.14 12.08 -19.49
CA ASN C 1119 69.12 11.72 -18.51
C ASN C 1119 68.89 12.82 -17.48
N THR C 1120 69.40 14.02 -17.71
CA THR C 1120 69.21 15.15 -16.82
C THR C 1120 69.00 16.41 -17.64
N PHE C 1121 68.35 17.40 -17.02
CA PHE C 1121 68.22 18.72 -17.62
C PHE C 1121 68.62 19.78 -16.59
N VAL C 1122 69.13 20.89 -17.10
CA VAL C 1122 69.66 21.98 -16.29
C VAL C 1122 68.61 23.05 -16.11
N SER C 1123 68.49 23.57 -14.89
CA SER C 1123 67.52 24.64 -14.61
C SER C 1123 68.06 25.49 -13.48
N GLY C 1124 68.53 26.70 -13.81
CA GLY C 1124 68.90 27.67 -12.80
C GLY C 1124 70.22 27.37 -12.10
N ASN C 1125 70.40 28.06 -10.98
CA ASN C 1125 71.61 27.93 -10.17
C ASN C 1125 71.36 26.94 -9.03
N CYS C 1126 72.34 26.80 -8.14
CA CYS C 1126 72.27 25.84 -7.05
C CYS C 1126 71.89 26.46 -5.71
N ASP C 1127 71.67 27.77 -5.66
CA ASP C 1127 71.38 28.45 -4.41
C ASP C 1127 69.88 28.57 -4.13
N VAL C 1128 69.03 28.03 -5.00
CA VAL C 1128 67.59 28.11 -4.81
C VAL C 1128 66.97 26.78 -4.40
N VAL C 1129 67.47 25.65 -4.91
CA VAL C 1129 66.89 24.35 -4.60
C VAL C 1129 67.30 23.94 -3.20
N ILE C 1130 66.32 23.53 -2.40
CA ILE C 1130 66.56 23.08 -1.03
C ILE C 1130 66.89 21.59 -1.07
N GLY C 1131 68.05 21.23 -0.52
CA GLY C 1131 68.48 19.85 -0.50
C GLY C 1131 69.40 19.44 -1.65
N ILE C 1132 69.90 20.40 -2.43
CA ILE C 1132 70.77 20.06 -3.54
C ILE C 1132 72.11 19.57 -3.02
N VAL C 1133 72.70 18.61 -3.74
CA VAL C 1133 73.99 18.03 -3.38
C VAL C 1133 74.96 18.25 -4.54
N ASN C 1134 76.24 17.97 -4.27
CA ASN C 1134 77.31 18.17 -5.23
C ASN C 1134 77.80 16.82 -5.73
N ASN C 1135 77.90 16.67 -7.05
CA ASN C 1135 78.41 15.46 -7.66
C ASN C 1135 79.06 15.82 -8.99
N THR C 1136 80.16 15.13 -9.31
CA THR C 1136 80.90 15.37 -10.53
C THR C 1136 80.51 14.35 -11.59
N VAL C 1137 80.09 14.84 -12.75
CA VAL C 1137 79.69 13.97 -13.86
C VAL C 1137 80.95 13.39 -14.49
N TYR C 1138 81.01 12.07 -14.60
CA TYR C 1138 82.16 11.38 -15.15
C TYR C 1138 81.86 10.90 -16.58
N ASP C 1139 82.84 11.06 -17.46
CA ASP C 1139 82.69 10.63 -18.84
C ASP C 1139 82.73 9.10 -18.95
#